data_4R08
#
_entry.id   4R08
#
_cell.length_a   86.320
_cell.length_b   139.690
_cell.length_c   167.570
_cell.angle_alpha   90.00
_cell.angle_beta   91.44
_cell.angle_gamma   90.00
#
_symmetry.space_group_name_H-M   'P 1 21 1'
#
loop_
_entity.id
_entity.type
_entity.pdbx_description
1 polymer 'Toll-like receptor 8'
2 branched beta-D-mannopyranose-(1-4)-2-acetamido-2-deoxy-beta-D-glucopyranose-(1-4)-2-acetamido-2-deoxy-beta-D-glucopyranose
3 branched 2-acetamido-2-deoxy-beta-D-glucopyranose-(1-4)-2-acetamido-2-deoxy-beta-D-glucopyranose
4 non-polymer URIDINE
5 non-polymer 2-acetamido-2-deoxy-beta-D-glucopyranose
6 non-polymer "3'-O-[(R)-{[(2R,3aR,4R,6R,6aR)-6-(2-amino-6-oxo-1,6-dihydro-9H-purin-9-yl)-2-hydroxy-2-oxidotetrahydrofuro[3,4-d][1,3,2]dioxaphosphol-4-yl]methoxy}(hydroxy)phosphoryl]uridine 5'-(dihydrogen phosphate)"
7 water water
#
_entity_poly.entity_id   1
_entity_poly.type   'polypeptide(L)'
_entity_poly.pdbx_seq_one_letter_code
;RSPWEENFSRSYPCDEKKQNDSVIAECSNRRLQEVPQTVGKYVTELDLSDNFITHITNESFQGLQNLTKINLNHNPNVQH
QNGNPGIQSNGLNITDGAFLNLKNLRELLLEDNQLPQIPSGLPESLTELSLIQNNIYNITKEGISRLINLKNLYLAWNCY
FNKVCEKTNIEDGVFETLTNLELLSLSFNSLSHVPPKLPSSLRKLFLSNTQIKYISEEDFKGLINLTLLDLSGNCPRCFN
APFPCVPCDGGASINIDRFAFQNLTQLRYLNLSSTSLRKINAAWFKNMPHLKVLDLEFNYLVGEIASGAFLTMLPRLEIL
DLSFNYIKGSYPQHINISRNFSKLLSLRALHLRGYVFQELREDDFQPLMQLPNLSTINLGINFIKQIDFKLFQNFSNLEI
IYLSENRISPLVKDTRQSYANSSSFQRHIRKRRSTDFEFDPHSNFYHFTRPLIKPQCAAYGKALDLSLNSIFFIGPNQFE
NLPDIACLNLSANSNAQVLSGTEFSAIPHVKYLDLTNNRLDFDNASALTELSDLEVLDLSYNSHYFRIAGVTHHLEFIQN
FTNLKVLNLSHNNIYTLTDKYNLESKSLVELVFSGNRLDILWNDDDNRYISIFKGLKNLTRLDLSLNRLKHIPNEAFLNL
PASLTELHINDNMLKFFNWTLLQQFPRLELLDLRGNKLLFLTDSLSDFTSSLRTLLLSHNRISHLPSGFLSEVSSLKHLD
LSSNLLKTINKSALETKTTTKLSMLELHGNPFECTCDIGDFRRWMDEHLNVKIPRLVDVICASPGDQRGKSIVSLELTTC
VSDVTEFLVPR
;
_entity_poly.pdbx_strand_id   A,B,C,D
#
# COMPACT_ATOMS: atom_id res chain seq x y z
N ARG A 10 -21.34 58.85 21.24
CA ARG A 10 -21.87 57.47 20.96
C ARG A 10 -21.64 57.07 19.50
N SER A 11 -20.84 56.03 19.28
CA SER A 11 -20.34 55.74 17.94
C SER A 11 -21.45 55.29 16.99
N TYR A 12 -21.28 55.65 15.73
CA TYR A 12 -22.21 55.28 14.68
C TYR A 12 -21.46 55.43 13.34
N PRO A 13 -21.53 54.44 12.45
CA PRO A 13 -22.38 53.27 12.57
C PRO A 13 -21.75 52.08 13.26
N CYS A 14 -20.48 52.18 13.62
CA CYS A 14 -19.77 51.01 14.10
C CYS A 14 -20.00 50.87 15.60
N ASP A 15 -19.72 49.70 16.16
CA ASP A 15 -19.77 49.50 17.62
C ASP A 15 -18.35 49.41 18.13
N GLU A 16 -17.88 50.46 18.79
CA GLU A 16 -16.45 50.63 19.11
C GLU A 16 -16.16 50.23 20.56
N LYS A 17 -15.06 49.53 20.75
CA LYS A 17 -14.62 49.15 22.09
C LYS A 17 -13.11 49.02 22.12
N LYS A 18 -12.55 48.53 23.23
CA LYS A 18 -11.12 48.72 23.51
C LYS A 18 -10.34 47.41 23.63
N GLN A 19 -10.87 46.44 24.39
CA GLN A 19 -10.18 45.17 24.69
C GLN A 19 -8.69 45.40 25.04
N VAL A 23 -8.18 49.38 20.11
CA VAL A 23 -9.52 49.93 19.81
C VAL A 23 -10.16 49.36 18.54
N ILE A 24 -11.12 48.47 18.73
CA ILE A 24 -11.77 47.78 17.63
C ILE A 24 -13.03 48.52 17.20
N ALA A 25 -13.25 48.62 15.88
CA ALA A 25 -14.53 49.05 15.36
C ALA A 25 -15.25 47.90 14.67
N GLU A 26 -16.17 47.26 15.37
CA GLU A 26 -17.05 46.28 14.75
C GLU A 26 -18.05 46.99 13.88
N CYS A 27 -18.01 46.76 12.58
CA CYS A 27 -18.82 47.52 11.68
C CYS A 27 -19.36 46.65 10.56
N SER A 28 -19.57 45.37 10.89
CA SER A 28 -19.92 44.37 9.87
C SER A 28 -21.41 44.32 9.64
N ASN A 29 -21.78 43.88 8.44
CA ASN A 29 -23.13 43.39 8.18
C ASN A 29 -24.20 44.41 8.57
N ARG A 30 -24.03 45.63 8.05
CA ARG A 30 -24.80 46.80 8.44
C ARG A 30 -25.30 47.51 7.21
N ARG A 31 -25.37 46.79 6.09
CA ARG A 31 -25.85 47.37 4.86
C ARG A 31 -25.22 48.74 4.52
N LEU A 32 -24.01 49.01 4.96
CA LEU A 32 -23.28 50.25 4.57
C LEU A 32 -22.94 50.26 3.09
N GLN A 33 -23.18 51.39 2.43
CA GLN A 33 -23.04 51.53 0.97
C GLN A 33 -21.63 52.01 0.61
N GLU A 34 -20.99 52.72 1.52
CA GLU A 34 -19.65 53.27 1.32
C GLU A 34 -18.93 53.25 2.66
N VAL A 35 -17.61 53.40 2.67
CA VAL A 35 -16.87 53.41 3.94
C VAL A 35 -17.29 54.63 4.78
N PRO A 36 -17.82 54.41 6.00
CA PRO A 36 -18.32 55.54 6.76
C PRO A 36 -17.24 56.54 7.10
N GLN A 37 -17.56 57.83 7.01
CA GLN A 37 -16.62 58.88 7.39
C GLN A 37 -16.68 59.20 8.89
N THR A 38 -17.38 58.36 9.67
CA THR A 38 -17.73 58.69 11.06
C THR A 38 -17.06 57.75 12.05
N VAL A 39 -15.89 57.25 11.68
CA VAL A 39 -15.18 56.30 12.51
C VAL A 39 -14.22 57.08 13.38
N GLY A 40 -14.17 56.76 14.67
CA GLY A 40 -13.22 57.39 15.59
C GLY A 40 -11.82 57.52 15.01
N LYS A 41 -11.15 58.64 15.28
CA LYS A 41 -9.73 58.80 14.94
C LYS A 41 -8.83 57.70 15.53
N TYR A 42 -9.31 57.05 16.59
CA TYR A 42 -8.49 56.25 17.50
C TYR A 42 -8.55 54.74 17.20
N VAL A 43 -9.51 54.33 16.38
CA VAL A 43 -9.67 52.93 16.07
C VAL A 43 -8.42 52.38 15.39
N THR A 44 -7.96 51.21 15.85
CA THR A 44 -6.81 50.54 15.22
C THR A 44 -7.23 49.35 14.35
N GLU A 45 -8.39 48.79 14.62
CA GLU A 45 -8.87 47.64 13.87
C GLU A 45 -10.32 47.85 13.42
N LEU A 46 -10.53 47.89 12.11
CA LEU A 46 -11.83 48.19 11.56
C LEU A 46 -12.38 47.00 10.77
N ASP A 47 -13.58 46.56 11.11
CA ASP A 47 -14.25 45.44 10.40
C ASP A 47 -15.48 45.90 9.61
N LEU A 48 -15.35 45.96 8.29
CA LEU A 48 -16.44 46.37 7.41
C LEU A 48 -16.90 45.22 6.50
N SER A 49 -16.66 43.99 6.95
CA SER A 49 -17.05 42.82 6.14
C SER A 49 -18.57 42.68 6.07
N ASP A 50 -19.06 41.98 5.06
CA ASP A 50 -20.50 41.76 4.87
C ASP A 50 -21.33 43.04 4.78
N ASN A 51 -20.73 44.10 4.22
CA ASN A 51 -21.47 45.33 3.95
C ASN A 51 -21.57 45.45 2.45
N PHE A 52 -22.04 46.59 1.95
CA PHE A 52 -22.37 46.73 0.52
C PHE A 52 -21.43 47.72 -0.12
N ILE A 53 -20.20 47.74 0.36
CA ILE A 53 -19.24 48.72 -0.11
C ILE A 53 -18.78 48.30 -1.49
N THR A 54 -18.89 49.23 -2.45
CA THR A 54 -18.54 48.94 -3.84
C THR A 54 -17.28 49.66 -4.31
N HIS A 55 -16.82 50.68 -3.59
CA HIS A 55 -15.65 51.44 -4.01
C HIS A 55 -14.71 51.65 -2.85
N ILE A 56 -13.41 51.65 -3.12
CA ILE A 56 -12.41 52.08 -2.15
C ILE A 56 -11.40 52.95 -2.87
N THR A 57 -11.10 54.11 -2.28
CA THR A 57 -10.23 55.11 -2.89
C THR A 57 -9.29 55.69 -1.85
N ASN A 58 -8.33 56.49 -2.28
CA ASN A 58 -7.42 57.18 -1.36
C ASN A 58 -8.15 58.13 -0.41
N GLU A 59 -9.46 58.30 -0.61
CA GLU A 59 -10.31 59.04 0.34
C GLU A 59 -10.83 58.18 1.49
N SER A 60 -10.99 56.89 1.26
CA SER A 60 -11.90 56.07 2.05
C SER A 60 -11.47 55.96 3.51
N PHE A 61 -10.19 56.14 3.79
CA PHE A 61 -9.70 56.03 5.16
C PHE A 61 -8.90 57.25 5.61
N GLN A 62 -9.03 58.34 4.85
CA GLN A 62 -8.21 59.53 5.06
C GLN A 62 -8.05 59.90 6.53
N GLY A 63 -9.14 59.80 7.30
CA GLY A 63 -9.06 60.13 8.71
C GLY A 63 -8.25 59.22 9.64
N LEU A 64 -7.83 58.05 9.16
CA LEU A 64 -7.63 56.94 10.09
C LEU A 64 -6.23 56.34 10.03
N GLN A 65 -5.22 57.16 10.30
CA GLN A 65 -3.84 56.74 10.07
C GLN A 65 -3.33 55.77 11.12
N ASN A 66 -4.09 55.54 12.18
CA ASN A 66 -3.67 54.57 13.20
C ASN A 66 -4.26 53.17 13.00
N LEU A 67 -4.66 52.87 11.77
CA LEU A 67 -5.31 51.59 11.44
C LEU A 67 -4.26 50.50 11.26
N THR A 68 -4.31 49.50 12.14
CA THR A 68 -3.46 48.30 12.11
C THR A 68 -4.08 47.18 11.23
N LYS A 69 -5.40 47.20 11.10
CA LYS A 69 -6.10 46.16 10.38
C LYS A 69 -7.43 46.66 9.75
N ILE A 70 -7.69 46.21 8.53
CA ILE A 70 -8.96 46.46 7.86
C ILE A 70 -9.49 45.12 7.35
N ASN A 71 -10.70 44.78 7.74
CA ASN A 71 -11.44 43.69 7.12
C ASN A 71 -12.48 44.19 6.14
N LEU A 72 -12.30 43.85 4.86
CA LEU A 72 -13.28 44.23 3.83
C LEU A 72 -13.88 43.00 3.14
N ASN A 73 -13.90 41.87 3.84
CA ASN A 73 -14.36 40.62 3.23
C ASN A 73 -15.82 40.66 2.86
N HIS A 74 -16.19 40.01 1.77
CA HIS A 74 -17.59 39.89 1.37
C HIS A 74 -18.23 41.28 1.19
N ASN A 75 -17.59 42.14 0.38
CA ASN A 75 -18.26 43.32 -0.13
C ASN A 75 -18.23 43.26 -1.63
N PRO A 76 -19.32 43.64 -2.29
CA PRO A 76 -20.60 43.91 -1.66
C PRO A 76 -21.45 42.64 -1.52
N ASN A 77 -22.10 42.47 -0.39
CA ASN A 77 -22.84 41.25 -0.10
C ASN A 77 -24.11 41.14 -0.97
N VAL A 78 -24.02 40.34 -2.03
CA VAL A 78 -25.06 40.20 -3.06
C VAL A 78 -25.35 41.52 -3.76
N ASN A 90 -21.12 44.76 -9.01
CA ASN A 90 -20.90 43.34 -8.73
C ASN A 90 -19.63 43.09 -7.89
N GLY A 91 -18.52 43.75 -8.25
CA GLY A 91 -17.23 43.54 -7.58
C GLY A 91 -16.63 44.78 -6.95
N LEU A 92 -16.10 44.60 -5.73
CA LEU A 92 -15.37 45.67 -5.04
C LEU A 92 -14.26 46.30 -5.90
N ASN A 93 -14.22 47.62 -5.87
CA ASN A 93 -13.50 48.40 -6.85
C ASN A 93 -12.45 49.22 -6.15
N ILE A 94 -11.20 48.79 -6.27
CA ILE A 94 -10.15 49.38 -5.48
C ILE A 94 -9.16 50.13 -6.37
N THR A 95 -8.87 51.36 -6.00
CA THR A 95 -8.06 52.23 -6.83
C THR A 95 -6.61 51.99 -6.48
N ASP A 96 -5.74 52.07 -7.49
CA ASP A 96 -4.30 52.20 -7.30
C ASP A 96 -3.98 53.04 -6.06
N GLY A 97 -3.41 52.41 -5.05
CA GLY A 97 -2.81 53.17 -3.96
C GLY A 97 -3.81 53.67 -2.95
N ALA A 98 -5.03 53.18 -3.08
CA ALA A 98 -6.10 53.52 -2.16
C ALA A 98 -5.75 53.34 -0.69
N PHE A 99 -4.89 52.38 -0.37
CA PHE A 99 -4.49 52.09 1.02
C PHE A 99 -3.10 52.63 1.31
N LEU A 100 -2.48 53.24 0.30
CA LEU A 100 -1.06 53.60 0.34
C LEU A 100 -0.71 54.56 1.46
N ASN A 101 -1.68 55.35 1.89
CA ASN A 101 -1.45 56.34 2.93
C ASN A 101 -1.44 55.77 4.33
N LEU A 102 -1.67 54.48 4.47
CA LEU A 102 -1.91 53.92 5.79
C LEU A 102 -0.66 53.26 6.34
N LYS A 103 0.15 54.07 7.00
CA LYS A 103 1.53 53.73 7.32
C LYS A 103 1.60 52.53 8.27
N ASN A 104 0.66 52.44 9.20
CA ASN A 104 0.67 51.35 10.16
C ASN A 104 -0.28 50.20 9.84
N LEU A 105 -0.68 50.05 8.57
CA LEU A 105 -1.60 48.98 8.20
C LEU A 105 -0.85 47.66 8.13
N ARG A 106 -1.24 46.72 8.98
CA ARG A 106 -0.54 45.44 9.08
C ARG A 106 -1.34 44.31 8.40
N GLU A 107 -2.60 44.20 8.75
CA GLU A 107 -3.43 43.08 8.32
C GLU A 107 -4.57 43.64 7.46
N LEU A 108 -4.63 43.19 6.21
CA LEU A 108 -5.65 43.61 5.28
C LEU A 108 -6.37 42.37 4.70
N LEU A 109 -7.63 42.18 5.08
CA LEU A 109 -8.43 41.07 4.56
C LEU A 109 -9.34 41.58 3.45
N LEU A 110 -9.22 40.94 2.29
CA LEU A 110 -10.02 41.24 1.12
C LEU A 110 -10.60 39.96 0.50
N GLU A 111 -11.27 39.13 1.27
CA GLU A 111 -11.77 37.88 0.69
C GLU A 111 -13.07 38.14 -0.03
N ASP A 112 -13.35 37.33 -1.05
CA ASP A 112 -14.71 37.19 -1.54
C ASP A 112 -15.24 38.54 -2.02
N ASN A 113 -14.44 39.23 -2.82
CA ASN A 113 -14.75 40.61 -3.24
C ASN A 113 -14.69 40.68 -4.74
N GLN A 114 -14.70 39.52 -5.38
CA GLN A 114 -14.70 39.45 -6.83
C GLN A 114 -13.60 40.31 -7.46
N LEU A 115 -12.42 40.29 -6.87
CA LEU A 115 -11.29 41.02 -7.46
C LEU A 115 -10.70 40.31 -8.67
N PRO A 116 -10.37 41.09 -9.72
CA PRO A 116 -9.86 40.60 -11.01
C PRO A 116 -8.33 40.58 -11.10
N GLN A 117 -7.70 41.34 -10.21
CA GLN A 117 -6.26 41.42 -10.10
C GLN A 117 -5.96 41.68 -8.64
N ILE A 118 -4.69 41.55 -8.26
CA ILE A 118 -4.28 42.03 -6.95
C ILE A 118 -4.23 43.55 -6.99
N PRO A 119 -4.85 44.20 -6.02
CA PRO A 119 -4.79 45.66 -5.96
C PRO A 119 -3.36 46.15 -6.06
N SER A 120 -3.14 47.15 -6.92
CA SER A 120 -1.86 47.82 -7.07
C SER A 120 -1.67 48.85 -5.99
N GLY A 121 -0.41 49.10 -5.62
CA GLY A 121 -0.09 50.13 -4.62
C GLY A 121 -0.52 49.83 -3.20
N LEU A 122 -0.14 48.66 -2.69
CA LEU A 122 -0.50 48.31 -1.33
C LEU A 122 0.61 48.78 -0.41
N PRO A 123 0.24 49.23 0.79
CA PRO A 123 1.27 49.73 1.66
C PRO A 123 2.29 48.66 1.99
N GLU A 124 3.55 49.08 2.02
CA GLU A 124 4.68 48.17 2.16
C GLU A 124 4.82 47.73 3.61
N SER A 125 3.97 48.26 4.49
CA SER A 125 3.94 47.80 5.89
C SER A 125 3.13 46.53 6.15
N LEU A 126 2.42 46.03 5.16
CA LEU A 126 1.55 44.89 5.38
C LEU A 126 2.33 43.66 5.87
N THR A 127 1.70 42.88 6.73
CA THR A 127 2.23 41.61 7.16
C THR A 127 1.27 40.44 6.89
N GLU A 128 -0.04 40.69 6.95
CA GLU A 128 -1.05 39.71 6.54
C GLU A 128 -1.83 40.30 5.40
N LEU A 129 -1.87 39.58 4.29
CA LEU A 129 -2.75 39.91 3.20
C LEU A 129 -3.56 38.65 2.87
N SER A 130 -4.89 38.78 2.76
CA SER A 130 -5.72 37.69 2.27
C SER A 130 -6.56 38.07 1.05
N LEU A 131 -6.38 37.32 -0.04
CA LEU A 131 -7.24 37.45 -1.20
C LEU A 131 -7.95 36.15 -1.58
N ILE A 132 -8.27 35.34 -0.58
CA ILE A 132 -9.01 34.10 -0.81
C ILE A 132 -10.34 34.44 -1.50
N GLN A 133 -10.72 33.59 -2.45
CA GLN A 133 -12.06 33.59 -3.05
C GLN A 133 -12.36 34.83 -3.89
N ASN A 134 -11.41 35.24 -4.71
CA ASN A 134 -11.61 36.26 -5.71
C ASN A 134 -11.39 35.67 -7.11
N ASN A 135 -11.14 36.53 -8.10
CA ASN A 135 -10.92 36.08 -9.47
C ASN A 135 -9.50 36.38 -10.01
N ILE A 136 -8.52 36.27 -9.12
CA ILE A 136 -7.13 36.60 -9.41
C ILE A 136 -6.43 35.40 -10.00
N TYR A 137 -5.97 35.51 -11.25
CA TYR A 137 -5.30 34.42 -11.93
C TYR A 137 -3.87 34.77 -12.35
N ASN A 138 -3.40 35.95 -11.95
CA ASN A 138 -2.06 36.41 -12.28
C ASN A 138 -1.38 36.94 -11.01
N ILE A 139 -0.31 36.28 -10.56
CA ILE A 139 0.36 36.71 -9.34
C ILE A 139 1.65 37.40 -9.74
N THR A 140 1.73 38.70 -9.57
CA THR A 140 2.76 39.49 -10.28
C THR A 140 3.74 40.18 -9.35
N LYS A 141 4.95 40.36 -9.84
CA LYS A 141 5.93 41.13 -9.10
C LYS A 141 5.31 42.45 -8.71
N GLU A 142 4.67 43.11 -9.67
CA GLU A 142 4.07 44.43 -9.44
C GLU A 142 3.09 44.42 -8.26
N GLY A 143 2.31 43.34 -8.16
CA GLY A 143 1.35 43.22 -7.09
C GLY A 143 2.00 42.98 -5.74
N ILE A 144 2.97 42.07 -5.72
CA ILE A 144 3.42 41.46 -4.49
C ILE A 144 4.88 41.75 -4.08
N SER A 145 5.81 41.79 -5.04
CA SER A 145 7.24 41.69 -4.71
C SER A 145 7.75 42.81 -3.83
N ARG A 146 7.04 43.92 -3.78
CA ARG A 146 7.44 45.10 -3.02
C ARG A 146 6.99 45.04 -1.56
N LEU A 147 6.26 44.00 -1.19
CA LEU A 147 5.70 43.92 0.15
C LEU A 147 6.60 43.12 1.06
N ILE A 148 7.80 43.64 1.30
CA ILE A 148 8.92 42.89 1.90
C ILE A 148 8.59 42.34 3.30
N ASN A 149 7.60 42.94 3.94
CA ASN A 149 7.28 42.60 5.29
C ASN A 149 6.18 41.56 5.41
N LEU A 150 5.73 40.99 4.30
CA LEU A 150 4.64 40.03 4.35
C LEU A 150 5.07 38.79 5.14
N LYS A 151 4.33 38.47 6.20
CA LYS A 151 4.49 37.21 6.93
C LYS A 151 3.51 36.15 6.43
N ASN A 152 2.23 36.48 6.37
CA ASN A 152 1.19 35.55 5.89
C ASN A 152 0.53 36.06 4.61
N LEU A 153 0.46 35.20 3.58
CA LEU A 153 -0.13 35.57 2.30
C LEU A 153 -1.05 34.48 1.81
N TYR A 154 -2.32 34.85 1.58
CA TYR A 154 -3.39 33.88 1.30
C TYR A 154 -4.01 34.14 -0.10
N LEU A 155 -3.74 33.27 -1.06
CA LEU A 155 -4.34 33.43 -2.38
C LEU A 155 -5.28 32.27 -2.77
N ALA A 156 -5.74 31.49 -1.81
CA ALA A 156 -6.49 30.26 -2.10
C ALA A 156 -7.83 30.50 -2.78
N TRP A 157 -8.30 29.48 -3.47
CA TRP A 157 -9.68 29.44 -3.94
C TRP A 157 -10.01 30.58 -4.88
N ASN A 158 -9.14 30.85 -5.84
CA ASN A 158 -9.46 31.74 -6.94
C ASN A 158 -9.89 30.99 -8.22
N CYS A 159 -9.40 29.77 -8.44
CA CYS A 159 -9.78 29.02 -9.63
C CYS A 159 -9.90 27.56 -9.32
N TYR A 160 -11.11 27.02 -9.44
CA TYR A 160 -11.35 25.68 -8.89
C TYR A 160 -12.68 25.08 -9.38
N PHE A 161 -12.84 23.78 -9.13
CA PHE A 161 -14.06 23.09 -9.52
C PHE A 161 -14.45 23.46 -10.95
N ASN A 162 -15.73 23.70 -11.24
CA ASN A 162 -16.12 24.17 -12.56
C ASN A 162 -16.33 25.66 -12.58
N LYS A 163 -15.68 26.40 -11.71
CA LYS A 163 -15.58 27.83 -11.89
C LYS A 163 -14.95 28.10 -13.26
N VAL A 164 -15.57 29.02 -14.01
CA VAL A 164 -15.01 29.50 -15.24
C VAL A 164 -13.84 30.38 -14.86
N CYS A 165 -12.63 29.96 -15.21
CA CYS A 165 -11.42 30.64 -14.76
C CYS A 165 -10.20 30.23 -15.58
N GLU A 166 -9.19 31.09 -15.57
CA GLU A 166 -7.90 30.78 -16.19
C GLU A 166 -6.97 29.96 -15.27
N LYS A 167 -6.07 29.20 -15.89
CA LYS A 167 -4.89 28.66 -15.22
C LYS A 167 -4.14 29.78 -14.52
N THR A 168 -3.54 29.48 -13.39
CA THR A 168 -2.93 30.52 -12.60
C THR A 168 -1.51 30.79 -13.02
N ASN A 169 -1.27 32.02 -13.49
CA ASN A 169 0.07 32.46 -13.85
C ASN A 169 0.80 33.00 -12.64
N ILE A 170 1.90 32.37 -12.26
CA ILE A 170 2.72 32.87 -11.16
C ILE A 170 4.01 33.39 -11.76
N GLU A 171 4.22 34.70 -11.68
CA GLU A 171 5.39 35.31 -12.32
C GLU A 171 6.64 34.83 -11.59
N ASP A 172 7.68 34.55 -12.35
CA ASP A 172 8.87 33.91 -11.82
C ASP A 172 9.58 34.83 -10.83
N GLY A 173 9.84 34.31 -9.64
CA GLY A 173 10.50 35.09 -8.60
C GLY A 173 9.61 36.02 -7.82
N VAL A 174 8.30 35.93 -8.02
CA VAL A 174 7.43 36.85 -7.33
C VAL A 174 7.57 36.74 -5.81
N PHE A 175 7.84 35.52 -5.33
CA PHE A 175 7.88 35.30 -3.88
C PHE A 175 9.29 35.47 -3.34
N GLU A 176 10.27 35.53 -4.23
CA GLU A 176 11.67 35.45 -3.83
C GLU A 176 12.07 36.58 -2.89
N THR A 177 11.47 37.75 -3.10
CA THR A 177 11.80 38.94 -2.33
C THR A 177 11.04 39.00 -1.01
N LEU A 178 10.10 38.09 -0.83
CA LEU A 178 9.32 38.08 0.40
C LEU A 178 10.06 37.29 1.48
N THR A 179 11.15 37.86 1.99
CA THR A 179 12.12 37.08 2.78
C THR A 179 11.72 36.89 4.24
N ASN A 180 10.61 37.51 4.65
CA ASN A 180 10.02 37.23 5.95
C ASN A 180 8.74 36.40 5.89
N LEU A 181 8.39 35.91 4.70
CA LEU A 181 7.15 35.15 4.50
C LEU A 181 7.20 33.79 5.21
N GLU A 182 6.27 33.61 6.14
CA GLU A 182 6.20 32.41 6.93
C GLU A 182 5.09 31.48 6.41
N LEU A 183 4.01 32.02 5.86
CA LEU A 183 2.84 31.22 5.44
C LEU A 183 2.40 31.62 4.08
N LEU A 184 2.41 30.67 3.16
CA LEU A 184 1.95 30.89 1.81
C LEU A 184 0.88 29.88 1.50
N SER A 185 -0.29 30.37 1.06
CA SER A 185 -1.39 29.47 0.66
C SER A 185 -1.91 29.77 -0.71
N LEU A 186 -1.72 28.81 -1.62
CA LEU A 186 -2.22 28.87 -2.99
C LEU A 186 -3.25 27.80 -3.32
N SER A 187 -3.84 27.16 -2.32
CA SER A 187 -4.67 25.98 -2.58
C SER A 187 -5.86 26.36 -3.49
N PHE A 188 -6.43 25.34 -4.14
CA PHE A 188 -7.60 25.46 -4.99
C PHE A 188 -7.40 26.56 -6.05
N ASN A 189 -6.23 26.47 -6.69
CA ASN A 189 -5.90 27.20 -7.91
C ASN A 189 -5.27 26.19 -8.85
N SER A 190 -5.30 26.46 -10.14
CA SER A 190 -4.71 25.53 -11.10
C SER A 190 -3.28 25.95 -11.26
N LEU A 191 -2.38 25.21 -10.62
CA LEU A 191 -0.97 25.58 -10.60
C LEU A 191 -0.16 24.70 -11.53
N SER A 192 -0.43 23.40 -11.52
CA SER A 192 0.34 22.43 -12.34
C SER A 192 1.77 22.12 -11.88
N HIS A 193 2.45 23.07 -11.25
CA HIS A 193 3.78 22.86 -10.75
C HIS A 193 4.00 23.68 -9.49
N VAL A 194 4.79 23.14 -8.56
CA VAL A 194 5.19 23.92 -7.42
C VAL A 194 5.98 25.16 -7.91
N PRO A 195 5.60 26.36 -7.45
CA PRO A 195 6.29 27.51 -8.01
C PRO A 195 7.73 27.53 -7.55
N PRO A 196 8.64 27.93 -8.44
CA PRO A 196 10.06 28.04 -8.09
C PRO A 196 10.36 29.23 -7.18
N LYS A 197 11.52 29.22 -6.55
CA LYS A 197 12.05 30.41 -5.86
C LYS A 197 11.18 30.85 -4.72
N LEU A 198 10.93 29.92 -3.81
CA LEU A 198 10.20 30.22 -2.61
C LEU A 198 11.22 30.66 -1.59
N PRO A 199 10.90 31.66 -0.76
CA PRO A 199 11.85 32.09 0.22
C PRO A 199 11.93 31.03 1.30
N SER A 200 13.07 30.96 1.98
CA SER A 200 13.37 29.86 2.88
C SER A 200 12.93 30.20 4.29
N SER A 201 12.26 31.34 4.40
CA SER A 201 11.63 31.76 5.64
C SER A 201 10.37 30.92 5.91
N LEU A 202 9.88 30.27 4.86
CA LEU A 202 8.57 29.62 4.93
C LEU A 202 8.49 28.58 6.03
N ARG A 203 7.42 28.69 6.81
CA ARG A 203 7.09 27.72 7.87
C ARG A 203 5.92 26.82 7.45
N LYS A 204 4.93 27.36 6.74
CA LYS A 204 3.74 26.59 6.31
C LYS A 204 3.43 26.88 4.85
N LEU A 205 3.22 25.83 4.07
CA LEU A 205 3.01 25.95 2.64
C LEU A 205 1.84 25.07 2.24
N PHE A 206 0.75 25.72 1.82
CA PHE A 206 -0.48 25.05 1.42
C PHE A 206 -0.64 25.03 -0.08
N LEU A 207 -0.64 23.83 -0.67
CA LEU A 207 -0.81 23.70 -2.10
C LEU A 207 -1.85 22.66 -2.43
N SER A 208 -2.93 22.62 -1.67
CA SER A 208 -3.97 21.60 -1.87
C SER A 208 -4.76 21.84 -3.15
N ASN A 209 -5.28 20.77 -3.76
CA ASN A 209 -6.09 20.91 -4.97
C ASN A 209 -5.54 21.98 -5.96
N THR A 210 -4.28 21.80 -6.36
CA THR A 210 -3.59 22.74 -7.24
C THR A 210 -3.24 22.14 -8.56
N GLN A 211 -3.60 20.88 -8.78
CA GLN A 211 -3.29 20.14 -10.03
C GLN A 211 -1.79 19.93 -10.27
N ILE A 212 -1.05 19.66 -9.22
CA ILE A 212 0.35 19.32 -9.32
C ILE A 212 0.51 17.80 -9.32
N LYS A 213 0.97 17.23 -10.44
CA LYS A 213 1.07 15.75 -10.61
C LYS A 213 2.38 15.22 -10.07
N TYR A 214 3.39 16.06 -10.00
CA TYR A 214 4.77 15.59 -9.81
C TYR A 214 5.52 16.53 -8.88
N ILE A 215 6.25 15.96 -7.92
CA ILE A 215 7.05 16.74 -6.96
C ILE A 215 8.52 16.36 -7.11
N SER A 216 9.34 17.33 -7.48
CA SER A 216 10.72 17.08 -7.83
C SER A 216 11.55 17.41 -6.63
N GLU A 217 12.78 16.91 -6.64
CA GLU A 217 13.76 17.18 -5.62
C GLU A 217 14.04 18.67 -5.48
N GLU A 218 13.67 19.45 -6.48
CA GLU A 218 14.01 20.86 -6.47
C GLU A 218 12.90 21.68 -5.82
N ASP A 219 11.70 21.13 -5.72
CA ASP A 219 10.54 21.95 -5.41
C ASP A 219 10.59 22.51 -3.99
N PHE A 220 11.12 21.71 -3.07
CA PHE A 220 11.22 22.11 -1.68
C PHE A 220 12.67 22.08 -1.16
N LYS A 221 13.62 22.09 -2.08
CA LYS A 221 15.07 22.18 -1.80
C LYS A 221 15.43 23.07 -0.60
N GLY A 222 15.01 24.32 -0.66
CA GLY A 222 15.56 25.34 0.25
C GLY A 222 14.90 25.47 1.62
N LEU A 223 13.81 24.73 1.82
CA LEU A 223 12.83 25.11 2.82
C LEU A 223 13.11 24.43 4.12
N ILE A 224 14.24 24.80 4.70
CA ILE A 224 14.71 24.16 5.94
C ILE A 224 13.93 24.59 7.17
N ASN A 225 13.08 25.61 7.04
CA ASN A 225 12.23 25.99 8.15
C ASN A 225 10.79 25.45 8.07
N LEU A 226 10.42 24.74 7.01
CA LEU A 226 9.03 24.28 6.83
C LEU A 226 8.63 23.41 8.00
N THR A 227 7.46 23.72 8.57
CA THR A 227 6.82 22.86 9.54
C THR A 227 5.53 22.24 8.99
N LEU A 228 4.93 22.85 7.98
CA LEU A 228 3.69 22.30 7.42
C LEU A 228 3.75 22.28 5.92
N LEU A 229 3.40 21.14 5.35
CA LEU A 229 3.30 21.00 3.90
C LEU A 229 1.99 20.28 3.52
N ASP A 230 1.20 20.86 2.64
CA ASP A 230 -0.11 20.35 2.29
C ASP A 230 -0.15 20.12 0.81
N LEU A 231 -0.02 18.88 0.37
CA LEU A 231 -0.17 18.53 -1.05
C LEU A 231 -1.41 17.71 -1.30
N SER A 232 -2.42 17.86 -0.44
CA SER A 232 -3.69 17.13 -0.61
C SER A 232 -4.43 17.49 -1.90
N GLY A 233 -5.13 16.53 -2.49
CA GLY A 233 -6.05 16.80 -3.60
C GLY A 233 -5.40 16.89 -4.97
N ASN A 234 -4.12 16.60 -5.03
CA ASN A 234 -3.42 16.53 -6.29
C ASN A 234 -3.31 15.06 -6.76
N CYS A 235 -3.89 14.74 -7.91
CA CYS A 235 -4.21 13.36 -8.26
C CYS A 235 -5.21 12.75 -7.31
N PRO A 236 -6.39 13.36 -7.24
CA PRO A 236 -7.37 13.05 -6.22
C PRO A 236 -8.01 11.69 -6.40
N ARG A 237 -8.47 11.11 -5.30
CA ARG A 237 -9.39 10.01 -5.36
C ARG A 237 -10.79 10.58 -5.62
N CYS A 238 -11.38 10.31 -6.78
CA CYS A 238 -12.59 11.04 -7.19
C CYS A 238 -13.88 10.26 -6.99
N PHE A 239 -13.78 9.00 -6.64
CA PHE A 239 -14.99 8.23 -6.52
C PHE A 239 -15.82 8.77 -5.40
N ASN A 240 -17.09 8.99 -5.68
CA ASN A 240 -17.99 9.53 -4.70
C ASN A 240 -17.65 10.93 -4.20
N ALA A 241 -16.91 11.68 -5.00
CA ALA A 241 -16.56 13.02 -4.60
C ALA A 241 -17.80 13.92 -4.51
N PRO A 242 -17.90 14.69 -3.42
CA PRO A 242 -18.94 15.67 -3.24
C PRO A 242 -18.56 17.02 -3.85
N PHE A 243 -17.71 17.00 -4.86
CA PHE A 243 -17.40 18.20 -5.64
C PHE A 243 -16.97 17.70 -7.01
N PRO A 244 -17.05 18.57 -8.04
CA PRO A 244 -16.53 18.13 -9.32
C PRO A 244 -15.02 17.90 -9.22
N CYS A 245 -14.58 16.70 -9.61
CA CYS A 245 -13.27 16.17 -9.27
C CYS A 245 -12.63 15.58 -10.55
N VAL A 246 -11.39 15.99 -10.84
CA VAL A 246 -10.66 15.47 -12.00
C VAL A 246 -9.43 14.64 -11.63
N PRO A 247 -9.46 13.33 -11.92
CA PRO A 247 -8.31 12.47 -11.58
C PRO A 247 -7.11 12.69 -12.49
N CYS A 248 -5.93 12.32 -11.99
CA CYS A 248 -4.76 12.18 -12.85
C CYS A 248 -5.00 11.05 -13.83
N ASP A 249 -4.38 11.16 -15.00
CA ASP A 249 -4.66 10.25 -16.09
C ASP A 249 -4.53 8.81 -15.61
N GLY A 250 -5.61 8.05 -15.72
CA GLY A 250 -5.60 6.64 -15.30
C GLY A 250 -5.92 6.42 -13.83
N GLY A 251 -6.29 7.49 -13.14
CA GLY A 251 -6.37 7.50 -11.68
C GLY A 251 -5.02 7.39 -10.96
N ALA A 252 -3.94 7.82 -11.61
CA ALA A 252 -2.62 7.61 -11.05
C ALA A 252 -2.39 8.42 -9.76
N SER A 253 -1.45 7.95 -8.95
CA SER A 253 -1.08 8.67 -7.76
C SER A 253 -0.21 9.87 -8.08
N ILE A 254 -0.19 10.81 -7.16
CA ILE A 254 0.82 11.83 -7.21
C ILE A 254 2.16 11.12 -7.31
N ASN A 255 3.12 11.81 -7.91
CA ASN A 255 4.46 11.24 -8.12
C ASN A 255 5.42 12.07 -7.35
N ILE A 256 5.89 11.55 -6.23
CA ILE A 256 6.76 12.30 -5.35
C ILE A 256 8.15 11.70 -5.43
N ASP A 257 9.09 12.49 -5.94
CA ASP A 257 10.46 12.05 -6.06
C ASP A 257 10.99 11.60 -4.70
N ARG A 258 11.82 10.57 -4.72
CA ARG A 258 12.36 9.98 -3.53
C ARG A 258 12.95 11.02 -2.59
N PHE A 259 13.51 12.09 -3.15
CA PHE A 259 14.24 13.07 -2.35
C PHE A 259 13.44 14.36 -2.18
N ALA A 260 12.14 14.30 -2.39
CA ALA A 260 11.35 15.53 -2.43
C ALA A 260 11.47 16.25 -1.11
N PHE A 261 11.53 15.49 -0.02
CA PHE A 261 11.42 16.02 1.36
C PHE A 261 12.77 16.04 2.10
N GLN A 262 13.81 15.58 1.43
CA GLN A 262 15.19 15.54 1.93
C GLN A 262 15.62 16.53 3.00
N ASN A 263 15.37 17.81 2.79
CA ASN A 263 15.82 18.85 3.71
C ASN A 263 14.70 19.36 4.60
N LEU A 264 13.51 18.78 4.49
CA LEU A 264 12.38 19.17 5.33
C LEU A 264 12.50 18.55 6.75
N THR A 265 13.56 18.94 7.42
CA THR A 265 13.94 18.37 8.69
C THR A 265 13.00 18.80 9.81
N GLN A 266 12.40 19.99 9.64
CA GLN A 266 11.50 20.53 10.66
C GLN A 266 10.02 20.19 10.45
N LEU A 267 9.68 19.35 9.48
CA LEU A 267 8.25 19.16 9.18
C LEU A 267 7.49 18.50 10.33
N ARG A 268 6.39 19.16 10.75
CA ARG A 268 5.50 18.60 11.77
C ARG A 268 4.17 18.09 11.22
N TYR A 269 3.70 18.68 10.10
CA TYR A 269 2.39 18.33 9.55
C TYR A 269 2.50 18.07 8.07
N LEU A 270 1.99 16.94 7.60
CA LEU A 270 2.04 16.60 6.20
C LEU A 270 0.66 16.08 5.84
N ASN A 271 0.05 16.76 4.87
CA ASN A 271 -1.24 16.36 4.38
C ASN A 271 -1.10 15.83 2.96
N LEU A 272 -1.33 14.53 2.82
CA LEU A 272 -1.34 13.90 1.53
C LEU A 272 -2.70 13.27 1.24
N SER A 273 -3.75 13.80 1.84
CA SER A 273 -5.10 13.30 1.58
C SER A 273 -5.48 13.42 0.11
N SER A 274 -6.18 12.41 -0.39
CA SER A 274 -6.64 12.37 -1.77
C SER A 274 -5.54 12.76 -2.77
N THR A 275 -4.45 12.01 -2.74
CA THR A 275 -3.45 12.01 -3.78
C THR A 275 -3.30 10.64 -4.43
N SER A 276 -4.28 9.76 -4.21
CA SER A 276 -4.38 8.49 -4.92
C SER A 276 -3.20 7.56 -4.65
N LEU A 277 -2.68 7.63 -3.44
CA LEU A 277 -1.55 6.80 -2.99
C LEU A 277 -1.96 5.34 -2.84
N ARG A 278 -1.21 4.46 -3.48
CA ARG A 278 -1.30 3.03 -3.22
C ARG A 278 -0.07 2.61 -2.42
N LYS A 279 1.02 3.37 -2.55
CA LYS A 279 2.33 3.03 -1.97
C LYS A 279 2.82 4.24 -1.22
N ILE A 280 3.18 4.08 0.05
CA ILE A 280 3.98 5.10 0.73
C ILE A 280 5.46 4.73 0.74
N ASN A 281 6.31 5.69 0.38
CA ASN A 281 7.74 5.54 0.42
C ASN A 281 8.33 5.93 1.78
N ALA A 282 8.94 4.98 2.47
CA ALA A 282 9.48 5.20 3.81
C ALA A 282 10.57 6.24 3.83
N ALA A 283 11.33 6.32 2.76
CA ALA A 283 12.45 7.23 2.69
C ALA A 283 12.01 8.70 2.64
N TRP A 284 10.71 8.93 2.36
CA TRP A 284 10.15 10.29 2.41
C TRP A 284 10.39 10.86 3.81
N PHE A 285 10.40 9.95 4.79
CA PHE A 285 10.42 10.29 6.19
C PHE A 285 11.79 10.16 6.86
N LYS A 286 12.80 9.82 6.08
CA LYS A 286 14.17 9.58 6.56
C LYS A 286 14.75 10.77 7.35
N ASN A 287 14.44 11.97 6.91
CA ASN A 287 15.02 13.16 7.50
C ASN A 287 13.98 13.96 8.23
N MET A 288 12.94 13.28 8.70
CA MET A 288 11.77 13.96 9.21
C MET A 288 11.44 13.55 10.63
N PRO A 289 12.32 13.88 11.60
CA PRO A 289 12.23 13.29 12.93
C PRO A 289 11.14 13.87 13.81
N HIS A 290 10.60 15.02 13.45
CA HIS A 290 9.66 15.75 14.31
C HIS A 290 8.23 15.59 13.82
N LEU A 291 8.00 14.69 12.85
CA LEU A 291 6.69 14.62 12.24
C LEU A 291 5.68 14.19 13.29
N LYS A 292 4.64 15.01 13.39
CA LYS A 292 3.58 14.91 14.39
C LYS A 292 2.21 14.47 13.81
N VAL A 293 1.92 14.87 12.59
CA VAL A 293 0.61 14.63 12.01
C VAL A 293 0.79 14.18 10.58
N LEU A 294 0.30 13.01 10.27
CA LEU A 294 0.30 12.53 8.90
C LEU A 294 -1.13 12.23 8.46
N ASP A 295 -1.58 13.02 7.51
CA ASP A 295 -2.93 12.88 7.01
C ASP A 295 -2.92 12.20 5.64
N LEU A 296 -3.58 11.03 5.59
CA LEU A 296 -3.59 10.18 4.40
C LEU A 296 -5.02 9.73 4.05
N GLU A 297 -5.97 10.63 4.26
CA GLU A 297 -7.36 10.36 3.97
C GLU A 297 -7.56 10.19 2.49
N PHE A 298 -8.56 9.42 2.11
CA PHE A 298 -8.99 9.40 0.71
C PHE A 298 -7.90 8.98 -0.24
N ASN A 299 -7.18 7.93 0.14
CA ASN A 299 -6.22 7.32 -0.76
C ASN A 299 -6.65 5.88 -0.98
N TYR A 300 -5.72 5.00 -1.39
CA TYR A 300 -6.06 3.60 -1.67
C TYR A 300 -5.11 2.72 -0.92
N LEU A 301 -5.07 2.91 0.40
CA LEU A 301 -4.01 2.41 1.21
C LEU A 301 -4.35 1.12 1.98
N VAL A 302 -5.43 0.43 1.63
CA VAL A 302 -5.71 -0.84 2.29
C VAL A 302 -4.47 -1.75 2.37
N GLY A 303 -3.89 -2.05 1.22
CA GLY A 303 -2.62 -2.76 1.15
C GLY A 303 -1.58 -2.24 2.11
N GLU A 304 -1.36 -0.93 2.12
CA GLU A 304 -0.28 -0.34 2.92
C GLU A 304 -0.56 -0.40 4.39
N ILE A 305 -1.82 -0.33 4.76
CA ILE A 305 -2.23 -0.52 6.15
C ILE A 305 -1.96 -1.95 6.66
N ALA A 306 -2.06 -2.92 5.77
CA ALA A 306 -1.70 -4.31 6.10
C ALA A 306 -0.19 -4.55 6.18
N SER A 307 0.60 -3.79 5.41
CA SER A 307 2.06 -3.91 5.38
C SER A 307 2.75 -2.82 6.23
N GLY A 308 2.79 -1.60 5.69
CA GLY A 308 3.18 -0.44 6.47
C GLY A 308 4.62 -0.41 6.97
N ALA A 309 5.56 -0.47 6.04
CA ALA A 309 6.95 -0.30 6.38
C ALA A 309 7.19 1.12 6.81
N PHE A 310 6.51 2.07 6.17
CA PHE A 310 6.72 3.49 6.48
C PHE A 310 6.46 3.81 7.96
N LEU A 311 5.73 2.92 8.63
CA LEU A 311 5.32 3.12 10.01
C LEU A 311 6.54 3.06 10.92
N THR A 312 7.54 2.32 10.47
CA THR A 312 8.83 2.27 11.14
C THR A 312 9.39 3.66 11.36
N MET A 313 9.07 4.57 10.44
CA MET A 313 9.81 5.82 10.34
C MET A 313 9.21 6.90 11.22
N LEU A 314 8.18 6.55 12.01
CA LEU A 314 7.30 7.55 12.60
C LEU A 314 7.00 7.35 14.10
N PRO A 315 8.05 7.19 14.93
CA PRO A 315 7.86 6.89 16.36
C PRO A 315 7.51 8.12 17.18
N ARG A 316 7.58 9.28 16.55
CA ARG A 316 7.17 10.52 17.19
C ARG A 316 5.77 11.00 16.68
N LEU A 317 5.16 10.29 15.73
CA LEU A 317 3.88 10.70 15.19
C LEU A 317 2.80 10.62 16.25
N GLU A 318 2.00 11.67 16.36
CA GLU A 318 0.88 11.74 17.31
C GLU A 318 -0.49 11.48 16.66
N ILE A 319 -0.65 11.86 15.40
CA ILE A 319 -1.92 11.74 14.74
C ILE A 319 -1.80 11.16 13.37
N LEU A 320 -2.58 10.12 13.11
CA LEU A 320 -2.51 9.40 11.88
C LEU A 320 -3.95 9.24 11.41
N ASP A 321 -4.25 9.83 10.26
CA ASP A 321 -5.57 9.75 9.71
C ASP A 321 -5.52 8.92 8.47
N LEU A 322 -6.18 7.77 8.50
CA LEU A 322 -6.22 6.86 7.36
C LEU A 322 -7.66 6.65 6.88
N SER A 323 -8.47 7.64 7.15
CA SER A 323 -9.88 7.56 6.88
C SER A 323 -10.20 7.50 5.38
N PHE A 324 -11.31 6.89 5.06
CA PHE A 324 -11.81 6.75 3.70
C PHE A 324 -10.80 6.27 2.67
N ASN A 325 -10.18 5.13 2.96
CA ASN A 325 -9.32 4.44 2.01
C ASN A 325 -9.96 3.18 1.46
N TYR A 326 -11.27 3.02 1.66
CA TYR A 326 -11.93 1.79 1.31
C TYR A 326 -11.80 1.47 -0.17
N ILE A 327 -11.86 0.17 -0.46
CA ILE A 327 -12.03 -0.35 -1.83
C ILE A 327 -13.50 -0.43 -2.19
N LYS A 328 -13.89 0.24 -3.26
CA LYS A 328 -15.32 0.36 -3.48
C LYS A 328 -15.94 -0.99 -3.75
N GLY A 329 -17.08 -1.25 -3.14
CA GLY A 329 -17.74 -2.55 -3.27
C GLY A 329 -17.25 -3.63 -2.32
N SER A 330 -15.98 -3.59 -1.93
CA SER A 330 -15.42 -4.58 -1.00
C SER A 330 -15.79 -4.29 0.45
N TYR A 331 -16.53 -5.23 1.04
CA TYR A 331 -16.95 -5.21 2.44
C TYR A 331 -16.32 -6.42 3.15
N PRO A 332 -15.00 -6.39 3.42
CA PRO A 332 -14.33 -7.56 4.01
C PRO A 332 -14.80 -7.90 5.40
N GLN A 333 -14.65 -9.16 5.78
CA GLN A 333 -15.00 -9.60 7.14
C GLN A 333 -14.29 -8.76 8.22
N HIS A 334 -13.02 -8.43 8.02
CA HIS A 334 -12.16 -7.91 9.08
C HIS A 334 -11.26 -6.81 8.58
N ILE A 335 -10.74 -6.02 9.52
CA ILE A 335 -9.73 -5.03 9.20
C ILE A 335 -8.36 -5.66 9.39
N ASN A 336 -7.47 -5.45 8.41
CA ASN A 336 -6.11 -5.98 8.43
C ASN A 336 -5.08 -4.88 8.72
N ILE A 337 -4.65 -4.85 9.98
CA ILE A 337 -3.73 -3.85 10.53
C ILE A 337 -2.34 -4.47 10.70
N SER A 338 -1.36 -3.93 9.98
CA SER A 338 0.03 -4.32 10.14
C SER A 338 0.46 -4.40 11.59
N ARG A 339 1.28 -5.39 11.91
CA ARG A 339 2.00 -5.44 13.18
C ARG A 339 2.84 -4.20 13.45
N ASN A 340 3.23 -3.50 12.39
CA ASN A 340 4.17 -2.37 12.51
C ASN A 340 3.53 -1.11 13.01
N PHE A 341 2.20 -1.12 13.17
CA PHE A 341 1.53 -0.11 13.98
C PHE A 341 2.13 -0.05 15.38
N SER A 342 2.64 -1.19 15.85
CA SER A 342 3.30 -1.27 17.17
C SER A 342 4.43 -0.30 17.29
N LYS A 343 4.96 0.16 16.16
CA LYS A 343 6.14 1.02 16.17
C LYS A 343 5.80 2.50 16.35
N LEU A 344 4.53 2.86 16.20
CA LEU A 344 4.09 4.23 16.43
C LEU A 344 3.96 4.62 17.90
N LEU A 345 5.10 4.77 18.57
CA LEU A 345 5.15 4.83 20.03
C LEU A 345 4.62 6.12 20.60
N SER A 346 4.59 7.15 19.79
CA SER A 346 4.06 8.43 20.26
C SER A 346 2.56 8.67 19.91
N LEU A 347 1.90 7.68 19.30
CA LEU A 347 0.59 7.92 18.72
C LEU A 347 -0.42 8.28 19.80
N ARG A 348 -1.13 9.40 19.59
CA ARG A 348 -2.24 9.83 20.47
C ARG A 348 -3.62 9.50 19.86
N ALA A 349 -3.82 9.78 18.58
CA ALA A 349 -5.07 9.47 17.93
C ALA A 349 -4.88 8.71 16.65
N LEU A 350 -5.75 7.73 16.44
CA LEU A 350 -5.82 7.04 15.20
C LEU A 350 -7.22 7.14 14.60
N HIS A 351 -7.30 7.71 13.39
CA HIS A 351 -8.55 7.83 12.66
C HIS A 351 -8.61 6.85 11.52
N LEU A 352 -9.62 5.99 11.54
CA LEU A 352 -9.86 4.96 10.53
C LEU A 352 -11.34 4.91 10.18
N ARG A 353 -11.92 6.06 9.86
CA ARG A 353 -13.24 6.04 9.32
C ARG A 353 -13.13 5.39 7.98
N GLY A 354 -14.17 4.71 7.55
CA GLY A 354 -14.37 4.45 6.12
C GLY A 354 -13.34 3.50 5.56
N TYR A 355 -13.00 2.49 6.33
CA TYR A 355 -12.20 1.40 5.81
C TYR A 355 -13.20 0.34 5.30
N VAL A 356 -14.28 0.19 6.05
CA VAL A 356 -15.48 -0.54 5.63
C VAL A 356 -15.31 -2.04 5.79
N PHE A 357 -15.78 -2.56 6.93
CA PHE A 357 -15.46 -3.92 7.29
C PHE A 357 -16.47 -4.43 8.25
N GLN A 358 -16.62 -5.74 8.38
CA GLN A 358 -17.84 -6.26 8.99
C GLN A 358 -17.70 -6.50 10.45
N GLU A 359 -16.50 -6.82 10.90
CA GLU A 359 -16.36 -7.33 12.25
C GLU A 359 -15.04 -6.91 12.91
N LEU A 360 -15.08 -6.47 14.17
CA LEU A 360 -13.85 -6.10 14.89
C LEU A 360 -13.54 -7.11 15.96
N ARG A 361 -12.44 -7.83 15.77
CA ARG A 361 -12.08 -8.96 16.62
C ARG A 361 -10.92 -8.54 17.49
N GLU A 362 -10.83 -9.14 18.68
CA GLU A 362 -9.76 -8.81 19.63
C GLU A 362 -8.35 -8.77 18.98
N ASP A 363 -8.03 -9.76 18.16
CA ASP A 363 -6.69 -9.88 17.63
C ASP A 363 -6.42 -8.82 16.57
N ASP A 364 -7.47 -8.33 15.92
CA ASP A 364 -7.28 -7.40 14.82
C ASP A 364 -6.60 -6.12 15.33
N PHE A 365 -6.75 -5.82 16.61
CA PHE A 365 -6.16 -4.60 17.16
C PHE A 365 -5.00 -4.83 18.11
N GLN A 366 -4.33 -5.96 18.02
CA GLN A 366 -3.18 -6.26 18.86
C GLN A 366 -2.01 -5.31 18.68
N PRO A 367 -1.70 -4.97 17.43
CA PRO A 367 -0.59 -4.11 17.22
C PRO A 367 -0.70 -2.76 17.90
N LEU A 368 -1.88 -2.45 18.44
CA LEU A 368 -2.10 -1.17 19.09
C LEU A 368 -2.17 -1.23 20.60
N MET A 369 -2.24 -2.43 21.15
CA MET A 369 -2.62 -2.56 22.56
C MET A 369 -1.54 -2.12 23.54
N GLN A 370 -0.32 -1.92 23.04
CA GLN A 370 0.78 -1.52 23.89
C GLN A 370 1.25 -0.09 23.60
N LEU A 371 0.55 0.62 22.73
CA LEU A 371 0.95 1.99 22.45
C LEU A 371 0.64 2.90 23.65
N PRO A 372 1.68 3.41 24.32
CA PRO A 372 1.51 4.03 25.65
C PRO A 372 0.63 5.28 25.70
N ASN A 373 0.58 6.05 24.63
CA ASN A 373 -0.12 7.32 24.67
C ASN A 373 -1.38 7.36 23.78
N LEU A 374 -1.81 6.20 23.28
CA LEU A 374 -2.96 6.12 22.35
C LEU A 374 -4.24 6.36 23.11
N SER A 375 -4.80 7.54 22.92
CA SER A 375 -5.92 8.00 23.73
C SER A 375 -7.25 7.87 22.99
N THR A 376 -7.23 8.10 21.68
CA THR A 376 -8.43 8.16 20.86
C THR A 376 -8.37 7.17 19.70
N ILE A 377 -9.40 6.34 19.56
CA ILE A 377 -9.57 5.50 18.36
C ILE A 377 -10.93 5.78 17.69
N ASN A 378 -10.89 6.06 16.40
CA ASN A 378 -12.07 6.55 15.68
C ASN A 378 -12.35 5.61 14.53
N LEU A 379 -13.42 4.84 14.69
CA LEU A 379 -13.87 3.86 13.71
C LEU A 379 -15.27 4.21 13.18
N GLY A 380 -15.59 5.49 13.23
CA GLY A 380 -16.82 5.97 12.67
C GLY A 380 -16.97 5.63 11.20
N ILE A 381 -18.19 5.30 10.79
CA ILE A 381 -18.52 5.11 9.40
C ILE A 381 -17.76 3.96 8.79
N ASN A 382 -17.85 2.79 9.42
CA ASN A 382 -17.24 1.59 8.85
C ASN A 382 -18.21 0.48 8.51
N PHE A 383 -19.49 0.77 8.61
CA PHE A 383 -20.57 -0.22 8.47
C PHE A 383 -20.35 -1.50 9.28
N ILE A 384 -19.67 -1.37 10.41
CA ILE A 384 -19.28 -2.54 11.24
C ILE A 384 -20.48 -3.22 11.90
N LYS A 385 -20.69 -4.50 11.64
CA LYS A 385 -21.83 -5.23 12.22
C LYS A 385 -21.59 -5.75 13.61
N GLN A 386 -20.37 -6.18 13.92
CA GLN A 386 -20.05 -6.74 15.24
C GLN A 386 -18.69 -6.31 15.80
N ILE A 387 -18.61 -6.16 17.13
CA ILE A 387 -17.38 -5.77 17.80
C ILE A 387 -17.22 -6.56 19.06
N ASP A 388 -16.01 -7.02 19.35
CA ASP A 388 -15.74 -7.81 20.53
C ASP A 388 -15.21 -6.90 21.63
N PHE A 389 -16.11 -6.31 22.40
CA PHE A 389 -15.76 -5.14 23.20
C PHE A 389 -14.65 -5.39 24.24
N LYS A 390 -14.38 -6.64 24.59
CA LYS A 390 -13.38 -6.90 25.62
C LYS A 390 -12.01 -6.46 25.13
N LEU A 391 -11.85 -6.35 23.82
CA LEU A 391 -10.59 -5.91 23.27
C LEU A 391 -10.14 -4.52 23.76
N PHE A 392 -11.07 -3.62 24.06
CA PHE A 392 -10.67 -2.27 24.42
C PHE A 392 -9.98 -2.18 25.80
N GLN A 393 -10.48 -2.93 26.77
CA GLN A 393 -9.79 -3.22 28.05
C GLN A 393 -8.27 -3.36 27.94
N ASN A 394 -7.84 -4.20 27.02
CA ASN A 394 -6.43 -4.55 26.88
C ASN A 394 -5.59 -3.33 26.48
N PHE A 395 -6.22 -2.23 26.06
CA PHE A 395 -5.48 -1.04 25.66
C PHE A 395 -4.93 -0.33 26.86
N SER A 396 -3.77 0.28 26.67
CA SER A 396 -3.07 0.92 27.74
C SER A 396 -3.91 2.02 28.38
N ASN A 397 -4.48 2.90 27.54
CA ASN A 397 -4.80 4.26 27.98
C ASN A 397 -5.94 4.95 27.19
N LEU A 398 -6.86 4.17 26.63
CA LEU A 398 -7.96 4.72 25.85
C LEU A 398 -8.88 5.58 26.68
N GLU A 399 -9.16 6.77 26.15
CA GLU A 399 -9.99 7.78 26.77
C GLU A 399 -11.21 8.07 25.88
N ILE A 400 -11.09 7.82 24.58
CA ILE A 400 -12.16 8.00 23.61
C ILE A 400 -12.26 6.81 22.66
N ILE A 401 -13.36 6.06 22.75
CA ILE A 401 -13.63 4.97 21.84
C ILE A 401 -14.81 5.40 20.97
N TYR A 402 -14.54 5.83 19.75
CA TYR A 402 -15.55 6.45 18.90
C TYR A 402 -16.06 5.50 17.81
N LEU A 403 -17.25 4.97 18.02
CA LEU A 403 -17.77 3.92 17.15
C LEU A 403 -19.10 4.37 16.52
N SER A 404 -19.32 5.68 16.51
CA SER A 404 -20.53 6.28 15.96
C SER A 404 -20.70 5.88 14.50
N GLU A 405 -21.95 5.79 14.07
CA GLU A 405 -22.30 5.54 12.68
C GLU A 405 -21.77 4.20 12.18
N ASN A 406 -22.28 3.13 12.74
CA ASN A 406 -21.96 1.81 12.18
C ASN A 406 -23.22 0.95 12.09
N ARG A 407 -23.07 -0.38 12.20
CA ARG A 407 -24.22 -1.27 12.19
C ARG A 407 -24.28 -2.17 13.42
N ILE A 408 -23.81 -1.64 14.55
CA ILE A 408 -23.83 -2.38 15.80
C ILE A 408 -25.30 -2.57 16.18
N SER A 409 -25.63 -3.77 16.65
CA SER A 409 -27.00 -4.10 17.02
C SER A 409 -26.90 -5.06 18.18
N PRO A 410 -28.02 -5.44 18.79
CA PRO A 410 -28.02 -6.19 20.06
C PRO A 410 -27.45 -7.59 19.93
N ASP A 436 -21.68 32.69 -1.27
CA ASP A 436 -22.46 31.54 -1.76
C ASP A 436 -21.56 30.38 -2.18
N PHE A 437 -20.59 30.04 -1.31
CA PHE A 437 -19.69 28.91 -1.55
C PHE A 437 -19.85 27.79 -0.50
N GLU A 438 -19.97 26.58 -1.01
CA GLU A 438 -20.32 25.40 -0.22
C GLU A 438 -19.27 25.05 0.83
N PHE A 439 -18.00 25.33 0.52
CA PHE A 439 -16.89 24.90 1.36
C PHE A 439 -16.21 26.07 2.02
N ASP A 440 -16.12 26.02 3.34
CA ASP A 440 -15.43 27.03 4.11
C ASP A 440 -13.93 27.00 3.80
N PRO A 441 -13.41 28.05 3.17
CA PRO A 441 -11.98 28.17 2.83
C PRO A 441 -11.01 28.16 4.03
N HIS A 442 -11.52 28.37 5.23
CA HIS A 442 -10.73 28.36 6.43
C HIS A 442 -10.96 27.10 7.25
N SER A 443 -11.51 26.05 6.64
CA SER A 443 -11.68 24.76 7.31
C SER A 443 -10.91 23.63 6.61
N ASN A 444 -10.61 22.57 7.33
CA ASN A 444 -10.14 21.35 6.73
C ASN A 444 -11.19 20.83 5.75
N PHE A 445 -10.76 20.50 4.55
CA PHE A 445 -11.63 20.11 3.43
C PHE A 445 -12.04 18.64 3.50
N TYR A 446 -11.26 17.83 4.23
CA TYR A 446 -11.38 16.38 4.15
C TYR A 446 -12.04 15.77 5.39
N HIS A 447 -11.92 16.42 6.54
CA HIS A 447 -12.79 16.10 7.66
C HIS A 447 -13.33 17.32 8.39
N PHE A 448 -14.30 17.07 9.27
CA PHE A 448 -14.77 18.05 10.25
C PHE A 448 -13.84 18.06 11.46
N THR A 449 -13.70 19.21 12.08
CA THR A 449 -12.80 19.38 13.18
C THR A 449 -13.51 19.66 14.50
N ARG A 450 -14.81 19.42 14.56
CA ARG A 450 -15.44 19.39 15.89
C ARG A 450 -14.88 18.26 16.72
N PRO A 451 -14.90 18.40 18.03
CA PRO A 451 -14.51 17.29 18.87
C PRO A 451 -15.37 16.07 18.64
N LEU A 452 -14.77 14.89 18.77
CA LEU A 452 -15.50 13.65 18.58
C LEU A 452 -16.61 13.51 19.62
N ILE A 453 -16.29 13.85 20.86
CA ILE A 453 -17.22 13.69 21.99
C ILE A 453 -17.41 15.08 22.52
N LYS A 454 -18.61 15.52 22.86
CA LYS A 454 -18.83 16.81 23.50
C LYS A 454 -17.84 17.01 24.62
N PRO A 455 -17.26 18.19 24.78
CA PRO A 455 -16.30 18.34 25.89
C PRO A 455 -16.95 18.12 27.25
N GLN A 456 -18.21 18.51 27.37
CA GLN A 456 -18.93 18.41 28.64
C GLN A 456 -19.05 16.95 29.09
N CYS A 457 -19.06 16.04 28.14
CA CYS A 457 -19.11 14.60 28.43
C CYS A 457 -17.74 14.02 28.72
N ALA A 458 -16.72 14.52 28.05
CA ALA A 458 -15.42 13.84 28.05
C ALA A 458 -14.62 14.19 29.28
N ALA A 459 -14.88 15.38 29.83
CA ALA A 459 -14.37 15.76 31.13
C ALA A 459 -14.64 14.73 32.22
N TYR A 460 -15.66 13.90 32.09
CA TYR A 460 -15.97 13.00 33.17
C TYR A 460 -15.12 11.74 33.16
N GLY A 461 -14.38 11.51 32.08
CA GLY A 461 -13.56 10.31 32.00
C GLY A 461 -13.72 9.55 30.70
N LYS A 462 -13.40 8.28 30.73
CA LYS A 462 -13.44 7.45 29.55
C LYS A 462 -14.77 7.61 28.82
N ALA A 463 -14.71 7.71 27.49
CA ALA A 463 -15.86 8.00 26.62
C ALA A 463 -16.09 6.88 25.65
N LEU A 464 -17.34 6.47 25.48
CA LEU A 464 -17.67 5.47 24.46
C LEU A 464 -18.86 5.98 23.67
N ASP A 465 -18.72 6.05 22.36
CA ASP A 465 -19.76 6.64 21.52
C ASP A 465 -20.28 5.56 20.61
N LEU A 466 -21.51 5.12 20.87
CA LEU A 466 -22.19 4.12 20.06
C LEU A 466 -23.42 4.75 19.34
N SER A 467 -23.35 6.05 19.09
CA SER A 467 -24.46 6.76 18.47
C SER A 467 -24.67 6.32 17.04
N LEU A 468 -25.88 6.55 16.54
CA LEU A 468 -26.17 6.23 15.16
C LEU A 468 -25.80 4.79 14.82
N ASN A 469 -26.15 3.85 15.69
CA ASN A 469 -26.13 2.44 15.32
C ASN A 469 -27.55 1.85 15.35
N SER A 470 -27.67 0.52 15.43
CA SER A 470 -28.98 -0.12 15.53
C SER A 470 -29.21 -0.89 16.86
N ILE A 471 -28.74 -0.36 17.96
CA ILE A 471 -28.91 -1.02 19.26
C ILE A 471 -30.31 -0.72 19.79
N PHE A 472 -31.30 -1.37 19.20
CA PHE A 472 -32.71 -0.97 19.41
C PHE A 472 -33.24 -1.49 20.77
N PHE A 473 -32.52 -2.46 21.33
CA PHE A 473 -32.54 -2.70 22.77
C PHE A 473 -31.17 -3.10 23.30
N ILE A 474 -30.90 -2.76 24.55
CA ILE A 474 -29.69 -3.20 25.22
C ILE A 474 -29.93 -4.50 25.97
N GLY A 475 -29.26 -5.55 25.52
CA GLY A 475 -29.34 -6.86 26.13
C GLY A 475 -28.63 -6.96 27.47
N PRO A 476 -28.67 -8.15 28.09
CA PRO A 476 -28.10 -8.41 29.40
C PRO A 476 -26.59 -8.28 29.46
N ASN A 477 -25.93 -8.64 28.36
CA ASN A 477 -24.47 -8.72 28.27
C ASN A 477 -23.88 -7.75 27.25
N GLN A 478 -24.64 -6.73 26.93
CA GLN A 478 -24.31 -5.84 25.84
C GLN A 478 -23.05 -5.08 26.19
N PHE A 479 -22.88 -4.73 27.45
CA PHE A 479 -21.78 -3.87 27.83
C PHE A 479 -20.74 -4.61 28.67
N GLU A 480 -20.57 -5.89 28.36
CA GLU A 480 -19.74 -6.78 29.19
C GLU A 480 -18.25 -6.56 28.88
N ASN A 481 -17.43 -6.64 29.93
CA ASN A 481 -15.99 -6.58 29.77
C ASN A 481 -15.58 -5.29 29.11
N LEU A 482 -16.30 -4.24 29.43
CA LEU A 482 -15.95 -2.92 28.99
C LEU A 482 -15.14 -2.29 30.12
N PRO A 483 -14.40 -1.19 29.83
CA PRO A 483 -13.73 -0.47 30.89
C PRO A 483 -14.70 0.35 31.73
N ASP A 484 -14.16 1.03 32.73
CA ASP A 484 -14.92 1.91 33.60
C ASP A 484 -15.32 3.16 32.81
N ILE A 485 -16.36 3.02 31.99
CA ILE A 485 -16.88 4.11 31.16
C ILE A 485 -17.57 5.21 31.98
N ALA A 486 -17.21 6.46 31.73
CA ALA A 486 -17.82 7.57 32.44
C ALA A 486 -18.72 8.39 31.55
N CYS A 487 -18.58 8.24 30.24
CA CYS A 487 -19.31 9.12 29.32
C CYS A 487 -19.78 8.24 28.22
N LEU A 488 -21.11 8.17 28.04
CA LEU A 488 -21.64 7.16 27.13
C LEU A 488 -22.72 7.73 26.25
N ASN A 489 -22.56 7.58 24.96
CA ASN A 489 -23.51 8.14 24.01
C ASN A 489 -24.19 7.00 23.27
N LEU A 490 -25.50 6.88 23.44
CA LEU A 490 -26.30 5.85 22.78
C LEU A 490 -27.36 6.53 21.91
N SER A 491 -27.08 7.77 21.56
CA SER A 491 -28.02 8.55 20.78
C SER A 491 -28.42 7.88 19.48
N ALA A 492 -29.69 7.97 19.10
CA ALA A 492 -30.13 7.57 17.78
C ALA A 492 -29.77 6.14 17.52
N ASN A 493 -30.13 5.25 18.42
CA ASN A 493 -30.07 3.82 18.11
C ASN A 493 -31.43 3.21 17.83
N SER A 494 -32.41 4.10 17.67
CA SER A 494 -33.83 3.76 17.69
C SER A 494 -34.17 2.76 18.83
N ASN A 495 -33.69 3.09 20.03
CA ASN A 495 -33.88 2.22 21.17
C ASN A 495 -35.27 2.36 21.75
N ALA A 496 -36.04 1.28 21.67
CA ALA A 496 -37.44 1.29 22.09
C ALA A 496 -37.70 0.55 23.42
N GLN A 497 -36.64 0.17 24.11
CA GLN A 497 -36.80 -0.73 25.23
C GLN A 497 -37.26 -0.03 26.48
N VAL A 498 -37.84 -0.85 27.37
CA VAL A 498 -38.21 -0.43 28.73
C VAL A 498 -36.99 -0.62 29.61
N LEU A 499 -36.35 0.48 30.00
CA LEU A 499 -35.20 0.39 30.90
C LEU A 499 -35.72 0.10 32.28
N SER A 500 -34.92 -0.58 33.10
CA SER A 500 -35.46 -1.25 34.28
C SER A 500 -34.52 -1.30 35.49
N GLY A 501 -33.31 -0.79 35.33
CA GLY A 501 -32.39 -0.71 36.44
C GLY A 501 -31.24 -1.70 36.40
N THR A 502 -31.15 -2.50 35.32
CA THR A 502 -30.01 -3.44 35.16
C THR A 502 -29.21 -3.31 33.86
N GLU A 503 -29.63 -2.44 32.98
CA GLU A 503 -29.05 -2.46 31.63
C GLU A 503 -27.60 -1.95 31.65
N PHE A 504 -27.29 -0.99 32.53
CA PHE A 504 -25.94 -0.41 32.62
C PHE A 504 -25.10 -0.90 33.82
N SER A 505 -25.46 -2.06 34.37
CA SER A 505 -24.85 -2.59 35.60
C SER A 505 -23.35 -2.81 35.45
N ALA A 506 -22.92 -3.29 34.29
CA ALA A 506 -21.49 -3.49 34.00
C ALA A 506 -20.68 -2.19 33.90
N ILE A 507 -21.33 -1.08 33.57
CA ILE A 507 -20.65 0.21 33.50
C ILE A 507 -21.41 1.18 34.40
N PRO A 508 -21.40 0.89 35.71
CA PRO A 508 -22.22 1.57 36.71
C PRO A 508 -21.78 2.97 37.05
N HIS A 509 -20.62 3.39 36.57
CA HIS A 509 -20.09 4.70 36.95
C HIS A 509 -20.30 5.78 35.89
N VAL A 510 -21.12 5.50 34.89
CA VAL A 510 -21.43 6.51 33.88
C VAL A 510 -21.93 7.81 34.52
N LYS A 511 -21.30 8.93 34.18
CA LYS A 511 -21.68 10.22 34.74
C LYS A 511 -22.44 11.08 33.77
N TYR A 512 -22.36 10.76 32.48
CA TYR A 512 -22.99 11.58 31.44
C TYR A 512 -23.51 10.59 30.43
N LEU A 513 -24.81 10.57 30.23
CA LEU A 513 -25.46 9.54 29.42
C LEU A 513 -26.34 10.24 28.43
N ASP A 514 -26.01 10.07 27.14
CA ASP A 514 -26.78 10.69 26.07
C ASP A 514 -27.63 9.63 25.39
N LEU A 515 -28.94 9.75 25.57
CA LEU A 515 -29.92 8.80 25.06
C LEU A 515 -30.88 9.53 24.13
N THR A 516 -30.42 10.60 23.50
CA THR A 516 -31.27 11.42 22.66
C THR A 516 -31.67 10.67 21.42
N ASN A 517 -32.78 11.06 20.81
CA ASN A 517 -33.17 10.57 19.52
C ASN A 517 -33.37 9.07 19.49
N ASN A 518 -33.83 8.53 20.61
CA ASN A 518 -34.34 7.17 20.63
C ASN A 518 -35.86 7.09 20.70
N ARG A 519 -36.40 5.95 21.09
CA ARG A 519 -37.82 5.84 21.30
C ARG A 519 -38.09 5.03 22.54
N LEU A 520 -37.60 5.53 23.65
CA LEU A 520 -37.55 4.74 24.86
C LEU A 520 -38.97 4.66 25.43
N ASP A 521 -39.30 3.48 25.96
CA ASP A 521 -40.62 3.21 26.53
C ASP A 521 -40.53 3.17 28.06
N PHE A 522 -41.03 4.22 28.69
CA PHE A 522 -40.82 4.44 30.11
C PHE A 522 -41.91 3.76 30.95
N ASP A 523 -41.81 2.44 31.06
CA ASP A 523 -42.78 1.70 31.80
C ASP A 523 -42.19 1.03 33.04
N ASN A 524 -41.19 1.64 33.67
CA ASN A 524 -40.57 1.04 34.84
C ASN A 524 -39.73 2.00 35.66
N ALA A 525 -40.12 2.17 36.91
CA ALA A 525 -39.65 3.29 37.72
C ALA A 525 -38.25 3.09 38.30
N SER A 526 -37.68 1.89 38.14
CA SER A 526 -36.28 1.64 38.49
C SER A 526 -35.28 2.04 37.37
N ALA A 527 -35.79 2.33 36.17
CA ALA A 527 -34.98 2.73 35.00
C ALA A 527 -33.76 3.61 35.35
N LEU A 528 -32.58 3.17 34.91
CA LEU A 528 -31.31 3.94 35.07
C LEU A 528 -30.73 4.00 36.50
N THR A 529 -31.42 3.43 37.49
CA THR A 529 -31.06 3.68 38.89
C THR A 529 -29.77 2.97 39.31
N GLU A 530 -29.35 1.98 38.51
CA GLU A 530 -28.04 1.31 38.64
C GLU A 530 -26.90 2.30 38.47
N LEU A 531 -27.21 3.50 37.98
CA LEU A 531 -26.21 4.55 37.78
C LEU A 531 -26.23 5.61 38.89
N SER A 532 -25.69 5.25 40.05
CA SER A 532 -25.80 6.10 41.25
C SER A 532 -25.11 7.42 41.04
N ASP A 533 -24.04 7.39 40.24
CA ASP A 533 -23.17 8.55 40.07
C ASP A 533 -23.63 9.47 38.96
N LEU A 534 -24.73 9.14 38.30
CA LEU A 534 -25.19 9.93 37.18
C LEU A 534 -25.31 11.42 37.50
N GLU A 535 -24.71 12.27 36.66
CA GLU A 535 -24.80 13.71 36.85
C GLU A 535 -25.52 14.42 35.73
N VAL A 536 -25.36 13.92 34.50
CA VAL A 536 -26.03 14.50 33.35
C VAL A 536 -26.75 13.44 32.56
N LEU A 537 -28.01 13.71 32.19
CA LEU A 537 -28.87 12.76 31.49
C LEU A 537 -29.61 13.50 30.40
N ASP A 538 -29.45 13.03 29.16
CA ASP A 538 -30.04 13.69 27.99
C ASP A 538 -31.07 12.78 27.31
N LEU A 539 -32.33 13.13 27.45
CA LEU A 539 -33.41 12.28 26.97
C LEU A 539 -34.21 12.99 25.89
N SER A 540 -33.63 14.06 25.33
CA SER A 540 -34.26 14.80 24.25
C SER A 540 -34.68 13.86 23.11
N TYR A 541 -35.75 14.24 22.40
CA TYR A 541 -36.21 13.53 21.25
C TYR A 541 -36.47 12.04 21.48
N ASN A 542 -37.20 11.71 22.55
CA ASN A 542 -37.78 10.38 22.68
C ASN A 542 -39.32 10.42 22.64
N SER A 543 -39.87 11.17 21.68
CA SER A 543 -41.33 11.39 21.56
C SER A 543 -42.15 10.13 21.41
N HIS A 544 -41.57 9.15 20.74
CA HIS A 544 -42.31 8.03 20.23
C HIS A 544 -43.44 7.58 21.12
N TYR A 545 -43.13 7.21 22.36
CA TYR A 545 -44.18 6.70 23.24
C TYR A 545 -44.90 7.80 24.00
N PHE A 546 -44.24 8.94 24.17
CA PHE A 546 -44.83 10.04 24.92
C PHE A 546 -46.04 10.57 24.23
N ARG A 547 -46.06 10.46 22.90
CA ARG A 547 -47.20 10.90 22.06
C ARG A 547 -48.40 10.00 22.19
N ILE A 548 -48.17 8.73 22.54
CA ILE A 548 -49.24 7.77 22.63
C ILE A 548 -49.93 7.79 24.02
N ALA A 549 -51.13 8.37 24.09
CA ALA A 549 -51.85 8.56 25.38
C ALA A 549 -52.16 7.27 26.13
N GLY A 550 -52.29 6.17 25.41
CA GLY A 550 -52.73 4.92 26.01
C GLY A 550 -51.71 3.97 26.58
N VAL A 551 -50.44 4.35 26.54
CA VAL A 551 -49.38 3.47 27.02
C VAL A 551 -48.81 4.21 28.23
N THR A 552 -48.21 3.50 29.17
CA THR A 552 -47.68 4.15 30.37
C THR A 552 -46.53 5.08 30.04
N HIS A 553 -46.40 6.14 30.85
CA HIS A 553 -45.19 6.94 30.91
C HIS A 553 -44.78 7.25 32.36
N HIS A 554 -43.74 6.59 32.85
CA HIS A 554 -43.32 6.72 34.22
C HIS A 554 -41.97 7.44 34.27
N LEU A 555 -41.93 8.61 34.87
CA LEU A 555 -40.70 9.39 35.07
C LEU A 555 -40.32 9.46 36.56
N GLU A 556 -40.85 8.51 37.32
CA GLU A 556 -40.56 8.38 38.75
C GLU A 556 -39.07 8.28 39.03
N PHE A 557 -38.36 7.46 38.26
CA PHE A 557 -36.93 7.18 38.46
C PHE A 557 -36.04 8.39 38.64
N ILE A 558 -36.52 9.58 38.31
CA ILE A 558 -35.66 10.77 38.43
C ILE A 558 -35.28 11.07 39.88
N GLN A 559 -36.20 10.80 40.82
CA GLN A 559 -35.94 11.11 42.22
C GLN A 559 -34.79 10.28 42.83
N ASN A 560 -34.43 9.17 42.21
CA ASN A 560 -33.48 8.23 42.79
C ASN A 560 -32.02 8.55 42.61
N PHE A 561 -31.71 9.72 42.06
CA PHE A 561 -30.33 10.02 41.72
C PHE A 561 -29.83 11.04 42.69
N THR A 562 -28.79 10.66 43.42
CA THR A 562 -28.20 11.48 44.46
C THR A 562 -27.54 12.72 43.86
N ASN A 563 -26.93 12.56 42.69
CA ASN A 563 -26.01 13.52 42.12
C ASN A 563 -26.44 14.05 40.78
N LEU A 564 -27.67 13.77 40.38
CA LEU A 564 -28.12 14.22 39.08
C LEU A 564 -28.18 15.72 39.08
N LYS A 565 -27.43 16.34 38.19
CA LYS A 565 -27.39 17.80 38.11
C LYS A 565 -28.18 18.38 36.95
N VAL A 566 -28.05 17.80 35.77
CA VAL A 566 -28.72 18.33 34.59
C VAL A 566 -29.57 17.24 33.91
N LEU A 567 -30.80 17.60 33.55
CA LEU A 567 -31.74 16.67 32.90
C LEU A 567 -32.36 17.35 31.71
N ASN A 568 -32.26 16.70 30.55
CA ASN A 568 -32.85 17.22 29.32
C ASN A 568 -34.00 16.37 28.80
N LEU A 569 -35.21 16.92 28.84
CA LEU A 569 -36.40 16.22 28.40
C LEU A 569 -37.09 16.91 27.21
N SER A 570 -36.32 17.68 26.44
CA SER A 570 -36.88 18.54 25.40
C SER A 570 -37.41 17.74 24.23
N HIS A 571 -38.34 18.33 23.50
CA HIS A 571 -38.82 17.75 22.27
C HIS A 571 -39.28 16.33 22.45
N ASN A 572 -40.00 16.11 23.53
CA ASN A 572 -40.55 14.79 23.83
C ASN A 572 -42.05 14.76 23.79
N ASN A 573 -42.64 15.93 23.58
CA ASN A 573 -44.05 16.02 23.40
C ASN A 573 -44.82 15.47 24.57
N ILE A 574 -44.32 15.74 25.75
CA ILE A 574 -44.92 15.28 26.98
C ILE A 574 -46.21 16.04 27.28
N TYR A 575 -47.30 15.28 27.30
CA TYR A 575 -48.57 15.83 27.72
C TYR A 575 -49.30 14.94 28.71
N THR A 576 -48.82 13.73 28.98
CA THR A 576 -49.52 12.82 29.86
C THR A 576 -48.56 11.87 30.57
N LEU A 577 -48.66 11.81 31.90
CA LEU A 577 -47.83 10.91 32.72
C LEU A 577 -48.72 9.97 33.53
N THR A 578 -48.16 8.83 33.92
CA THR A 578 -48.86 7.80 34.63
C THR A 578 -48.59 7.88 36.11
N ASP A 579 -49.64 7.82 36.92
CA ASP A 579 -49.54 7.67 38.39
C ASP A 579 -48.95 8.89 39.07
N LYS A 580 -47.72 9.25 38.73
CA LYS A 580 -47.05 10.37 39.40
C LYS A 580 -46.88 11.53 38.46
N TYR A 581 -47.51 12.64 38.82
CA TYR A 581 -47.62 13.79 37.95
C TYR A 581 -46.52 14.82 38.23
N ASN A 582 -45.60 14.49 39.13
CA ASN A 582 -44.62 15.45 39.60
C ASN A 582 -43.20 14.98 39.34
N LEU A 583 -42.35 15.92 38.95
CA LEU A 583 -40.93 15.62 38.83
C LEU A 583 -40.27 15.98 40.16
N GLU A 584 -39.58 15.03 40.77
CA GLU A 584 -38.94 15.32 42.03
C GLU A 584 -37.46 14.97 41.98
N SER A 585 -36.64 15.82 42.58
CA SER A 585 -35.23 15.49 42.83
C SER A 585 -34.63 16.53 43.75
N LYS A 586 -33.94 16.08 44.80
CA LYS A 586 -33.25 16.98 45.74
C LYS A 586 -31.96 17.51 45.14
N SER A 587 -31.44 16.74 44.20
CA SER A 587 -30.19 17.01 43.51
C SER A 587 -30.31 18.07 42.41
N LEU A 588 -31.35 18.00 41.60
CA LEU A 588 -31.30 18.57 40.26
C LEU A 588 -31.15 20.10 40.26
N VAL A 589 -30.28 20.58 39.38
CA VAL A 589 -29.98 22.00 39.20
C VAL A 589 -30.56 22.58 37.90
N GLU A 590 -30.52 21.82 36.82
CA GLU A 590 -31.02 22.32 35.56
C GLU A 590 -32.07 21.37 34.99
N LEU A 591 -33.20 21.94 34.57
CA LEU A 591 -34.21 21.18 33.83
C LEU A 591 -34.57 21.85 32.52
N VAL A 592 -34.56 21.04 31.47
CA VAL A 592 -34.86 21.53 30.15
C VAL A 592 -36.09 20.82 29.68
N PHE A 593 -37.17 21.60 29.52
CA PHE A 593 -38.47 21.04 29.24
C PHE A 593 -39.12 21.64 28.00
N SER A 594 -38.29 22.21 27.15
CA SER A 594 -38.76 22.78 25.90
C SER A 594 -39.36 21.74 24.97
N GLY A 595 -40.26 22.20 24.12
CA GLY A 595 -40.82 21.34 23.11
C GLY A 595 -41.59 20.17 23.68
N ASN A 596 -42.21 20.38 24.83
CA ASN A 596 -43.28 19.49 25.28
C ASN A 596 -44.58 20.25 25.27
N ARG A 597 -45.61 19.71 25.91
CA ARG A 597 -46.94 20.31 25.86
C ARG A 597 -47.42 20.76 27.24
N LEU A 598 -46.75 21.75 27.83
CA LEU A 598 -47.29 22.37 29.04
C LEU A 598 -48.64 23.06 28.81
N ASP A 599 -49.00 23.36 27.56
CA ASP A 599 -50.34 23.85 27.29
C ASP A 599 -51.39 22.79 27.63
N ILE A 600 -51.08 21.54 27.38
CA ILE A 600 -52.03 20.53 27.76
C ILE A 600 -51.88 20.20 29.24
N LEU A 601 -50.67 20.24 29.76
CA LEU A 601 -50.45 19.84 31.14
C LEU A 601 -51.06 20.85 32.10
N TRP A 602 -51.01 22.12 31.71
CA TRP A 602 -51.53 23.22 32.52
C TRP A 602 -52.83 23.79 31.96
N ASN A 603 -53.58 22.93 31.28
CA ASN A 603 -54.94 23.24 30.83
C ASN A 603 -55.89 23.53 32.02
N ASP A 604 -56.76 24.52 31.86
CA ASP A 604 -57.61 25.04 32.96
C ASP A 604 -58.57 24.02 33.55
N ASP A 605 -58.90 22.97 32.80
CA ASP A 605 -59.78 21.91 33.25
C ASP A 605 -59.06 20.73 33.95
N ASP A 606 -57.76 20.84 34.20
CA ASP A 606 -57.01 19.76 34.87
C ASP A 606 -56.01 20.33 35.85
N ASN A 607 -56.10 19.86 37.09
CA ASN A 607 -55.22 20.32 38.18
C ASN A 607 -54.01 19.42 38.45
N ARG A 608 -53.96 18.27 37.82
CA ARG A 608 -53.04 17.22 38.26
C ARG A 608 -51.56 17.62 38.25
N TYR A 609 -51.20 18.53 37.34
CA TYR A 609 -49.79 18.87 37.08
C TYR A 609 -49.47 20.26 37.58
N ILE A 610 -50.23 20.72 38.54
CA ILE A 610 -50.14 22.10 38.96
C ILE A 610 -48.82 22.35 39.70
N SER A 611 -48.17 21.26 40.09
CA SER A 611 -46.97 21.29 40.91
C SER A 611 -45.86 20.50 40.28
N ILE A 612 -45.93 20.32 38.97
CA ILE A 612 -45.10 19.32 38.29
C ILE A 612 -43.61 19.55 38.52
N PHE A 613 -43.21 20.81 38.69
CA PHE A 613 -41.82 21.14 38.93
C PHE A 613 -41.48 21.43 40.39
N LYS A 614 -42.44 21.31 41.30
CA LYS A 614 -42.22 21.87 42.64
C LYS A 614 -41.23 21.01 43.38
N GLY A 615 -41.35 19.70 43.22
CA GLY A 615 -40.46 18.76 43.90
C GLY A 615 -39.01 18.83 43.46
N LEU A 616 -38.67 19.83 42.66
CA LEU A 616 -37.30 20.00 42.19
C LEU A 616 -36.67 21.08 43.05
N LYS A 617 -36.44 20.70 44.30
CA LYS A 617 -36.06 21.64 45.36
C LYS A 617 -34.75 22.39 45.07
N ASN A 618 -33.84 21.76 44.33
CA ASN A 618 -32.53 22.35 44.12
C ASN A 618 -32.37 23.18 42.85
N LEU A 619 -33.46 23.40 42.12
CA LEU A 619 -33.39 23.89 40.75
C LEU A 619 -33.00 25.36 40.72
N THR A 620 -32.08 25.70 39.83
CA THR A 620 -31.77 27.10 39.52
C THR A 620 -32.12 27.48 38.09
N ARG A 621 -32.16 26.50 37.19
CA ARG A 621 -32.39 26.79 35.77
C ARG A 621 -33.51 25.92 35.15
N LEU A 622 -34.52 26.59 34.60
CA LEU A 622 -35.69 25.98 34.03
C LEU A 622 -36.02 26.62 32.69
N ASP A 623 -36.24 25.76 31.69
CA ASP A 623 -36.55 26.16 30.32
C ASP A 623 -37.90 25.59 29.87
N LEU A 624 -38.83 26.49 29.58
CA LEU A 624 -40.20 26.10 29.27
C LEU A 624 -40.61 26.56 27.87
N SER A 625 -39.61 26.74 27.02
CA SER A 625 -39.87 27.35 25.72
C SER A 625 -40.51 26.29 24.84
N LEU A 626 -41.14 26.75 23.77
CA LEU A 626 -41.75 25.86 22.79
C LEU A 626 -42.65 24.85 23.48
N ASN A 627 -43.52 25.34 24.37
CA ASN A 627 -44.57 24.49 24.93
C ASN A 627 -46.00 24.88 24.56
N ARG A 628 -46.12 25.70 23.51
CA ARG A 628 -47.40 26.19 23.02
C ARG A 628 -48.23 26.88 24.08
N LEU A 629 -47.57 27.57 25.01
CA LEU A 629 -48.30 28.17 26.12
C LEU A 629 -48.97 29.48 25.72
N LYS A 630 -50.29 29.54 25.88
CA LYS A 630 -51.01 30.82 25.75
C LYS A 630 -51.17 31.56 27.10
N HIS A 631 -51.15 30.82 28.19
CA HIS A 631 -51.23 31.44 29.50
C HIS A 631 -50.79 30.41 30.50
N ILE A 632 -50.28 30.88 31.63
CA ILE A 632 -49.89 30.01 32.73
C ILE A 632 -50.77 30.22 33.94
N PRO A 633 -51.52 29.17 34.35
CA PRO A 633 -52.27 29.26 35.60
C PRO A 633 -51.39 29.80 36.72
N ASN A 634 -51.84 30.91 37.30
CA ASN A 634 -51.21 31.54 38.44
C ASN A 634 -50.77 30.52 39.43
N GLU A 635 -51.63 29.56 39.77
CA GLU A 635 -51.27 28.55 40.76
C GLU A 635 -50.03 27.75 40.32
N ALA A 636 -49.91 27.50 39.02
CA ALA A 636 -48.79 26.73 38.44
C ALA A 636 -47.48 27.51 38.39
N PHE A 637 -47.56 28.80 38.08
CA PHE A 637 -46.38 29.65 38.17
C PHE A 637 -45.82 29.72 39.59
N LEU A 638 -46.68 29.96 40.56
CA LEU A 638 -46.28 30.06 41.97
C LEU A 638 -45.80 28.72 42.52
N ASN A 639 -46.03 27.65 41.78
CA ASN A 639 -45.48 26.34 42.17
C ASN A 639 -44.13 25.97 41.52
N LEU A 640 -43.55 26.89 40.74
CA LEU A 640 -42.20 26.71 40.23
C LEU A 640 -41.19 26.85 41.37
N PRO A 641 -40.09 26.05 41.35
CA PRO A 641 -39.13 26.12 42.45
C PRO A 641 -38.73 27.57 42.78
N ALA A 642 -38.72 27.89 44.08
CA ALA A 642 -38.40 29.24 44.54
C ALA A 642 -36.91 29.50 44.45
N SER A 643 -36.13 28.44 44.25
CA SER A 643 -34.68 28.54 44.04
C SER A 643 -34.26 29.04 42.64
N LEU A 644 -35.19 29.25 41.73
CA LEU A 644 -34.82 29.63 40.38
C LEU A 644 -34.05 30.93 40.32
N THR A 645 -32.94 30.87 39.59
CA THR A 645 -32.18 32.06 39.16
C THR A 645 -32.38 32.39 37.68
N GLU A 646 -32.84 31.42 36.90
CA GLU A 646 -32.89 31.54 35.45
C GLU A 646 -34.12 30.82 34.87
N LEU A 647 -35.06 31.58 34.32
CA LEU A 647 -36.28 30.97 33.80
C LEU A 647 -36.50 31.42 32.35
N HIS A 648 -36.67 30.45 31.46
CA HIS A 648 -36.96 30.73 30.04
C HIS A 648 -38.36 30.26 29.73
N ILE A 649 -39.11 31.13 29.08
CA ILE A 649 -40.45 30.81 28.64
C ILE A 649 -40.64 31.43 27.27
N ASN A 650 -39.54 31.44 26.51
CA ASN A 650 -39.52 32.10 25.23
C ASN A 650 -40.20 31.21 24.21
N ASP A 651 -40.69 31.80 23.11
CA ASP A 651 -41.25 31.02 22.00
C ASP A 651 -42.41 30.18 22.43
N ASN A 652 -43.25 30.74 23.29
CA ASN A 652 -44.56 30.19 23.50
C ASN A 652 -45.50 31.14 22.77
N MET A 653 -46.75 31.26 23.24
CA MET A 653 -47.70 32.20 22.68
C MET A 653 -48.35 33.06 23.80
N LEU A 654 -47.59 33.37 24.85
CA LEU A 654 -48.15 34.14 25.97
C LEU A 654 -48.68 35.49 25.52
N LYS A 655 -49.97 35.70 25.83
CA LYS A 655 -50.66 36.99 25.68
C LYS A 655 -50.50 37.83 26.95
N PHE A 656 -50.59 37.18 28.10
CA PHE A 656 -50.54 37.88 29.37
C PHE A 656 -49.43 37.26 30.22
N PHE A 657 -48.74 38.11 30.98
CA PHE A 657 -47.82 37.64 31.99
C PHE A 657 -48.06 38.38 33.32
N ASN A 658 -48.22 37.59 34.38
CA ASN A 658 -48.51 38.12 35.70
C ASN A 658 -47.23 38.43 36.46
N TRP A 659 -46.79 39.68 36.27
CA TRP A 659 -45.53 40.18 36.83
C TRP A 659 -45.46 40.08 38.34
N THR A 660 -46.61 40.10 39.00
CA THR A 660 -46.61 40.23 40.45
C THR A 660 -46.14 38.95 41.11
N LEU A 661 -46.25 37.82 40.42
CA LEU A 661 -45.96 36.54 41.05
C LEU A 661 -44.47 36.37 41.15
N LEU A 662 -43.73 37.30 40.57
CA LEU A 662 -42.27 37.28 40.70
C LEU A 662 -41.80 37.37 42.17
N GLN A 663 -42.63 37.96 43.01
CA GLN A 663 -42.32 38.05 44.43
C GLN A 663 -41.97 36.73 45.11
N GLN A 664 -42.46 35.62 44.57
CA GLN A 664 -42.11 34.33 45.15
C GLN A 664 -40.77 33.82 44.66
N PHE A 665 -40.00 34.68 43.98
CA PHE A 665 -38.72 34.26 43.37
C PHE A 665 -37.55 35.19 43.70
N PRO A 666 -37.12 35.16 44.97
CA PRO A 666 -36.10 36.06 45.52
C PRO A 666 -34.76 36.06 44.75
N ARG A 667 -34.40 34.92 44.15
CA ARG A 667 -33.07 34.72 43.60
C ARG A 667 -33.03 34.86 42.07
N LEU A 668 -34.17 35.19 41.47
CA LEU A 668 -34.30 35.19 40.01
C LEU A 668 -33.52 36.31 39.34
N GLU A 669 -32.55 35.96 38.51
CA GLU A 669 -31.70 36.96 37.89
C GLU A 669 -32.06 37.18 36.45
N LEU A 670 -32.54 36.14 35.77
CA LEU A 670 -32.77 36.18 34.33
C LEU A 670 -34.13 35.65 33.96
N LEU A 671 -34.83 36.42 33.14
CA LEU A 671 -36.15 36.03 32.73
C LEU A 671 -36.30 36.23 31.26
N ASP A 672 -36.51 35.13 30.56
CA ASP A 672 -36.60 35.13 29.12
C ASP A 672 -38.04 34.94 28.67
N LEU A 673 -38.59 35.98 28.06
CA LEU A 673 -39.95 35.91 27.52
C LEU A 673 -40.00 36.32 26.04
N ARG A 674 -38.88 36.16 25.35
CA ARG A 674 -38.80 36.42 23.91
C ARG A 674 -39.75 35.54 23.11
N GLY A 675 -40.34 36.13 22.09
CA GLY A 675 -41.07 35.37 21.10
C GLY A 675 -42.37 34.85 21.63
N ASN A 676 -43.05 35.69 22.42
CA ASN A 676 -44.43 35.45 22.81
C ASN A 676 -45.32 36.53 22.18
N LYS A 677 -46.50 36.80 22.73
CA LYS A 677 -47.37 37.88 22.22
C LYS A 677 -47.72 38.91 23.29
N LEU A 678 -46.73 39.33 24.07
CA LEU A 678 -46.99 40.17 25.23
C LEU A 678 -47.32 41.60 24.85
N LEU A 679 -48.31 42.12 25.58
CA LEU A 679 -49.04 43.35 25.21
C LEU A 679 -48.65 44.51 26.11
N PHE A 680 -48.47 44.26 27.40
CA PHE A 680 -47.98 45.32 28.26
C PHE A 680 -47.19 44.89 29.49
N LEU A 681 -46.39 45.84 29.97
CA LEU A 681 -45.59 45.66 31.16
C LEU A 681 -46.30 46.19 32.38
N THR A 682 -46.01 45.59 33.53
CA THR A 682 -46.39 46.18 34.81
C THR A 682 -45.65 47.50 34.99
N ASP A 683 -46.29 48.41 35.72
CA ASP A 683 -45.69 49.73 35.96
C ASP A 683 -44.99 49.85 37.31
N SER A 684 -45.01 48.79 38.12
CA SER A 684 -44.30 48.79 39.39
C SER A 684 -43.48 47.51 39.57
N LEU A 685 -42.58 47.27 38.63
CA LEU A 685 -41.89 45.99 38.60
C LEU A 685 -40.98 45.79 39.83
N SER A 686 -40.43 46.88 40.36
CA SER A 686 -39.52 46.75 41.51
C SER A 686 -40.27 46.39 42.80
N ASP A 687 -41.61 46.44 42.77
CA ASP A 687 -42.40 45.90 43.86
C ASP A 687 -42.27 44.40 43.96
N PHE A 688 -42.00 43.77 42.82
CA PHE A 688 -42.14 42.34 42.67
C PHE A 688 -40.82 41.57 42.60
N THR A 689 -39.71 42.28 42.36
CA THR A 689 -38.39 41.66 42.24
C THR A 689 -37.27 42.58 42.74
N SER A 690 -36.27 42.01 43.41
CA SER A 690 -35.05 42.77 43.74
C SER A 690 -33.76 42.11 43.20
N SER A 691 -33.92 41.02 42.44
CA SER A 691 -32.79 40.22 41.96
C SER A 691 -32.56 40.31 40.44
N LEU A 692 -33.59 40.70 39.69
CA LEU A 692 -33.62 40.53 38.24
C LEU A 692 -32.54 41.37 37.58
N ARG A 693 -31.63 40.66 36.91
CA ARG A 693 -30.51 41.26 36.21
C ARG A 693 -30.81 41.44 34.72
N THR A 694 -31.47 40.45 34.14
CA THR A 694 -31.65 40.36 32.68
C THR A 694 -33.10 40.05 32.36
N LEU A 695 -33.75 40.95 31.65
CA LEU A 695 -35.12 40.73 31.26
C LEU A 695 -35.16 40.79 29.75
N LEU A 696 -35.59 39.71 29.11
CA LEU A 696 -35.63 39.65 27.66
C LEU A 696 -37.07 39.63 27.18
N LEU A 697 -37.42 40.60 26.34
CA LEU A 697 -38.78 40.74 25.82
C LEU A 697 -38.82 40.94 24.34
N SER A 698 -37.75 40.60 23.65
CA SER A 698 -37.72 40.74 22.21
C SER A 698 -38.90 40.00 21.60
N HIS A 699 -39.40 40.50 20.48
CA HIS A 699 -40.40 39.77 19.71
C HIS A 699 -41.65 39.53 20.54
N ASN A 700 -42.21 40.64 21.00
CA ASN A 700 -43.54 40.66 21.55
C ASN A 700 -44.29 41.84 20.97
N ARG A 701 -45.41 42.24 21.59
CA ARG A 701 -46.29 43.27 21.04
C ARG A 701 -46.45 44.48 21.99
N ILE A 702 -45.38 44.84 22.67
CA ILE A 702 -45.39 45.98 23.61
C ILE A 702 -45.34 47.29 22.84
N SER A 703 -46.32 48.16 23.07
CA SER A 703 -46.39 49.48 22.42
C SER A 703 -46.05 50.65 23.35
N HIS A 704 -46.11 50.43 24.65
CA HIS A 704 -45.84 51.51 25.58
C HIS A 704 -44.95 51.02 26.70
N LEU A 705 -43.99 51.86 27.05
CA LEU A 705 -43.25 51.70 28.29
C LEU A 705 -43.93 52.49 29.39
N PRO A 706 -44.06 51.87 30.57
CA PRO A 706 -44.69 52.60 31.66
C PRO A 706 -43.86 53.79 32.16
N SER A 707 -44.45 54.58 33.05
CA SER A 707 -43.76 55.61 33.81
C SER A 707 -42.46 55.08 34.41
N GLY A 708 -41.35 55.80 34.20
CA GLY A 708 -40.04 55.39 34.68
C GLY A 708 -39.83 53.89 34.74
N PHE A 709 -39.86 53.24 33.57
CA PHE A 709 -39.54 51.82 33.49
C PHE A 709 -38.04 51.57 33.29
N LEU A 710 -37.33 52.55 32.75
CA LEU A 710 -35.90 52.40 32.52
C LEU A 710 -35.16 52.25 33.84
N SER A 711 -35.53 53.10 34.80
CA SER A 711 -34.92 53.10 36.13
C SER A 711 -35.84 52.45 37.16
N GLU A 712 -36.63 51.48 36.73
CA GLU A 712 -37.61 50.86 37.60
C GLU A 712 -36.91 49.89 38.56
N VAL A 713 -36.11 48.96 38.02
CA VAL A 713 -35.40 47.98 38.84
C VAL A 713 -33.91 48.28 38.82
N SER A 714 -33.36 48.62 39.98
CA SER A 714 -31.94 48.94 40.09
C SER A 714 -31.07 47.78 39.57
N SER A 715 -31.43 46.53 39.90
CA SER A 715 -30.56 45.37 39.57
C SER A 715 -30.47 45.07 38.09
N LEU A 716 -31.46 45.54 37.33
CA LEU A 716 -31.48 45.30 35.88
C LEU A 716 -30.26 45.86 35.16
N LYS A 717 -29.39 44.98 34.71
CA LYS A 717 -28.28 45.36 33.82
C LYS A 717 -28.79 45.39 32.38
N HIS A 718 -29.44 44.30 31.98
CA HIS A 718 -29.75 44.05 30.58
C HIS A 718 -31.25 43.93 30.34
N LEU A 719 -31.76 44.81 29.49
CA LEU A 719 -33.16 44.85 29.13
C LEU A 719 -33.27 44.77 27.61
N ASP A 720 -33.95 43.73 27.11
CA ASP A 720 -34.16 43.53 25.68
C ASP A 720 -35.58 43.84 25.19
N LEU A 721 -35.73 44.91 24.43
CA LEU A 721 -37.04 45.32 23.98
C LEU A 721 -37.16 45.32 22.49
N SER A 722 -36.21 44.73 21.80
CA SER A 722 -36.17 44.82 20.33
C SER A 722 -37.38 44.13 19.69
N SER A 723 -37.60 44.43 18.41
CA SER A 723 -38.69 43.84 17.65
C SER A 723 -39.95 43.81 18.54
N ASN A 724 -40.32 44.96 19.08
CA ASN A 724 -41.65 45.14 19.60
C ASN A 724 -42.32 46.30 18.84
N LEU A 725 -43.23 47.01 19.51
CA LEU A 725 -44.15 47.92 18.82
C LEU A 725 -44.11 49.37 19.38
N LEU A 726 -42.96 49.74 19.93
CA LEU A 726 -42.74 51.08 20.44
C LEU A 726 -42.59 52.08 19.29
N LYS A 727 -43.37 53.17 19.34
CA LYS A 727 -43.23 54.25 18.36
C LYS A 727 -42.45 55.39 18.96
N THR A 728 -42.32 55.41 20.30
CA THR A 728 -41.45 56.36 20.98
C THR A 728 -41.17 55.91 22.40
N ILE A 729 -40.46 56.75 23.14
CA ILE A 729 -40.36 56.64 24.58
C ILE A 729 -40.39 58.03 25.22
N ASN A 730 -41.57 58.41 25.70
CA ASN A 730 -41.83 59.65 26.45
C ASN A 730 -40.84 59.93 27.56
N LYS A 731 -40.81 61.18 28.00
CA LYS A 731 -40.12 61.54 29.24
C LYS A 731 -40.66 60.72 30.42
N SER A 732 -41.94 60.34 30.33
CA SER A 732 -42.60 59.48 31.31
C SER A 732 -41.69 58.35 31.78
N ALA A 733 -40.99 57.71 30.83
CA ALA A 733 -40.19 56.53 31.13
C ALA A 733 -38.79 56.85 31.65
N LEU A 734 -38.43 58.15 31.69
CA LEU A 734 -37.11 58.59 32.17
C LEU A 734 -36.90 58.32 33.67
N GLU A 735 -37.55 59.11 34.52
CA GLU A 735 -37.04 59.37 35.87
C GLU A 735 -36.29 58.20 36.49
N LYS A 741 -28.31 50.99 37.14
CA LYS A 741 -27.28 49.99 36.92
C LYS A 741 -27.41 49.36 35.54
N LEU A 742 -28.24 49.98 34.70
CA LEU A 742 -28.58 49.40 33.41
C LEU A 742 -27.48 49.59 32.36
N SER A 743 -26.85 48.48 32.01
CA SER A 743 -25.72 48.48 31.07
C SER A 743 -26.15 48.36 29.62
N MET A 744 -27.18 47.57 29.33
CA MET A 744 -27.56 47.31 27.94
C MET A 744 -29.06 47.34 27.74
N LEU A 745 -29.47 48.05 26.70
CA LEU A 745 -30.88 48.19 26.40
C LEU A 745 -31.02 48.01 24.90
N GLU A 746 -31.87 47.06 24.52
CA GLU A 746 -32.00 46.68 23.12
C GLU A 746 -33.29 47.22 22.51
N LEU A 747 -33.18 47.86 21.35
CA LEU A 747 -34.29 48.58 20.78
C LEU A 747 -34.51 48.39 19.30
N HIS A 748 -33.68 47.60 18.63
CA HIS A 748 -33.78 47.50 17.18
C HIS A 748 -35.09 46.81 16.83
N GLY A 749 -35.60 47.07 15.63
CA GLY A 749 -36.82 46.43 15.15
C GLY A 749 -38.08 47.23 15.48
N ASN A 750 -38.00 48.11 16.48
CA ASN A 750 -39.19 48.87 16.87
C ASN A 750 -39.52 49.96 15.87
N PRO A 751 -40.80 50.10 15.52
CA PRO A 751 -41.23 51.11 14.55
C PRO A 751 -41.25 52.52 15.17
N PHE A 752 -40.13 53.25 15.11
CA PHE A 752 -40.03 54.52 15.81
C PHE A 752 -40.62 55.65 14.99
N GLU A 753 -41.39 56.50 15.67
CA GLU A 753 -41.91 57.72 15.07
C GLU A 753 -40.87 58.81 15.32
N CYS A 754 -40.18 59.19 14.25
CA CYS A 754 -39.04 60.10 14.33
C CYS A 754 -39.46 61.55 14.02
N THR A 755 -40.38 62.08 14.81
CA THR A 755 -40.65 63.49 14.84
C THR A 755 -39.88 64.10 16.02
N CYS A 756 -40.18 65.35 16.35
CA CYS A 756 -39.58 65.99 17.52
C CYS A 756 -40.04 65.35 18.83
N ASP A 757 -41.03 64.46 18.78
CA ASP A 757 -41.47 63.72 19.97
C ASP A 757 -40.38 62.76 20.46
N ILE A 758 -39.37 62.55 19.62
CA ILE A 758 -38.34 61.52 19.83
C ILE A 758 -37.12 62.13 20.52
N GLY A 759 -37.13 63.46 20.66
CA GLY A 759 -35.99 64.21 21.09
C GLY A 759 -35.68 63.98 22.55
N ASP A 760 -36.70 63.67 23.34
CA ASP A 760 -36.50 63.39 24.77
C ASP A 760 -35.55 62.23 24.99
N PHE A 761 -35.86 61.10 24.34
CA PHE A 761 -35.06 59.88 24.44
C PHE A 761 -33.67 60.09 23.85
N ARG A 762 -33.61 60.61 22.63
CA ARG A 762 -32.35 61.03 22.02
C ARG A 762 -31.47 61.80 23.00
N ARG A 763 -32.05 62.80 23.68
CA ARG A 763 -31.32 63.51 24.72
C ARG A 763 -30.87 62.53 25.80
N TRP A 764 -31.76 61.64 26.19
CA TRP A 764 -31.46 60.61 27.20
C TRP A 764 -30.27 59.75 26.79
N MET A 765 -30.20 59.42 25.50
CA MET A 765 -29.13 58.59 24.97
C MET A 765 -27.79 59.27 25.18
N ASP A 766 -27.78 60.58 25.00
CA ASP A 766 -26.56 61.36 25.16
C ASP A 766 -26.19 61.51 26.63
N GLU A 767 -27.19 61.55 27.51
CA GLU A 767 -26.89 61.72 28.91
C GLU A 767 -26.59 60.39 29.64
N HIS A 768 -26.70 59.27 28.93
CA HIS A 768 -26.43 57.95 29.52
C HIS A 768 -25.63 57.07 28.58
N LEU A 769 -24.38 57.43 28.33
CA LEU A 769 -23.57 56.76 27.32
C LEU A 769 -22.94 55.48 27.85
N ASN A 770 -23.18 55.20 29.13
CA ASN A 770 -22.79 53.93 29.74
C ASN A 770 -23.87 52.87 29.53
N VAL A 771 -25.05 53.32 29.11
CA VAL A 771 -26.10 52.43 28.64
C VAL A 771 -25.84 52.09 27.18
N LYS A 772 -25.43 50.84 26.93
CA LYS A 772 -25.06 50.41 25.59
C LYS A 772 -26.34 50.05 24.82
N ILE A 773 -26.43 50.56 23.60
CA ILE A 773 -27.51 50.25 22.69
C ILE A 773 -26.92 49.72 21.41
N PRO A 774 -26.97 48.39 21.22
CA PRO A 774 -26.38 47.75 20.06
C PRO A 774 -27.16 48.03 18.79
N ARG A 775 -26.52 47.77 17.65
CA ARG A 775 -27.20 47.79 16.37
C ARG A 775 -27.91 49.11 16.09
N LEU A 776 -27.32 50.24 16.47
CA LEU A 776 -27.96 51.54 16.22
C LEU A 776 -28.47 51.75 14.78
N VAL A 777 -27.83 51.14 13.78
CA VAL A 777 -28.32 51.24 12.41
C VAL A 777 -29.57 50.41 12.16
N ASP A 778 -29.92 49.57 13.13
CA ASP A 778 -31.15 48.77 13.08
C ASP A 778 -32.26 49.39 13.92
N VAL A 779 -31.92 50.42 14.70
CA VAL A 779 -32.92 51.18 15.45
C VAL A 779 -33.47 52.30 14.56
N ILE A 780 -34.60 52.03 13.92
CA ILE A 780 -34.96 52.64 12.63
C ILE A 780 -36.27 53.44 12.74
N CYS A 781 -36.37 54.51 11.96
CA CYS A 781 -37.62 55.26 11.82
C CYS A 781 -38.57 54.47 10.94
N ALA A 782 -39.75 54.20 11.45
CA ALA A 782 -40.86 53.76 10.63
C ALA A 782 -41.53 54.98 9.97
N SER A 783 -41.43 56.14 10.60
CA SER A 783 -42.05 57.37 10.08
C SER A 783 -41.43 58.61 10.75
N PRO A 784 -41.48 59.76 10.09
CA PRO A 784 -42.27 59.98 8.87
C PRO A 784 -41.60 59.51 7.59
N GLY A 785 -42.31 59.63 6.48
CA GLY A 785 -41.88 59.09 5.19
C GLY A 785 -40.43 59.35 4.82
N ASP A 786 -39.96 60.58 5.02
CA ASP A 786 -38.60 60.95 4.59
C ASP A 786 -37.55 60.40 5.54
N GLN A 787 -37.90 60.29 6.82
CA GLN A 787 -36.99 59.75 7.84
C GLN A 787 -37.04 58.23 7.89
N ARG A 788 -37.91 57.63 7.08
CA ARG A 788 -38.08 56.20 7.09
C ARG A 788 -36.82 55.53 6.57
N GLY A 789 -36.42 54.44 7.22
CA GLY A 789 -35.20 53.75 6.90
C GLY A 789 -34.00 54.21 7.72
N LYS A 790 -33.98 55.47 8.14
CA LYS A 790 -32.78 56.04 8.75
C LYS A 790 -32.73 55.74 10.25
N SER A 791 -31.53 55.78 10.81
CA SER A 791 -31.39 55.52 12.22
C SER A 791 -32.01 56.68 12.98
N ILE A 792 -32.61 56.38 14.12
CA ILE A 792 -33.17 57.40 14.97
C ILE A 792 -32.08 58.37 15.39
N VAL A 793 -30.85 57.85 15.48
CA VAL A 793 -29.70 58.58 16.02
C VAL A 793 -29.18 59.64 15.03
N SER A 794 -29.73 59.64 13.81
CA SER A 794 -29.26 60.54 12.78
C SER A 794 -30.41 61.37 12.24
N LEU A 795 -30.75 62.42 12.98
CA LEU A 795 -31.64 63.48 12.51
C LEU A 795 -31.73 64.56 13.59
N GLU A 796 -31.87 65.82 13.17
CA GLU A 796 -31.76 66.94 14.12
C GLU A 796 -33.12 67.52 14.45
N ARG B 10 -70.28 43.82 -4.22
CA ARG B 10 -69.28 43.16 -3.33
C ARG B 10 -69.69 43.18 -1.88
N SER B 11 -70.09 42.02 -1.37
CA SER B 11 -70.42 41.85 0.03
C SER B 11 -69.32 42.42 0.91
N TYR B 12 -69.70 42.94 2.06
CA TYR B 12 -68.73 43.30 3.08
C TYR B 12 -69.46 43.36 4.42
N PRO B 13 -68.87 42.84 5.50
CA PRO B 13 -67.51 42.29 5.50
C PRO B 13 -67.45 40.79 5.17
N CYS B 14 -68.59 40.16 4.94
CA CYS B 14 -68.63 38.73 4.72
C CYS B 14 -68.27 38.42 3.29
N ASP B 15 -68.04 37.15 3.01
CA ASP B 15 -67.98 36.63 1.64
C ASP B 15 -69.25 35.83 1.33
N GLU B 16 -70.12 36.36 0.48
CA GLU B 16 -71.36 35.66 0.11
C GLU B 16 -71.18 34.79 -1.12
N LYS B 17 -71.84 33.63 -1.11
CA LYS B 17 -71.69 32.62 -2.16
C LYS B 17 -73.07 32.15 -2.67
N LYS B 18 -73.09 31.05 -3.43
CA LYS B 18 -74.32 30.29 -3.67
C LYS B 18 -74.00 28.80 -3.76
N VAL B 23 -77.38 30.83 -0.81
CA VAL B 23 -76.82 32.16 -0.50
C VAL B 23 -76.21 32.27 0.92
N ILE B 24 -74.89 32.11 0.98
CA ILE B 24 -74.22 31.73 2.22
C ILE B 24 -73.19 32.79 2.56
N ALA B 25 -73.40 33.49 3.67
CA ALA B 25 -72.47 34.52 4.10
C ALA B 25 -71.42 33.96 5.05
N GLU B 26 -70.24 33.71 4.52
CA GLU B 26 -69.12 33.24 5.31
C GLU B 26 -68.41 34.43 5.92
N CYS B 27 -68.62 34.64 7.22
CA CYS B 27 -68.17 35.84 7.91
C CYS B 27 -67.37 35.52 9.17
N SER B 28 -66.78 34.33 9.22
CA SER B 28 -66.04 33.92 10.42
C SER B 28 -64.63 34.47 10.47
N ASN B 29 -64.08 34.53 11.68
CA ASN B 29 -62.63 34.78 11.86
C ASN B 29 -62.19 36.12 11.22
N ARG B 30 -62.95 37.18 11.54
CA ARG B 30 -62.82 38.48 10.90
C ARG B 30 -62.66 39.61 11.91
N ARG B 31 -62.41 39.28 13.17
CA ARG B 31 -62.15 40.29 14.20
C ARG B 31 -63.32 41.28 14.37
N LEU B 32 -64.54 40.78 14.14
CA LEU B 32 -65.72 41.63 14.23
C LEU B 32 -66.07 41.87 15.67
N GLN B 33 -66.34 43.14 15.98
CA GLN B 33 -66.67 43.59 17.34
C GLN B 33 -68.14 43.38 17.62
N GLU B 34 -68.95 43.46 16.57
CA GLU B 34 -70.36 43.08 16.65
C GLU B 34 -70.92 42.66 15.30
N VAL B 35 -72.13 42.15 15.31
CA VAL B 35 -72.76 41.65 14.10
C VAL B 35 -72.75 42.72 13.03
N PRO B 36 -72.24 42.39 11.84
CA PRO B 36 -72.23 43.40 10.80
C PRO B 36 -73.66 43.80 10.39
N GLN B 37 -73.85 45.09 10.10
CA GLN B 37 -75.13 45.60 9.65
C GLN B 37 -75.22 45.72 8.12
N THR B 38 -74.24 45.15 7.43
CA THR B 38 -74.16 45.26 5.98
C THR B 38 -74.35 43.92 5.29
N VAL B 39 -75.02 43.00 5.98
CA VAL B 39 -75.19 41.65 5.48
C VAL B 39 -76.24 41.68 4.38
N GLY B 40 -75.92 41.09 3.23
CA GLY B 40 -76.88 40.98 2.12
C GLY B 40 -78.23 40.55 2.66
N LYS B 41 -79.27 41.31 2.37
CA LYS B 41 -80.61 41.02 2.92
C LYS B 41 -81.13 39.63 2.53
N TYR B 42 -80.54 39.05 1.49
CA TYR B 42 -81.06 37.86 0.83
C TYR B 42 -80.40 36.55 1.32
N VAL B 43 -79.65 36.62 2.42
CA VAL B 43 -78.79 35.51 2.86
C VAL B 43 -79.54 34.47 3.72
N THR B 44 -79.15 33.20 3.60
CA THR B 44 -79.81 32.07 4.28
C THR B 44 -78.99 31.57 5.46
N GLU B 45 -77.69 31.47 5.26
CA GLU B 45 -76.81 30.93 6.29
C GLU B 45 -75.72 31.94 6.60
N LEU B 46 -75.57 32.24 7.88
CA LEU B 46 -74.59 33.22 8.32
C LEU B 46 -73.62 32.62 9.30
N ASP B 47 -72.33 32.72 8.97
CA ASP B 47 -71.27 32.21 9.83
C ASP B 47 -70.50 33.39 10.42
N LEU B 48 -70.61 33.52 11.73
CA LEU B 48 -69.86 34.53 12.47
C LEU B 48 -69.07 33.91 13.59
N SER B 49 -68.70 32.64 13.44
CA SER B 49 -67.90 31.98 14.45
C SER B 49 -66.56 32.70 14.54
N ASP B 50 -65.97 32.72 15.72
CA ASP B 50 -64.58 33.15 15.92
C ASP B 50 -64.33 34.65 15.69
N ASN B 51 -65.36 35.49 15.80
CA ASN B 51 -65.17 36.94 15.85
C ASN B 51 -65.08 37.39 17.29
N PHE B 52 -65.10 38.69 17.55
CA PHE B 52 -65.06 39.17 18.93
C PHE B 52 -66.38 39.77 19.37
N ILE B 53 -67.48 39.13 19.00
CA ILE B 53 -68.80 39.71 19.23
C ILE B 53 -69.17 39.48 20.67
N THR B 54 -69.73 40.52 21.31
CA THR B 54 -69.96 40.53 22.76
C THR B 54 -71.44 40.56 23.13
N HIS B 55 -72.28 41.06 22.22
CA HIS B 55 -73.70 41.26 22.50
C HIS B 55 -74.60 40.83 21.35
N ILE B 56 -75.74 40.23 21.68
CA ILE B 56 -76.81 40.04 20.69
C ILE B 56 -78.14 40.56 21.23
N THR B 57 -78.83 41.36 20.40
CA THR B 57 -80.12 42.00 20.73
C THR B 57 -81.15 41.64 19.64
N ASN B 58 -82.41 42.05 19.82
CA ASN B 58 -83.35 42.04 18.69
C ASN B 58 -82.91 42.99 17.57
N GLU B 59 -81.97 43.88 17.89
CA GLU B 59 -81.44 44.81 16.91
C GLU B 59 -80.43 44.16 15.96
N SER B 60 -79.70 43.16 16.45
CA SER B 60 -78.57 42.57 15.71
C SER B 60 -78.89 42.09 14.28
N PHE B 61 -79.87 41.21 14.12
CA PHE B 61 -80.17 40.64 12.81
C PHE B 61 -81.40 41.22 12.13
N GLN B 62 -81.73 42.48 12.44
CA GLN B 62 -83.06 43.02 12.15
C GLN B 62 -83.45 42.87 10.68
N GLY B 63 -82.56 43.20 9.75
CA GLY B 63 -82.94 43.35 8.34
C GLY B 63 -83.02 42.05 7.53
N LEU B 64 -82.61 40.95 8.15
CA LEU B 64 -82.47 39.66 7.47
C LEU B 64 -83.54 38.71 8.00
N GLN B 65 -84.48 38.33 7.14
CA GLN B 65 -85.64 37.55 7.56
C GLN B 65 -85.69 36.16 6.97
N ASN B 66 -84.85 35.91 5.96
CA ASN B 66 -84.77 34.58 5.33
C ASN B 66 -83.60 33.75 5.88
N LEU B 67 -83.34 33.88 7.19
CA LEU B 67 -82.25 33.16 7.84
C LEU B 67 -82.66 31.76 8.28
N THR B 68 -82.04 30.79 7.62
CA THR B 68 -82.16 29.38 7.91
C THR B 68 -81.27 29.02 9.10
N LYS B 69 -80.04 29.50 9.12
CA LYS B 69 -79.05 28.98 10.05
C LYS B 69 -78.13 30.09 10.52
N ILE B 70 -77.77 30.05 11.80
CA ILE B 70 -76.76 30.96 12.36
C ILE B 70 -75.67 30.26 13.19
N ASN B 71 -74.42 30.63 12.91
CA ASN B 71 -73.28 30.18 13.67
C ASN B 71 -72.63 31.34 14.38
N LEU B 72 -72.54 31.25 15.70
CA LEU B 72 -71.88 32.25 16.50
C LEU B 72 -70.90 31.63 17.48
N ASN B 73 -70.34 30.50 17.10
CA ASN B 73 -69.41 29.76 17.97
C ASN B 73 -68.16 30.56 18.29
N HIS B 74 -67.56 30.28 19.44
CA HIS B 74 -66.30 30.93 19.81
C HIS B 74 -66.43 32.45 19.66
N ASN B 75 -67.48 33.03 20.23
CA ASN B 75 -67.57 34.48 20.39
C ASN B 75 -67.71 34.78 21.87
N PRO B 76 -67.09 35.86 22.36
CA PRO B 76 -66.05 36.56 21.66
C PRO B 76 -64.71 35.82 21.78
N ASN B 77 -63.98 35.72 20.69
CA ASN B 77 -62.83 34.84 20.65
C ASN B 77 -61.57 35.49 21.22
N VAL B 78 -61.17 35.05 22.42
CA VAL B 78 -59.91 35.48 23.07
C VAL B 78 -60.18 36.66 23.99
N GLY B 91 -68.20 35.27 27.50
CA GLY B 91 -68.86 36.54 27.72
C GLY B 91 -69.62 37.00 26.49
N LEU B 92 -70.51 36.14 25.96
CA LEU B 92 -71.49 36.54 24.95
C LEU B 92 -72.85 36.85 25.58
N ASN B 93 -73.11 38.14 25.81
CA ASN B 93 -74.38 38.60 26.38
C ASN B 93 -75.48 38.51 25.30
N ILE B 94 -76.46 37.65 25.53
CA ILE B 94 -77.64 37.61 24.67
C ILE B 94 -78.91 38.03 25.41
N THR B 95 -79.63 38.99 24.83
CA THR B 95 -80.86 39.49 25.44
C THR B 95 -81.96 38.47 25.24
N ASP B 96 -82.94 38.46 26.15
CA ASP B 96 -84.09 37.58 26.01
C ASP B 96 -84.82 37.89 24.72
N GLY B 97 -85.18 36.83 24.01
CA GLY B 97 -85.99 36.98 22.82
C GLY B 97 -85.31 37.69 21.68
N ALA B 98 -83.98 37.77 21.73
CA ALA B 98 -83.19 38.47 20.71
C ALA B 98 -83.33 37.87 19.32
N PHE B 99 -83.57 36.56 19.27
CA PHE B 99 -83.69 35.83 18.00
C PHE B 99 -85.16 35.61 17.60
N LEU B 100 -86.08 36.14 18.39
CA LEU B 100 -87.51 35.85 18.23
C LEU B 100 -88.05 36.30 16.86
N ASN B 101 -87.62 37.48 16.43
CA ASN B 101 -88.02 38.01 15.13
C ASN B 101 -87.66 37.10 13.95
N LEU B 102 -86.80 36.11 14.17
CA LEU B 102 -86.29 35.30 13.06
C LEU B 102 -87.19 34.10 12.78
N LYS B 103 -88.10 34.27 11.83
CA LYS B 103 -89.26 33.39 11.69
C LYS B 103 -88.88 32.07 11.03
N ASN B 104 -87.76 32.08 10.30
CA ASN B 104 -87.32 30.92 9.53
C ASN B 104 -86.05 30.23 10.04
N LEU B 105 -85.54 30.71 11.16
CA LEU B 105 -84.38 30.12 11.82
C LEU B 105 -84.58 28.65 12.24
N ARG B 106 -83.79 27.79 11.61
CA ARG B 106 -83.81 26.34 11.84
C ARG B 106 -82.63 25.89 12.70
N GLU B 107 -81.44 26.38 12.37
CA GLU B 107 -80.19 25.94 13.00
C GLU B 107 -79.50 27.11 13.70
N LEU B 108 -79.15 26.88 14.97
CA LEU B 108 -78.53 27.90 15.78
C LEU B 108 -77.37 27.34 16.57
N LEU B 109 -76.17 27.84 16.26
CA LEU B 109 -74.96 27.34 16.88
C LEU B 109 -74.38 28.35 17.84
N LEU B 110 -74.34 27.95 19.11
CA LEU B 110 -73.82 28.76 20.17
C LEU B 110 -72.89 27.94 21.04
N GLU B 111 -71.84 27.43 20.44
CA GLU B 111 -70.86 26.67 21.18
C GLU B 111 -69.78 27.61 21.70
N ASP B 112 -69.21 27.26 22.87
CA ASP B 112 -68.03 27.95 23.37
C ASP B 112 -68.25 29.46 23.47
N ASN B 113 -69.28 29.86 24.19
CA ASN B 113 -69.59 31.27 24.38
C ASN B 113 -69.66 31.66 25.85
N GLN B 114 -69.42 30.69 26.74
CA GLN B 114 -69.44 30.94 28.18
C GLN B 114 -70.79 31.52 28.60
N LEU B 115 -71.86 30.86 28.16
CA LEU B 115 -73.19 31.25 28.52
C LEU B 115 -73.52 30.70 29.89
N PRO B 116 -74.16 31.52 30.74
CA PRO B 116 -74.47 31.03 32.09
C PRO B 116 -75.76 30.21 32.10
N GLN B 117 -76.65 30.48 31.14
CA GLN B 117 -77.96 29.86 31.06
C GLN B 117 -78.27 29.64 29.58
N ILE B 118 -79.19 28.73 29.29
CA ILE B 118 -79.86 28.72 27.97
C ILE B 118 -80.48 30.10 27.74
N PRO B 119 -80.34 30.66 26.52
CA PRO B 119 -80.93 31.98 26.33
C PRO B 119 -82.46 31.86 26.20
N SER B 120 -83.19 32.87 26.65
CA SER B 120 -84.64 32.81 26.67
C SER B 120 -85.21 33.43 25.41
N GLY B 121 -86.39 32.97 25.01
CA GLY B 121 -87.07 33.56 23.87
C GLY B 121 -86.45 33.18 22.56
N LEU B 122 -85.95 31.96 22.46
CA LEU B 122 -85.47 31.44 21.19
C LEU B 122 -86.67 31.02 20.39
N PRO B 123 -86.65 31.26 19.07
CA PRO B 123 -87.85 30.98 18.27
C PRO B 123 -88.22 29.50 18.20
N GLU B 124 -89.46 29.22 17.81
CA GLU B 124 -90.01 27.85 17.79
C GLU B 124 -89.59 27.10 16.52
N SER B 125 -89.16 27.83 15.50
CA SER B 125 -88.82 27.23 14.20
C SER B 125 -87.53 26.39 14.29
N LEU B 126 -86.77 26.60 15.36
CA LEU B 126 -85.57 25.83 15.68
C LEU B 126 -85.71 24.31 15.58
N THR B 127 -84.96 23.75 14.63
CA THR B 127 -84.79 22.31 14.48
C THR B 127 -83.48 21.79 15.09
N GLU B 128 -82.46 22.64 15.07
CA GLU B 128 -81.16 22.31 15.63
C GLU B 128 -80.60 23.43 16.53
N LEU B 129 -80.24 23.07 17.76
CA LEU B 129 -79.61 23.99 18.67
C LEU B 129 -78.33 23.36 19.25
N SER B 130 -77.22 24.08 19.17
CA SER B 130 -76.01 23.61 19.80
C SER B 130 -75.51 24.57 20.87
N LEU B 131 -75.32 24.02 22.05
CA LEU B 131 -74.87 24.81 23.18
C LEU B 131 -73.66 24.15 23.84
N ILE B 132 -72.92 23.37 23.05
CA ILE B 132 -71.71 22.71 23.51
C ILE B 132 -70.70 23.71 24.06
N GLN B 133 -70.06 23.36 25.17
CA GLN B 133 -68.96 24.13 25.76
C GLN B 133 -69.41 25.50 26.23
N ASN B 134 -70.26 25.50 27.24
CA ASN B 134 -70.64 26.72 27.90
C ASN B 134 -70.63 26.52 29.41
N ASN B 135 -71.22 27.48 30.14
CA ASN B 135 -71.36 27.35 31.59
C ASN B 135 -72.83 27.19 32.05
N ILE B 136 -73.55 26.34 31.34
CA ILE B 136 -74.95 26.09 31.56
C ILE B 136 -75.14 24.84 32.41
N TYR B 137 -75.58 25.07 33.65
CA TYR B 137 -75.72 24.01 34.63
C TYR B 137 -77.21 23.70 34.93
N ASN B 138 -78.11 24.42 34.28
CA ASN B 138 -79.55 24.35 34.56
C ASN B 138 -80.33 24.22 33.25
N ILE B 139 -80.90 23.05 33.01
CA ILE B 139 -81.69 22.83 31.79
C ILE B 139 -83.18 23.00 32.09
N THR B 140 -83.76 24.09 31.57
CA THR B 140 -85.05 24.60 32.04
C THR B 140 -86.15 24.50 30.97
N LYS B 141 -87.39 24.32 31.44
CA LYS B 141 -88.57 24.41 30.61
C LYS B 141 -88.63 25.75 29.90
N GLU B 142 -88.28 26.79 30.64
CA GLU B 142 -88.37 28.14 30.10
C GLU B 142 -87.48 28.27 28.87
N GLY B 143 -86.36 27.57 28.88
CA GLY B 143 -85.41 27.62 27.78
C GLY B 143 -85.81 26.71 26.64
N ILE B 144 -86.25 25.50 26.96
CA ILE B 144 -86.22 24.39 26.01
C ILE B 144 -87.61 23.83 25.65
N SER B 145 -88.49 23.68 26.65
CA SER B 145 -89.76 22.95 26.44
C SER B 145 -90.65 23.65 25.40
N ARG B 146 -90.42 24.95 25.18
CA ARG B 146 -91.10 25.71 24.15
C ARG B 146 -90.70 25.35 22.70
N LEU B 147 -89.69 24.50 22.55
CA LEU B 147 -89.12 24.25 21.24
C LEU B 147 -89.61 22.93 20.65
N ILE B 148 -90.83 22.96 20.11
CA ILE B 148 -91.59 21.76 19.72
C ILE B 148 -90.89 21.04 18.59
N ASN B 149 -90.20 21.82 17.75
CA ASN B 149 -89.71 21.36 16.46
C ASN B 149 -88.28 20.81 16.47
N LEU B 150 -87.65 20.75 17.63
CA LEU B 150 -86.24 20.34 17.73
C LEU B 150 -86.03 18.90 17.30
N LYS B 151 -85.13 18.73 16.33
CA LYS B 151 -84.61 17.40 15.99
C LYS B 151 -83.35 17.09 16.78
N ASN B 152 -82.48 18.11 16.87
CA ASN B 152 -81.12 17.91 17.38
C ASN B 152 -80.82 18.92 18.45
N LEU B 153 -80.44 18.44 19.62
CA LEU B 153 -80.08 19.33 20.71
C LEU B 153 -78.79 18.84 21.35
N TYR B 154 -77.81 19.74 21.40
CA TYR B 154 -76.50 19.45 21.94
C TYR B 154 -76.27 20.31 23.15
N LEU B 155 -76.05 19.67 24.29
CA LEU B 155 -75.73 20.37 25.52
C LEU B 155 -74.44 19.89 26.15
N ALA B 156 -73.57 19.25 25.37
CA ALA B 156 -72.42 18.55 25.93
C ALA B 156 -71.30 19.47 26.39
N TRP B 157 -70.39 18.90 27.19
CA TRP B 157 -69.16 19.58 27.63
C TRP B 157 -69.52 20.91 28.26
N ASN B 158 -70.42 20.88 29.24
CA ASN B 158 -70.70 22.07 30.02
C ASN B 158 -70.16 21.98 31.44
N CYS B 159 -69.99 20.76 31.96
CA CYS B 159 -69.34 20.57 33.26
C CYS B 159 -68.61 19.22 33.35
N TYR B 160 -67.28 19.28 33.44
CA TYR B 160 -66.48 18.08 33.26
C TYR B 160 -65.10 18.25 33.86
N PHE B 161 -64.44 17.13 34.12
CA PHE B 161 -63.04 17.17 34.59
C PHE B 161 -62.88 18.03 35.88
N ASN B 162 -61.89 18.91 35.94
CA ASN B 162 -61.74 19.80 37.09
C ASN B 162 -62.14 21.20 36.75
N LYS B 163 -63.11 21.36 35.86
CA LYS B 163 -63.74 22.66 35.67
C LYS B 163 -64.51 23.04 36.93
N VAL B 164 -64.40 24.31 37.33
CA VAL B 164 -65.27 24.87 38.38
C VAL B 164 -66.70 25.02 37.84
N CYS B 165 -67.57 24.10 38.23
CA CYS B 165 -68.93 24.05 37.73
C CYS B 165 -69.86 23.31 38.69
N GLU B 166 -71.13 23.67 38.62
CA GLU B 166 -72.16 23.08 39.48
C GLU B 166 -72.66 21.81 38.83
N LYS B 167 -73.04 20.84 39.66
CA LYS B 167 -73.78 19.68 39.17
C LYS B 167 -74.97 20.15 38.35
N THR B 168 -75.32 19.41 37.31
CA THR B 168 -76.27 19.89 36.32
C THR B 168 -77.71 19.61 36.79
N ASN B 169 -78.52 20.65 36.82
CA ASN B 169 -79.94 20.50 37.10
C ASN B 169 -80.75 20.34 35.83
N ILE B 170 -81.40 19.18 35.67
CA ILE B 170 -82.37 19.02 34.58
C ILE B 170 -83.81 19.08 35.11
N GLU B 171 -84.49 20.18 34.83
CA GLU B 171 -85.88 20.33 35.23
C GLU B 171 -86.73 19.15 34.75
N ASP B 172 -87.49 18.56 35.67
CA ASP B 172 -88.25 17.34 35.43
C ASP B 172 -89.27 17.50 34.28
N GLY B 173 -89.15 16.64 33.29
CA GLY B 173 -90.03 16.69 32.12
C GLY B 173 -89.60 17.64 31.03
N VAL B 174 -88.47 18.35 31.19
CA VAL B 174 -88.09 19.43 30.28
C VAL B 174 -88.06 19.04 28.79
N PHE B 175 -87.74 17.76 28.51
CA PHE B 175 -87.68 17.19 27.14
C PHE B 175 -88.99 16.51 26.69
N GLU B 176 -89.97 16.46 27.58
CA GLU B 176 -91.21 15.74 27.35
C GLU B 176 -91.98 16.29 26.14
N THR B 177 -91.94 17.61 26.03
CA THR B 177 -92.70 18.32 25.00
C THR B 177 -92.02 18.29 23.62
N LEU B 178 -90.81 17.72 23.57
CA LEU B 178 -90.00 17.76 22.37
C LEU B 178 -90.21 16.48 21.60
N THR B 179 -91.33 16.41 20.86
CA THR B 179 -91.83 15.14 20.34
C THR B 179 -91.36 14.88 18.92
N ASN B 180 -90.59 15.83 18.39
CA ASN B 180 -89.77 15.57 17.21
C ASN B 180 -88.27 15.38 17.49
N LEU B 181 -87.87 15.20 18.75
CA LEU B 181 -86.46 15.14 19.10
C LEU B 181 -85.79 13.81 18.72
N GLU B 182 -84.73 13.90 17.92
CA GLU B 182 -84.07 12.72 17.40
C GLU B 182 -82.71 12.53 18.03
N LEU B 183 -82.00 13.64 18.28
CA LEU B 183 -80.69 13.57 18.90
C LEU B 183 -80.65 14.44 20.15
N LEU B 184 -80.23 13.82 21.25
CA LEU B 184 -80.03 14.56 22.49
C LEU B 184 -78.68 14.16 23.05
N SER B 185 -77.77 15.14 23.07
CA SER B 185 -76.44 14.89 23.55
C SER B 185 -76.22 15.64 24.85
N LEU B 186 -75.93 14.89 25.90
CA LEU B 186 -75.72 15.44 27.25
C LEU B 186 -74.35 15.06 27.86
N SER B 187 -73.45 14.56 27.03
CA SER B 187 -72.17 14.02 27.46
C SER B 187 -71.34 15.08 28.16
N PHE B 188 -70.50 14.62 29.07
CA PHE B 188 -69.60 15.52 29.81
C PHE B 188 -70.37 16.63 30.52
N ASN B 189 -71.36 16.20 31.28
CA ASN B 189 -71.97 17.00 32.32
C ASN B 189 -72.24 16.09 33.50
N SER B 190 -72.29 16.67 34.69
CA SER B 190 -72.65 15.88 35.86
C SER B 190 -74.17 15.66 35.94
N LEU B 191 -74.62 14.44 35.65
CA LEU B 191 -76.04 14.06 35.69
C LEU B 191 -76.37 13.16 36.86
N SER B 192 -75.61 12.08 36.99
CA SER B 192 -75.85 11.07 38.01
C SER B 192 -77.01 10.12 37.72
N HIS B 193 -78.06 10.60 37.05
CA HIS B 193 -79.14 9.70 36.58
C HIS B 193 -79.58 10.04 35.16
N VAL B 194 -79.97 9.01 34.42
CA VAL B 194 -80.63 9.21 33.14
C VAL B 194 -81.87 10.05 33.38
N PRO B 195 -81.89 11.28 32.85
CA PRO B 195 -83.06 12.09 33.13
C PRO B 195 -84.33 11.37 32.72
N PRO B 196 -85.38 11.43 33.55
CA PRO B 196 -86.64 10.74 33.22
C PRO B 196 -87.44 11.50 32.16
N LYS B 197 -88.42 10.82 31.58
CA LYS B 197 -89.39 11.45 30.70
C LYS B 197 -88.76 12.00 29.44
N LEU B 198 -88.40 11.07 28.55
CA LEU B 198 -87.77 11.38 27.28
C LEU B 198 -88.71 11.07 26.12
N PRO B 199 -88.79 12.00 25.14
CA PRO B 199 -89.68 11.79 24.03
C PRO B 199 -89.27 10.54 23.31
N SER B 200 -90.25 9.75 22.89
CA SER B 200 -89.98 8.46 22.24
C SER B 200 -89.54 8.58 20.77
N SER B 201 -89.50 9.81 20.27
CA SER B 201 -88.93 10.09 18.95
C SER B 201 -87.42 9.78 18.86
N LEU B 202 -86.73 9.66 20.00
CA LEU B 202 -85.26 9.65 20.00
C LEU B 202 -84.62 8.53 19.17
N ARG B 203 -83.70 8.96 18.31
CA ARG B 203 -82.87 8.04 17.55
C ARG B 203 -81.53 7.88 18.24
N LYS B 204 -81.05 8.94 18.88
CA LYS B 204 -79.67 9.01 19.32
C LYS B 204 -79.56 9.71 20.64
N LEU B 205 -79.14 8.96 21.64
CA LEU B 205 -78.95 9.50 22.97
C LEU B 205 -77.50 9.37 23.41
N PHE B 206 -76.89 10.51 23.75
CA PHE B 206 -75.47 10.55 24.11
C PHE B 206 -75.34 10.96 25.57
N LEU B 207 -74.77 10.07 26.38
CA LEU B 207 -74.64 10.31 27.82
C LEU B 207 -73.28 9.89 28.41
N SER B 208 -72.23 10.24 27.68
CA SER B 208 -70.88 9.78 28.01
C SER B 208 -70.46 10.66 29.14
N ASN B 209 -69.69 10.11 30.08
CA ASN B 209 -69.06 10.91 31.15
C ASN B 209 -70.07 11.83 31.84
N THR B 210 -71.17 11.23 32.27
CA THR B 210 -72.28 11.96 32.93
C THR B 210 -72.41 11.52 34.39
N GLN B 211 -71.44 10.75 34.87
CA GLN B 211 -71.41 10.24 36.23
C GLN B 211 -72.63 9.43 36.63
N ILE B 212 -73.07 8.57 35.75
CA ILE B 212 -74.20 7.70 35.98
C ILE B 212 -73.72 6.30 36.40
N LYS B 213 -73.90 5.95 37.67
CA LYS B 213 -73.44 4.68 38.19
C LYS B 213 -74.40 3.60 37.75
N TYR B 214 -75.68 3.97 37.62
CA TYR B 214 -76.74 2.98 37.55
C TYR B 214 -77.69 3.15 36.35
N ILE B 215 -77.93 2.06 35.65
CA ILE B 215 -78.94 2.01 34.62
C ILE B 215 -80.08 1.04 34.97
N SER B 216 -81.28 1.62 35.13
CA SER B 216 -82.49 0.89 35.53
C SER B 216 -83.36 0.54 34.33
N GLU B 217 -84.33 -0.34 34.59
CA GLU B 217 -85.27 -0.80 33.58
C GLU B 217 -86.14 0.35 33.06
N GLU B 218 -86.32 1.36 33.90
CA GLU B 218 -87.19 2.47 33.57
C GLU B 218 -86.52 3.48 32.64
N ASP B 219 -85.19 3.50 32.62
CA ASP B 219 -84.45 4.65 32.09
C ASP B 219 -84.66 4.86 30.58
N PHE B 220 -84.82 3.75 29.84
CA PHE B 220 -85.08 3.80 28.39
C PHE B 220 -86.41 3.18 27.96
N LYS B 221 -86.80 2.08 28.59
CA LYS B 221 -88.18 1.55 28.48
C LYS B 221 -88.95 2.03 27.25
N GLY B 222 -89.23 3.34 27.19
CA GLY B 222 -90.12 3.90 26.18
C GLY B 222 -89.54 4.46 24.89
N LEU B 223 -88.30 4.07 24.56
CA LEU B 223 -87.56 4.67 23.44
C LEU B 223 -87.34 3.66 22.30
N ILE B 224 -88.40 3.39 21.56
CA ILE B 224 -88.47 2.22 20.70
C ILE B 224 -87.84 2.49 19.34
N ASN B 225 -87.52 3.75 19.08
CA ASN B 225 -86.84 4.10 17.85
C ASN B 225 -85.32 4.37 18.01
N LEU B 226 -84.73 4.00 19.16
CA LEU B 226 -83.31 4.30 19.41
C LEU B 226 -82.46 3.46 18.50
N THR B 227 -81.62 4.15 17.73
CA THR B 227 -80.60 3.46 16.97
C THR B 227 -79.24 3.55 17.64
N LEU B 228 -79.04 4.58 18.47
CA LEU B 228 -77.75 4.82 19.13
C LEU B 228 -77.89 5.17 20.62
N LEU B 229 -77.06 4.52 21.42
CA LEU B 229 -76.93 4.82 22.83
C LEU B 229 -75.45 4.90 23.29
N ASP B 230 -75.07 6.03 23.90
CA ASP B 230 -73.70 6.23 24.37
C ASP B 230 -73.65 6.34 25.91
N LEU B 231 -73.12 5.32 26.56
CA LEU B 231 -73.01 5.34 28.04
C LEU B 231 -71.56 5.27 28.48
N SER B 232 -70.67 5.74 27.59
CA SER B 232 -69.24 5.68 27.81
C SER B 232 -68.81 6.56 28.96
N GLY B 233 -67.79 6.05 29.65
CA GLY B 233 -67.05 6.87 30.61
C GLY B 233 -67.79 7.05 31.90
N ASN B 234 -68.73 6.15 32.13
CA ASN B 234 -69.53 6.15 33.34
C ASN B 234 -69.04 4.98 34.20
N CYS B 235 -68.46 5.31 35.35
CA CYS B 235 -67.58 4.41 36.10
C CYS B 235 -66.35 4.08 35.26
N PRO B 236 -65.53 5.12 34.98
CA PRO B 236 -64.43 5.03 34.05
C PRO B 236 -63.34 4.10 34.54
N ARG B 237 -62.64 3.47 33.60
CA ARG B 237 -61.32 2.91 33.85
C ARG B 237 -60.32 4.07 33.85
N CYS B 238 -59.66 4.27 34.99
CA CYS B 238 -59.00 5.55 35.27
C CYS B 238 -57.48 5.47 35.22
N PHE B 239 -56.96 4.26 35.04
CA PHE B 239 -55.53 4.06 35.12
C PHE B 239 -54.87 4.67 33.89
N ASN B 240 -53.93 5.58 34.13
CA ASN B 240 -53.20 6.21 33.06
C ASN B 240 -54.12 7.05 32.20
N ALA B 241 -55.17 7.62 32.79
CA ALA B 241 -56.13 8.39 32.00
C ALA B 241 -55.44 9.67 31.56
N PRO B 242 -55.76 10.17 30.36
CA PRO B 242 -55.20 11.45 29.94
C PRO B 242 -56.08 12.62 30.31
N PHE B 243 -56.86 12.46 31.37
CA PHE B 243 -57.71 13.55 31.87
C PHE B 243 -58.02 13.25 33.33
N PRO B 244 -58.43 14.27 34.11
CA PRO B 244 -58.78 14.04 35.50
C PRO B 244 -59.96 13.09 35.62
N CYS B 245 -59.77 11.96 36.28
CA CYS B 245 -60.63 10.80 36.14
C CYS B 245 -61.11 10.26 37.49
N VAL B 246 -62.42 10.23 37.71
CA VAL B 246 -62.99 9.79 39.00
C VAL B 246 -63.70 8.45 38.81
N PRO B 247 -63.15 7.37 39.37
CA PRO B 247 -63.77 6.04 39.35
C PRO B 247 -64.93 5.89 40.32
N CYS B 248 -65.80 4.94 40.04
CA CYS B 248 -66.83 4.52 40.99
C CYS B 248 -66.19 3.72 42.14
N ASP B 249 -66.85 3.69 43.29
CA ASP B 249 -66.19 3.35 44.52
C ASP B 249 -65.54 2.01 44.39
N GLY B 250 -64.24 1.98 44.65
CA GLY B 250 -63.46 0.75 44.51
C GLY B 250 -63.47 0.18 43.11
N GLY B 251 -63.17 1.02 42.12
CA GLY B 251 -63.13 0.59 40.71
C GLY B 251 -64.34 -0.15 40.16
N ALA B 252 -65.50 0.00 40.81
CA ALA B 252 -66.67 -0.81 40.46
C ALA B 252 -67.20 -0.47 39.06
N SER B 253 -67.79 -1.47 38.44
CA SER B 253 -68.31 -1.38 37.10
C SER B 253 -69.63 -0.60 37.09
N ILE B 254 -70.07 -0.17 35.93
CA ILE B 254 -71.38 0.46 35.83
C ILE B 254 -72.39 -0.64 36.09
N ASN B 255 -73.50 -0.29 36.73
CA ASN B 255 -74.54 -1.29 37.04
C ASN B 255 -75.71 -1.19 36.08
N ILE B 256 -75.82 -2.17 35.19
CA ILE B 256 -76.86 -2.15 34.17
C ILE B 256 -77.91 -3.24 34.47
N ASP B 257 -79.15 -2.79 34.67
CA ASP B 257 -80.24 -3.70 34.99
C ASP B 257 -80.52 -4.62 33.82
N ARG B 258 -80.67 -5.90 34.11
CA ARG B 258 -80.63 -6.90 33.05
C ARG B 258 -81.78 -6.75 32.05
N PHE B 259 -82.77 -5.93 32.37
CA PHE B 259 -83.80 -5.60 31.40
C PHE B 259 -83.68 -4.16 30.92
N ALA B 260 -82.48 -3.59 30.98
CA ALA B 260 -82.32 -2.15 30.78
C ALA B 260 -82.47 -1.77 29.34
N PHE B 261 -82.16 -2.70 28.45
CA PHE B 261 -82.18 -2.45 27.00
C PHE B 261 -83.30 -3.26 26.32
N GLN B 262 -84.39 -3.50 27.04
CA GLN B 262 -85.36 -4.51 26.65
C GLN B 262 -86.21 -4.06 25.48
N ASN B 263 -86.57 -2.79 25.47
CA ASN B 263 -87.42 -2.28 24.43
C ASN B 263 -86.60 -1.40 23.46
N LEU B 264 -85.31 -1.74 23.35
CA LEU B 264 -84.37 -1.02 22.48
C LEU B 264 -84.11 -1.84 21.23
N THR B 265 -85.16 -2.04 20.46
CA THR B 265 -85.23 -3.10 19.46
C THR B 265 -84.51 -2.68 18.21
N GLN B 266 -84.45 -1.36 17.98
CA GLN B 266 -83.83 -0.78 16.80
C GLN B 266 -82.35 -0.38 16.99
N LEU B 267 -81.65 -0.91 17.99
CA LEU B 267 -80.35 -0.33 18.33
C LEU B 267 -79.26 -0.87 17.43
N ARG B 268 -78.56 0.05 16.78
CA ARG B 268 -77.45 -0.29 15.89
C ARG B 268 -76.10 0.00 16.55
N TYR B 269 -75.98 1.11 17.28
CA TYR B 269 -74.72 1.51 17.93
C TYR B 269 -74.83 1.52 19.46
N LEU B 270 -73.98 0.75 20.13
CA LEU B 270 -73.93 0.78 21.57
C LEU B 270 -72.50 1.03 22.07
N ASN B 271 -72.29 2.16 22.74
CA ASN B 271 -70.97 2.51 23.27
C ASN B 271 -70.88 2.36 24.80
N LEU B 272 -70.13 1.34 25.21
CA LEU B 272 -69.89 1.08 26.61
C LEU B 272 -68.41 1.14 26.87
N SER B 273 -67.75 2.14 26.31
CA SER B 273 -66.33 2.25 26.54
C SER B 273 -66.13 2.84 27.94
N SER B 274 -65.09 2.35 28.64
CA SER B 274 -64.69 2.92 29.91
C SER B 274 -65.90 2.94 30.85
N THR B 275 -66.49 1.77 31.04
CA THR B 275 -67.52 1.60 32.05
C THR B 275 -67.08 0.58 33.09
N SER B 276 -65.82 0.16 33.02
CA SER B 276 -65.21 -0.71 34.04
C SER B 276 -65.81 -2.12 34.04
N LEU B 277 -66.45 -2.50 32.95
CA LEU B 277 -66.98 -3.85 32.86
C LEU B 277 -65.90 -4.91 33.01
N ARG B 278 -66.16 -5.87 33.90
CA ARG B 278 -65.42 -7.13 33.93
C ARG B 278 -66.27 -8.24 33.40
N LYS B 279 -67.59 -8.04 33.37
CA LYS B 279 -68.53 -9.03 32.85
C LYS B 279 -69.55 -8.38 31.90
N ILE B 280 -69.85 -9.07 30.81
CA ILE B 280 -70.92 -8.65 29.89
C ILE B 280 -72.09 -9.64 29.94
N ASN B 281 -73.29 -9.11 30.24
CA ASN B 281 -74.48 -9.95 30.31
C ASN B 281 -75.03 -10.19 28.93
N ALA B 282 -74.75 -11.37 28.39
CA ALA B 282 -75.24 -11.79 27.07
C ALA B 282 -76.65 -11.34 26.80
N ALA B 283 -77.49 -11.35 27.84
CA ALA B 283 -78.91 -11.08 27.67
C ALA B 283 -79.25 -9.62 27.46
N TRP B 284 -78.28 -8.72 27.58
CA TRP B 284 -78.50 -7.34 27.18
C TRP B 284 -78.75 -7.27 25.67
N PHE B 285 -78.30 -8.30 24.96
CA PHE B 285 -78.39 -8.35 23.51
C PHE B 285 -79.51 -9.25 23.00
N LYS B 286 -80.45 -9.61 23.88
CA LYS B 286 -81.53 -10.53 23.48
C LYS B 286 -82.39 -9.91 22.39
N ASN B 287 -82.83 -8.68 22.62
CA ASN B 287 -83.86 -8.05 21.79
C ASN B 287 -83.25 -7.01 20.88
N MET B 288 -82.10 -7.34 20.31
CA MET B 288 -81.17 -6.36 19.78
C MET B 288 -80.40 -6.99 18.61
N PRO B 289 -81.08 -7.76 17.76
CA PRO B 289 -80.37 -8.70 16.90
C PRO B 289 -79.80 -7.96 15.69
N HIS B 290 -79.94 -6.65 15.70
CA HIS B 290 -79.45 -5.81 14.63
C HIS B 290 -78.30 -4.86 15.09
N LEU B 291 -77.77 -5.06 16.29
CA LEU B 291 -76.63 -4.27 16.73
C LEU B 291 -75.50 -4.43 15.71
N LYS B 292 -75.01 -3.29 15.25
CA LYS B 292 -73.98 -3.21 14.23
C LYS B 292 -72.60 -2.85 14.84
N VAL B 293 -72.59 -1.89 15.75
CA VAL B 293 -71.38 -1.39 16.36
C VAL B 293 -71.50 -1.55 17.87
N LEU B 294 -70.53 -2.26 18.43
CA LEU B 294 -70.40 -2.44 19.86
C LEU B 294 -68.99 -1.99 20.29
N ASP B 295 -68.95 -0.89 21.01
CA ASP B 295 -67.73 -0.29 21.51
C ASP B 295 -67.51 -0.67 22.98
N LEU B 296 -66.50 -1.50 23.22
CA LEU B 296 -66.15 -1.93 24.56
C LEU B 296 -64.71 -1.57 24.89
N GLU B 297 -64.25 -0.46 24.35
CA GLU B 297 -62.92 0.05 24.68
C GLU B 297 -62.78 0.27 26.20
N PHE B 298 -61.53 0.29 26.66
CA PHE B 298 -61.18 0.75 28.02
C PHE B 298 -62.01 0.16 29.15
N ASN B 299 -62.19 -1.16 29.16
CA ASN B 299 -62.78 -1.85 30.30
C ASN B 299 -61.76 -2.84 30.81
N TYR B 300 -62.22 -3.97 31.36
CA TYR B 300 -61.37 -5.03 31.86
C TYR B 300 -61.89 -6.37 31.36
N LEU B 301 -61.94 -6.55 30.05
CA LEU B 301 -62.69 -7.66 29.48
C LEU B 301 -61.81 -8.80 28.99
N VAL B 302 -60.66 -9.01 29.64
CA VAL B 302 -59.72 -10.05 29.20
C VAL B 302 -60.29 -11.43 29.38
N GLY B 303 -60.79 -11.72 30.58
CA GLY B 303 -61.54 -12.94 30.81
C GLY B 303 -62.75 -13.10 29.91
N GLU B 304 -63.58 -12.06 29.83
CA GLU B 304 -64.68 -12.05 28.88
C GLU B 304 -64.26 -12.33 27.44
N ILE B 305 -63.11 -11.79 27.02
CA ILE B 305 -62.64 -12.00 25.66
C ILE B 305 -62.33 -13.48 25.39
N ALA B 306 -61.88 -14.16 26.43
CA ALA B 306 -61.52 -15.57 26.31
C ALA B 306 -62.67 -16.54 26.64
N SER B 307 -63.77 -16.07 27.23
CA SER B 307 -64.92 -16.95 27.50
C SER B 307 -66.10 -16.53 26.63
N GLY B 308 -66.74 -15.45 27.05
CA GLY B 308 -67.51 -14.61 26.13
C GLY B 308 -68.70 -15.34 25.58
N ALA B 309 -69.72 -15.45 26.41
CA ALA B 309 -71.00 -16.01 26.02
C ALA B 309 -71.72 -15.01 25.14
N PHE B 310 -71.63 -13.72 25.49
CA PHE B 310 -72.28 -12.65 24.76
C PHE B 310 -71.87 -12.56 23.28
N LEU B 311 -70.79 -13.23 22.93
CA LEU B 311 -70.37 -13.28 21.52
C LEU B 311 -71.36 -14.07 20.67
N THR B 312 -72.20 -14.87 21.33
CA THR B 312 -73.28 -15.62 20.68
C THR B 312 -74.45 -14.73 20.29
N MET B 313 -74.58 -13.59 20.95
CA MET B 313 -75.79 -12.78 20.85
C MET B 313 -75.65 -11.65 19.84
N LEU B 314 -74.79 -11.83 18.84
CA LEU B 314 -74.36 -10.73 17.99
C LEU B 314 -74.14 -11.21 16.58
N PRO B 315 -75.18 -11.81 15.99
CA PRO B 315 -75.00 -12.41 14.69
C PRO B 315 -74.94 -11.39 13.56
N ARG B 316 -75.32 -10.13 13.81
CA ARG B 316 -75.29 -9.12 12.74
C ARG B 316 -74.22 -8.04 12.95
N LEU B 317 -73.42 -8.20 14.00
CA LEU B 317 -72.47 -7.18 14.41
C LEU B 317 -71.36 -6.98 13.39
N GLU B 318 -71.15 -5.74 13.00
CA GLU B 318 -70.21 -5.45 11.95
C GLU B 318 -68.83 -4.96 12.47
N ILE B 319 -68.84 -4.27 13.61
CA ILE B 319 -67.65 -3.65 14.14
C ILE B 319 -67.60 -3.82 15.65
N LEU B 320 -66.57 -4.50 16.13
CA LEU B 320 -66.40 -4.76 17.54
C LEU B 320 -65.07 -4.17 17.99
N ASP B 321 -65.13 -3.24 18.95
CA ASP B 321 -63.94 -2.58 19.46
C ASP B 321 -63.67 -2.95 20.92
N LEU B 322 -62.65 -3.78 21.12
CA LEU B 322 -62.28 -4.20 22.46
C LEU B 322 -60.87 -3.70 22.82
N SER B 323 -60.54 -2.51 22.37
CA SER B 323 -59.19 -2.00 22.55
C SER B 323 -58.97 -1.56 23.99
N PHE B 324 -57.71 -1.63 24.42
CA PHE B 324 -57.29 -1.21 25.72
C PHE B 324 -58.05 -1.89 26.87
N ASN B 325 -58.06 -3.21 26.83
CA ASN B 325 -58.56 -3.96 27.95
C ASN B 325 -57.45 -4.73 28.62
N TYR B 326 -56.23 -4.21 28.47
CA TYR B 326 -55.07 -4.84 29.07
C TYR B 326 -55.13 -4.81 30.61
N ILE B 327 -54.64 -5.87 31.23
CA ILE B 327 -54.38 -5.89 32.67
C ILE B 327 -53.04 -5.24 32.93
N LYS B 328 -53.01 -4.21 33.76
CA LYS B 328 -51.79 -3.45 33.90
C LYS B 328 -50.73 -4.33 34.54
N GLY B 329 -49.51 -4.21 34.02
CA GLY B 329 -48.38 -5.02 34.48
C GLY B 329 -48.29 -6.31 33.69
N SER B 330 -49.42 -6.98 33.50
CA SER B 330 -49.47 -8.26 32.80
C SER B 330 -49.05 -8.12 31.33
N TYR B 331 -48.21 -9.04 30.88
CA TYR B 331 -47.68 -9.02 29.53
C TYR B 331 -47.58 -10.48 29.12
N PRO B 332 -48.73 -11.12 28.93
CA PRO B 332 -48.83 -12.58 28.63
C PRO B 332 -48.23 -13.02 27.29
N GLN B 333 -47.74 -14.25 27.24
CA GLN B 333 -47.18 -14.79 26.00
C GLN B 333 -48.15 -14.54 24.85
N HIS B 334 -49.42 -14.83 25.08
CA HIS B 334 -50.37 -15.05 24.01
C HIS B 334 -51.66 -14.30 24.25
N ILE B 335 -52.41 -14.14 23.19
CA ILE B 335 -53.73 -13.57 23.27
C ILE B 335 -54.74 -14.73 23.34
N ASN B 336 -55.65 -14.68 24.31
CA ASN B 336 -56.66 -15.73 24.42
C ASN B 336 -58.00 -15.27 23.83
N ILE B 337 -58.34 -15.84 22.68
CA ILE B 337 -59.54 -15.47 21.94
C ILE B 337 -60.50 -16.66 22.04
N SER B 338 -61.68 -16.42 22.60
CA SER B 338 -62.71 -17.43 22.75
C SER B 338 -63.14 -17.97 21.41
N ARG B 339 -63.43 -19.28 21.39
CA ARG B 339 -64.03 -19.92 20.21
C ARG B 339 -65.29 -19.20 19.72
N ASN B 340 -66.02 -18.58 20.64
CA ASN B 340 -67.33 -18.03 20.28
C ASN B 340 -67.23 -16.84 19.33
N PHE B 341 -66.04 -16.30 19.16
CA PHE B 341 -65.82 -15.26 18.17
C PHE B 341 -66.32 -15.71 16.80
N SER B 342 -66.32 -17.04 16.59
CA SER B 342 -66.81 -17.64 15.34
C SER B 342 -68.30 -17.45 15.10
N LYS B 343 -69.03 -16.93 16.08
CA LYS B 343 -70.44 -16.59 15.90
C LYS B 343 -70.63 -15.16 15.41
N LEU B 344 -69.52 -14.45 15.17
CA LEU B 344 -69.62 -13.04 14.79
C LEU B 344 -69.68 -12.98 13.29
N LEU B 345 -70.71 -13.59 12.75
CA LEU B 345 -70.68 -13.98 11.35
C LEU B 345 -70.65 -12.76 10.45
N SER B 346 -71.20 -11.64 10.91
CA SER B 346 -71.29 -10.43 10.09
C SER B 346 -70.10 -9.47 10.34
N LEU B 347 -69.06 -9.96 11.00
CA LEU B 347 -68.01 -9.05 11.49
C LEU B 347 -67.15 -8.52 10.34
N ARG B 348 -67.04 -7.21 10.24
CA ARG B 348 -66.25 -6.61 9.18
C ARG B 348 -64.91 -6.09 9.69
N ALA B 349 -64.87 -5.63 10.94
CA ALA B 349 -63.66 -5.02 11.49
C ALA B 349 -63.54 -5.30 12.96
N LEU B 350 -62.43 -5.90 13.37
CA LEU B 350 -62.17 -6.20 14.75
C LEU B 350 -61.01 -5.31 15.22
N HIS B 351 -61.22 -4.50 16.25
CA HIS B 351 -60.22 -3.60 16.76
C HIS B 351 -59.75 -4.15 18.08
N LEU B 352 -58.47 -4.49 18.17
CA LEU B 352 -57.92 -5.12 19.37
C LEU B 352 -56.62 -4.51 19.81
N ARG B 353 -56.57 -3.19 19.77
CA ARG B 353 -55.46 -2.45 20.32
C ARG B 353 -55.25 -2.79 21.81
N GLY B 354 -54.01 -2.62 22.25
CA GLY B 354 -53.73 -2.50 23.66
C GLY B 354 -54.36 -3.60 24.50
N TYR B 355 -54.31 -4.82 23.99
CA TYR B 355 -54.51 -6.02 24.81
C TYR B 355 -53.20 -6.30 25.53
N VAL B 356 -52.10 -6.16 24.77
CA VAL B 356 -50.73 -6.19 25.26
C VAL B 356 -50.20 -7.60 25.52
N PHE B 357 -49.40 -8.10 24.60
CA PHE B 357 -48.99 -9.51 24.64
C PHE B 357 -47.88 -9.72 23.64
N GLN B 358 -47.25 -10.89 23.70
CA GLN B 358 -45.88 -11.02 23.19
C GLN B 358 -45.83 -11.59 21.80
N GLU B 359 -46.75 -12.49 21.50
CA GLU B 359 -46.57 -13.34 20.34
C GLU B 359 -47.92 -13.78 19.77
N LEU B 360 -48.11 -13.58 18.47
CA LEU B 360 -49.32 -14.00 17.83
C LEU B 360 -49.05 -15.27 17.09
N ARG B 361 -49.62 -16.36 17.59
CA ARG B 361 -49.50 -17.66 16.93
C ARG B 361 -50.66 -17.85 15.99
N GLU B 362 -50.49 -18.76 15.03
CA GLU B 362 -51.56 -19.17 14.15
C GLU B 362 -52.75 -19.77 14.88
N ASP B 363 -52.50 -20.57 15.90
CA ASP B 363 -53.59 -21.24 16.63
C ASP B 363 -54.49 -20.24 17.37
N ASP B 364 -53.96 -19.06 17.67
CA ASP B 364 -54.65 -18.11 18.53
C ASP B 364 -55.73 -17.33 17.81
N PHE B 365 -55.67 -17.25 16.49
CA PHE B 365 -56.72 -16.56 15.75
C PHE B 365 -57.64 -17.52 14.97
N GLN B 366 -57.74 -18.76 15.46
CA GLN B 366 -58.58 -19.79 14.84
C GLN B 366 -60.04 -19.38 14.68
N PRO B 367 -60.68 -19.00 15.80
CA PRO B 367 -62.06 -18.56 15.78
C PRO B 367 -62.35 -17.55 14.67
N LEU B 368 -61.33 -16.86 14.18
CA LEU B 368 -61.58 -15.75 13.30
C LEU B 368 -61.54 -16.14 11.86
N MET B 369 -61.01 -17.31 11.58
CA MET B 369 -60.61 -17.63 10.21
C MET B 369 -61.78 -17.87 9.24
N GLN B 370 -62.93 -18.30 9.72
CA GLN B 370 -64.03 -18.56 8.80
C GLN B 370 -65.10 -17.48 8.70
N LEU B 371 -64.97 -16.39 9.45
CA LEU B 371 -65.89 -15.24 9.33
C LEU B 371 -65.78 -14.58 7.94
N PRO B 372 -66.84 -14.68 7.13
CA PRO B 372 -66.78 -14.40 5.69
C PRO B 372 -66.47 -12.94 5.32
N ASN B 373 -66.86 -12.00 6.17
CA ASN B 373 -66.70 -10.59 5.82
C ASN B 373 -65.62 -9.87 6.61
N LEU B 374 -64.82 -10.62 7.36
CA LEU B 374 -63.84 -10.00 8.23
C LEU B 374 -62.73 -9.45 7.36
N SER B 375 -62.78 -8.16 7.15
CA SER B 375 -61.93 -7.50 6.18
C SER B 375 -60.75 -6.80 6.91
N THR B 376 -60.99 -6.33 8.13
CA THR B 376 -60.05 -5.46 8.83
C THR B 376 -59.71 -6.00 10.20
N ILE B 377 -58.43 -6.22 10.44
CA ILE B 377 -57.95 -6.64 11.76
C ILE B 377 -56.93 -5.64 12.25
N ASN B 378 -57.12 -5.12 13.47
CA ASN B 378 -56.31 -4.04 14.03
C ASN B 378 -55.71 -4.38 15.41
N LEU B 379 -54.39 -4.63 15.43
CA LEU B 379 -53.66 -4.97 16.65
C LEU B 379 -52.58 -3.93 16.97
N GLY B 380 -52.85 -2.67 16.65
CA GLY B 380 -51.92 -1.62 16.92
C GLY B 380 -51.71 -1.61 18.40
N ILE B 381 -50.49 -1.24 18.81
CA ILE B 381 -50.21 -0.92 20.20
C ILE B 381 -50.47 -2.11 21.09
N ASN B 382 -49.91 -3.25 20.75
CA ASN B 382 -49.90 -4.39 21.67
C ASN B 382 -48.52 -4.78 22.19
N PHE B 383 -47.48 -4.04 21.81
CA PHE B 383 -46.12 -4.40 22.15
C PHE B 383 -45.76 -5.83 21.75
N ILE B 384 -46.24 -6.29 20.59
CA ILE B 384 -46.01 -7.67 20.16
C ILE B 384 -44.61 -7.86 19.59
N LYS B 385 -43.92 -8.92 19.99
CA LYS B 385 -42.57 -9.17 19.50
C LYS B 385 -42.46 -10.14 18.33
N GLN B 386 -43.40 -11.08 18.22
CA GLN B 386 -43.36 -12.05 17.14
C GLN B 386 -44.73 -12.30 16.56
N ILE B 387 -44.78 -12.49 15.25
CA ILE B 387 -46.01 -12.85 14.61
C ILE B 387 -45.75 -14.02 13.69
N ASP B 388 -46.69 -14.94 13.64
CA ASP B 388 -46.68 -16.01 12.68
C ASP B 388 -47.44 -15.58 11.44
N PHE B 389 -46.77 -14.87 10.53
CA PHE B 389 -47.48 -14.17 9.45
C PHE B 389 -48.30 -15.11 8.56
N LYS B 390 -48.00 -16.41 8.64
CA LYS B 390 -48.68 -17.38 7.81
C LYS B 390 -50.15 -17.51 8.21
N LEU B 391 -50.46 -17.21 9.47
CA LEU B 391 -51.84 -17.18 9.93
C LEU B 391 -52.81 -16.27 9.16
N PHE B 392 -52.33 -15.18 8.55
CA PHE B 392 -53.28 -14.24 7.85
C PHE B 392 -53.76 -14.78 6.53
N GLN B 393 -52.97 -15.60 5.86
CA GLN B 393 -53.43 -16.36 4.69
C GLN B 393 -54.74 -17.09 4.91
N ASN B 394 -54.80 -17.78 6.05
CA ASN B 394 -55.85 -18.76 6.35
C ASN B 394 -57.20 -18.10 6.69
N PHE B 395 -57.26 -16.78 6.61
CA PHE B 395 -58.52 -16.02 6.66
C PHE B 395 -59.11 -16.01 5.27
N SER B 396 -60.40 -15.68 5.17
CA SER B 396 -61.15 -15.79 3.94
C SER B 396 -61.02 -14.54 3.07
N ASN B 397 -60.97 -13.36 3.69
CA ASN B 397 -60.69 -12.15 2.91
C ASN B 397 -60.38 -10.86 3.69
N LEU B 398 -59.25 -10.85 4.39
CA LEU B 398 -58.65 -9.61 4.91
C LEU B 398 -58.21 -8.64 3.81
N GLU B 399 -58.64 -7.39 3.92
CA GLU B 399 -58.13 -6.34 3.07
C GLU B 399 -57.14 -5.44 3.86
N ILE B 400 -57.14 -5.56 5.20
CA ILE B 400 -56.37 -4.64 6.05
C ILE B 400 -55.79 -5.32 7.30
N ILE B 401 -54.49 -5.59 7.25
CA ILE B 401 -53.76 -6.13 8.39
C ILE B 401 -52.96 -5.02 9.06
N TYR B 402 -53.44 -4.56 10.20
CA TYR B 402 -52.87 -3.40 10.83
C TYR B 402 -52.08 -3.79 12.05
N LEU B 403 -50.76 -3.66 11.94
CA LEU B 403 -49.83 -4.03 12.98
C LEU B 403 -48.91 -2.87 13.39
N SER B 404 -49.29 -1.65 13.06
CA SER B 404 -48.50 -0.50 13.47
C SER B 404 -48.26 -0.50 14.99
N GLU B 405 -47.10 -0.01 15.39
CA GLU B 405 -46.79 0.30 16.78
C GLU B 405 -46.77 -0.94 17.65
N ASN B 406 -45.89 -1.85 17.31
CA ASN B 406 -45.60 -3.05 18.10
C ASN B 406 -44.09 -3.24 18.21
N ARG B 407 -43.64 -4.44 18.57
CA ARG B 407 -42.21 -4.69 18.77
C ARG B 407 -41.71 -5.74 17.80
N ILE B 408 -42.23 -5.72 16.59
CA ILE B 408 -41.82 -6.65 15.61
C ILE B 408 -40.39 -6.28 15.26
N SER B 409 -39.56 -7.28 15.00
CA SER B 409 -38.16 -7.03 14.65
C SER B 409 -37.67 -8.14 13.70
N PRO B 410 -36.37 -8.12 13.35
CA PRO B 410 -35.92 -9.21 12.45
C PRO B 410 -35.67 -10.55 13.20
N PHE B 437 -59.55 24.31 25.35
CA PHE B 437 -59.93 22.95 25.73
C PHE B 437 -59.28 21.85 24.89
N GLU B 438 -58.80 20.82 25.60
CA GLU B 438 -57.94 19.82 24.99
C GLU B 438 -58.62 18.97 23.92
N PHE B 439 -59.87 18.57 24.16
CA PHE B 439 -60.50 17.50 23.37
C PHE B 439 -61.56 18.08 22.45
N ASP B 440 -61.70 17.52 21.25
CA ASP B 440 -62.70 18.00 20.27
C ASP B 440 -64.05 17.42 20.65
N PRO B 441 -65.05 18.29 20.93
CA PRO B 441 -66.36 17.79 21.33
C PRO B 441 -67.18 17.20 20.18
N HIS B 442 -66.69 17.35 18.95
CA HIS B 442 -67.25 16.61 17.83
C HIS B 442 -66.47 15.41 17.34
N SER B 443 -65.60 14.83 18.17
CA SER B 443 -64.89 13.59 17.82
C SER B 443 -65.11 12.52 18.87
N ASN B 444 -64.89 11.29 18.47
CA ASN B 444 -64.80 10.18 19.39
C ASN B 444 -63.79 10.54 20.46
N PHE B 445 -64.08 10.11 21.69
CA PHE B 445 -63.23 10.44 22.84
C PHE B 445 -62.18 9.38 23.07
N TYR B 446 -62.43 8.18 22.58
CA TYR B 446 -61.64 7.04 22.99
C TYR B 446 -60.73 6.51 21.90
N HIS B 447 -61.01 6.86 20.64
CA HIS B 447 -60.06 6.64 19.56
C HIS B 447 -60.10 7.69 18.45
N PHE B 448 -59.04 7.76 17.65
CA PHE B 448 -59.04 8.56 16.43
C PHE B 448 -59.84 7.85 15.35
N THR B 449 -60.46 8.60 14.47
CA THR B 449 -61.36 8.02 13.51
C THR B 449 -60.87 8.12 12.08
N ARG B 450 -59.62 8.54 11.93
CA ARG B 450 -58.99 8.57 10.62
C ARG B 450 -58.76 7.13 10.15
N PRO B 451 -58.80 6.91 8.82
CA PRO B 451 -58.59 5.58 8.30
C PRO B 451 -57.28 5.00 8.85
N LEU B 452 -57.27 3.70 9.15
CA LEU B 452 -56.08 3.04 9.63
C LEU B 452 -54.98 3.06 8.58
N ILE B 453 -55.35 2.93 7.31
CA ILE B 453 -54.43 3.05 6.19
C ILE B 453 -54.90 4.11 5.21
N LYS B 454 -53.96 4.88 4.68
CA LYS B 454 -54.36 5.99 3.81
C LYS B 454 -55.12 5.42 2.61
N PRO B 455 -56.30 5.98 2.32
CA PRO B 455 -57.14 5.53 1.19
C PRO B 455 -56.44 5.33 -0.14
N GLN B 456 -55.45 6.18 -0.46
CA GLN B 456 -54.68 6.01 -1.74
C GLN B 456 -53.89 4.71 -1.87
N CYS B 457 -53.61 4.07 -0.73
CA CYS B 457 -52.73 2.90 -0.66
C CYS B 457 -53.64 1.67 -0.63
N ALA B 458 -54.69 1.77 0.17
CA ALA B 458 -55.70 0.72 0.34
C ALA B 458 -56.45 0.50 -0.96
N ALA B 459 -56.62 1.58 -1.72
CA ALA B 459 -57.28 1.52 -3.01
C ALA B 459 -56.70 0.42 -3.88
N TYR B 460 -55.42 0.16 -3.72
CA TYR B 460 -54.74 -0.79 -4.60
C TYR B 460 -54.99 -2.23 -4.22
N GLY B 461 -55.46 -2.48 -3.01
CA GLY B 461 -55.70 -3.87 -2.62
C GLY B 461 -55.35 -4.20 -1.19
N LYS B 462 -54.98 -5.44 -0.93
CA LYS B 462 -54.67 -5.85 0.43
C LYS B 462 -53.49 -5.06 0.99
N ALA B 463 -53.65 -4.58 2.21
CA ALA B 463 -52.71 -3.68 2.82
C ALA B 463 -52.20 -4.30 4.09
N LEU B 464 -50.92 -4.06 4.37
CA LEU B 464 -50.25 -4.59 5.55
C LEU B 464 -49.42 -3.46 6.12
N ASP B 465 -49.72 -3.11 7.38
CA ASP B 465 -49.08 -1.96 7.99
C ASP B 465 -48.23 -2.44 9.13
N LEU B 466 -46.94 -2.31 8.93
CA LEU B 466 -46.00 -2.72 9.94
C LEU B 466 -45.24 -1.52 10.44
N SER B 467 -45.81 -0.32 10.29
CA SER B 467 -45.12 0.92 10.67
C SER B 467 -44.79 0.93 12.16
N LEU B 468 -43.77 1.69 12.55
CA LEU B 468 -43.51 1.96 13.96
C LEU B 468 -43.23 0.68 14.72
N ASN B 469 -42.56 -0.24 14.07
CA ASN B 469 -41.88 -1.37 14.69
C ASN B 469 -40.36 -1.18 14.59
N SER B 470 -39.59 -2.23 14.87
CA SER B 470 -38.13 -2.16 14.91
C SER B 470 -37.55 -3.14 13.87
N ILE B 471 -38.12 -3.15 12.69
CA ILE B 471 -37.63 -4.02 11.67
C ILE B 471 -36.49 -3.32 10.93
N PHE B 472 -35.33 -3.27 11.60
CA PHE B 472 -34.19 -2.45 11.16
C PHE B 472 -33.46 -3.02 9.94
N PHE B 473 -33.72 -4.28 9.62
CA PHE B 473 -33.50 -4.77 8.29
C PHE B 473 -34.55 -5.79 7.97
N ILE B 474 -34.83 -5.94 6.69
CA ILE B 474 -35.69 -7.01 6.19
C ILE B 474 -34.84 -8.25 5.88
N GLY B 475 -34.98 -9.32 6.68
CA GLY B 475 -34.29 -10.60 6.38
C GLY B 475 -34.83 -11.32 5.16
N PRO B 476 -34.23 -12.46 4.78
CA PRO B 476 -34.69 -13.11 3.54
C PRO B 476 -36.10 -13.74 3.58
N ASN B 477 -36.63 -14.01 4.77
CA ASN B 477 -37.97 -14.60 4.90
C ASN B 477 -39.02 -13.68 5.55
N GLN B 478 -38.68 -12.42 5.73
CA GLN B 478 -39.58 -11.53 6.46
C GLN B 478 -40.98 -11.51 5.92
N PHE B 479 -41.15 -11.79 4.64
CA PHE B 479 -42.46 -11.70 4.04
C PHE B 479 -42.94 -13.02 3.43
N GLU B 480 -42.35 -14.13 3.87
CA GLU B 480 -42.84 -15.45 3.49
C GLU B 480 -44.27 -15.65 4.01
N ASN B 481 -45.09 -16.33 3.19
CA ASN B 481 -46.43 -16.80 3.58
C ASN B 481 -47.50 -15.72 3.67
N LEU B 482 -47.20 -14.57 3.11
CA LEU B 482 -48.15 -13.48 3.16
C LEU B 482 -49.13 -13.63 2.02
N PRO B 483 -50.36 -13.14 2.21
CA PRO B 483 -51.25 -12.84 1.11
C PRO B 483 -50.57 -11.98 0.03
N ASP B 484 -51.27 -11.70 -1.05
CA ASP B 484 -50.72 -10.91 -2.14
C ASP B 484 -50.89 -9.43 -1.83
N ILE B 485 -50.02 -8.90 -0.96
CA ILE B 485 -50.11 -7.51 -0.50
C ILE B 485 -49.91 -6.53 -1.65
N ALA B 486 -50.74 -5.48 -1.68
CA ALA B 486 -50.61 -4.43 -2.70
C ALA B 486 -50.15 -3.08 -2.13
N CYS B 487 -50.25 -2.93 -0.82
CA CYS B 487 -49.98 -1.68 -0.15
C CYS B 487 -49.24 -2.08 1.11
N LEU B 488 -48.03 -1.57 1.27
CA LEU B 488 -47.18 -2.00 2.37
C LEU B 488 -46.58 -0.80 3.03
N ASN B 489 -46.76 -0.74 4.35
CA ASN B 489 -46.27 0.38 5.14
C ASN B 489 -45.20 -0.10 6.08
N LEU B 490 -43.98 0.41 5.89
CA LEU B 490 -42.84 0.02 6.71
C LEU B 490 -42.19 1.25 7.32
N SER B 491 -42.94 2.35 7.36
CA SER B 491 -42.46 3.62 7.86
C SER B 491 -41.92 3.47 9.28
N ALA B 492 -40.90 4.24 9.63
CA ALA B 492 -40.58 4.43 11.04
C ALA B 492 -40.16 3.11 11.72
N ASN B 493 -39.32 2.34 11.01
CA ASN B 493 -38.76 1.13 11.54
C ASN B 493 -37.27 1.24 11.74
N SER B 494 -36.72 2.43 11.50
CA SER B 494 -35.29 2.64 11.60
C SER B 494 -34.54 1.57 10.80
N ASN B 495 -35.06 1.30 9.63
CA ASN B 495 -34.46 0.35 8.76
C ASN B 495 -33.32 1.03 8.02
N ALA B 496 -32.14 0.44 8.18
CA ALA B 496 -30.89 1.01 7.68
C ALA B 496 -30.27 0.13 6.66
N GLN B 497 -31.04 -0.76 6.05
CA GLN B 497 -30.45 -1.74 5.14
C GLN B 497 -30.15 -1.23 3.71
N VAL B 498 -29.24 -1.94 3.04
CA VAL B 498 -29.01 -1.82 1.61
C VAL B 498 -29.98 -2.73 0.88
N LEU B 499 -31.09 -2.15 0.44
CA LEU B 499 -32.04 -2.84 -0.41
C LEU B 499 -31.33 -3.23 -1.68
N SER B 500 -31.58 -4.44 -2.15
CA SER B 500 -30.78 -5.02 -3.24
C SER B 500 -31.62 -5.73 -4.30
N GLY B 501 -32.95 -5.64 -4.19
CA GLY B 501 -33.82 -6.15 -5.25
C GLY B 501 -34.25 -7.59 -5.03
N THR B 502 -34.13 -8.07 -3.78
CA THR B 502 -34.65 -9.39 -3.40
C THR B 502 -35.51 -9.38 -2.14
N GLU B 503 -35.51 -8.28 -1.41
CA GLU B 503 -36.13 -8.25 -0.07
C GLU B 503 -37.66 -8.42 -0.15
N PHE B 504 -38.26 -8.04 -1.28
CA PHE B 504 -39.70 -8.12 -1.47
C PHE B 504 -40.14 -9.17 -2.49
N SER B 505 -39.30 -10.16 -2.76
CA SER B 505 -39.65 -11.17 -3.76
C SER B 505 -40.94 -11.93 -3.36
N ALA B 506 -41.14 -12.13 -2.07
CA ALA B 506 -42.27 -12.92 -1.59
C ALA B 506 -43.62 -12.17 -1.72
N ILE B 507 -43.56 -10.88 -2.01
CA ILE B 507 -44.75 -10.06 -2.20
C ILE B 507 -44.48 -9.09 -3.33
N PRO B 508 -44.29 -9.61 -4.53
CA PRO B 508 -43.74 -8.84 -5.63
C PRO B 508 -44.71 -7.87 -6.27
N HIS B 509 -45.99 -7.95 -5.92
CA HIS B 509 -47.01 -7.07 -6.55
C HIS B 509 -47.37 -5.85 -5.70
N VAL B 510 -46.52 -5.51 -4.74
CA VAL B 510 -46.70 -4.26 -4.01
C VAL B 510 -46.76 -3.08 -4.98
N LYS B 511 -47.89 -2.34 -4.95
CA LYS B 511 -48.04 -1.14 -5.77
C LYS B 511 -47.84 0.21 -5.04
N TYR B 512 -48.00 0.22 -3.72
CA TYR B 512 -47.81 1.44 -2.92
C TYR B 512 -46.91 1.04 -1.78
N LEU B 513 -45.73 1.66 -1.71
CA LEU B 513 -44.74 1.30 -0.72
C LEU B 513 -44.32 2.53 0.01
N ASP B 514 -44.60 2.53 1.32
CA ASP B 514 -44.24 3.60 2.22
C ASP B 514 -43.02 3.14 3.04
N LEU B 515 -41.89 3.77 2.76
CA LEU B 515 -40.67 3.53 3.52
C LEU B 515 -40.17 4.83 4.16
N THR B 516 -41.09 5.69 4.55
CA THR B 516 -40.72 6.98 5.11
C THR B 516 -40.16 6.80 6.50
N ASN B 517 -39.33 7.73 6.96
CA ASN B 517 -38.85 7.75 8.33
C ASN B 517 -38.04 6.49 8.64
N ASN B 518 -37.24 6.09 7.67
CA ASN B 518 -36.26 5.08 7.89
C ASN B 518 -34.87 5.68 7.74
N ARG B 519 -33.86 4.84 7.76
CA ARG B 519 -32.50 5.33 7.55
C ARG B 519 -31.81 4.52 6.46
N LEU B 520 -32.44 4.45 5.30
CA LEU B 520 -32.11 3.47 4.28
C LEU B 520 -30.75 3.78 3.64
N ASP B 521 -29.99 2.72 3.32
CA ASP B 521 -28.66 2.89 2.74
C ASP B 521 -28.66 2.54 1.26
N PHE B 522 -28.69 3.56 0.43
CA PHE B 522 -28.87 3.38 -0.99
C PHE B 522 -27.54 3.06 -1.70
N ASP B 523 -27.09 1.82 -1.57
CA ASP B 523 -25.77 1.45 -2.01
C ASP B 523 -25.86 0.36 -3.05
N ASN B 524 -26.94 0.35 -3.81
CA ASN B 524 -27.20 -0.73 -4.76
C ASN B 524 -28.26 -0.32 -5.74
N ALA B 525 -27.87 -0.26 -7.00
CA ALA B 525 -28.71 0.28 -8.07
C ALA B 525 -29.92 -0.59 -8.38
N SER B 526 -29.95 -1.81 -7.83
CA SER B 526 -31.06 -2.74 -8.03
C SER B 526 -32.12 -2.68 -6.93
N ALA B 527 -31.95 -1.79 -5.96
CA ALA B 527 -32.93 -1.62 -4.88
C ALA B 527 -34.35 -1.59 -5.44
N LEU B 528 -35.24 -2.35 -4.80
CA LEU B 528 -36.68 -2.40 -5.08
C LEU B 528 -37.11 -2.79 -6.48
N THR B 529 -36.18 -3.24 -7.30
CA THR B 529 -36.52 -3.56 -8.67
C THR B 529 -37.31 -4.88 -8.84
N GLU B 530 -37.41 -5.70 -7.80
CA GLU B 530 -38.30 -6.87 -7.84
C GLU B 530 -39.79 -6.47 -7.93
N LEU B 531 -40.11 -5.29 -7.44
CA LEU B 531 -41.45 -4.74 -7.48
C LEU B 531 -41.76 -4.10 -8.83
N SER B 532 -42.09 -4.93 -9.82
CA SER B 532 -42.31 -4.47 -11.20
C SER B 532 -43.55 -3.62 -11.32
N ASP B 533 -44.52 -3.84 -10.42
CA ASP B 533 -45.83 -3.21 -10.54
C ASP B 533 -45.89 -1.85 -9.80
N LEU B 534 -44.76 -1.42 -9.24
CA LEU B 534 -44.75 -0.31 -8.29
C LEU B 534 -45.21 0.99 -8.94
N GLU B 535 -46.11 1.69 -8.25
CA GLU B 535 -46.68 2.93 -8.79
C GLU B 535 -46.42 4.14 -7.89
N VAL B 536 -46.43 3.91 -6.58
CA VAL B 536 -46.20 4.95 -5.61
C VAL B 536 -45.09 4.47 -4.69
N LEU B 537 -44.06 5.30 -4.52
CA LEU B 537 -42.95 4.97 -3.65
C LEU B 537 -42.66 6.18 -2.81
N ASP B 538 -42.79 6.05 -1.49
CA ASP B 538 -42.54 7.18 -0.59
C ASP B 538 -41.29 6.91 0.23
N LEU B 539 -40.27 7.73 0.01
CA LEU B 539 -38.99 7.55 0.71
C LEU B 539 -38.68 8.79 1.49
N SER B 540 -39.69 9.53 1.87
CA SER B 540 -39.47 10.74 2.64
C SER B 540 -38.76 10.40 3.93
N TYR B 541 -38.00 11.36 4.45
CA TYR B 541 -37.43 11.27 5.80
C TYR B 541 -36.51 10.08 5.96
N ASN B 542 -35.58 9.95 5.02
CA ASN B 542 -34.53 8.95 5.08
C ASN B 542 -33.18 9.64 4.94
N SER B 543 -33.03 10.78 5.60
CA SER B 543 -31.83 11.64 5.51
C SER B 543 -30.54 10.96 5.95
N HIS B 544 -30.68 9.93 6.77
CA HIS B 544 -29.63 9.54 7.66
C HIS B 544 -28.31 9.46 6.91
N TYR B 545 -28.29 8.74 5.79
CA TYR B 545 -27.06 8.53 5.06
C TYR B 545 -26.81 9.56 3.97
N PHE B 546 -27.86 10.27 3.55
CA PHE B 546 -27.69 11.31 2.53
C PHE B 546 -26.89 12.43 3.10
N ARG B 547 -26.92 12.54 4.43
CA ARG B 547 -26.16 13.59 5.14
C ARG B 547 -24.68 13.39 4.94
N ILE B 548 -24.26 12.14 4.80
CA ILE B 548 -22.86 11.82 4.93
C ILE B 548 -22.27 11.78 3.56
N ALA B 549 -21.35 12.72 3.32
CA ALA B 549 -20.69 12.84 2.04
C ALA B 549 -19.91 11.59 1.67
N GLY B 550 -19.37 10.90 2.68
CA GLY B 550 -18.40 9.81 2.46
C GLY B 550 -18.94 8.44 2.11
N VAL B 551 -20.24 8.24 2.22
CA VAL B 551 -20.81 6.98 1.80
C VAL B 551 -21.58 7.16 0.48
N THR B 552 -21.86 6.05 -0.19
CA THR B 552 -22.46 6.10 -1.52
C THR B 552 -23.94 6.41 -1.41
N HIS B 553 -24.50 6.96 -2.47
CA HIS B 553 -25.92 7.31 -2.54
C HIS B 553 -26.42 7.04 -3.96
N HIS B 554 -26.96 5.85 -4.18
CA HIS B 554 -27.25 5.37 -5.53
C HIS B 554 -28.74 5.39 -5.80
N LEU B 555 -29.21 6.39 -6.55
CA LEU B 555 -30.62 6.46 -6.90
C LEU B 555 -30.96 5.89 -8.29
N GLU B 556 -30.04 5.15 -8.90
CA GLU B 556 -30.25 4.66 -10.29
C GLU B 556 -31.53 3.84 -10.46
N PHE B 557 -31.93 3.11 -9.42
CA PHE B 557 -32.98 2.11 -9.51
C PHE B 557 -34.31 2.65 -10.03
N ILE B 558 -34.43 3.98 -10.01
CA ILE B 558 -35.69 4.66 -10.28
C ILE B 558 -36.13 4.49 -11.74
N GLN B 559 -35.18 4.47 -12.66
CA GLN B 559 -35.46 4.23 -14.09
C GLN B 559 -36.04 2.85 -14.42
N ASN B 560 -35.93 1.92 -13.49
CA ASN B 560 -36.26 0.54 -13.79
C ASN B 560 -37.71 0.16 -13.62
N PHE B 561 -38.57 1.13 -13.35
CA PHE B 561 -39.98 0.86 -13.13
C PHE B 561 -40.86 1.33 -14.29
N THR B 562 -41.56 0.39 -14.92
CA THR B 562 -42.45 0.72 -16.03
C THR B 562 -43.63 1.57 -15.57
N ASN B 563 -44.13 1.32 -14.36
CA ASN B 563 -45.42 1.89 -13.98
C ASN B 563 -45.38 2.86 -12.80
N LEU B 564 -44.18 3.26 -12.39
CA LEU B 564 -44.04 4.19 -11.27
C LEU B 564 -44.60 5.56 -11.63
N LYS B 565 -45.59 6.00 -10.88
CA LYS B 565 -46.23 7.28 -11.14
C LYS B 565 -45.76 8.33 -10.17
N VAL B 566 -45.66 7.98 -8.89
CA VAL B 566 -45.36 8.97 -7.87
C VAL B 566 -44.14 8.59 -7.04
N LEU B 567 -43.23 9.55 -6.89
CA LEU B 567 -42.05 9.35 -6.08
C LEU B 567 -41.88 10.52 -5.16
N ASN B 568 -41.78 10.21 -3.87
CA ASN B 568 -41.55 11.19 -2.87
C ASN B 568 -40.16 11.00 -2.22
N LEU B 569 -39.30 11.98 -2.43
CA LEU B 569 -37.94 11.97 -1.85
C LEU B 569 -37.75 13.16 -0.92
N SER B 570 -38.83 13.63 -0.31
CA SER B 570 -38.75 14.85 0.50
C SER B 570 -37.90 14.63 1.75
N HIS B 571 -37.31 15.72 2.23
CA HIS B 571 -36.69 15.80 3.53
C HIS B 571 -35.66 14.71 3.71
N ASN B 572 -34.92 14.46 2.63
CA ASN B 572 -33.77 13.59 2.66
C ASN B 572 -32.44 14.36 2.68
N ASN B 573 -32.52 15.68 2.70
CA ASN B 573 -31.33 16.52 2.60
C ASN B 573 -30.34 15.97 1.58
N ILE B 574 -30.82 15.66 0.39
CA ILE B 574 -29.94 15.10 -0.63
C ILE B 574 -29.10 16.20 -1.22
N TYR B 575 -27.79 16.05 -1.18
CA TYR B 575 -26.90 17.06 -1.74
C TYR B 575 -25.78 16.48 -2.54
N THR B 576 -25.65 15.16 -2.56
CA THR B 576 -24.56 14.54 -3.27
C THR B 576 -24.99 13.18 -3.67
N LEU B 577 -24.64 12.76 -4.88
CA LEU B 577 -25.01 11.43 -5.38
C LEU B 577 -23.81 10.78 -6.04
N THR B 578 -23.82 9.46 -6.12
CA THR B 578 -22.68 8.68 -6.57
C THR B 578 -22.84 8.24 -8.04
N ASP B 579 -21.83 8.54 -8.84
CA ASP B 579 -21.74 8.10 -10.26
C ASP B 579 -22.79 8.77 -11.13
N LYS B 580 -24.04 8.35 -11.00
CA LYS B 580 -25.12 8.91 -11.78
C LYS B 580 -25.74 10.14 -11.11
N TYR B 581 -25.59 11.29 -11.74
CA TYR B 581 -26.06 12.54 -11.16
C TYR B 581 -27.49 12.92 -11.58
N ASN B 582 -28.14 12.04 -12.34
CA ASN B 582 -29.41 12.34 -12.98
C ASN B 582 -30.51 11.41 -12.54
N LEU B 583 -31.74 11.92 -12.47
CA LEU B 583 -32.90 11.10 -12.15
C LEU B 583 -33.60 10.82 -13.44
N GLU B 584 -33.86 9.54 -13.70
CA GLU B 584 -34.45 9.15 -14.98
C GLU B 584 -35.63 8.21 -14.83
N SER B 585 -36.74 8.54 -15.52
CA SER B 585 -37.91 7.67 -15.60
C SER B 585 -38.83 8.02 -16.77
N LYS B 586 -39.29 6.98 -17.46
CA LYS B 586 -40.16 7.15 -18.60
C LYS B 586 -41.60 7.34 -18.16
N SER B 587 -41.95 6.71 -17.04
CA SER B 587 -43.33 6.73 -16.55
C SER B 587 -43.61 7.87 -15.59
N LEU B 588 -42.62 8.27 -14.80
CA LEU B 588 -42.91 9.06 -13.60
C LEU B 588 -43.63 10.34 -13.95
N VAL B 589 -44.60 10.68 -13.11
CA VAL B 589 -45.58 11.75 -13.32
C VAL B 589 -45.44 12.87 -12.27
N GLU B 590 -45.11 12.50 -11.03
CA GLU B 590 -44.88 13.47 -9.96
C GLU B 590 -43.62 13.13 -9.17
N LEU B 591 -42.82 14.14 -8.87
CA LEU B 591 -41.67 14.02 -7.99
C LEU B 591 -41.78 15.10 -6.90
N VAL B 592 -41.78 14.67 -5.65
CA VAL B 592 -41.62 15.60 -4.53
C VAL B 592 -40.16 15.59 -4.08
N PHE B 593 -39.56 16.76 -4.04
CA PHE B 593 -38.15 16.89 -3.75
C PHE B 593 -37.95 17.95 -2.70
N SER B 594 -38.99 18.30 -1.99
CA SER B 594 -38.85 19.31 -0.96
C SER B 594 -37.88 18.82 0.09
N GLY B 595 -37.24 19.75 0.79
CA GLY B 595 -36.45 19.40 1.98
C GLY B 595 -35.14 18.72 1.62
N ASN B 596 -34.61 19.11 0.48
CA ASN B 596 -33.32 18.66 0.03
C ASN B 596 -32.40 19.87 -0.22
N ARG B 597 -31.27 19.68 -0.87
CA ARG B 597 -30.30 20.77 -0.92
C ARG B 597 -29.93 21.13 -2.34
N LEU B 598 -30.92 21.56 -3.11
CA LEU B 598 -30.63 21.98 -4.47
C LEU B 598 -29.73 23.21 -4.46
N ASP B 599 -29.77 24.00 -3.39
CA ASP B 599 -28.83 25.12 -3.27
C ASP B 599 -27.39 24.65 -3.49
N ILE B 600 -27.09 23.44 -2.99
CA ILE B 600 -25.78 22.81 -3.15
C ILE B 600 -25.65 22.06 -4.47
N LEU B 601 -26.63 21.25 -4.82
CA LEU B 601 -26.57 20.54 -6.11
C LEU B 601 -26.39 21.51 -7.27
N TRP B 602 -27.01 22.68 -7.19
CA TRP B 602 -27.00 23.64 -8.30
C TRP B 602 -26.09 24.84 -8.02
N ASN B 603 -25.15 24.62 -7.11
CA ASN B 603 -24.10 25.59 -6.82
C ASN B 603 -23.41 26.08 -8.08
N ASP B 604 -23.01 27.35 -8.11
CA ASP B 604 -22.33 27.95 -9.27
C ASP B 604 -21.03 27.24 -9.76
N ASP B 605 -20.36 26.48 -8.90
CA ASP B 605 -19.07 25.92 -9.25
C ASP B 605 -19.11 24.42 -9.56
N ASP B 606 -20.31 23.88 -9.75
CA ASP B 606 -20.50 22.44 -10.00
C ASP B 606 -21.55 22.29 -11.10
N ASN B 607 -21.24 21.50 -12.11
CA ASN B 607 -22.09 21.37 -13.28
C ASN B 607 -22.80 20.04 -13.36
N ARG B 608 -22.46 19.15 -12.44
CA ARG B 608 -22.78 17.73 -12.60
C ARG B 608 -24.29 17.47 -12.47
N TYR B 609 -24.99 18.36 -11.80
CA TYR B 609 -26.40 18.15 -11.50
C TYR B 609 -27.30 19.10 -12.30
N ILE B 610 -26.74 19.75 -13.31
CA ILE B 610 -27.49 20.76 -14.05
C ILE B 610 -28.70 20.15 -14.79
N SER B 611 -28.70 18.83 -14.99
CA SER B 611 -29.81 18.12 -15.66
C SER B 611 -30.47 17.06 -14.78
N ILE B 612 -30.50 17.31 -13.48
CA ILE B 612 -30.86 16.26 -12.53
C ILE B 612 -32.26 15.70 -12.76
N PHE B 613 -33.14 16.47 -13.38
CA PHE B 613 -34.55 16.13 -13.49
C PHE B 613 -34.99 15.94 -14.94
N LYS B 614 -34.08 16.22 -15.87
CA LYS B 614 -34.40 16.19 -17.30
C LYS B 614 -34.89 14.85 -17.78
N GLY B 615 -34.26 13.79 -17.32
CA GLY B 615 -34.64 12.42 -17.72
C GLY B 615 -36.00 11.96 -17.24
N LEU B 616 -36.68 12.83 -16.49
CA LEU B 616 -38.05 12.55 -16.07
C LEU B 616 -39.03 13.04 -17.15
N LYS B 617 -39.19 12.21 -18.17
CA LYS B 617 -39.70 12.67 -19.46
C LYS B 617 -41.21 12.86 -19.41
N ASN B 618 -41.86 12.10 -18.53
CA ASN B 618 -43.31 12.08 -18.45
C ASN B 618 -43.84 12.96 -17.30
N LEU B 619 -43.03 13.86 -16.77
CA LEU B 619 -43.31 14.46 -15.49
C LEU B 619 -44.20 15.67 -15.64
N THR B 620 -45.21 15.75 -14.79
CA THR B 620 -46.17 16.84 -14.83
C THR B 620 -46.15 17.66 -13.55
N ARG B 621 -45.77 17.05 -12.43
CA ARG B 621 -45.72 17.77 -11.16
C ARG B 621 -44.34 17.66 -10.48
N LEU B 622 -43.78 18.81 -10.11
CA LEU B 622 -42.46 18.88 -9.51
C LEU B 622 -42.52 19.84 -8.33
N ASP B 623 -42.07 19.35 -7.17
CA ASP B 623 -41.99 20.15 -5.96
C ASP B 623 -40.53 20.33 -5.51
N LEU B 624 -40.11 21.58 -5.52
CA LEU B 624 -38.78 21.96 -5.15
C LEU B 624 -38.78 22.85 -3.92
N SER B 625 -39.85 22.79 -3.13
CA SER B 625 -39.93 23.68 -1.99
C SER B 625 -38.84 23.31 -0.99
N LEU B 626 -38.51 24.23 -0.10
CA LEU B 626 -37.60 23.97 1.03
C LEU B 626 -36.27 23.38 0.59
N ASN B 627 -35.62 24.04 -0.35
CA ASN B 627 -34.34 23.62 -0.87
C ASN B 627 -33.27 24.71 -0.68
N ARG B 628 -33.61 25.73 0.12
CA ARG B 628 -32.75 26.88 0.42
C ARG B 628 -32.21 27.66 -0.77
N LEU B 629 -32.90 27.57 -1.91
CA LEU B 629 -32.37 28.14 -3.13
C LEU B 629 -32.41 29.62 -3.01
N LYS B 630 -31.25 30.25 -3.16
CA LYS B 630 -31.18 31.70 -3.27
C LYS B 630 -31.28 32.10 -4.73
N HIS B 631 -30.88 31.23 -5.64
CA HIS B 631 -31.01 31.50 -7.07
C HIS B 631 -30.95 30.19 -7.82
N ILE B 632 -31.56 30.16 -8.98
CA ILE B 632 -31.53 28.99 -9.83
C ILE B 632 -30.76 29.29 -11.10
N PRO B 633 -29.74 28.46 -11.40
CA PRO B 633 -29.06 28.63 -12.66
C PRO B 633 -30.04 28.48 -13.80
N ASN B 634 -29.99 29.43 -14.73
CA ASN B 634 -30.80 29.40 -15.95
C ASN B 634 -30.74 28.07 -16.68
N GLU B 635 -29.55 27.47 -16.76
CA GLU B 635 -29.42 26.23 -17.54
C GLU B 635 -29.99 25.07 -16.76
N ALA B 636 -30.11 25.25 -15.45
CA ALA B 636 -30.75 24.25 -14.63
C ALA B 636 -32.26 24.32 -14.80
N PHE B 637 -32.82 25.54 -14.79
CA PHE B 637 -34.27 25.72 -14.97
C PHE B 637 -34.70 25.19 -16.33
N LEU B 638 -33.99 25.58 -17.38
CA LEU B 638 -34.30 25.14 -18.73
C LEU B 638 -34.18 23.64 -18.84
N ASN B 639 -33.51 23.01 -17.90
CA ASN B 639 -33.35 21.57 -17.97
C ASN B 639 -34.48 20.82 -17.29
N LEU B 640 -35.40 21.56 -16.69
CA LEU B 640 -36.55 20.93 -16.04
C LEU B 640 -37.47 20.38 -17.14
N PRO B 641 -38.18 19.27 -16.88
CA PRO B 641 -38.92 18.61 -17.95
C PRO B 641 -39.95 19.52 -18.58
N ALA B 642 -40.06 19.47 -19.91
CA ALA B 642 -40.92 20.38 -20.69
C ALA B 642 -42.38 19.94 -20.59
N SER B 643 -42.58 18.69 -20.20
CA SER B 643 -43.92 18.18 -19.89
C SER B 643 -44.60 18.80 -18.66
N LEU B 644 -43.95 19.67 -17.90
CA LEU B 644 -44.51 20.07 -16.60
C LEU B 644 -45.82 20.85 -16.77
N THR B 645 -46.80 20.51 -15.93
CA THR B 645 -47.98 21.33 -15.75
C THR B 645 -48.04 22.08 -14.40
N GLU B 646 -47.22 21.66 -13.43
CA GLU B 646 -47.29 22.20 -12.06
C GLU B 646 -45.90 22.22 -11.38
N LEU B 647 -45.45 23.41 -11.01
CA LEU B 647 -44.11 23.59 -10.48
C LEU B 647 -44.15 24.41 -9.22
N HIS B 648 -43.60 23.84 -8.16
CA HIS B 648 -43.59 24.45 -6.85
C HIS B 648 -42.17 24.78 -6.49
N ILE B 649 -41.90 26.03 -6.21
CA ILE B 649 -40.59 26.40 -5.75
C ILE B 649 -40.77 27.34 -4.58
N ASN B 650 -41.78 27.06 -3.77
CA ASN B 650 -42.09 27.91 -2.61
C ASN B 650 -41.21 27.58 -1.40
N ASP B 651 -41.10 28.53 -0.49
CA ASP B 651 -40.35 28.35 0.74
C ASP B 651 -38.90 28.04 0.42
N ASN B 652 -38.35 28.89 -0.45
CA ASN B 652 -36.93 28.92 -0.71
C ASN B 652 -36.47 30.30 -0.34
N MET B 653 -35.51 30.89 -1.05
CA MET B 653 -35.03 32.21 -0.68
C MET B 653 -34.72 33.03 -1.92
N LEU B 654 -35.50 32.81 -2.97
CA LEU B 654 -35.20 33.39 -4.28
C LEU B 654 -35.35 34.91 -4.31
N LYS B 655 -34.29 35.63 -4.69
CA LYS B 655 -34.37 37.09 -4.84
C LYS B 655 -34.78 37.47 -6.26
N PHE B 656 -34.43 36.62 -7.21
CA PHE B 656 -34.65 36.92 -8.61
C PHE B 656 -35.26 35.70 -9.33
N PHE B 657 -36.05 35.97 -10.36
CA PHE B 657 -36.66 34.89 -11.13
C PHE B 657 -36.63 35.21 -12.59
N ASN B 658 -36.10 34.29 -13.39
CA ASN B 658 -35.94 34.55 -14.81
C ASN B 658 -37.23 34.21 -15.55
N TRP B 659 -38.13 35.16 -15.52
CA TRP B 659 -39.44 34.95 -16.13
C TRP B 659 -39.32 34.55 -17.59
N THR B 660 -38.28 35.01 -18.31
CA THR B 660 -38.23 34.76 -19.77
C THR B 660 -38.06 33.26 -20.06
N LEU B 661 -37.80 32.50 -19.00
CA LEU B 661 -37.54 31.08 -19.13
C LEU B 661 -38.82 30.26 -19.30
N LEU B 662 -39.97 30.88 -19.04
CA LEU B 662 -41.26 30.20 -19.10
C LEU B 662 -41.70 29.80 -20.50
N GLN B 663 -40.98 30.28 -21.51
CA GLN B 663 -41.26 29.94 -22.91
C GLN B 663 -40.95 28.49 -23.27
N GLN B 664 -40.26 27.77 -22.39
CA GLN B 664 -39.87 26.41 -22.69
C GLN B 664 -40.80 25.46 -21.98
N PHE B 665 -41.77 26.03 -21.28
CA PHE B 665 -42.73 25.25 -20.50
C PHE B 665 -44.14 25.57 -20.95
N PRO B 666 -44.51 25.05 -22.13
CA PRO B 666 -45.76 25.40 -22.82
C PRO B 666 -47.02 24.72 -22.26
N ARG B 667 -46.85 23.78 -21.34
CA ARG B 667 -47.99 23.13 -20.68
C ARG B 667 -48.08 23.52 -19.20
N LEU B 668 -47.38 24.59 -18.83
CA LEU B 668 -47.31 24.98 -17.43
C LEU B 668 -48.55 25.76 -17.08
N GLU B 669 -49.32 25.22 -16.14
CA GLU B 669 -50.56 25.83 -15.67
C GLU B 669 -50.43 26.47 -14.30
N LEU B 670 -49.62 25.89 -13.42
CA LEU B 670 -49.49 26.42 -12.07
C LEU B 670 -48.02 26.71 -11.70
N LEU B 671 -47.73 27.94 -11.30
CA LEU B 671 -46.40 28.30 -10.81
C LEU B 671 -46.46 28.92 -9.43
N ASP B 672 -45.72 28.34 -8.49
CA ASP B 672 -45.89 28.61 -7.07
C ASP B 672 -44.57 29.11 -6.51
N LEU B 673 -44.50 30.39 -6.19
CA LEU B 673 -43.26 31.01 -5.74
C LEU B 673 -43.45 31.66 -4.38
N ARG B 674 -44.41 31.15 -3.64
CA ARG B 674 -44.71 31.68 -2.32
C ARG B 674 -43.53 31.53 -1.37
N GLY B 675 -43.41 32.48 -0.46
CA GLY B 675 -42.50 32.36 0.65
C GLY B 675 -41.09 32.41 0.15
N ASN B 676 -40.82 33.40 -0.67
CA ASN B 676 -39.47 33.61 -1.21
C ASN B 676 -39.12 35.04 -0.92
N LYS B 677 -38.18 35.63 -1.68
CA LYS B 677 -37.79 37.02 -1.45
C LYS B 677 -37.84 37.88 -2.72
N LEU B 678 -38.72 37.50 -3.64
CA LEU B 678 -38.79 38.16 -4.94
C LEU B 678 -39.12 39.63 -4.76
N LEU B 679 -38.41 40.46 -5.51
CA LEU B 679 -38.49 41.90 -5.33
C LEU B 679 -39.28 42.55 -6.44
N PHE B 680 -39.45 41.87 -7.57
CA PHE B 680 -40.19 42.47 -8.66
C PHE B 680 -40.70 41.45 -9.70
N LEU B 681 -41.73 41.84 -10.43
CA LEU B 681 -42.26 41.01 -11.51
C LEU B 681 -41.75 41.52 -12.84
N THR B 682 -41.62 40.60 -13.79
CA THR B 682 -41.46 40.95 -15.20
C THR B 682 -42.54 41.98 -15.57
N ASP B 683 -42.37 42.68 -16.68
CA ASP B 683 -43.48 43.44 -17.24
C ASP B 683 -44.00 42.84 -18.55
N SER B 684 -43.44 41.70 -18.94
CA SER B 684 -43.67 41.12 -20.27
C SER B 684 -44.33 39.71 -20.25
N LEU B 685 -45.13 39.42 -19.22
CA LEU B 685 -45.52 38.03 -18.92
C LEU B 685 -46.21 37.34 -20.09
N SER B 686 -47.05 38.10 -20.78
CA SER B 686 -47.77 37.63 -21.98
C SER B 686 -46.83 37.04 -23.00
N ASP B 687 -45.60 37.54 -23.00
CA ASP B 687 -44.60 37.13 -23.98
C ASP B 687 -43.85 35.87 -23.57
N PHE B 688 -43.92 35.52 -22.29
CA PHE B 688 -43.24 34.32 -21.81
C PHE B 688 -44.15 33.10 -21.62
N THR B 689 -45.46 33.32 -21.57
CA THR B 689 -46.39 32.18 -21.33
C THR B 689 -47.82 32.47 -21.78
N SER B 690 -48.43 31.45 -22.37
CA SER B 690 -49.85 31.50 -22.75
C SER B 690 -50.65 30.37 -22.09
N SER B 691 -50.06 29.73 -21.08
CA SER B 691 -50.60 28.49 -20.49
C SER B 691 -50.92 28.63 -18.99
N LEU B 692 -50.39 29.67 -18.36
CA LEU B 692 -50.36 29.77 -16.93
C LEU B 692 -51.71 30.22 -16.35
N ARG B 693 -52.34 29.36 -15.55
CA ARG B 693 -53.67 29.64 -14.95
C ARG B 693 -53.59 30.11 -13.51
N THR B 694 -52.65 29.55 -12.76
CA THR B 694 -52.51 29.89 -11.36
C THR B 694 -51.08 30.38 -11.10
N LEU B 695 -50.95 31.52 -10.45
CA LEU B 695 -49.63 32.10 -10.19
C LEU B 695 -49.56 32.58 -8.76
N LEU B 696 -48.84 31.85 -7.91
CA LEU B 696 -48.83 32.13 -6.49
C LEU B 696 -47.54 32.82 -6.06
N LEU B 697 -47.71 34.06 -5.59
CA LEU B 697 -46.59 34.89 -5.15
C LEU B 697 -46.77 35.38 -3.72
N SER B 698 -47.67 34.78 -2.97
CA SER B 698 -47.86 35.16 -1.58
C SER B 698 -46.48 35.26 -0.92
N HIS B 699 -46.31 36.21 -0.01
CA HIS B 699 -45.15 36.25 0.90
C HIS B 699 -43.87 36.40 0.11
N ASN B 700 -43.81 37.48 -0.63
CA ASN B 700 -42.56 37.90 -1.28
C ASN B 700 -42.32 39.37 -0.98
N ARG B 701 -41.47 40.04 -1.73
CA ARG B 701 -41.14 41.42 -1.37
C ARG B 701 -41.47 42.35 -2.50
N ILE B 702 -42.54 42.07 -3.20
CA ILE B 702 -42.89 42.83 -4.37
C ILE B 702 -43.63 44.11 -3.98
N SER B 703 -43.12 45.19 -4.58
CA SER B 703 -43.32 46.56 -4.16
C SER B 703 -44.27 47.21 -5.16
N HIS B 704 -44.10 46.87 -6.43
CA HIS B 704 -44.83 47.52 -7.51
C HIS B 704 -45.38 46.47 -8.48
N LEU B 705 -46.61 46.68 -8.94
CA LEU B 705 -47.22 45.80 -9.90
C LEU B 705 -46.97 46.38 -11.29
N PRO B 706 -46.35 45.60 -12.19
CA PRO B 706 -45.95 46.17 -13.46
C PRO B 706 -47.14 46.65 -14.28
N SER B 707 -46.99 47.80 -14.91
CA SER B 707 -48.00 48.31 -15.83
C SER B 707 -48.46 47.20 -16.78
N GLY B 708 -49.76 47.09 -16.99
CA GLY B 708 -50.32 46.11 -17.89
C GLY B 708 -50.45 44.70 -17.32
N PHE B 709 -49.96 44.45 -16.10
CA PHE B 709 -49.94 43.10 -15.55
C PHE B 709 -51.33 42.47 -15.40
N LEU B 710 -52.30 43.25 -14.90
CA LEU B 710 -53.65 42.76 -14.59
C LEU B 710 -54.47 42.37 -15.83
N SER B 711 -54.00 42.80 -17.00
CA SER B 711 -54.62 42.41 -18.27
C SER B 711 -53.56 41.86 -19.23
N GLU B 712 -52.50 41.27 -18.70
CA GLU B 712 -51.48 40.67 -19.55
C GLU B 712 -52.01 39.39 -20.19
N VAL B 713 -52.42 38.45 -19.33
CA VAL B 713 -52.49 37.04 -19.72
C VAL B 713 -53.92 36.52 -19.83
N SER B 714 -54.17 35.79 -20.90
CA SER B 714 -55.50 35.27 -21.21
C SER B 714 -55.78 34.01 -20.39
N SER B 715 -54.75 33.20 -20.21
CA SER B 715 -54.90 31.94 -19.48
C SER B 715 -55.02 32.14 -17.97
N LEU B 716 -54.74 33.36 -17.48
CA LEU B 716 -54.54 33.56 -16.05
C LEU B 716 -55.80 33.72 -15.21
N LYS B 717 -56.28 32.60 -14.68
CA LYS B 717 -57.45 32.57 -13.80
C LYS B 717 -57.19 33.10 -12.41
N HIS B 718 -56.04 32.83 -11.83
CA HIS B 718 -55.86 33.01 -10.39
C HIS B 718 -54.48 33.61 -10.09
N LEU B 719 -54.45 34.71 -9.35
CA LEU B 719 -53.21 35.43 -9.04
C LEU B 719 -53.17 35.81 -7.57
N ASP B 720 -52.16 35.33 -6.88
CA ASP B 720 -52.07 35.52 -5.44
C ASP B 720 -50.90 36.43 -5.10
N LEU B 721 -51.18 37.65 -4.68
CA LEU B 721 -50.18 38.62 -4.22
C LEU B 721 -50.38 39.03 -2.76
N SER B 722 -51.04 38.20 -1.97
CA SER B 722 -51.18 38.48 -0.57
C SER B 722 -49.80 38.58 0.09
N SER B 723 -49.72 39.29 1.20
CA SER B 723 -48.51 39.34 2.00
C SER B 723 -47.31 39.72 1.16
N ASN B 724 -47.42 40.81 0.41
CA ASN B 724 -46.27 41.43 -0.23
C ASN B 724 -46.06 42.88 0.22
N LEU B 725 -45.47 43.73 -0.62
CA LEU B 725 -45.27 45.13 -0.22
C LEU B 725 -45.95 46.15 -1.16
N LEU B 726 -47.12 45.79 -1.66
CA LEU B 726 -47.87 46.71 -2.51
C LEU B 726 -48.43 47.89 -1.72
N LYS B 727 -47.99 49.08 -2.11
CA LYS B 727 -48.52 50.34 -1.58
C LYS B 727 -49.74 50.79 -2.40
N THR B 728 -49.75 50.45 -3.68
CA THR B 728 -50.84 50.82 -4.57
C THR B 728 -51.03 49.74 -5.63
N ILE B 729 -52.06 49.93 -6.45
CA ILE B 729 -52.10 49.29 -7.75
C ILE B 729 -52.53 50.35 -8.73
N ASN B 730 -51.55 51.03 -9.31
CA ASN B 730 -51.83 52.23 -10.09
C ASN B 730 -52.66 51.90 -11.33
N LYS B 731 -53.44 52.90 -11.76
CA LYS B 731 -54.46 52.73 -12.79
C LYS B 731 -53.99 51.76 -13.87
N SER B 732 -52.82 52.07 -14.42
CA SER B 732 -52.13 51.23 -15.40
C SER B 732 -52.44 49.75 -15.20
N ALA B 733 -51.81 49.14 -14.20
CA ALA B 733 -51.89 47.70 -13.99
C ALA B 733 -53.32 47.18 -14.13
N LYS B 741 -59.70 36.19 -18.31
CA LYS B 741 -60.12 34.98 -17.60
C LYS B 741 -59.97 35.14 -16.11
N LEU B 742 -59.44 36.29 -15.71
CA LEU B 742 -59.11 36.51 -14.33
C LEU B 742 -60.32 36.35 -13.43
N SER B 743 -60.24 35.37 -12.53
CA SER B 743 -61.34 34.96 -11.69
C SER B 743 -61.08 35.28 -10.20
N MET B 744 -59.82 35.25 -9.77
CA MET B 744 -59.48 35.51 -8.37
C MET B 744 -58.18 36.28 -8.21
N LEU B 745 -58.15 37.14 -7.20
CA LEU B 745 -57.03 38.03 -6.99
C LEU B 745 -56.88 38.23 -5.51
N GLU B 746 -55.74 37.82 -4.95
CA GLU B 746 -55.53 37.88 -3.50
C GLU B 746 -54.59 39.00 -3.12
N LEU B 747 -55.00 39.84 -2.19
CA LEU B 747 -54.24 41.02 -1.84
C LEU B 747 -54.19 41.30 -0.36
N HIS B 748 -54.78 40.43 0.44
CA HIS B 748 -54.72 40.62 1.87
C HIS B 748 -53.25 40.68 2.31
N GLY B 749 -52.97 41.46 3.34
CA GLY B 749 -51.62 41.50 3.90
C GLY B 749 -50.70 42.56 3.34
N ASN B 750 -51.05 43.16 2.22
CA ASN B 750 -50.26 44.29 1.69
C ASN B 750 -50.44 45.61 2.44
N PRO B 751 -49.44 46.50 2.36
CA PRO B 751 -49.49 47.77 3.05
C PRO B 751 -49.87 48.94 2.13
N PHE B 752 -51.16 49.01 1.80
CA PHE B 752 -51.66 50.03 0.90
C PHE B 752 -51.63 51.44 1.49
N GLU B 753 -51.17 52.37 0.66
CA GLU B 753 -51.38 53.80 0.87
C GLU B 753 -52.82 54.17 0.52
N CYS B 754 -53.58 54.61 1.52
CA CYS B 754 -55.03 54.81 1.37
C CYS B 754 -55.40 56.28 1.17
N THR B 755 -54.69 56.93 0.26
CA THR B 755 -55.01 58.27 -0.17
C THR B 755 -55.84 58.19 -1.45
N CYS B 756 -55.97 59.31 -2.16
CA CYS B 756 -56.76 59.37 -3.38
C CYS B 756 -56.17 58.54 -4.52
N ASP B 757 -54.89 58.23 -4.44
CA ASP B 757 -54.25 57.41 -5.48
C ASP B 757 -54.94 56.06 -5.56
N ILE B 758 -55.43 55.59 -4.42
CA ILE B 758 -55.98 54.26 -4.32
C ILE B 758 -57.30 54.11 -5.07
N GLY B 759 -58.00 55.22 -5.28
CA GLY B 759 -59.36 55.19 -5.79
C GLY B 759 -59.50 54.54 -7.16
N ASP B 760 -58.47 54.70 -7.99
CA ASP B 760 -58.47 54.15 -9.34
C ASP B 760 -58.63 52.62 -9.29
N PHE B 761 -58.10 52.02 -8.22
CA PHE B 761 -58.23 50.59 -8.05
C PHE B 761 -59.62 50.19 -7.52
N ARG B 762 -60.06 50.85 -6.46
CA ARG B 762 -61.45 50.75 -6.02
C ARG B 762 -62.45 50.83 -7.18
N ARG B 763 -62.28 51.86 -8.01
CA ARG B 763 -63.02 52.00 -9.26
C ARG B 763 -62.94 50.70 -10.07
N TRP B 764 -61.72 50.18 -10.17
CA TRP B 764 -61.48 48.95 -10.91
C TRP B 764 -62.23 47.75 -10.29
N MET B 765 -62.27 47.69 -8.96
CA MET B 765 -62.95 46.60 -8.25
C MET B 765 -64.44 46.60 -8.56
N ASP B 766 -65.03 47.79 -8.54
CA ASP B 766 -66.46 47.94 -8.82
C ASP B 766 -66.80 47.52 -10.23
N GLU B 767 -65.97 47.91 -11.18
CA GLU B 767 -66.23 47.60 -12.58
C GLU B 767 -65.89 46.15 -12.97
N HIS B 768 -65.50 45.31 -12.01
CA HIS B 768 -65.20 43.89 -12.29
C HIS B 768 -65.62 42.94 -11.17
N LEU B 769 -66.91 42.86 -10.88
CA LEU B 769 -67.37 42.06 -9.76
C LEU B 769 -67.12 40.57 -10.00
N ASN B 770 -66.90 40.18 -11.25
CA ASN B 770 -66.61 38.78 -11.58
C ASN B 770 -65.18 38.36 -11.14
N VAL B 771 -64.45 39.28 -10.52
CA VAL B 771 -63.10 39.04 -9.98
C VAL B 771 -63.19 38.91 -8.47
N LYS B 772 -63.25 37.68 -7.98
CA LYS B 772 -63.33 37.48 -6.53
C LYS B 772 -62.08 38.06 -5.84
N ILE B 773 -62.27 38.65 -4.66
CA ILE B 773 -61.18 39.18 -3.88
C ILE B 773 -61.48 38.89 -2.42
N PRO B 774 -61.06 37.71 -1.92
CA PRO B 774 -61.40 37.25 -0.58
C PRO B 774 -60.71 38.04 0.51
N ARG B 775 -61.28 38.02 1.71
CA ARG B 775 -60.65 38.63 2.88
C ARG B 775 -60.44 40.13 2.73
N LEU B 776 -61.43 40.82 2.18
CA LEU B 776 -61.38 42.29 2.02
C LEU B 776 -61.29 43.03 3.36
N VAL B 777 -61.89 42.44 4.40
CA VAL B 777 -61.61 42.84 5.78
C VAL B 777 -60.12 42.91 6.02
N ASP B 778 -59.36 42.00 5.40
CA ASP B 778 -57.92 41.86 5.68
C ASP B 778 -57.04 42.56 4.66
N VAL B 779 -57.65 43.09 3.60
CA VAL B 779 -56.96 44.02 2.72
C VAL B 779 -57.00 45.42 3.34
N ILE B 780 -55.96 45.75 4.12
CA ILE B 780 -55.98 46.87 5.05
C ILE B 780 -55.05 47.99 4.57
N CYS B 781 -55.39 49.21 4.97
CA CYS B 781 -54.52 50.36 4.81
C CYS B 781 -53.43 50.35 5.86
N ALA B 782 -52.22 50.68 5.43
CA ALA B 782 -51.14 51.00 6.34
C ALA B 782 -51.09 52.49 6.65
N SER B 783 -51.39 53.31 5.64
CA SER B 783 -51.28 54.78 5.74
C SER B 783 -52.43 55.39 4.96
N PRO B 784 -52.76 56.67 5.21
CA PRO B 784 -52.13 57.48 6.27
C PRO B 784 -52.66 57.18 7.67
N GLY B 785 -52.18 57.95 8.66
CA GLY B 785 -52.42 57.63 10.07
C GLY B 785 -53.88 57.49 10.44
N ASP B 786 -54.73 58.22 9.73
CA ASP B 786 -56.18 58.19 9.97
C ASP B 786 -56.88 57.12 9.12
N GLN B 787 -56.12 56.38 8.32
CA GLN B 787 -56.65 55.23 7.61
C GLN B 787 -56.06 53.91 8.09
N ARG B 788 -54.92 53.96 8.76
CA ARG B 788 -54.35 52.75 9.33
C ARG B 788 -55.49 51.96 9.94
N GLY B 789 -55.59 50.69 9.59
CA GLY B 789 -56.51 49.77 10.25
C GLY B 789 -57.73 49.43 9.41
N LYS B 790 -58.06 50.29 8.44
CA LYS B 790 -59.35 50.21 7.76
C LYS B 790 -59.18 49.50 6.44
N SER B 791 -60.00 48.49 6.19
CA SER B 791 -60.10 47.92 4.87
C SER B 791 -60.15 49.03 3.83
N ILE B 792 -59.67 48.73 2.63
CA ILE B 792 -59.51 49.74 1.60
C ILE B 792 -60.82 49.97 0.85
N VAL B 793 -61.85 49.23 1.22
CA VAL B 793 -63.19 49.48 0.70
C VAL B 793 -63.87 50.61 1.49
N SER B 794 -63.45 50.84 2.73
CA SER B 794 -64.19 51.72 3.64
C SER B 794 -63.61 53.12 3.68
N LEU B 795 -63.57 53.78 2.52
CA LEU B 795 -62.84 55.04 2.38
C LEU B 795 -63.80 56.13 1.91
N ARG C 10 65.59 3.38 10.61
CA ARG C 10 64.97 2.35 9.73
C ARG C 10 65.38 0.94 10.14
N SER C 11 64.46 0.20 10.73
CA SER C 11 64.78 -1.12 11.26
C SER C 11 64.81 -2.14 10.14
N TYR C 12 65.92 -2.88 10.07
CA TYR C 12 66.04 -4.11 9.32
C TYR C 12 66.36 -5.18 10.36
N PRO C 13 65.68 -6.32 10.33
CA PRO C 13 64.78 -6.71 9.25
C PRO C 13 63.32 -6.54 9.64
N CYS C 14 63.04 -6.57 10.94
CA CYS C 14 61.69 -6.49 11.42
C CYS C 14 61.22 -5.04 11.31
N ASP C 15 60.18 -4.83 10.50
CA ASP C 15 59.49 -3.54 10.45
C ASP C 15 59.00 -3.19 11.85
N GLU C 16 59.44 -2.04 12.36
CA GLU C 16 59.14 -1.60 13.74
C GLU C 16 58.06 -0.51 13.74
N LYS C 17 57.00 -0.72 14.52
CA LYS C 17 55.88 0.22 14.52
C LYS C 17 55.25 0.35 15.90
N VAL C 23 55.51 -1.02 21.88
CA VAL C 23 56.40 -1.24 20.76
C VAL C 23 56.24 -2.64 20.20
N ILE C 24 56.21 -2.75 18.86
CA ILE C 24 56.02 -4.04 18.18
C ILE C 24 57.05 -4.22 17.08
N ALA C 25 57.54 -5.45 16.93
CA ALA C 25 58.42 -5.80 15.85
C ALA C 25 57.85 -6.94 15.04
N GLU C 26 56.97 -6.64 14.09
CA GLU C 26 56.52 -7.66 13.16
C GLU C 26 57.76 -8.17 12.46
N CYS C 27 58.12 -9.43 12.75
CA CYS C 27 59.31 -10.02 12.17
C CYS C 27 59.03 -11.43 11.60
N SER C 28 57.82 -11.62 11.08
CA SER C 28 57.39 -12.94 10.63
C SER C 28 57.69 -13.17 9.15
N ASN C 29 57.71 -14.43 8.76
CA ASN C 29 57.72 -14.81 7.35
C ASN C 29 58.75 -13.99 6.58
N ARG C 30 60.01 -14.10 7.01
CA ARG C 30 61.08 -13.28 6.47
C ARG C 30 62.32 -14.08 6.08
N ARG C 31 62.20 -15.40 6.04
CA ARG C 31 63.27 -16.31 5.58
C ARG C 31 64.53 -16.24 6.47
N LEU C 32 64.32 -16.09 7.77
CA LEU C 32 65.42 -15.91 8.73
C LEU C 32 65.95 -17.26 9.21
N GLN C 33 67.25 -17.46 9.04
CA GLN C 33 67.93 -18.64 9.57
C GLN C 33 68.29 -18.46 11.05
N GLU C 34 68.84 -17.31 11.39
CA GLU C 34 69.16 -16.99 12.78
C GLU C 34 68.20 -15.94 13.30
N VAL C 35 67.89 -16.00 14.59
CA VAL C 35 67.26 -14.86 15.26
C VAL C 35 68.13 -13.63 15.03
N PRO C 36 67.51 -12.50 14.67
CA PRO C 36 68.33 -11.34 14.34
C PRO C 36 68.84 -10.68 15.62
N GLN C 37 70.12 -10.35 15.63
CA GLN C 37 70.67 -9.50 16.68
C GLN C 37 70.42 -8.02 16.35
N THR C 38 70.10 -7.76 15.08
CA THR C 38 69.91 -6.40 14.56
C THR C 38 68.62 -5.74 15.03
N VAL C 39 68.07 -6.21 16.15
CA VAL C 39 66.80 -5.69 16.65
C VAL C 39 67.03 -4.46 17.51
N GLY C 40 66.11 -3.50 17.44
CA GLY C 40 66.13 -2.37 18.36
C GLY C 40 65.81 -2.82 19.76
N LYS C 41 66.35 -2.12 20.75
CA LYS C 41 66.26 -2.55 22.15
C LYS C 41 64.94 -2.14 22.83
N TYR C 42 64.32 -1.07 22.33
CA TYR C 42 63.09 -0.53 22.95
C TYR C 42 61.83 -1.39 22.73
N VAL C 43 61.96 -2.44 21.93
CA VAL C 43 60.81 -3.25 21.51
C VAL C 43 60.29 -4.11 22.65
N THR C 44 58.97 -4.35 22.65
CA THR C 44 58.31 -5.10 23.73
C THR C 44 57.50 -6.32 23.26
N GLU C 45 57.28 -6.46 21.95
CA GLU C 45 56.71 -7.70 21.39
C GLU C 45 57.40 -8.06 20.09
N LEU C 46 58.09 -9.18 20.10
CA LEU C 46 58.75 -9.67 18.91
C LEU C 46 57.97 -10.85 18.39
N ASP C 47 57.74 -10.86 17.08
CA ASP C 47 57.17 -12.01 16.39
C ASP C 47 58.14 -12.50 15.34
N LEU C 48 58.54 -13.76 15.46
CA LEU C 48 59.51 -14.34 14.54
C LEU C 48 58.97 -15.64 13.92
N SER C 49 57.66 -15.76 13.86
CA SER C 49 57.04 -16.93 13.25
C SER C 49 57.28 -16.99 11.73
N ASP C 50 56.99 -18.17 11.17
CA ASP C 50 57.10 -18.39 9.74
C ASP C 50 58.48 -18.09 9.18
N ASN C 51 59.50 -18.35 10.01
CA ASN C 51 60.90 -18.29 9.59
C ASN C 51 61.59 -19.66 9.62
N PHE C 52 62.82 -19.72 9.13
CA PHE C 52 63.55 -20.98 9.02
C PHE C 52 64.53 -21.14 10.18
N ILE C 53 64.09 -20.86 11.40
CA ILE C 53 64.99 -20.81 12.54
C ILE C 53 65.25 -22.17 13.18
N THR C 54 66.52 -22.56 13.27
CA THR C 54 66.90 -23.87 13.81
C THR C 54 67.16 -23.78 15.33
N HIS C 55 68.07 -22.90 15.74
CA HIS C 55 68.61 -22.93 17.10
C HIS C 55 68.19 -21.69 17.88
N ILE C 56 67.96 -21.87 19.18
CA ILE C 56 67.57 -20.76 20.06
C ILE C 56 68.22 -20.86 21.44
N THR C 57 69.24 -20.03 21.66
CA THR C 57 70.05 -20.09 22.87
C THR C 57 69.82 -18.88 23.76
N ASN C 58 70.48 -18.85 24.92
CA ASN C 58 70.46 -17.65 25.75
C ASN C 58 71.07 -16.45 25.02
N GLU C 59 72.13 -16.71 24.24
CA GLU C 59 72.77 -15.67 23.42
C GLU C 59 71.80 -15.05 22.41
N SER C 60 70.97 -15.88 21.78
CA SER C 60 70.10 -15.42 20.69
C SER C 60 69.26 -14.20 21.08
N PHE C 61 68.77 -14.18 22.31
CA PHE C 61 68.04 -13.02 22.83
C PHE C 61 68.91 -12.25 23.82
N GLN C 62 70.08 -11.81 23.35
CA GLN C 62 71.16 -11.35 24.24
C GLN C 62 70.87 -10.00 24.89
N GLY C 63 70.42 -9.03 24.09
CA GLY C 63 70.41 -7.63 24.52
C GLY C 63 69.03 -7.04 24.63
N LEU C 64 68.03 -7.90 24.87
CA LEU C 64 66.64 -7.46 24.95
C LEU C 64 66.09 -7.71 26.35
N GLN C 65 65.61 -6.65 27.01
CA GLN C 65 65.10 -6.77 28.38
C GLN C 65 63.74 -6.14 28.61
N ASN C 66 63.18 -5.49 27.60
CA ASN C 66 61.85 -4.88 27.70
C ASN C 66 60.74 -5.80 27.14
N LEU C 67 61.11 -7.00 26.71
CA LEU C 67 60.20 -7.86 25.95
C LEU C 67 59.12 -8.45 26.82
N THR C 68 57.88 -8.33 26.38
CA THR C 68 56.74 -8.87 27.12
C THR C 68 56.04 -10.03 26.39
N LYS C 69 56.17 -10.08 25.07
CA LYS C 69 55.64 -11.20 24.28
C LYS C 69 56.68 -11.68 23.26
N ILE C 70 56.79 -12.99 23.06
CA ILE C 70 57.51 -13.55 21.92
C ILE C 70 56.68 -14.61 21.20
N ASN C 71 56.65 -14.55 19.88
CA ASN C 71 55.97 -15.55 19.06
C ASN C 71 56.95 -16.25 18.14
N LEU C 72 57.01 -17.58 18.25
CA LEU C 72 58.02 -18.35 17.54
C LEU C 72 57.43 -19.50 16.75
N ASN C 73 56.18 -19.37 16.34
CA ASN C 73 55.47 -20.45 15.67
C ASN C 73 56.08 -20.83 14.33
N HIS C 74 55.79 -22.04 13.88
CA HIS C 74 56.21 -22.52 12.56
C HIS C 74 57.70 -22.27 12.30
N ASN C 75 58.54 -22.74 13.21
CA ASN C 75 59.98 -22.71 12.97
C ASN C 75 60.60 -24.09 13.11
N PRO C 76 61.49 -24.43 12.17
CA PRO C 76 61.55 -23.75 10.90
C PRO C 76 60.33 -24.09 10.06
N ASN C 77 60.16 -23.41 8.93
CA ASN C 77 58.95 -23.59 8.13
C ASN C 77 59.10 -24.47 6.87
N VAL C 78 59.88 -25.55 6.98
CA VAL C 78 59.71 -26.78 6.18
C VAL C 78 60.76 -27.81 6.60
N GLY C 91 63.47 -30.16 13.68
CA GLY C 91 63.05 -29.62 14.98
C GLY C 91 63.51 -28.18 15.22
N LEU C 92 63.12 -27.62 16.37
CA LEU C 92 63.67 -26.34 16.86
C LEU C 92 64.52 -26.51 18.14
N ASN C 93 65.79 -26.15 18.05
CA ASN C 93 66.71 -26.24 19.19
C ASN C 93 66.34 -25.27 20.31
N ILE C 94 66.23 -25.81 21.51
CA ILE C 94 65.69 -25.09 22.64
C ILE C 94 66.61 -25.27 23.86
N THR C 95 67.87 -24.86 23.70
CA THR C 95 68.92 -25.11 24.70
C THR C 95 68.46 -24.64 26.09
N ASP C 96 68.71 -25.49 27.09
CA ASP C 96 68.07 -25.35 28.38
C ASP C 96 68.26 -23.94 28.90
N GLY C 97 67.21 -23.35 29.43
CA GLY C 97 67.27 -21.99 29.94
C GLY C 97 67.93 -21.06 28.93
N ALA C 98 67.37 -21.00 27.73
CA ALA C 98 67.78 -20.00 26.76
C ALA C 98 66.86 -18.78 26.85
N PHE C 99 65.72 -18.95 27.51
CA PHE C 99 64.81 -17.84 27.82
C PHE C 99 65.12 -17.27 29.18
N LEU C 100 65.65 -18.11 30.06
CA LEU C 100 65.83 -17.79 31.46
C LEU C 100 66.06 -16.30 31.72
N ASN C 101 66.93 -15.69 30.91
CA ASN C 101 67.40 -14.32 31.15
C ASN C 101 66.34 -13.23 31.05
N LEU C 102 65.26 -13.52 30.32
CA LEU C 102 64.23 -12.51 30.04
C LEU C 102 63.16 -12.51 31.14
N LYS C 103 63.12 -11.43 31.91
CA LYS C 103 62.33 -11.37 33.16
C LYS C 103 60.96 -10.72 32.92
N ASN C 104 60.87 -9.89 31.88
CA ASN C 104 59.62 -9.24 31.51
C ASN C 104 58.75 -10.07 30.56
N LEU C 105 59.17 -11.31 30.29
CA LEU C 105 58.47 -12.20 29.37
C LEU C 105 57.19 -12.79 29.97
N ARG C 106 56.04 -12.42 29.42
CA ARG C 106 54.74 -12.82 29.96
C ARG C 106 53.95 -13.75 29.01
N GLU C 107 54.23 -13.66 27.72
CA GLU C 107 53.59 -14.53 26.74
C GLU C 107 54.63 -15.10 25.79
N LEU C 108 54.77 -16.42 25.80
CA LEU C 108 55.65 -17.07 24.86
C LEU C 108 54.86 -18.09 24.04
N LEU C 109 55.01 -18.02 22.71
CA LEU C 109 54.24 -18.86 21.79
C LEU C 109 55.17 -19.76 20.97
N LEU C 110 55.01 -21.07 21.15
CA LEU C 110 55.87 -22.07 20.53
C LEU C 110 55.05 -23.17 19.89
N GLU C 111 54.36 -22.83 18.79
CA GLU C 111 53.51 -23.76 18.08
C GLU C 111 54.22 -24.29 16.86
N ASP C 112 53.98 -25.55 16.53
CA ASP C 112 54.46 -26.12 15.27
C ASP C 112 55.97 -25.97 15.12
N ASN C 113 56.70 -26.38 16.16
CA ASN C 113 58.15 -26.39 16.12
C ASN C 113 58.76 -27.78 16.26
N GLN C 114 57.92 -28.81 16.17
CA GLN C 114 58.34 -30.22 16.21
C GLN C 114 58.80 -30.68 17.60
N LEU C 115 58.73 -29.79 18.59
CA LEU C 115 59.43 -29.99 19.86
C LEU C 115 59.04 -31.26 20.63
N PRO C 116 60.06 -32.03 21.08
CA PRO C 116 59.88 -33.31 21.79
C PRO C 116 59.62 -33.17 23.30
N GLN C 117 60.20 -32.14 23.92
CA GLN C 117 59.96 -31.84 25.33
C GLN C 117 59.53 -30.41 25.56
N ILE C 118 58.93 -30.18 26.73
CA ILE C 118 58.58 -28.84 27.20
C ILE C 118 59.82 -28.09 27.66
N PRO C 119 60.25 -27.07 26.90
CA PRO C 119 61.61 -26.51 27.01
C PRO C 119 62.14 -26.42 28.44
N SER C 120 63.43 -26.71 28.61
CA SER C 120 64.06 -26.66 29.91
C SER C 120 64.49 -25.23 30.21
N GLY C 121 64.08 -24.73 31.37
CA GLY C 121 64.57 -23.45 31.90
C GLY C 121 63.76 -22.23 31.49
N LEU C 122 62.47 -22.25 31.83
CA LEU C 122 61.52 -21.22 31.39
C LEU C 122 61.25 -20.17 32.48
N PRO C 123 61.28 -18.87 32.11
CA PRO C 123 60.99 -17.75 33.01
C PRO C 123 59.64 -17.85 33.73
N GLU C 124 59.60 -17.37 34.97
CA GLU C 124 58.41 -17.51 35.84
C GLU C 124 57.43 -16.36 35.64
N SER C 125 57.88 -15.33 34.94
CA SER C 125 57.03 -14.20 34.60
C SER C 125 55.97 -14.60 33.55
N LEU C 126 56.13 -15.78 32.96
CA LEU C 126 55.27 -16.25 31.85
C LEU C 126 53.82 -16.49 32.25
N THR C 127 52.93 -15.69 31.68
CA THR C 127 51.50 -15.73 31.96
C THR C 127 50.71 -16.50 30.88
N GLU C 128 51.14 -16.38 29.63
CA GLU C 128 50.63 -17.21 28.54
C GLU C 128 51.76 -17.95 27.88
N LEU C 129 51.67 -19.28 27.89
CA LEU C 129 52.55 -20.11 27.08
C LEU C 129 51.70 -21.06 26.25
N SER C 130 52.06 -21.20 24.99
CA SER C 130 51.33 -22.06 24.07
C SER C 130 52.28 -23.00 23.36
N LEU C 131 51.89 -24.28 23.39
CA LEU C 131 52.72 -25.35 22.84
C LEU C 131 51.89 -26.30 21.97
N ILE C 132 51.28 -25.76 20.91
CA ILE C 132 50.35 -26.52 20.09
C ILE C 132 51.10 -27.09 18.89
N GLN C 133 50.66 -28.26 18.44
CA GLN C 133 51.20 -28.86 17.22
C GLN C 133 52.68 -29.16 17.37
N ASN C 134 53.03 -29.69 18.53
CA ASN C 134 54.37 -30.18 18.79
C ASN C 134 54.29 -31.63 19.24
N ASN C 135 55.45 -32.27 19.39
CA ASN C 135 55.52 -33.71 19.70
C ASN C 135 55.75 -33.96 21.19
N ILE C 136 54.87 -33.41 22.02
CA ILE C 136 55.05 -33.43 23.44
C ILE C 136 54.07 -34.43 24.02
N TYR C 137 54.60 -35.55 24.52
CA TYR C 137 53.76 -36.58 25.13
C TYR C 137 54.00 -36.70 26.64
N ASN C 138 54.89 -35.87 27.18
CA ASN C 138 55.20 -35.85 28.61
C ASN C 138 54.95 -34.48 29.26
N ILE C 139 54.01 -34.43 30.21
CA ILE C 139 53.76 -33.20 30.98
C ILE C 139 54.49 -33.19 32.33
N THR C 140 55.80 -32.93 32.25
CA THR C 140 56.69 -33.00 33.40
C THR C 140 56.40 -31.89 34.41
N LYS C 141 57.13 -31.88 35.51
CA LYS C 141 57.14 -30.75 36.44
C LYS C 141 58.43 -29.96 36.34
N GLU C 142 59.50 -30.63 35.92
CA GLU C 142 60.77 -29.93 35.68
C GLU C 142 60.54 -28.79 34.69
N GLY C 143 59.60 -28.99 33.76
CA GLY C 143 59.28 -27.96 32.78
C GLY C 143 58.31 -26.89 33.27
N ILE C 144 57.39 -27.27 34.17
CA ILE C 144 56.15 -26.51 34.38
C ILE C 144 55.93 -25.95 35.80
N SER C 145 56.16 -26.79 36.82
CA SER C 145 55.80 -26.42 38.19
C SER C 145 56.30 -25.04 38.60
N ARG C 146 57.40 -24.60 37.99
CA ARG C 146 58.04 -23.34 38.35
C ARG C 146 57.27 -22.08 37.92
N LEU C 147 56.38 -22.20 36.94
CA LEU C 147 55.75 -21.03 36.32
C LEU C 147 54.39 -20.72 36.96
N ILE C 148 54.42 -20.08 38.11
CA ILE C 148 53.23 -19.86 38.92
C ILE C 148 52.39 -18.73 38.33
N ASN C 149 52.98 -18.01 37.37
CA ASN C 149 52.31 -16.87 36.75
C ASN C 149 51.50 -17.23 35.50
N LEU C 150 51.53 -18.50 35.10
CA LEU C 150 50.72 -18.97 33.98
C LEU C 150 49.23 -18.73 34.21
N LYS C 151 48.60 -18.00 33.29
CA LYS C 151 47.15 -17.84 33.25
C LYS C 151 46.55 -18.80 32.25
N ASN C 152 47.04 -18.73 31.01
CA ASN C 152 46.51 -19.57 29.94
C ASN C 152 47.55 -20.57 29.49
N LEU C 153 47.14 -21.82 29.40
CA LEU C 153 48.04 -22.91 29.04
C LEU C 153 47.49 -23.72 27.89
N TYR C 154 48.24 -23.71 26.80
CA TYR C 154 47.79 -24.30 25.53
C TYR C 154 48.66 -25.49 25.18
N LEU C 155 48.09 -26.70 25.28
CA LEU C 155 48.82 -27.92 24.90
C LEU C 155 48.05 -28.83 23.95
N ALA C 156 47.06 -28.30 23.26
CA ALA C 156 46.22 -29.10 22.37
C ALA C 156 46.98 -29.57 21.14
N TRP C 157 46.44 -30.61 20.51
CA TRP C 157 46.93 -31.10 19.22
C TRP C 157 48.38 -31.59 19.23
N ASN C 158 48.73 -32.41 20.22
CA ASN C 158 50.06 -33.06 20.20
C ASN C 158 50.04 -34.53 19.76
N CYS C 159 48.93 -35.22 20.03
CA CYS C 159 48.78 -36.60 19.58
C CYS C 159 47.32 -36.93 19.25
N TYR C 160 47.08 -37.26 17.98
CA TYR C 160 45.73 -37.31 17.46
C TYR C 160 45.67 -38.10 16.14
N PHE C 161 44.48 -38.58 15.81
CA PHE C 161 44.27 -39.32 14.57
C PHE C 161 45.32 -40.42 14.43
N ASN C 162 45.90 -40.55 13.23
CA ASN C 162 46.86 -41.63 12.96
C ASN C 162 48.25 -41.05 12.96
N LYS C 163 48.47 -40.01 13.74
CA LYS C 163 49.82 -39.49 13.93
C LYS C 163 50.66 -40.59 14.55
N VAL C 164 51.92 -40.66 14.11
CA VAL C 164 52.96 -41.44 14.80
C VAL C 164 53.38 -40.74 16.11
N CYS C 165 52.70 -41.11 17.19
CA CYS C 165 52.96 -40.54 18.51
C CYS C 165 52.56 -41.52 19.62
N GLU C 166 53.20 -41.37 20.77
CA GLU C 166 52.83 -42.12 21.98
C GLU C 166 51.71 -41.37 22.72
N LYS C 167 50.96 -42.10 23.55
CA LYS C 167 50.01 -41.48 24.48
C LYS C 167 50.69 -40.40 25.31
N THR C 168 49.89 -39.59 26.00
CA THR C 168 50.40 -38.39 26.64
C THR C 168 50.36 -38.60 28.17
N ASN C 169 51.48 -38.28 28.84
CA ASN C 169 51.67 -38.51 30.28
C ASN C 169 51.45 -37.26 31.13
N ILE C 170 50.49 -37.34 32.06
CA ILE C 170 50.10 -36.23 32.92
C ILE C 170 50.68 -36.35 34.33
N GLU C 171 51.94 -35.94 34.51
CA GLU C 171 52.62 -36.13 35.79
C GLU C 171 51.71 -35.66 36.91
N ASP C 172 51.40 -36.55 37.84
CA ASP C 172 50.29 -36.37 38.78
C ASP C 172 50.39 -35.05 39.55
N GLY C 173 49.49 -34.11 39.24
CA GLY C 173 49.35 -32.86 39.99
C GLY C 173 50.20 -31.71 39.47
N VAL C 174 50.68 -31.82 38.23
CA VAL C 174 51.62 -30.84 37.67
C VAL C 174 51.00 -29.46 37.47
N PHE C 175 49.67 -29.36 37.47
CA PHE C 175 48.98 -28.09 37.28
C PHE C 175 48.70 -27.37 38.61
N GLU C 176 49.08 -28.01 39.72
CA GLU C 176 48.68 -27.54 41.05
C GLU C 176 49.46 -26.29 41.45
N THR C 177 50.79 -26.37 41.31
CA THR C 177 51.65 -25.21 41.47
C THR C 177 51.13 -23.99 40.72
N LEU C 178 50.57 -24.23 39.52
CA LEU C 178 49.93 -23.19 38.73
C LEU C 178 48.57 -22.85 39.32
N THR C 179 48.52 -21.81 40.14
CA THR C 179 47.33 -21.48 40.93
C THR C 179 46.57 -20.29 40.35
N ASN C 180 47.25 -19.52 39.49
CA ASN C 180 46.58 -18.46 38.75
C ASN C 180 45.97 -18.97 37.45
N LEU C 181 46.35 -20.20 37.07
CA LEU C 181 45.96 -20.73 35.76
C LEU C 181 44.47 -20.53 35.51
N GLU C 182 44.18 -19.79 34.44
CA GLU C 182 42.81 -19.43 34.06
C GLU C 182 42.31 -20.32 32.93
N LEU C 183 43.18 -20.62 31.96
CA LEU C 183 42.80 -21.42 30.82
C LEU C 183 43.75 -22.58 30.60
N LEU C 184 43.19 -23.79 30.62
CA LEU C 184 43.94 -24.98 30.27
C LEU C 184 43.36 -25.66 29.04
N SER C 185 44.23 -25.95 28.06
CA SER C 185 43.78 -26.68 26.88
C SER C 185 44.63 -27.92 26.60
N LEU C 186 43.95 -29.06 26.56
CA LEU C 186 44.59 -30.34 26.32
C LEU C 186 43.86 -31.18 25.27
N SER C 187 42.94 -30.56 24.54
CA SER C 187 42.22 -31.23 23.45
C SER C 187 43.16 -31.81 22.41
N PHE C 188 42.67 -32.83 21.72
CA PHE C 188 43.43 -33.45 20.65
C PHE C 188 44.77 -33.94 21.13
N ASN C 189 44.66 -34.90 22.05
CA ASN C 189 45.79 -35.50 22.76
C ASN C 189 45.30 -36.77 23.45
N SER C 190 46.17 -37.77 23.53
CA SER C 190 45.83 -39.05 24.15
C SER C 190 45.90 -38.96 25.68
N LEU C 191 44.74 -38.84 26.33
CA LEU C 191 44.66 -38.63 27.77
C LEU C 191 43.98 -39.78 28.49
N SER C 192 42.80 -40.17 28.00
CA SER C 192 42.01 -41.27 28.57
C SER C 192 41.31 -40.88 29.88
N HIS C 193 42.02 -40.13 30.73
CA HIS C 193 41.46 -39.69 31.99
C HIS C 193 41.59 -38.17 32.20
N VAL C 194 40.56 -37.60 32.81
CA VAL C 194 40.64 -36.23 33.30
C VAL C 194 41.72 -36.14 34.38
N PRO C 195 42.75 -35.32 34.14
CA PRO C 195 43.82 -35.25 35.16
C PRO C 195 43.25 -34.80 36.50
N PRO C 196 43.50 -35.56 37.58
CA PRO C 196 42.89 -35.16 38.86
C PRO C 196 43.50 -33.86 39.38
N LYS C 197 42.69 -33.03 40.05
CA LYS C 197 42.84 -31.55 40.05
C LYS C 197 44.32 -31.06 39.94
N LEU C 198 44.58 -29.86 39.37
CA LEU C 198 43.63 -28.92 38.68
C LEU C 198 43.24 -27.71 39.52
N PRO C 199 43.93 -26.57 39.34
CA PRO C 199 43.69 -25.44 40.23
C PRO C 199 42.24 -25.00 40.16
N SER C 200 41.69 -24.49 41.26
CA SER C 200 40.32 -23.98 41.28
C SER C 200 40.23 -22.57 40.71
N SER C 201 41.33 -22.08 40.11
CA SER C 201 41.34 -20.78 39.46
C SER C 201 40.99 -20.87 37.98
N LEU C 202 40.95 -22.09 37.43
CA LEU C 202 40.66 -22.31 36.00
C LEU C 202 39.27 -21.83 35.61
N ARG C 203 39.22 -21.04 34.53
CA ARG C 203 37.98 -20.49 33.99
C ARG C 203 37.47 -21.36 32.84
N LYS C 204 38.40 -21.75 31.97
CA LYS C 204 38.07 -22.50 30.78
C LYS C 204 38.92 -23.77 30.68
N LEU C 205 38.25 -24.90 30.55
CA LEU C 205 38.92 -26.20 30.38
C LEU C 205 38.56 -26.89 29.05
N PHE C 206 39.56 -27.03 28.18
CA PHE C 206 39.40 -27.69 26.88
C PHE C 206 39.95 -29.14 26.86
N LEU C 207 39.04 -30.12 26.77
CA LEU C 207 39.40 -31.55 26.72
C LEU C 207 38.64 -32.32 25.62
N SER C 208 38.80 -31.86 24.38
CA SER C 208 38.01 -32.40 23.26
C SER C 208 38.89 -33.36 22.50
N ASN C 209 38.29 -34.46 22.04
CA ASN C 209 39.06 -35.50 21.37
C ASN C 209 40.30 -35.87 22.18
N THR C 210 40.06 -36.35 23.40
CA THR C 210 41.11 -36.83 24.29
C THR C 210 40.83 -38.27 24.76
N GLN C 211 40.07 -39.00 23.95
CA GLN C 211 39.77 -40.41 24.18
C GLN C 211 39.19 -40.71 25.57
N ILE C 212 38.64 -39.71 26.23
CA ILE C 212 38.12 -39.88 27.60
C ILE C 212 36.75 -40.52 27.55
N LYS C 213 36.67 -41.75 28.03
CA LYS C 213 35.43 -42.54 27.93
C LYS C 213 34.37 -42.10 28.94
N TYR C 214 34.85 -41.56 30.06
CA TYR C 214 34.06 -41.53 31.31
C TYR C 214 34.38 -40.24 32.10
N ILE C 215 33.35 -39.62 32.66
CA ILE C 215 33.53 -38.40 33.45
C ILE C 215 32.93 -38.59 34.81
N SER C 216 33.76 -38.50 35.85
CA SER C 216 33.36 -38.78 37.23
C SER C 216 33.21 -37.51 38.05
N GLU C 217 32.54 -37.64 39.19
CA GLU C 217 32.36 -36.56 40.14
C GLU C 217 33.66 -35.96 40.65
N GLU C 218 34.72 -36.76 40.71
CA GLU C 218 36.00 -36.29 41.23
C GLU C 218 36.73 -35.42 40.23
N ASP C 219 36.21 -35.34 39.00
CA ASP C 219 36.97 -34.80 37.87
C ASP C 219 36.90 -33.28 37.73
N PHE C 220 35.76 -32.69 38.10
CA PHE C 220 35.60 -31.20 38.07
C PHE C 220 35.21 -30.61 39.45
N LYS C 221 35.29 -31.43 40.49
CA LYS C 221 34.77 -31.09 41.83
C LYS C 221 35.00 -29.62 42.26
N GLY C 222 36.24 -29.15 42.21
CA GLY C 222 36.62 -27.97 42.97
C GLY C 222 36.37 -26.62 42.31
N LEU C 223 35.89 -26.65 41.06
CA LEU C 223 36.01 -25.51 40.14
C LEU C 223 34.69 -24.74 40.01
N ILE C 224 34.54 -23.66 40.75
CA ILE C 224 33.35 -22.79 40.61
C ILE C 224 33.77 -21.44 40.02
N ASN C 225 34.90 -21.42 39.35
CA ASN C 225 35.17 -20.35 38.40
C ASN C 225 35.19 -20.89 36.96
N LEU C 226 34.56 -22.05 36.75
CA LEU C 226 34.51 -22.65 35.42
C LEU C 226 33.32 -22.09 34.64
N THR C 227 33.61 -21.39 33.54
CA THR C 227 32.58 -20.95 32.59
C THR C 227 32.49 -21.89 31.40
N LEU C 228 33.62 -22.37 30.94
CA LEU C 228 33.64 -23.17 29.72
C LEU C 228 34.18 -24.57 29.97
N LEU C 229 33.41 -25.57 29.55
CA LEU C 229 33.85 -26.96 29.56
C LEU C 229 33.67 -27.59 28.17
N ASP C 230 34.78 -27.85 27.50
CA ASP C 230 34.78 -28.51 26.17
C ASP C 230 35.15 -30.00 26.34
N LEU C 231 34.15 -30.87 26.21
CA LEU C 231 34.33 -32.33 26.27
C LEU C 231 33.84 -33.02 24.99
N SER C 232 34.29 -32.52 23.84
CA SER C 232 33.71 -32.92 22.58
C SER C 232 34.50 -34.07 21.97
N GLY C 233 33.81 -34.92 21.21
CA GLY C 233 34.49 -35.95 20.43
C GLY C 233 35.14 -36.98 21.32
N ASN C 234 34.48 -37.24 22.43
CA ASN C 234 34.87 -38.30 23.30
C ASN C 234 33.71 -39.27 23.23
N CYS C 235 33.99 -40.48 22.73
CA CYS C 235 32.98 -41.33 22.11
C CYS C 235 32.37 -40.62 20.90
N PRO C 236 33.17 -40.45 19.85
CA PRO C 236 32.66 -39.75 18.69
C PRO C 236 31.54 -40.49 18.01
N ARG C 237 30.80 -39.76 17.17
CA ARG C 237 29.92 -40.35 16.17
C ARG C 237 30.75 -40.35 14.91
N CYS C 238 31.00 -41.53 14.34
CA CYS C 238 32.12 -41.67 13.41
C CYS C 238 31.72 -41.85 11.95
N PHE C 239 30.45 -42.15 11.71
CA PHE C 239 29.95 -42.24 10.35
C PHE C 239 30.19 -40.97 9.52
N ASN C 240 30.78 -41.17 8.35
CA ASN C 240 31.05 -40.08 7.41
C ASN C 240 31.85 -38.96 8.05
N ALA C 241 32.85 -39.33 8.83
CA ALA C 241 33.72 -38.37 9.47
C ALA C 241 34.91 -38.06 8.53
N PRO C 242 35.40 -36.80 8.56
CA PRO C 242 36.54 -36.33 7.74
C PRO C 242 37.91 -36.46 8.39
N PHE C 243 38.02 -37.39 9.33
CA PHE C 243 39.27 -37.66 10.06
C PHE C 243 39.22 -39.11 10.55
N PRO C 244 40.38 -39.76 10.71
CA PRO C 244 40.33 -41.13 11.28
C PRO C 244 39.56 -41.09 12.59
N CYS C 245 38.58 -41.97 12.75
CA CYS C 245 37.63 -41.84 13.85
C CYS C 245 37.49 -43.17 14.54
N VAL C 246 37.64 -43.18 15.86
CA VAL C 246 37.52 -44.41 16.64
C VAL C 246 36.43 -44.29 17.69
N PRO C 247 35.33 -45.03 17.50
CA PRO C 247 34.22 -44.98 18.45
C PRO C 247 34.48 -45.80 19.70
N CYS C 248 33.89 -45.39 20.81
CA CYS C 248 33.95 -46.17 22.04
C CYS C 248 33.30 -47.54 21.78
N ASP C 249 33.91 -48.60 22.28
CA ASP C 249 33.45 -49.96 21.99
C ASP C 249 31.92 -50.06 21.99
N GLY C 250 31.36 -50.53 20.87
CA GLY C 250 29.93 -50.53 20.68
C GLY C 250 29.41 -49.20 20.14
N GLY C 251 30.28 -48.20 20.07
CA GLY C 251 29.87 -46.82 19.80
C GLY C 251 28.91 -46.27 20.85
N ALA C 252 29.20 -46.56 22.11
CA ALA C 252 28.31 -46.22 23.22
C ALA C 252 28.49 -44.77 23.61
N SER C 253 27.40 -44.13 24.01
CA SER C 253 27.43 -42.70 24.32
C SER C 253 28.41 -42.51 25.46
N ILE C 254 29.11 -41.38 25.48
CA ILE C 254 30.00 -41.05 26.62
C ILE C 254 29.26 -41.23 27.95
N ASN C 255 30.01 -41.59 28.98
CA ASN C 255 29.46 -41.85 30.30
C ASN C 255 29.71 -40.68 31.23
N ILE C 256 28.63 -40.00 31.62
CA ILE C 256 28.76 -38.90 32.54
C ILE C 256 27.93 -39.18 33.79
N ASP C 257 28.57 -38.99 34.94
CA ASP C 257 27.90 -39.20 36.22
C ASP C 257 26.81 -38.16 36.42
N ARG C 258 25.75 -38.54 37.11
CA ARG C 258 24.62 -37.65 37.37
C ARG C 258 25.00 -36.37 38.12
N PHE C 259 26.23 -36.31 38.62
CA PHE C 259 26.67 -35.18 39.42
C PHE C 259 28.02 -34.66 38.93
N ALA C 260 28.35 -34.94 37.68
CA ALA C 260 29.65 -34.56 37.17
C ALA C 260 29.83 -33.04 37.18
N PHE C 261 28.74 -32.31 36.97
CA PHE C 261 28.78 -30.86 36.90
C PHE C 261 28.08 -30.26 38.11
N GLN C 262 28.53 -30.63 39.30
CA GLN C 262 27.76 -30.33 40.50
C GLN C 262 27.94 -28.88 40.91
N ASN C 263 29.20 -28.46 40.96
CA ASN C 263 29.58 -27.15 41.47
C ASN C 263 30.10 -26.27 40.34
N LEU C 264 29.60 -26.52 39.13
CA LEU C 264 30.00 -25.75 37.96
C LEU C 264 28.92 -24.72 37.75
N THR C 265 28.75 -23.87 38.74
CA THR C 265 27.63 -22.95 38.80
C THR C 265 27.84 -21.82 37.82
N GLN C 266 29.11 -21.60 37.47
CA GLN C 266 29.50 -20.49 36.61
C GLN C 266 29.67 -20.93 35.16
N LEU C 267 29.14 -22.10 34.82
CA LEU C 267 29.32 -22.62 33.46
C LEU C 267 28.43 -21.85 32.48
N ARG C 268 29.06 -21.36 31.43
CA ARG C 268 28.35 -20.61 30.39
C ARG C 268 28.35 -21.38 29.07
N TYR C 269 29.45 -22.08 28.80
CA TYR C 269 29.66 -22.77 27.53
C TYR C 269 29.91 -24.27 27.80
N LEU C 270 28.93 -25.10 27.46
CA LEU C 270 29.13 -26.55 27.44
C LEU C 270 29.14 -27.09 26.01
N ASN C 271 30.30 -27.59 25.58
CA ASN C 271 30.43 -28.22 24.27
C ASN C 271 30.44 -29.76 24.40
N LEU C 272 29.30 -30.39 24.05
CA LEU C 272 29.14 -31.84 24.09
C LEU C 272 28.88 -32.42 22.68
N SER C 273 29.63 -31.90 21.71
CA SER C 273 29.47 -32.31 20.33
C SER C 273 30.23 -33.60 20.13
N SER C 274 29.64 -34.53 19.39
CA SER C 274 30.31 -35.79 19.02
C SER C 274 30.65 -36.57 20.30
N THR C 275 29.63 -36.86 21.10
CA THR C 275 29.76 -37.79 22.21
C THR C 275 28.75 -38.94 22.11
N SER C 276 28.26 -39.19 20.90
CA SER C 276 27.40 -40.33 20.65
C SER C 276 26.19 -40.33 21.59
N LEU C 277 25.78 -39.15 22.02
CA LEU C 277 24.69 -39.02 23.00
C LEU C 277 23.41 -39.44 22.35
N ARG C 278 22.57 -40.15 23.11
CA ARG C 278 21.22 -40.49 22.66
C ARG C 278 20.16 -40.02 23.66
N LYS C 279 20.60 -39.77 24.88
CA LYS C 279 19.70 -39.31 25.95
C LYS C 279 20.36 -38.13 26.65
N ILE C 280 19.55 -37.13 27.02
CA ILE C 280 20.08 -36.01 27.81
C ILE C 280 19.63 -36.06 29.27
N ASN C 281 20.61 -36.19 30.16
CA ASN C 281 20.43 -36.09 31.61
C ASN C 281 20.13 -34.64 32.04
N ALA C 282 18.85 -34.32 32.27
CA ALA C 282 18.46 -32.95 32.68
C ALA C 282 19.22 -32.45 33.91
N ALA C 283 19.44 -33.34 34.86
CA ALA C 283 19.99 -32.94 36.13
C ALA C 283 21.46 -32.54 36.03
N TRP C 284 22.01 -32.58 34.81
CA TRP C 284 23.32 -31.96 34.55
C TRP C 284 23.24 -30.42 34.62
N PHE C 285 22.02 -29.90 34.53
CA PHE C 285 21.78 -28.50 34.38
C PHE C 285 21.14 -27.91 35.63
N LYS C 286 21.00 -28.74 36.66
CA LYS C 286 20.35 -28.33 37.90
C LYS C 286 21.03 -27.07 38.43
N ASN C 287 22.35 -27.13 38.59
CA ASN C 287 23.12 -26.03 39.18
C ASN C 287 23.87 -25.27 38.13
N MET C 288 23.22 -25.03 36.98
CA MET C 288 23.86 -24.35 35.85
C MET C 288 22.90 -23.32 35.30
N PRO C 289 22.48 -22.36 36.14
CA PRO C 289 21.36 -21.51 35.74
C PRO C 289 21.78 -20.32 34.84
N HIS C 290 23.08 -20.21 34.54
CA HIS C 290 23.61 -19.17 33.65
C HIS C 290 23.99 -19.68 32.25
N LEU C 291 23.73 -20.95 31.97
CA LEU C 291 24.23 -21.57 30.75
C LEU C 291 23.73 -20.87 29.47
N LYS C 292 24.69 -20.40 28.68
CA LYS C 292 24.40 -19.51 27.57
C LYS C 292 24.47 -20.31 26.27
N VAL C 293 25.54 -21.07 26.12
CA VAL C 293 25.81 -21.79 24.88
C VAL C 293 25.85 -23.32 25.09
N LEU C 294 24.93 -24.04 24.46
CA LEU C 294 24.95 -25.49 24.51
C LEU C 294 25.12 -26.12 23.11
N ASP C 295 26.28 -26.72 22.89
CA ASP C 295 26.70 -27.28 21.59
C ASP C 295 26.52 -28.81 21.60
N LEU C 296 25.59 -29.30 20.78
CA LEU C 296 25.26 -30.73 20.76
C LEU C 296 25.26 -31.31 19.33
N GLU C 297 26.30 -31.03 18.58
CA GLU C 297 26.31 -31.48 17.20
C GLU C 297 26.82 -32.92 17.17
N PHE C 298 26.48 -33.63 16.10
CA PHE C 298 27.02 -34.95 15.83
C PHE C 298 26.79 -35.93 17.00
N ASN C 299 25.53 -36.00 17.46
CA ASN C 299 25.08 -37.05 18.34
C ASN C 299 23.86 -37.71 17.70
N TYR C 300 23.13 -38.55 18.44
CA TYR C 300 22.04 -39.30 17.83
C TYR C 300 20.78 -38.89 18.55
N LEU C 301 20.56 -37.59 18.58
CA LEU C 301 19.63 -36.99 19.54
C LEU C 301 18.24 -36.79 18.96
N VAL C 302 17.96 -37.40 17.81
CA VAL C 302 16.65 -37.18 17.20
C VAL C 302 15.62 -37.45 18.28
N GLY C 303 15.83 -38.55 19.01
CA GLY C 303 14.90 -38.96 20.05
C GLY C 303 14.62 -37.83 20.99
N GLU C 304 15.69 -37.33 21.60
CA GLU C 304 15.58 -36.21 22.53
C GLU C 304 15.00 -34.94 21.91
N ILE C 305 15.40 -34.58 20.68
CA ILE C 305 14.80 -33.42 20.03
C ILE C 305 13.27 -33.50 20.06
N ALA C 306 12.73 -34.72 19.97
CA ALA C 306 11.27 -34.94 20.00
C ALA C 306 10.63 -34.89 21.41
N SER C 307 11.40 -35.23 22.44
CA SER C 307 10.89 -35.31 23.82
C SER C 307 11.53 -34.26 24.74
N GLY C 308 12.73 -34.54 25.24
CA GLY C 308 13.59 -33.51 25.79
C GLY C 308 13.07 -32.86 27.05
N ALA C 309 13.21 -33.57 28.17
CA ALA C 309 12.99 -32.98 29.48
C ALA C 309 13.97 -31.84 29.72
N PHE C 310 15.22 -32.07 29.34
CA PHE C 310 16.33 -31.13 29.60
C PHE C 310 16.12 -29.72 29.06
N LEU C 311 15.23 -29.55 28.09
CA LEU C 311 14.92 -28.23 27.54
C LEU C 311 14.39 -27.30 28.64
N THR C 312 13.68 -27.89 29.61
CA THR C 312 13.14 -27.19 30.76
C THR C 312 14.22 -26.59 31.67
N MET C 313 15.39 -27.18 31.68
CA MET C 313 16.47 -26.75 32.55
C MET C 313 17.34 -25.61 32.01
N LEU C 314 16.85 -24.84 31.05
CA LEU C 314 17.75 -23.97 30.25
C LEU C 314 17.20 -22.58 29.94
N PRO C 315 16.42 -22.00 30.86
CA PRO C 315 15.71 -20.76 30.51
C PRO C 315 16.59 -19.54 30.18
N ARG C 316 17.88 -19.64 30.43
CA ARG C 316 18.79 -18.56 30.08
C ARG C 316 19.65 -18.90 28.87
N LEU C 317 19.34 -19.97 28.14
CA LEU C 317 20.17 -20.41 27.04
C LEU C 317 19.95 -19.54 25.79
N GLU C 318 21.04 -19.08 25.22
CA GLU C 318 20.97 -18.20 24.08
C GLU C 318 21.26 -18.95 22.79
N ILE C 319 22.23 -19.86 22.82
CA ILE C 319 22.56 -20.66 21.64
C ILE C 319 22.52 -22.17 21.84
N LEU C 320 21.58 -22.83 21.16
CA LEU C 320 21.48 -24.29 21.11
C LEU C 320 21.76 -24.81 19.69
N ASP C 321 22.95 -25.39 19.50
CA ASP C 321 23.29 -26.07 18.27
C ASP C 321 23.03 -27.59 18.33
N LEU C 322 22.02 -28.06 17.59
CA LEU C 322 21.73 -29.51 17.46
C LEU C 322 21.89 -30.05 16.03
N SER C 323 22.95 -29.64 15.35
CA SER C 323 23.14 -30.01 13.96
C SER C 323 23.68 -31.44 13.84
N PHE C 324 23.34 -32.08 12.74
CA PHE C 324 23.96 -33.33 12.35
C PHE C 324 23.66 -34.43 13.36
N ASN C 325 22.39 -34.59 13.62
CA ASN C 325 21.94 -35.69 14.44
C ASN C 325 21.14 -36.66 13.62
N TYR C 326 21.27 -36.56 12.30
CA TYR C 326 20.43 -37.33 11.40
C TYR C 326 20.68 -38.82 11.59
N ILE C 327 19.64 -39.60 11.38
CA ILE C 327 19.74 -41.04 11.33
C ILE C 327 20.12 -41.47 9.90
N LYS C 328 21.30 -42.06 9.75
CA LYS C 328 21.84 -42.27 8.43
C LYS C 328 20.85 -43.06 7.59
N GLY C 329 20.80 -42.73 6.31
CA GLY C 329 19.88 -43.37 5.40
C GLY C 329 18.46 -43.33 5.94
N SER C 330 18.08 -42.22 6.57
CA SER C 330 16.66 -41.95 6.84
C SER C 330 16.33 -40.50 6.59
N TYR C 331 15.14 -40.30 6.04
CA TYR C 331 14.81 -39.09 5.34
C TYR C 331 13.32 -38.91 5.54
N PRO C 332 12.91 -38.65 6.79
CA PRO C 332 11.51 -38.51 7.17
C PRO C 332 10.79 -37.41 6.39
N GLN C 333 9.47 -37.53 6.34
CA GLN C 333 8.65 -36.46 5.79
C GLN C 333 8.89 -35.15 6.56
N HIS C 334 8.73 -35.19 7.89
CA HIS C 334 8.71 -33.99 8.71
C HIS C 334 9.77 -34.00 9.80
N ILE C 335 10.07 -32.83 10.34
CA ILE C 335 10.91 -32.69 11.53
C ILE C 335 10.03 -32.67 12.78
N ASN C 336 10.48 -33.37 13.83
CA ASN C 336 9.73 -33.45 15.09
C ASN C 336 10.37 -32.64 16.22
N ILE C 337 9.73 -31.52 16.54
CA ILE C 337 10.26 -30.61 17.56
C ILE C 337 9.39 -30.70 18.81
N SER C 338 10.03 -31.03 19.93
CA SER C 338 9.33 -31.08 21.21
C SER C 338 8.59 -29.77 21.51
N ARG C 339 7.52 -29.86 22.30
CA ARG C 339 6.86 -28.67 22.84
C ARG C 339 7.71 -27.98 23.90
N ASN C 340 8.65 -28.71 24.47
CA ASN C 340 9.51 -28.15 25.50
C ASN C 340 10.54 -27.13 24.97
N PHE C 341 10.60 -26.95 23.65
CA PHE C 341 11.43 -25.92 23.04
C PHE C 341 10.89 -24.53 23.38
N SER C 342 9.59 -24.41 23.61
CA SER C 342 9.00 -23.11 23.93
C SER C 342 9.37 -22.61 25.34
N LYS C 343 10.12 -23.41 26.09
CA LYS C 343 10.63 -23.03 27.41
C LYS C 343 11.99 -22.36 27.37
N LEU C 344 12.68 -22.40 26.23
CA LEU C 344 13.96 -21.70 26.09
C LEU C 344 13.77 -20.21 25.76
N LEU C 345 13.34 -19.44 26.77
CA LEU C 345 12.87 -18.08 26.54
C LEU C 345 13.98 -17.08 26.26
N SER C 346 15.23 -17.46 26.54
CA SER C 346 16.38 -16.63 26.17
C SER C 346 17.01 -17.01 24.81
N LEU C 347 16.49 -18.07 24.18
CA LEU C 347 17.10 -18.60 22.96
C LEU C 347 17.16 -17.56 21.82
N ARG C 348 18.37 -17.35 21.31
CA ARG C 348 18.60 -16.33 20.27
C ARG C 348 18.78 -16.97 18.89
N ALA C 349 19.65 -17.98 18.82
CA ALA C 349 19.88 -18.76 17.62
C ALA C 349 19.68 -20.28 17.82
N LEU C 350 19.00 -20.91 16.87
CA LEU C 350 18.75 -22.35 16.90
C LEU C 350 19.34 -23.00 15.64
N HIS C 351 20.38 -23.81 15.85
CA HIS C 351 21.14 -24.42 14.75
C HIS C 351 20.70 -25.86 14.59
N LEU C 352 20.08 -26.14 13.44
CA LEU C 352 19.41 -27.42 13.16
C LEU C 352 19.77 -27.93 11.77
N ARG C 353 21.04 -27.86 11.42
CA ARG C 353 21.54 -28.46 10.20
C ARG C 353 21.48 -29.98 10.28
N GLY C 354 21.28 -30.63 9.14
CA GLY C 354 21.62 -32.05 9.02
C GLY C 354 20.81 -32.93 9.96
N TYR C 355 19.55 -32.58 10.11
CA TYR C 355 18.58 -33.46 10.72
C TYR C 355 18.16 -34.33 9.57
N VAL C 356 17.86 -33.67 8.45
CA VAL C 356 17.66 -34.33 7.15
C VAL C 356 16.23 -34.81 7.04
N PHE C 357 15.42 -34.06 6.32
CA PHE C 357 14.00 -34.33 6.23
C PHE C 357 13.41 -33.59 5.05
N GLN C 358 12.20 -33.98 4.67
CA GLN C 358 11.70 -33.69 3.35
C GLN C 358 10.98 -32.39 3.28
N GLU C 359 10.16 -32.13 4.29
CA GLU C 359 9.18 -31.06 4.21
C GLU C 359 9.14 -30.33 5.56
N LEU C 360 8.80 -29.04 5.52
CA LEU C 360 8.64 -28.27 6.72
C LEU C 360 7.29 -27.55 6.66
N ARG C 361 6.31 -28.06 7.41
CA ARG C 361 5.00 -27.40 7.51
C ARG C 361 4.93 -26.43 8.70
N GLU C 362 3.89 -25.61 8.69
CA GLU C 362 3.67 -24.67 9.75
C GLU C 362 3.74 -25.31 11.13
N ASP C 363 2.98 -26.37 11.35
CA ASP C 363 2.73 -26.87 12.70
C ASP C 363 3.98 -27.46 13.30
N ASP C 364 4.84 -28.01 12.46
CA ASP C 364 6.09 -28.60 12.92
C ASP C 364 6.88 -27.69 13.88
N PHE C 365 6.72 -26.38 13.69
CA PHE C 365 7.50 -25.33 14.34
C PHE C 365 6.68 -24.45 15.29
N GLN C 366 5.49 -24.91 15.64
CA GLN C 366 4.64 -24.23 16.63
C GLN C 366 5.32 -23.96 17.97
N PRO C 367 6.09 -24.92 18.48
CA PRO C 367 6.75 -24.66 19.75
C PRO C 367 7.55 -23.36 19.74
N LEU C 368 8.14 -23.01 18.60
CA LEU C 368 9.14 -21.94 18.55
C LEU C 368 8.53 -20.57 18.27
N MET C 369 7.23 -20.52 18.04
CA MET C 369 6.64 -19.35 17.43
C MET C 369 6.33 -18.21 18.38
N GLN C 370 6.57 -18.40 19.67
CA GLN C 370 6.37 -17.34 20.63
C GLN C 370 7.60 -17.09 21.48
N LEU C 371 8.73 -17.63 21.04
CA LEU C 371 9.96 -17.42 21.76
C LEU C 371 10.47 -16.03 21.42
N PRO C 372 10.40 -15.09 22.38
CA PRO C 372 10.55 -13.66 22.10
C PRO C 372 11.96 -13.23 21.64
N ASN C 373 12.99 -13.99 22.05
CA ASN C 373 14.40 -13.71 21.75
C ASN C 373 14.94 -14.39 20.46
N LEU C 374 14.14 -15.25 19.85
CA LEU C 374 14.66 -16.11 18.77
C LEU C 374 14.91 -15.32 17.50
N SER C 375 16.18 -15.08 17.21
CA SER C 375 16.53 -14.10 16.21
C SER C 375 17.13 -14.78 14.96
N THR C 376 17.57 -16.02 15.14
CA THR C 376 18.17 -16.80 14.05
C THR C 376 17.69 -18.25 14.03
N ILE C 377 17.40 -18.74 12.84
CA ILE C 377 17.04 -20.14 12.65
C ILE C 377 17.84 -20.72 11.46
N ASN C 378 18.76 -21.62 11.76
CA ASN C 378 19.59 -22.26 10.76
C ASN C 378 19.16 -23.70 10.41
N LEU C 379 18.62 -23.87 9.21
CA LEU C 379 18.30 -25.20 8.67
C LEU C 379 19.06 -25.51 7.38
N GLY C 380 20.29 -25.07 7.29
CA GLY C 380 21.15 -25.44 6.19
C GLY C 380 21.32 -26.95 6.12
N ILE C 381 21.45 -27.46 4.91
CA ILE C 381 21.89 -28.83 4.65
C ILE C 381 20.98 -29.85 5.33
N ASN C 382 19.69 -29.78 5.01
CA ASN C 382 18.70 -30.78 5.42
C ASN C 382 18.00 -31.43 4.22
N PHE C 383 18.56 -31.25 3.04
CA PHE C 383 17.92 -31.73 1.81
C PHE C 383 16.42 -31.50 1.75
N ILE C 384 15.94 -30.40 2.30
CA ILE C 384 14.51 -30.16 2.38
C ILE C 384 13.97 -29.89 0.97
N LYS C 385 12.79 -30.43 0.66
CA LYS C 385 12.18 -30.26 -0.65
C LYS C 385 11.14 -29.17 -0.66
N GLN C 386 10.31 -29.13 0.38
CA GLN C 386 9.18 -28.17 0.47
C GLN C 386 9.18 -27.44 1.81
N ILE C 387 8.75 -26.19 1.78
CA ILE C 387 8.68 -25.38 2.97
C ILE C 387 7.45 -24.53 2.90
N ASP C 388 6.63 -24.58 3.93
CA ASP C 388 5.46 -23.72 4.03
C ASP C 388 5.89 -22.37 4.64
N PHE C 389 6.17 -21.41 3.77
CA PHE C 389 6.87 -20.18 4.18
C PHE C 389 6.05 -19.29 5.13
N LYS C 390 4.72 -19.39 5.08
CA LYS C 390 3.88 -18.54 5.92
C LYS C 390 4.14 -18.77 7.40
N LEU C 391 4.84 -19.86 7.75
CA LEU C 391 5.11 -20.12 9.14
C LEU C 391 6.04 -19.08 9.77
N PHE C 392 6.87 -18.45 8.94
CA PHE C 392 7.86 -17.48 9.43
C PHE C 392 7.25 -16.12 9.77
N GLN C 393 5.96 -15.92 9.50
CA GLN C 393 5.26 -14.70 9.93
C GLN C 393 4.90 -14.65 11.44
N ASN C 394 4.53 -15.80 12.02
CA ASN C 394 4.10 -15.84 13.44
C ASN C 394 5.26 -15.47 14.39
N PHE C 395 6.50 -15.53 13.89
CA PHE C 395 7.67 -15.24 14.71
C PHE C 395 7.79 -13.76 15.02
N SER C 396 8.66 -13.44 15.98
CA SER C 396 8.58 -12.20 16.73
C SER C 396 9.86 -11.35 16.57
N ASN C 397 11.01 -11.99 16.74
CA ASN C 397 12.29 -11.32 16.50
C ASN C 397 13.15 -12.06 15.48
N LEU C 398 12.52 -12.79 14.55
CA LEU C 398 13.28 -13.50 13.50
C LEU C 398 13.91 -12.51 12.52
N GLU C 399 15.22 -12.45 12.54
CA GLU C 399 15.98 -11.57 11.68
C GLU C 399 16.80 -12.37 10.64
N ILE C 400 17.01 -13.65 10.89
CA ILE C 400 17.81 -14.49 10.03
C ILE C 400 17.20 -15.88 9.82
N ILE C 401 16.81 -16.13 8.57
CA ILE C 401 16.18 -17.35 8.12
C ILE C 401 17.09 -18.00 7.11
N TYR C 402 17.73 -19.08 7.50
CA TYR C 402 18.83 -19.63 6.75
C TYR C 402 18.47 -21.01 6.21
N LEU C 403 18.20 -21.05 4.90
CA LEU C 403 17.70 -22.23 4.23
C LEU C 403 18.62 -22.64 3.09
N SER C 404 19.87 -22.23 3.18
CA SER C 404 20.81 -22.53 2.13
C SER C 404 21.10 -24.02 2.09
N GLU C 405 21.40 -24.53 0.90
CA GLU C 405 21.78 -25.93 0.74
C GLU C 405 20.67 -26.90 1.14
N ASN C 406 19.52 -26.76 0.50
CA ASN C 406 18.45 -27.75 0.58
C ASN C 406 18.02 -28.07 -0.85
N ARG C 407 16.77 -28.50 -1.02
CA ARG C 407 16.27 -28.93 -2.33
C ARG C 407 15.01 -28.17 -2.70
N ILE C 408 14.93 -26.91 -2.32
CA ILE C 408 13.76 -26.08 -2.65
C ILE C 408 13.73 -25.85 -4.17
N SER C 409 12.55 -25.94 -4.73
CA SER C 409 12.42 -25.90 -6.19
C SER C 409 11.15 -25.13 -6.48
N PRO C 410 10.96 -24.66 -7.73
CA PRO C 410 9.72 -23.96 -8.11
C PRO C 410 8.44 -24.69 -7.67
N ASP C 436 50.88 -26.75 7.14
CA ASP C 436 50.42 -27.76 6.19
C ASP C 436 49.18 -28.51 6.67
N PHE C 437 49.12 -28.81 7.98
CA PHE C 437 48.01 -29.57 8.55
C PHE C 437 46.66 -28.88 8.36
N GLU C 438 45.62 -29.70 8.38
CA GLU C 438 44.38 -29.38 7.68
C GLU C 438 43.44 -28.55 8.53
N PHE C 439 43.14 -29.02 9.72
CA PHE C 439 42.26 -28.28 10.63
C PHE C 439 43.04 -27.21 11.39
N ASP C 440 42.47 -26.01 11.47
CA ASP C 440 43.07 -24.93 12.25
C ASP C 440 42.88 -25.16 13.75
N PRO C 441 43.99 -25.32 14.49
CA PRO C 441 43.94 -25.61 15.92
C PRO C 441 43.12 -24.61 16.69
N HIS C 442 43.06 -23.38 16.16
CA HIS C 442 42.45 -22.27 16.87
C HIS C 442 41.06 -21.98 16.38
N SER C 443 40.35 -23.01 15.91
CA SER C 443 39.03 -22.83 15.32
C SER C 443 38.06 -23.87 15.81
N ASN C 444 36.78 -23.64 15.56
CA ASN C 444 35.80 -24.60 16.00
C ASN C 444 35.89 -25.80 15.07
N PHE C 445 36.01 -26.99 15.66
CA PHE C 445 36.27 -28.22 14.91
C PHE C 445 35.00 -28.77 14.27
N TYR C 446 33.84 -28.38 14.76
CA TYR C 446 32.58 -28.96 14.34
C TYR C 446 31.72 -28.12 13.37
N HIS C 447 31.83 -26.80 13.43
CA HIS C 447 31.19 -25.95 12.44
C HIS C 447 32.08 -24.79 12.09
N PHE C 448 31.84 -24.17 10.93
CA PHE C 448 32.52 -22.92 10.56
C PHE C 448 31.83 -21.83 11.32
N THR C 449 32.60 -20.84 11.73
CA THR C 449 32.05 -19.81 12.61
C THR C 449 31.89 -18.44 11.94
N ARG C 450 31.92 -18.41 10.62
CA ARG C 450 31.68 -17.15 9.89
C ARG C 450 30.20 -16.85 9.88
N PRO C 451 29.82 -15.56 9.78
CA PRO C 451 28.41 -15.23 9.86
C PRO C 451 27.62 -15.97 8.77
N LEU C 452 26.42 -16.39 9.10
CA LEU C 452 25.55 -17.05 8.15
C LEU C 452 25.24 -16.17 6.97
N ILE C 453 25.11 -14.87 7.22
CA ILE C 453 24.69 -13.91 6.22
C ILE C 453 25.71 -12.79 6.20
N LYS C 454 26.18 -12.41 5.02
CA LYS C 454 27.11 -11.28 4.94
C LYS C 454 26.54 -10.10 5.75
N PRO C 455 27.34 -9.57 6.66
CA PRO C 455 26.92 -8.50 7.55
C PRO C 455 26.37 -7.31 6.81
N GLN C 456 26.97 -7.02 5.66
CA GLN C 456 26.54 -5.91 4.84
C GLN C 456 25.12 -6.09 4.29
N CYS C 457 24.67 -7.34 4.20
CA CYS C 457 23.28 -7.65 3.75
C CYS C 457 22.36 -7.68 4.95
N ALA C 458 22.83 -8.28 6.04
CA ALA C 458 21.95 -8.52 7.22
C ALA C 458 21.63 -7.22 7.88
N ALA C 459 22.52 -6.25 7.72
CA ALA C 459 22.36 -4.93 8.30
C ALA C 459 21.11 -4.22 7.81
N TYR C 460 20.47 -4.71 6.76
CA TYR C 460 19.37 -3.96 6.20
C TYR C 460 18.07 -4.34 6.86
N GLY C 461 18.05 -5.44 7.58
CA GLY C 461 16.76 -5.93 8.09
C GLY C 461 16.68 -7.42 7.97
N LYS C 462 15.44 -7.93 7.90
CA LYS C 462 15.22 -9.36 7.87
C LYS C 462 15.92 -9.99 6.68
N ALA C 463 16.55 -11.14 6.92
CA ALA C 463 17.38 -11.79 5.94
C ALA C 463 16.88 -13.21 5.72
N LEU C 464 16.72 -13.57 4.46
CA LEU C 464 16.32 -14.90 4.04
C LEU C 464 17.34 -15.43 3.03
N ASP C 465 18.04 -16.50 3.40
CA ASP C 465 19.04 -17.06 2.52
C ASP C 465 18.55 -18.38 1.92
N LEU C 466 18.29 -18.37 0.61
CA LEU C 466 17.89 -19.57 -0.14
C LEU C 466 18.92 -20.01 -1.18
N SER C 467 20.20 -19.76 -0.89
CA SER C 467 21.28 -20.07 -1.79
C SER C 467 21.47 -21.56 -1.86
N LEU C 468 21.95 -22.02 -3.01
CA LEU C 468 22.35 -23.42 -3.18
C LEU C 468 21.13 -24.36 -3.08
N ASN C 469 20.07 -23.96 -3.74
CA ASN C 469 18.86 -24.73 -3.86
C ASN C 469 18.62 -24.88 -5.35
N SER C 470 17.43 -25.32 -5.73
CA SER C 470 17.15 -25.52 -7.15
C SER C 470 15.94 -24.70 -7.59
N ILE C 471 15.89 -23.46 -7.12
CA ILE C 471 14.84 -22.57 -7.59
C ILE C 471 15.26 -22.03 -8.98
N PHE C 472 15.08 -22.86 -10.03
CA PHE C 472 15.56 -22.54 -11.37
C PHE C 472 14.68 -21.56 -12.12
N PHE C 473 13.51 -21.29 -11.55
CA PHE C 473 12.87 -20.03 -11.75
C PHE C 473 11.99 -19.75 -10.57
N ILE C 474 11.72 -18.47 -10.35
CA ILE C 474 10.78 -18.02 -9.35
C ILE C 474 9.38 -17.95 -9.96
N GLY C 475 8.49 -18.82 -9.50
CA GLY C 475 7.09 -18.78 -9.92
C GLY C 475 6.32 -17.63 -9.27
N PRO C 476 5.11 -17.37 -9.76
CA PRO C 476 4.36 -16.20 -9.34
C PRO C 476 3.95 -16.12 -7.86
N ASN C 477 3.97 -17.24 -7.12
CA ASN C 477 3.67 -17.25 -5.68
C ASN C 477 4.87 -17.66 -4.84
N GLN C 478 6.05 -17.72 -5.44
CA GLN C 478 7.19 -18.30 -4.75
C GLN C 478 7.40 -17.64 -3.38
N PHE C 479 7.07 -16.37 -3.28
CA PHE C 479 7.46 -15.59 -2.11
C PHE C 479 6.29 -15.15 -1.23
N GLU C 480 5.14 -15.77 -1.45
CA GLU C 480 3.92 -15.43 -0.73
C GLU C 480 4.03 -15.66 0.80
N ASN C 481 3.54 -14.66 1.55
CA ASN C 481 3.37 -14.76 3.00
C ASN C 481 4.67 -14.85 3.71
N LEU C 482 5.70 -14.28 3.08
CA LEU C 482 6.94 -14.02 3.78
C LEU C 482 6.76 -12.80 4.68
N PRO C 483 7.54 -12.73 5.75
CA PRO C 483 7.79 -11.42 6.33
C PRO C 483 8.41 -10.40 5.34
N ASP C 484 8.67 -9.20 5.83
CA ASP C 484 9.24 -8.14 5.02
C ASP C 484 10.74 -8.36 4.90
N ILE C 485 11.19 -8.87 3.77
CA ILE C 485 12.57 -9.24 3.64
C ILE C 485 13.34 -8.03 3.11
N ALA C 486 14.41 -7.69 3.81
CA ALA C 486 15.34 -6.66 3.33
C ALA C 486 16.55 -7.27 2.59
N CYS C 487 16.95 -8.47 3.00
CA CYS C 487 18.20 -9.09 2.59
C CYS C 487 17.87 -10.47 2.05
N LEU C 488 18.21 -10.72 0.78
CA LEU C 488 17.73 -11.92 0.10
C LEU C 488 18.81 -12.53 -0.75
N ASN C 489 19.12 -13.80 -0.48
CA ASN C 489 20.16 -14.51 -1.20
C ASN C 489 19.58 -15.62 -2.08
N LEU C 490 19.65 -15.44 -3.38
CA LEU C 490 19.26 -16.47 -4.32
C LEU C 490 20.48 -16.98 -5.12
N SER C 491 21.63 -16.90 -4.50
CA SER C 491 22.85 -17.35 -5.14
C SER C 491 22.78 -18.82 -5.45
N ALA C 492 23.20 -19.16 -6.67
CA ALA C 492 23.52 -20.51 -7.06
C ALA C 492 22.26 -21.38 -6.99
N ASN C 493 21.17 -20.91 -7.59
CA ASN C 493 20.02 -21.76 -7.84
C ASN C 493 19.91 -22.14 -9.32
N SER C 494 20.93 -21.84 -10.12
CA SER C 494 20.87 -21.98 -11.57
C SER C 494 19.56 -21.44 -12.12
N ASN C 495 19.19 -20.26 -11.66
CA ASN C 495 17.99 -19.60 -12.14
C ASN C 495 18.22 -19.13 -13.58
N ALA C 496 17.37 -19.59 -14.48
CA ALA C 496 17.52 -19.30 -15.90
C ALA C 496 16.44 -18.37 -16.39
N GLN C 497 15.61 -17.87 -15.50
CA GLN C 497 14.41 -17.20 -15.94
C GLN C 497 14.62 -15.80 -16.53
N VAL C 498 13.56 -15.26 -17.14
CA VAL C 498 13.57 -13.89 -17.60
C VAL C 498 12.83 -13.01 -16.60
N LEU C 499 13.56 -12.36 -15.71
CA LEU C 499 12.91 -11.50 -14.71
C LEU C 499 12.16 -10.37 -15.40
N SER C 500 10.94 -10.13 -14.95
CA SER C 500 10.01 -9.27 -15.68
C SER C 500 9.54 -8.05 -14.90
N GLY C 501 9.82 -8.00 -13.59
CA GLY C 501 9.37 -6.88 -12.76
C GLY C 501 8.13 -7.21 -11.96
N THR C 502 7.81 -8.51 -11.84
CA THR C 502 6.77 -8.93 -10.93
C THR C 502 7.19 -10.04 -9.98
N GLU C 503 8.41 -10.53 -10.09
CA GLU C 503 8.76 -11.77 -9.42
C GLU C 503 8.99 -11.53 -7.94
N PHE C 504 9.32 -10.29 -7.57
CA PHE C 504 9.59 -9.98 -6.18
C PHE C 504 8.51 -9.13 -5.55
N SER C 505 7.28 -9.20 -6.07
CA SER C 505 6.26 -8.24 -5.68
C SER C 505 5.72 -8.49 -4.26
N ALA C 506 5.72 -9.76 -3.82
CA ALA C 506 5.39 -10.12 -2.42
C ALA C 506 6.43 -9.67 -1.36
N ILE C 507 7.58 -9.19 -1.81
CA ILE C 507 8.63 -8.69 -0.90
C ILE C 507 9.38 -7.54 -1.55
N PRO C 508 8.68 -6.43 -1.77
CA PRO C 508 9.14 -5.27 -2.57
C PRO C 508 10.19 -4.38 -1.92
N HIS C 509 10.50 -4.61 -0.65
CA HIS C 509 11.43 -3.71 0.07
C HIS C 509 12.82 -4.33 0.24
N VAL C 510 13.15 -5.31 -0.61
CA VAL C 510 14.49 -5.90 -0.60
C VAL C 510 15.49 -4.82 -0.96
N LYS C 511 16.47 -4.64 -0.06
CA LYS C 511 17.51 -3.64 -0.25
C LYS C 511 18.84 -4.21 -0.74
N TYR C 512 19.12 -5.46 -0.37
CA TYR C 512 20.31 -6.18 -0.81
C TYR C 512 19.87 -7.50 -1.41
N LEU C 513 20.04 -7.62 -2.73
CA LEU C 513 19.69 -8.86 -3.44
C LEU C 513 20.91 -9.54 -4.04
N ASP C 514 21.15 -10.78 -3.63
CA ASP C 514 22.25 -11.58 -4.14
C ASP C 514 21.71 -12.58 -5.15
N LEU C 515 21.99 -12.35 -6.42
CA LEU C 515 21.64 -13.28 -7.48
C LEU C 515 22.87 -13.86 -8.17
N THR C 516 23.98 -13.97 -7.47
CA THR C 516 25.23 -14.47 -8.07
C THR C 516 25.16 -15.94 -8.47
N ASN C 517 26.03 -16.35 -9.38
CA ASN C 517 26.08 -17.73 -9.82
C ASN C 517 24.72 -18.25 -10.16
N ASN C 518 24.00 -17.55 -11.00
CA ASN C 518 22.83 -18.11 -11.61
C ASN C 518 23.05 -18.10 -13.11
N ARG C 519 21.98 -18.30 -13.87
CA ARG C 519 22.07 -18.21 -15.31
C ARG C 519 20.92 -17.41 -15.83
N LEU C 520 20.75 -16.22 -15.26
CA LEU C 520 19.64 -15.34 -15.60
C LEU C 520 19.63 -14.90 -17.06
N ASP C 521 18.44 -14.89 -17.65
CA ASP C 521 18.22 -14.48 -19.03
C ASP C 521 17.62 -13.08 -19.14
N PHE C 522 18.44 -12.09 -19.49
CA PHE C 522 18.06 -10.70 -19.39
C PHE C 522 17.38 -10.20 -20.64
N ASP C 523 16.10 -10.53 -20.77
CA ASP C 523 15.36 -10.26 -21.98
C ASP C 523 14.17 -9.36 -21.70
N ASN C 524 14.19 -8.68 -20.57
CA ASN C 524 13.10 -7.80 -20.26
C ASN C 524 13.61 -6.60 -19.48
N ALA C 525 13.38 -5.42 -20.07
CA ALA C 525 13.87 -4.16 -19.51
C ALA C 525 13.20 -3.75 -18.20
N SER C 526 12.16 -4.46 -17.79
CA SER C 526 11.52 -4.20 -16.53
C SER C 526 12.10 -5.05 -15.39
N ALA C 527 13.02 -5.95 -15.70
CA ALA C 527 13.54 -6.87 -14.68
C ALA C 527 13.83 -6.14 -13.36
N LEU C 528 13.25 -6.63 -12.27
CA LEU C 528 13.58 -6.18 -10.91
C LEU C 528 13.14 -4.77 -10.54
N THR C 529 12.41 -4.10 -11.43
CA THR C 529 11.99 -2.71 -11.21
C THR C 529 10.95 -2.57 -10.08
N GLU C 530 10.32 -3.67 -9.71
CA GLU C 530 9.44 -3.68 -8.55
C GLU C 530 10.20 -3.44 -7.24
N LEU C 531 11.50 -3.75 -7.16
CA LEU C 531 12.23 -3.44 -5.94
C LEU C 531 12.74 -2.01 -5.91
N SER C 532 11.85 -1.08 -5.62
CA SER C 532 12.17 0.34 -5.74
C SER C 532 13.23 0.81 -4.78
N ASP C 533 13.45 0.05 -3.72
CA ASP C 533 14.40 0.45 -2.67
C ASP C 533 15.77 -0.21 -2.78
N LEU C 534 15.94 -1.03 -3.80
CA LEU C 534 17.17 -1.73 -3.98
C LEU C 534 18.37 -0.78 -3.89
N GLU C 535 19.27 -1.12 -2.97
CA GLU C 535 20.54 -0.42 -2.81
C GLU C 535 21.73 -1.24 -3.30
N VAL C 536 21.72 -2.55 -3.10
CA VAL C 536 22.85 -3.41 -3.51
C VAL C 536 22.36 -4.60 -4.30
N LEU C 537 22.92 -4.81 -5.47
CA LEU C 537 22.47 -5.89 -6.38
C LEU C 537 23.69 -6.61 -6.89
N ASP C 538 23.81 -7.87 -6.53
CA ASP C 538 24.97 -8.67 -6.98
C ASP C 538 24.56 -9.65 -8.06
N LEU C 539 25.06 -9.41 -9.27
CA LEU C 539 24.80 -10.29 -10.38
C LEU C 539 26.06 -10.97 -10.87
N SER C 540 27.01 -11.19 -9.97
CA SER C 540 28.27 -11.87 -10.33
C SER C 540 27.97 -13.27 -10.86
N TYR C 541 28.77 -13.73 -11.79
CA TYR C 541 28.73 -15.13 -12.22
C TYR C 541 27.38 -15.52 -12.78
N ASN C 542 26.88 -14.69 -13.70
CA ASN C 542 25.76 -15.06 -14.56
C ASN C 542 26.14 -15.01 -16.05
N SER C 543 27.26 -15.65 -16.37
CA SER C 543 27.83 -15.65 -17.73
C SER C 543 26.99 -16.35 -18.76
N HIS C 544 26.20 -17.30 -18.28
CA HIS C 544 25.50 -18.24 -19.14
C HIS C 544 25.00 -17.65 -20.43
N TYR C 545 24.09 -16.69 -20.36
CA TYR C 545 23.48 -16.16 -21.58
C TYR C 545 24.28 -15.00 -22.16
N PHE C 546 25.14 -14.38 -21.37
CA PHE C 546 26.04 -13.34 -21.89
C PHE C 546 27.05 -13.91 -22.88
N ARG C 547 27.47 -15.16 -22.71
CA ARG C 547 28.40 -15.79 -23.64
C ARG C 547 27.84 -15.90 -25.08
N ILE C 548 26.53 -15.99 -25.19
CA ILE C 548 25.87 -16.29 -26.45
C ILE C 548 25.45 -15.03 -27.19
N ALA C 549 26.12 -14.73 -28.30
CA ALA C 549 25.89 -13.51 -29.06
C ALA C 549 24.42 -13.38 -29.48
N GLY C 550 23.79 -14.49 -29.83
CA GLY C 550 22.59 -14.48 -30.65
C GLY C 550 21.30 -14.37 -29.90
N VAL C 551 21.40 -14.33 -28.57
CA VAL C 551 20.27 -14.00 -27.74
C VAL C 551 20.38 -12.59 -27.15
N THR C 552 19.24 -12.05 -26.71
CA THR C 552 19.22 -10.68 -26.21
C THR C 552 19.89 -10.53 -24.84
N HIS C 553 20.51 -9.37 -24.61
CA HIS C 553 21.01 -8.99 -23.30
C HIS C 553 20.57 -7.54 -22.94
N HIS C 554 19.50 -7.43 -22.15
CA HIS C 554 18.89 -6.15 -21.85
C HIS C 554 19.26 -5.73 -20.42
N LEU C 555 20.13 -4.73 -20.35
CA LEU C 555 20.57 -4.18 -19.09
C LEU C 555 19.95 -2.81 -18.77
N GLU C 556 18.86 -2.44 -19.43
CA GLU C 556 18.32 -1.07 -19.31
C GLU C 556 17.74 -0.83 -17.93
N PHE C 557 17.28 -1.89 -17.27
CA PHE C 557 16.59 -1.78 -16.00
C PHE C 557 17.40 -1.13 -14.90
N ILE C 558 18.69 -1.02 -15.11
CA ILE C 558 19.52 -0.43 -14.12
C ILE C 558 19.11 1.01 -13.82
N GLN C 559 18.64 1.73 -14.83
CA GLN C 559 18.34 3.15 -14.64
C GLN C 559 17.03 3.37 -13.85
N ASN C 560 16.11 2.42 -13.87
CA ASN C 560 14.86 2.60 -13.16
C ASN C 560 14.95 2.60 -11.61
N PHE C 561 16.13 2.38 -11.05
CA PHE C 561 16.29 2.37 -9.62
C PHE C 561 16.77 3.73 -9.12
N THR C 562 16.18 4.22 -8.03
CA THR C 562 16.44 5.60 -7.56
C THR C 562 17.38 5.65 -6.37
N ASN C 563 17.71 4.49 -5.84
CA ASN C 563 18.62 4.43 -4.71
C ASN C 563 19.61 3.26 -4.78
N LEU C 564 19.90 2.80 -5.98
CA LEU C 564 20.85 1.73 -6.20
C LEU C 564 22.24 2.30 -6.09
N LYS C 565 23.01 1.76 -5.15
CA LYS C 565 24.32 2.26 -4.82
C LYS C 565 25.45 1.39 -5.34
N VAL C 566 25.22 0.08 -5.29
CA VAL C 566 26.26 -0.88 -5.59
C VAL C 566 25.79 -1.95 -6.53
N LEU C 567 26.44 -2.01 -7.68
CA LEU C 567 26.12 -3.02 -8.68
C LEU C 567 27.39 -3.78 -9.04
N ASN C 568 27.31 -5.08 -8.85
CA ASN C 568 28.36 -5.97 -9.24
C ASN C 568 27.96 -6.82 -10.44
N LEU C 569 28.60 -6.54 -11.56
CA LEU C 569 28.40 -7.33 -12.78
C LEU C 569 29.60 -8.21 -13.13
N SER C 570 30.33 -8.65 -12.11
CA SER C 570 31.62 -9.29 -12.35
C SER C 570 31.45 -10.69 -12.92
N HIS C 571 32.39 -11.05 -13.81
CA HIS C 571 32.52 -12.41 -14.36
C HIS C 571 31.31 -12.88 -15.14
N ASN C 572 30.83 -12.02 -16.02
CA ASN C 572 29.65 -12.31 -16.77
C ASN C 572 30.02 -12.39 -18.23
N ASN C 573 31.28 -12.18 -18.52
CA ASN C 573 31.76 -12.26 -19.88
C ASN C 573 30.98 -11.36 -20.80
N ILE C 574 30.64 -10.16 -20.33
CA ILE C 574 29.78 -9.28 -21.13
C ILE C 574 30.61 -8.72 -22.29
N TYR C 575 30.21 -9.06 -23.50
CA TYR C 575 30.82 -8.50 -24.68
C TYR C 575 29.86 -7.85 -25.66
N THR C 576 28.55 -8.04 -25.48
CA THR C 576 27.52 -7.48 -26.40
C THR C 576 26.21 -7.25 -25.67
N LEU C 577 25.50 -6.18 -26.04
CA LEU C 577 24.23 -5.85 -25.42
C LEU C 577 23.17 -5.64 -26.50
N THR C 578 21.91 -5.65 -26.13
CA THR C 578 20.83 -5.38 -27.07
C THR C 578 20.30 -3.95 -26.91
N ASP C 579 20.21 -3.23 -28.05
CA ASP C 579 19.50 -1.94 -28.17
C ASP C 579 20.27 -0.81 -27.49
N LYS C 580 20.44 -0.94 -26.19
CA LYS C 580 20.99 0.12 -25.37
C LYS C 580 22.41 -0.23 -24.92
N TYR C 581 23.35 0.50 -25.48
CA TYR C 581 24.77 0.24 -25.28
C TYR C 581 25.35 0.95 -24.07
N ASN C 582 24.51 1.65 -23.33
CA ASN C 582 24.94 2.55 -22.28
C ASN C 582 24.29 2.22 -20.95
N LEU C 583 25.07 2.12 -19.89
CA LEU C 583 24.50 1.94 -18.58
C LEU C 583 24.23 3.31 -18.00
N GLU C 584 23.07 3.47 -17.36
CA GLU C 584 22.69 4.78 -16.79
C GLU C 584 22.09 4.66 -15.43
N SER C 585 22.58 5.47 -14.51
CA SER C 585 21.99 5.61 -13.18
C SER C 585 22.41 6.93 -12.53
N LYS C 586 21.42 7.65 -12.00
CA LYS C 586 21.62 8.88 -11.21
C LYS C 586 22.01 8.58 -9.79
N SER C 587 21.93 7.31 -9.42
CA SER C 587 22.09 6.86 -8.06
C SER C 587 23.46 6.20 -7.81
N LEU C 588 23.90 5.37 -8.76
CA LEU C 588 24.99 4.41 -8.52
C LEU C 588 26.28 5.07 -8.10
N VAL C 589 26.94 4.43 -7.16
CA VAL C 589 28.19 4.92 -6.59
C VAL C 589 29.38 3.97 -6.88
N GLU C 590 29.11 2.68 -6.93
CA GLU C 590 30.12 1.69 -7.24
C GLU C 590 29.58 0.74 -8.30
N LEU C 591 30.36 0.55 -9.36
CA LEU C 591 30.13 -0.53 -10.32
C LEU C 591 31.34 -1.45 -10.37
N VAL C 592 31.10 -2.74 -10.14
CA VAL C 592 32.14 -3.75 -10.35
C VAL C 592 31.93 -4.36 -11.73
N PHE C 593 32.90 -4.15 -12.63
CA PHE C 593 32.76 -4.71 -13.96
C PHE C 593 33.86 -5.74 -14.32
N SER C 594 34.58 -6.24 -13.33
CA SER C 594 35.67 -7.14 -13.59
C SER C 594 35.21 -8.41 -14.25
N GLY C 595 36.07 -8.99 -15.09
CA GLY C 595 35.81 -10.32 -15.61
C GLY C 595 34.78 -10.27 -16.70
N ASN C 596 34.75 -9.17 -17.43
CA ASN C 596 33.96 -9.06 -18.66
C ASN C 596 34.87 -8.75 -19.80
N ARG C 597 34.33 -8.35 -20.95
CA ARG C 597 35.13 -8.26 -22.18
C ARG C 597 35.09 -6.86 -22.77
N LEU C 598 35.58 -5.92 -22.01
CA LEU C 598 35.75 -4.58 -22.52
C LEU C 598 36.72 -4.54 -23.67
N ASP C 599 37.63 -5.50 -23.76
CA ASP C 599 38.53 -5.59 -24.90
C ASP C 599 37.76 -5.70 -26.20
N ILE C 600 36.59 -6.32 -26.13
CA ILE C 600 35.70 -6.40 -27.28
C ILE C 600 34.74 -5.19 -27.35
N LEU C 601 34.15 -4.84 -26.21
CA LEU C 601 33.27 -3.68 -26.16
C LEU C 601 33.96 -2.42 -26.68
N TRP C 602 35.21 -2.21 -26.29
CA TRP C 602 35.97 -1.03 -26.74
C TRP C 602 36.85 -1.27 -27.96
N ASN C 603 36.58 -2.36 -28.65
CA ASN C 603 37.38 -2.68 -29.82
C ASN C 603 37.38 -1.47 -30.78
N ASP C 604 38.52 -1.19 -31.40
CA ASP C 604 38.71 0.01 -32.22
C ASP C 604 37.84 0.04 -33.49
N ASP C 605 37.31 -1.11 -33.92
CA ASP C 605 36.44 -1.18 -35.08
C ASP C 605 35.00 -0.91 -34.72
N ASP C 606 34.73 -0.69 -33.43
CA ASP C 606 33.36 -0.51 -32.90
C ASP C 606 33.26 0.74 -32.01
N ASN C 607 32.29 1.61 -32.30
CA ASN C 607 32.11 2.87 -31.56
C ASN C 607 31.00 2.80 -30.53
N ARG C 608 30.21 1.74 -30.57
CA ARG C 608 28.89 1.77 -29.94
C ARG C 608 28.95 1.91 -28.43
N TYR C 609 30.05 1.45 -27.81
CA TYR C 609 30.12 1.32 -26.34
C TYR C 609 31.08 2.32 -25.80
N ILE C 610 31.29 3.38 -26.56
CA ILE C 610 32.34 4.34 -26.25
C ILE C 610 31.94 5.11 -25.00
N SER C 611 30.63 5.21 -24.76
CA SER C 611 30.09 5.91 -23.59
C SER C 611 29.46 5.02 -22.55
N ILE C 612 29.93 3.79 -22.44
CA ILE C 612 29.15 2.76 -21.74
C ILE C 612 28.91 3.08 -20.27
N PHE C 613 29.83 3.81 -19.63
CA PHE C 613 29.67 4.19 -18.22
C PHE C 613 29.43 5.66 -17.95
N LYS C 614 29.34 6.48 -18.99
CA LYS C 614 29.33 7.91 -18.81
C LYS C 614 28.08 8.35 -18.05
N GLY C 615 26.95 7.69 -18.34
CA GLY C 615 25.65 8.08 -17.80
C GLY C 615 25.45 7.61 -16.38
N LEU C 616 26.52 7.08 -15.79
CA LEU C 616 26.53 6.74 -14.39
C LEU C 616 27.06 7.95 -13.61
N LYS C 617 26.25 8.99 -13.51
CA LYS C 617 26.78 10.32 -13.13
C LYS C 617 27.24 10.45 -11.68
N ASN C 618 26.79 9.55 -10.82
CA ASN C 618 27.15 9.62 -9.40
C ASN C 618 28.35 8.76 -9.02
N LEU C 619 28.96 8.11 -9.99
CA LEU C 619 29.91 7.02 -9.71
C LEU C 619 31.20 7.52 -9.11
N THR C 620 31.61 6.92 -8.01
CA THR C 620 32.91 7.24 -7.43
C THR C 620 33.87 6.06 -7.52
N ARG C 621 33.36 4.82 -7.49
CA ARG C 621 34.20 3.62 -7.51
C ARG C 621 33.84 2.72 -8.70
N LEU C 622 34.84 2.45 -9.55
CA LEU C 622 34.72 1.63 -10.80
C LEU C 622 35.83 0.58 -10.87
N ASP C 623 35.47 -0.68 -11.11
CA ASP C 623 36.41 -1.80 -11.22
C ASP C 623 36.39 -2.39 -12.64
N LEU C 624 37.50 -2.24 -13.34
CA LEU C 624 37.65 -2.67 -14.71
C LEU C 624 38.62 -3.85 -14.86
N SER C 625 38.95 -4.51 -13.75
CA SER C 625 39.96 -5.57 -13.78
C SER C 625 39.53 -6.75 -14.65
N LEU C 626 40.49 -7.57 -15.05
CA LEU C 626 40.18 -8.83 -15.72
C LEU C 626 39.27 -8.63 -16.93
N ASN C 627 39.56 -7.62 -17.75
CA ASN C 627 38.79 -7.36 -18.95
C ASN C 627 39.63 -7.50 -20.20
N ARG C 628 40.84 -8.02 -20.02
CA ARG C 628 41.77 -8.37 -21.08
C ARG C 628 42.15 -7.18 -21.94
N LEU C 629 42.16 -5.98 -21.36
CA LEU C 629 42.46 -4.76 -22.14
C LEU C 629 43.94 -4.61 -22.44
N LYS C 630 44.28 -4.52 -23.71
CA LYS C 630 45.64 -4.17 -24.07
C LYS C 630 45.80 -2.65 -24.21
N HIS C 631 44.72 -1.99 -24.59
CA HIS C 631 44.69 -0.52 -24.63
C HIS C 631 43.24 -0.08 -24.40
N ILE C 632 43.07 0.99 -23.63
CA ILE C 632 41.80 1.69 -23.60
C ILE C 632 41.86 2.84 -24.59
N PRO C 633 40.92 2.90 -25.54
CA PRO C 633 40.87 4.07 -26.43
C PRO C 633 40.76 5.35 -25.61
N ASN C 634 41.34 6.45 -26.09
CA ASN C 634 41.34 7.73 -25.34
C ASN C 634 39.93 8.25 -25.09
N GLU C 635 39.11 8.22 -26.12
CA GLU C 635 37.77 8.75 -26.05
C GLU C 635 36.96 7.95 -25.04
N ALA C 636 37.29 6.67 -24.88
CA ALA C 636 36.56 5.80 -23.98
C ALA C 636 36.93 6.14 -22.56
N PHE C 637 38.22 6.37 -22.33
CA PHE C 637 38.70 6.82 -21.01
C PHE C 637 38.10 8.15 -20.60
N LEU C 638 38.05 9.10 -21.52
CA LEU C 638 37.47 10.43 -21.24
C LEU C 638 35.96 10.39 -20.96
N ASN C 639 35.29 9.35 -21.42
CA ASN C 639 33.88 9.18 -21.11
C ASN C 639 33.62 8.45 -19.81
N LEU C 640 34.67 8.11 -19.06
CA LEU C 640 34.44 7.60 -17.71
C LEU C 640 33.94 8.75 -16.81
N PRO C 641 33.06 8.45 -15.86
CA PRO C 641 32.45 9.51 -15.04
C PRO C 641 33.49 10.32 -14.30
N ALA C 642 33.33 11.65 -14.33
CA ALA C 642 34.28 12.59 -13.73
C ALA C 642 34.18 12.58 -12.21
N SER C 643 33.10 12.00 -11.69
CA SER C 643 32.94 11.78 -10.26
C SER C 643 33.91 10.75 -9.67
N LEU C 644 34.64 9.99 -10.48
CA LEU C 644 35.45 8.91 -9.91
C LEU C 644 36.47 9.38 -8.85
N THR C 645 36.41 8.73 -7.70
CA THR C 645 37.47 8.87 -6.70
C THR C 645 38.42 7.68 -6.72
N GLU C 646 37.99 6.59 -7.34
CA GLU C 646 38.75 5.34 -7.22
C GLU C 646 38.55 4.48 -8.47
N LEU C 647 39.64 4.19 -9.18
CA LEU C 647 39.60 3.49 -10.47
C LEU C 647 40.55 2.33 -10.46
N HIS C 648 40.04 1.12 -10.62
CA HIS C 648 40.90 -0.07 -10.78
C HIS C 648 40.83 -0.60 -12.19
N ILE C 649 42.00 -0.82 -12.78
CA ILE C 649 42.09 -1.46 -14.10
C ILE C 649 43.14 -2.57 -14.06
N ASN C 650 43.26 -3.20 -12.91
CA ASN C 650 44.35 -4.12 -12.69
C ASN C 650 44.08 -5.47 -13.32
N ASP C 651 45.13 -6.26 -13.50
CA ASP C 651 45.06 -7.56 -14.18
C ASP C 651 44.43 -7.46 -15.54
N ASN C 652 44.93 -6.51 -16.33
CA ASN C 652 44.65 -6.48 -17.74
C ASN C 652 45.92 -6.70 -18.46
N MET C 653 46.10 -6.10 -19.61
CA MET C 653 47.31 -6.34 -20.35
C MET C 653 47.82 -5.04 -20.94
N LEU C 654 47.80 -3.99 -20.13
CA LEU C 654 48.08 -2.66 -20.63
C LEU C 654 49.55 -2.51 -20.87
N LYS C 655 49.92 -2.19 -22.12
CA LYS C 655 51.28 -1.74 -22.42
C LYS C 655 51.41 -0.26 -22.07
N PHE C 656 50.38 0.53 -22.44
CA PHE C 656 50.44 1.99 -22.33
C PHE C 656 49.28 2.55 -21.52
N PHE C 657 49.54 3.67 -20.86
CA PHE C 657 48.52 4.47 -20.19
C PHE C 657 48.73 5.94 -20.55
N ASN C 658 47.68 6.59 -21.05
CA ASN C 658 47.69 8.02 -21.35
C ASN C 658 47.49 8.82 -20.07
N TRP C 659 48.60 9.10 -19.40
CA TRP C 659 48.59 9.82 -18.14
C TRP C 659 47.97 11.22 -18.21
N THR C 660 47.93 11.83 -19.39
CA THR C 660 47.44 13.20 -19.43
C THR C 660 45.93 13.22 -19.28
N LEU C 661 45.30 12.08 -19.50
CA LEU C 661 43.86 12.02 -19.45
C LEU C 661 43.35 12.13 -18.02
N LEU C 662 44.23 11.98 -17.04
CA LEU C 662 43.81 12.17 -15.65
C LEU C 662 43.46 13.63 -15.34
N GLN C 663 43.69 14.53 -16.29
CA GLN C 663 43.29 15.93 -16.15
C GLN C 663 41.80 16.08 -15.93
N GLN C 664 41.03 15.24 -16.61
CA GLN C 664 39.56 15.35 -16.62
C GLN C 664 38.95 14.53 -15.50
N PHE C 665 39.77 14.14 -14.52
CA PHE C 665 39.27 13.43 -13.35
C PHE C 665 39.70 14.09 -12.05
N PRO C 666 39.12 15.27 -11.75
CA PRO C 666 39.53 16.16 -10.66
C PRO C 666 39.43 15.59 -9.26
N ARG C 667 38.67 14.51 -9.07
CA ARG C 667 38.47 13.90 -7.76
C ARG C 667 39.17 12.55 -7.55
N LEU C 668 39.94 12.09 -8.53
CA LEU C 668 40.56 10.76 -8.44
C LEU C 668 41.61 10.65 -7.33
N GLU C 669 41.35 9.84 -6.30
CA GLU C 669 42.31 9.63 -5.22
C GLU C 669 43.05 8.30 -5.33
N LEU C 670 42.43 7.27 -5.91
CA LEU C 670 43.12 6.00 -6.07
C LEU C 670 43.14 5.56 -7.51
N LEU C 671 44.33 5.30 -8.05
CA LEU C 671 44.43 4.66 -9.36
C LEU C 671 45.18 3.33 -9.28
N ASP C 672 44.54 2.24 -9.68
CA ASP C 672 45.15 0.91 -9.52
C ASP C 672 45.43 0.26 -10.85
N LEU C 673 46.70 0.08 -11.16
CA LEU C 673 47.12 -0.45 -12.45
C LEU C 673 48.04 -1.67 -12.30
N ARG C 674 47.98 -2.32 -11.15
CA ARG C 674 48.74 -3.53 -10.90
C ARG C 674 48.43 -4.59 -11.93
N GLY C 675 49.41 -5.44 -12.21
CA GLY C 675 49.24 -6.62 -13.05
C GLY C 675 48.94 -6.27 -14.49
N ASN C 676 49.70 -5.34 -15.04
CA ASN C 676 49.61 -5.04 -16.45
C ASN C 676 50.97 -5.20 -17.09
N LYS C 677 51.15 -4.61 -18.27
CA LYS C 677 52.41 -4.69 -19.01
C LYS C 677 52.97 -3.30 -19.30
N LEU C 678 52.74 -2.38 -18.36
CA LEU C 678 53.13 -0.97 -18.52
C LEU C 678 54.65 -0.86 -18.59
N LEU C 679 55.15 -0.09 -19.55
CA LEU C 679 56.58 -0.03 -19.80
C LEU C 679 57.23 1.16 -19.14
N PHE C 680 56.54 2.30 -19.14
CA PHE C 680 57.07 3.51 -18.50
C PHE C 680 56.05 4.47 -17.92
N LEU C 681 56.52 5.22 -16.93
CA LEU C 681 55.78 6.30 -16.34
C LEU C 681 55.90 7.58 -17.17
N THR C 682 55.10 8.56 -16.82
CA THR C 682 55.19 9.89 -17.43
C THR C 682 56.04 10.76 -16.52
N ASP C 683 56.61 11.82 -17.09
CA ASP C 683 57.43 12.73 -16.32
C ASP C 683 56.58 13.66 -15.44
N SER C 684 55.54 14.26 -16.02
CA SER C 684 54.89 15.46 -15.43
C SER C 684 53.53 15.22 -14.72
N LEU C 685 53.52 14.25 -13.80
CA LEU C 685 52.29 13.80 -13.15
C LEU C 685 51.51 14.89 -12.45
N SER C 686 52.21 15.91 -11.96
CA SER C 686 51.60 17.03 -11.24
C SER C 686 50.77 17.90 -12.16
N ASP C 687 51.12 17.90 -13.45
CA ASP C 687 50.31 18.64 -14.44
C ASP C 687 48.96 17.97 -14.60
N PHE C 688 48.95 16.66 -14.40
CA PHE C 688 47.80 15.83 -14.72
C PHE C 688 46.88 15.62 -13.52
N THR C 689 47.40 15.73 -12.31
CA THR C 689 46.57 15.50 -11.14
C THR C 689 47.02 16.28 -9.90
N SER C 690 46.06 16.95 -9.28
CA SER C 690 46.23 17.50 -7.92
C SER C 690 45.66 16.55 -6.87
N SER C 691 44.82 15.62 -7.30
CA SER C 691 43.94 14.87 -6.42
C SER C 691 44.50 13.51 -6.02
N LEU C 692 45.36 12.92 -6.85
CA LEU C 692 45.75 11.53 -6.68
C LEU C 692 46.49 11.29 -5.35
N ARG C 693 45.98 10.37 -4.55
CA ARG C 693 46.57 9.95 -3.30
C ARG C 693 47.30 8.64 -3.31
N THR C 694 46.79 7.68 -4.06
CA THR C 694 47.38 6.33 -4.14
C THR C 694 47.54 5.89 -5.57
N LEU C 695 48.61 5.16 -5.85
CA LEU C 695 48.95 4.80 -7.22
C LEU C 695 49.63 3.45 -7.16
N LEU C 696 48.91 2.42 -7.61
CA LEU C 696 49.33 1.05 -7.45
C LEU C 696 49.80 0.51 -8.76
N LEU C 697 51.05 0.09 -8.79
CA LEU C 697 51.77 -0.17 -10.03
C LEU C 697 52.58 -1.44 -9.94
N SER C 698 52.46 -2.12 -8.81
CA SER C 698 53.03 -3.43 -8.62
C SER C 698 52.81 -4.33 -9.85
N HIS C 699 53.79 -5.15 -10.19
CA HIS C 699 53.66 -6.14 -11.25
C HIS C 699 53.39 -5.48 -12.59
N ASN C 700 54.31 -4.62 -12.98
CA ASN C 700 54.39 -4.16 -14.36
C ASN C 700 55.83 -4.30 -14.88
N ARG C 701 56.14 -3.65 -15.99
CA ARG C 701 57.47 -3.63 -16.55
C ARG C 701 58.09 -2.21 -16.58
N ILE C 702 57.91 -1.44 -15.51
CA ILE C 702 58.59 -0.14 -15.42
C ILE C 702 60.09 -0.34 -15.15
N SER C 703 60.92 0.20 -16.04
CA SER C 703 62.36 0.08 -15.93
C SER C 703 62.97 1.34 -15.29
N HIS C 704 62.31 2.49 -15.48
CA HIS C 704 62.88 3.79 -15.07
C HIS C 704 61.83 4.67 -14.36
N LEU C 705 62.25 5.27 -13.24
CA LEU C 705 61.54 6.40 -12.63
C LEU C 705 62.13 7.73 -13.09
N PRO C 706 61.30 8.64 -13.60
CA PRO C 706 61.64 10.06 -13.43
C PRO C 706 61.49 10.51 -11.97
N SER C 707 62.60 10.75 -11.26
CA SER C 707 62.53 11.02 -9.81
C SER C 707 62.03 12.43 -9.55
N GLY C 708 62.09 13.28 -10.58
CA GLY C 708 61.34 14.52 -10.61
C GLY C 708 59.83 14.29 -10.65
N PHE C 709 59.44 13.07 -10.99
CA PHE C 709 58.04 12.64 -10.88
C PHE C 709 57.61 12.29 -9.45
N LEU C 710 58.55 11.89 -8.58
CA LEU C 710 58.24 11.65 -7.17
C LEU C 710 58.02 12.98 -6.44
N SER C 711 59.07 13.80 -6.38
CA SER C 711 59.00 15.12 -5.73
C SER C 711 57.97 16.00 -6.43
N GLU C 712 57.15 15.37 -7.27
CA GLU C 712 56.42 16.04 -8.34
C GLU C 712 55.34 16.97 -7.77
N VAL C 713 54.45 16.40 -6.96
CA VAL C 713 53.50 17.21 -6.18
C VAL C 713 52.66 16.42 -5.14
N SER C 714 51.84 17.18 -4.43
CA SER C 714 51.68 17.04 -2.99
C SER C 714 50.86 15.83 -2.61
N SER C 715 49.83 15.55 -3.40
CA SER C 715 48.73 14.69 -2.97
C SER C 715 49.17 13.25 -2.75
N LEU C 716 50.19 12.80 -3.48
CA LEU C 716 50.54 11.39 -3.46
C LEU C 716 51.04 10.89 -2.10
N LYS C 717 50.27 10.08 -1.43
CA LYS C 717 50.68 9.55 -0.16
C LYS C 717 51.34 8.20 -0.23
N HIS C 718 51.10 7.48 -1.31
CA HIS C 718 51.46 6.06 -1.35
C HIS C 718 51.66 5.63 -2.81
N LEU C 719 52.80 5.01 -3.08
CA LEU C 719 53.19 4.61 -4.43
C LEU C 719 53.72 3.19 -4.38
N ASP C 720 53.15 2.30 -5.19
CA ASP C 720 53.55 0.90 -5.15
C ASP C 720 54.21 0.57 -6.46
N LEU C 721 55.53 0.39 -6.41
CA LEU C 721 56.33 0.05 -7.58
C LEU C 721 56.93 -1.34 -7.44
N SER C 722 56.40 -2.13 -6.49
CA SER C 722 56.92 -3.46 -6.26
C SER C 722 56.85 -4.32 -7.52
N SER C 723 57.83 -5.20 -7.70
CA SER C 723 57.77 -6.25 -8.72
C SER C 723 57.70 -5.66 -10.11
N ASN C 724 58.43 -4.57 -10.32
CA ASN C 724 58.69 -4.09 -11.68
C ASN C 724 60.08 -4.48 -12.15
N LEU C 725 60.69 -3.62 -12.97
CA LEU C 725 61.93 -3.94 -13.64
C LEU C 725 63.00 -2.89 -13.33
N LEU C 726 62.91 -2.25 -12.18
CA LEU C 726 63.82 -1.17 -11.85
C LEU C 726 65.22 -1.71 -11.51
N LYS C 727 66.23 -1.22 -12.24
CA LYS C 727 67.62 -1.42 -11.85
C LYS C 727 68.04 -0.43 -10.76
N THR C 728 67.79 0.86 -11.00
CA THR C 728 68.20 1.94 -10.09
C THR C 728 67.11 2.99 -9.92
N ILE C 729 67.19 3.78 -8.85
CA ILE C 729 66.34 4.96 -8.70
C ILE C 729 67.04 6.22 -9.23
N LYS C 741 55.23 14.81 0.14
CA LYS C 741 54.49 14.36 1.31
C LYS C 741 54.54 12.84 1.51
N LEU C 742 55.19 12.11 0.60
CA LEU C 742 55.03 10.64 0.48
C LEU C 742 55.15 9.86 1.78
N SER C 743 54.19 8.98 2.04
CA SER C 743 54.15 8.24 3.29
C SER C 743 54.44 6.74 3.16
N MET C 744 54.15 6.15 2.01
CA MET C 744 54.53 4.74 1.77
C MET C 744 55.09 4.50 0.38
N LEU C 745 56.13 3.67 0.31
CA LEU C 745 56.80 3.37 -0.95
C LEU C 745 57.25 1.92 -0.97
N GLU C 746 56.63 1.14 -1.85
CA GLU C 746 56.92 -0.28 -1.91
C GLU C 746 57.83 -0.49 -3.11
N LEU C 747 58.91 -1.23 -2.91
CA LEU C 747 59.87 -1.47 -3.99
C LEU C 747 60.31 -2.92 -4.11
N HIS C 748 59.83 -3.77 -3.21
CA HIS C 748 60.29 -5.15 -3.21
C HIS C 748 60.01 -5.81 -4.55
N GLY C 749 60.91 -6.71 -4.94
CA GLY C 749 60.70 -7.52 -6.13
C GLY C 749 61.31 -6.96 -7.39
N ASN C 750 61.96 -5.80 -7.30
CA ASN C 750 62.73 -5.26 -8.43
C ASN C 750 64.17 -5.78 -8.41
N PRO C 751 64.82 -5.83 -9.60
CA PRO C 751 66.19 -6.33 -9.76
C PRO C 751 67.24 -5.22 -9.66
N PHE C 752 67.59 -4.86 -8.43
CA PHE C 752 68.47 -3.72 -8.22
C PHE C 752 69.93 -4.06 -8.53
N GLU C 753 70.50 -3.35 -9.50
CA GLU C 753 71.96 -3.22 -9.62
C GLU C 753 72.53 -2.51 -8.39
N CYS C 754 73.37 -3.19 -7.64
CA CYS C 754 73.89 -2.62 -6.40
C CYS C 754 75.36 -2.17 -6.53
N THR C 755 75.66 -1.48 -7.64
CA THR C 755 76.97 -0.88 -7.86
C THR C 755 76.99 0.53 -7.25
N CYS C 756 77.97 1.35 -7.62
CA CYS C 756 77.96 2.77 -7.27
C CYS C 756 76.70 3.48 -7.80
N ASP C 757 76.13 2.98 -8.89
CA ASP C 757 74.75 3.28 -9.23
C ASP C 757 73.97 3.58 -7.96
N ILE C 758 73.86 2.53 -7.13
CA ILE C 758 72.79 2.39 -6.15
C ILE C 758 73.04 3.19 -4.86
N GLY C 759 74.17 3.91 -4.82
CA GLY C 759 74.54 4.70 -3.64
C GLY C 759 73.64 5.90 -3.43
N ASP C 760 73.29 6.57 -4.52
CA ASP C 760 72.46 7.77 -4.47
C ASP C 760 71.21 7.56 -3.63
N PHE C 761 70.45 6.51 -3.96
CA PHE C 761 69.17 6.20 -3.31
C PHE C 761 69.32 5.83 -1.83
N ARG C 762 70.35 5.05 -1.52
CA ARG C 762 70.58 4.59 -0.15
C ARG C 762 70.64 5.75 0.82
N ARG C 763 71.28 6.84 0.39
CA ARG C 763 71.32 8.08 1.16
C ARG C 763 69.94 8.72 1.23
N TRP C 764 69.21 8.68 0.11
CA TRP C 764 67.83 9.19 0.08
C TRP C 764 66.95 8.50 1.11
N MET C 765 67.18 7.20 1.32
CA MET C 765 66.41 6.45 2.33
C MET C 765 66.64 6.92 3.76
N ASP C 766 67.82 7.47 4.03
CA ASP C 766 68.20 7.91 5.38
C ASP C 766 67.71 9.33 5.67
N GLU C 767 67.59 10.15 4.63
CA GLU C 767 67.10 11.53 4.76
C GLU C 767 65.56 11.61 4.68
N HIS C 768 64.89 10.46 4.73
CA HIS C 768 63.44 10.42 4.63
C HIS C 768 62.88 9.20 5.35
N LEU C 769 62.94 9.25 6.68
CA LEU C 769 62.48 8.15 7.56
C LEU C 769 60.95 8.16 7.75
N ASN C 770 60.32 9.29 7.43
CA ASN C 770 58.86 9.38 7.38
C ASN C 770 58.23 8.38 6.40
N VAL C 771 58.95 8.05 5.34
CA VAL C 771 58.49 7.08 4.34
C VAL C 771 58.73 5.62 4.74
N LYS C 772 57.65 4.89 5.03
CA LYS C 772 57.78 3.46 5.29
C LYS C 772 58.04 2.72 3.99
N ILE C 773 58.96 1.76 4.04
CA ILE C 773 59.19 0.88 2.90
C ILE C 773 59.09 -0.57 3.35
N PRO C 774 57.93 -1.20 3.10
CA PRO C 774 57.69 -2.46 3.77
C PRO C 774 58.38 -3.64 3.09
N ARG C 775 58.54 -4.75 3.80
CA ARG C 775 59.16 -5.92 3.23
C ARG C 775 60.58 -5.60 2.79
N LEU C 776 61.36 -5.01 3.69
CA LEU C 776 62.74 -4.64 3.36
C LEU C 776 63.55 -5.88 2.97
N VAL C 777 63.36 -6.96 3.72
CA VAL C 777 63.89 -8.28 3.38
C VAL C 777 63.86 -8.53 1.85
N ASP C 778 62.74 -8.20 1.22
CA ASP C 778 62.50 -8.57 -0.18
C ASP C 778 62.90 -7.50 -1.14
N VAL C 779 63.56 -6.45 -0.65
CA VAL C 779 64.30 -5.57 -1.54
C VAL C 779 65.69 -6.16 -1.77
N ILE C 780 65.96 -6.60 -3.01
CA ILE C 780 67.04 -7.57 -3.29
C ILE C 780 67.84 -7.15 -4.51
N CYS C 781 69.16 -7.25 -4.41
CA CYS C 781 70.03 -6.95 -5.53
C CYS C 781 69.94 -8.10 -6.51
N ALA C 782 70.03 -7.78 -7.79
CA ALA C 782 70.38 -8.77 -8.79
C ALA C 782 71.79 -8.43 -9.28
N SER C 783 71.92 -8.01 -10.54
CA SER C 783 73.23 -7.70 -11.12
C SER C 783 74.01 -6.65 -10.29
N PRO C 784 75.33 -6.56 -10.48
CA PRO C 784 76.10 -7.52 -11.28
C PRO C 784 76.31 -8.86 -10.56
N GLY C 785 76.65 -9.89 -11.33
CA GLY C 785 76.65 -11.28 -10.87
C GLY C 785 77.04 -11.48 -9.43
N ASP C 786 78.19 -10.93 -9.04
CA ASP C 786 78.68 -11.07 -7.65
C ASP C 786 77.85 -10.24 -6.66
N GLN C 787 77.23 -9.17 -7.15
CA GLN C 787 76.47 -8.26 -6.28
C GLN C 787 75.06 -8.77 -5.94
N ARG C 788 74.76 -10.02 -6.30
CA ARG C 788 73.36 -10.49 -6.28
C ARG C 788 73.01 -11.28 -5.02
N GLY C 789 71.72 -11.55 -4.84
CA GLY C 789 71.20 -12.23 -3.65
C GLY C 789 70.98 -11.26 -2.50
N LYS C 790 71.61 -10.10 -2.56
CA LYS C 790 71.89 -9.29 -1.38
C LYS C 790 70.76 -8.29 -1.10
N SER C 791 70.38 -8.14 0.17
CA SER C 791 69.39 -7.13 0.54
C SER C 791 69.98 -5.74 0.54
N ILE C 792 69.59 -4.91 -0.43
CA ILE C 792 70.31 -3.67 -0.75
C ILE C 792 70.93 -2.98 0.49
N VAL C 793 70.22 -2.97 1.60
CA VAL C 793 70.76 -2.40 2.84
C VAL C 793 72.00 -3.18 3.32
N ARG D 10 71.90 -27.81 -37.17
CA ARG D 10 71.02 -27.13 -36.17
C ARG D 10 70.65 -25.74 -36.67
N SER D 11 69.43 -25.62 -37.18
CA SER D 11 68.94 -24.37 -37.78
C SER D 11 68.78 -23.24 -36.76
N TYR D 12 68.86 -22.02 -37.27
CA TYR D 12 68.64 -20.81 -36.47
C TYR D 12 68.41 -19.66 -37.45
N PRO D 13 67.39 -18.82 -37.22
CA PRO D 13 66.58 -18.84 -35.98
C PRO D 13 65.46 -19.88 -35.98
N CYS D 14 65.20 -20.47 -37.14
CA CYS D 14 63.97 -21.17 -37.38
C CYS D 14 64.09 -22.61 -36.90
N ASP D 15 63.01 -23.37 -37.06
CA ASP D 15 63.09 -24.83 -37.00
C ASP D 15 62.80 -25.38 -38.39
N GLU D 16 63.79 -26.04 -38.97
CA GLU D 16 63.66 -26.54 -40.34
C GLU D 16 63.27 -28.02 -40.33
N LYS D 17 62.67 -28.46 -41.43
CA LYS D 17 62.10 -29.80 -41.52
C LYS D 17 61.89 -30.18 -42.99
N LYS D 18 61.78 -31.49 -43.26
CA LYS D 18 61.37 -31.98 -44.58
C LYS D 18 60.82 -33.40 -44.47
N VAL D 23 61.06 -29.04 -47.90
CA VAL D 23 61.74 -28.43 -46.75
C VAL D 23 61.05 -27.14 -46.27
N ILE D 24 60.76 -27.11 -44.97
CA ILE D 24 59.78 -26.19 -44.41
C ILE D 24 60.30 -25.58 -43.11
N ALA D 25 60.38 -24.25 -43.08
CA ALA D 25 60.96 -23.51 -41.97
C ALA D 25 59.88 -22.82 -41.15
N GLU D 26 59.71 -23.24 -39.91
CA GLU D 26 58.87 -22.52 -38.96
C GLU D 26 59.66 -21.42 -38.23
N CYS D 27 59.36 -20.17 -38.58
CA CYS D 27 60.09 -19.04 -38.02
C CYS D 27 59.13 -17.97 -37.52
N SER D 28 57.97 -18.43 -37.04
CA SER D 28 56.90 -17.54 -36.61
C SER D 28 57.06 -17.24 -35.13
N ASN D 29 56.77 -16.01 -34.72
CA ASN D 29 56.59 -15.69 -33.32
C ASN D 29 57.88 -15.79 -32.53
N ARG D 30 58.92 -15.12 -33.03
CA ARG D 30 60.29 -15.39 -32.60
C ARG D 30 60.99 -14.09 -32.28
N ARG D 31 60.20 -13.05 -32.04
CA ARG D 31 60.71 -11.72 -31.71
C ARG D 31 61.72 -11.22 -32.73
N LEU D 32 61.58 -11.68 -33.97
CA LEU D 32 62.49 -11.29 -35.03
C LEU D 32 62.24 -9.87 -35.50
N GLN D 33 63.30 -9.10 -35.63
CA GLN D 33 63.21 -7.70 -36.00
C GLN D 33 63.52 -7.44 -37.47
N GLU D 34 64.04 -8.46 -38.16
CA GLU D 34 64.12 -8.44 -39.62
C GLU D 34 64.18 -9.87 -40.14
N VAL D 35 64.14 -10.03 -41.45
CA VAL D 35 64.15 -11.36 -42.04
C VAL D 35 65.51 -12.00 -41.79
N PRO D 36 65.53 -13.19 -41.17
CA PRO D 36 66.78 -13.88 -40.90
C PRO D 36 67.59 -14.23 -42.16
N GLN D 37 68.88 -13.90 -42.14
CA GLN D 37 69.77 -14.23 -43.24
C GLN D 37 70.45 -15.58 -43.03
N THR D 38 70.19 -16.21 -41.89
CA THR D 38 70.77 -17.51 -41.57
C THR D 38 69.82 -18.66 -41.90
N VAL D 39 69.10 -18.53 -43.03
CA VAL D 39 68.17 -19.57 -43.47
C VAL D 39 68.86 -20.45 -44.52
N GLY D 40 68.52 -21.74 -44.55
CA GLY D 40 68.99 -22.63 -45.62
C GLY D 40 68.56 -22.13 -46.99
N LYS D 41 69.35 -22.45 -48.02
CA LYS D 41 69.00 -22.04 -49.38
C LYS D 41 67.90 -22.93 -49.95
N TYR D 42 68.00 -24.22 -49.62
CA TYR D 42 67.01 -25.24 -49.96
C TYR D 42 65.55 -24.85 -49.63
N VAL D 43 65.35 -24.05 -48.60
CA VAL D 43 64.03 -23.88 -47.97
C VAL D 43 62.98 -23.42 -49.00
N THR D 44 61.86 -24.15 -49.03
CA THR D 44 60.79 -23.86 -49.98
C THR D 44 59.68 -23.03 -49.32
N GLU D 45 59.43 -23.27 -48.03
CA GLU D 45 58.28 -22.70 -47.33
C GLU D 45 58.65 -22.02 -46.01
N LEU D 46 58.50 -20.69 -45.96
CA LEU D 46 59.02 -19.89 -44.85
C LEU D 46 57.92 -19.12 -44.10
N ASP D 47 57.68 -19.53 -42.86
CA ASP D 47 56.71 -18.87 -42.01
C ASP D 47 57.37 -17.91 -41.05
N LEU D 48 57.17 -16.62 -41.31
CA LEU D 48 57.78 -15.56 -40.54
C LEU D 48 56.72 -14.74 -39.79
N SER D 49 55.53 -15.30 -39.63
CA SER D 49 54.40 -14.53 -39.10
C SER D 49 54.58 -14.24 -37.62
N ASP D 50 54.09 -13.08 -37.16
CA ASP D 50 54.09 -12.76 -35.73
C ASP D 50 55.49 -12.45 -35.20
N ASN D 51 56.24 -11.70 -35.99
CA ASN D 51 57.53 -11.22 -35.56
C ASN D 51 57.48 -9.73 -35.69
N PHE D 52 58.58 -9.05 -35.35
CA PHE D 52 58.63 -7.60 -35.29
C PHE D 52 59.23 -6.97 -36.57
N ILE D 53 59.04 -7.64 -37.69
CA ILE D 53 59.67 -7.22 -38.94
C ILE D 53 58.95 -5.99 -39.48
N THR D 54 59.74 -4.97 -39.80
CA THR D 54 59.20 -3.66 -40.15
C THR D 54 59.49 -3.30 -41.61
N HIS D 55 60.48 -3.96 -42.21
CA HIS D 55 60.90 -3.63 -43.57
C HIS D 55 61.08 -4.88 -44.44
N ILE D 56 60.64 -4.79 -45.70
CA ILE D 56 61.01 -5.78 -46.71
C ILE D 56 61.53 -5.12 -48.00
N THR D 57 62.66 -5.64 -48.48
CA THR D 57 63.35 -5.12 -49.66
C THR D 57 63.82 -6.24 -50.54
N ASN D 58 64.38 -5.88 -51.70
CA ASN D 58 65.02 -6.82 -52.64
C ASN D 58 66.16 -7.61 -52.02
N GLU D 59 66.72 -7.10 -50.93
CA GLU D 59 67.82 -7.76 -50.22
C GLU D 59 67.32 -8.82 -49.21
N SER D 60 66.01 -8.83 -48.93
CA SER D 60 65.48 -9.63 -47.82
C SER D 60 65.54 -11.13 -48.10
N PHE D 61 65.36 -11.53 -49.36
CA PHE D 61 65.27 -12.95 -49.69
C PHE D 61 66.26 -13.40 -50.77
N GLN D 62 67.43 -12.75 -50.80
CA GLN D 62 68.43 -12.91 -51.86
C GLN D 62 68.89 -14.34 -52.07
N GLY D 63 69.20 -15.04 -50.99
CA GLY D 63 69.89 -16.34 -51.08
C GLY D 63 68.98 -17.54 -51.07
N LEU D 64 67.70 -17.33 -51.39
CA LEU D 64 66.65 -18.31 -51.12
C LEU D 64 65.74 -18.51 -52.33
N GLN D 65 66.31 -18.49 -53.53
CA GLN D 65 65.54 -18.56 -54.78
C GLN D 65 64.57 -19.74 -54.85
N ASN D 66 64.82 -20.79 -54.05
CA ASN D 66 63.97 -21.98 -54.04
C ASN D 66 62.56 -21.75 -53.45
N LEU D 67 62.29 -20.55 -52.91
CA LEU D 67 61.07 -20.30 -52.12
C LEU D 67 59.76 -20.25 -52.93
N THR D 68 58.80 -21.07 -52.49
CA THR D 68 57.48 -21.16 -53.12
C THR D 68 56.39 -20.42 -52.33
N LYS D 69 56.50 -20.46 -50.99
CA LYS D 69 55.50 -19.91 -50.05
C LYS D 69 56.17 -19.14 -48.90
N ILE D 70 55.84 -17.85 -48.79
CA ILE D 70 56.24 -17.02 -47.66
C ILE D 70 55.03 -16.53 -46.86
N ASN D 71 55.12 -16.60 -45.54
CA ASN D 71 54.10 -16.03 -44.66
C ASN D 71 54.63 -14.87 -43.84
N LEU D 72 54.11 -13.66 -44.12
CA LEU D 72 54.51 -12.49 -43.34
C LEU D 72 53.39 -11.91 -42.47
N ASN D 73 52.41 -12.74 -42.13
CA ASN D 73 51.21 -12.27 -41.43
C ASN D 73 51.58 -11.62 -40.11
N HIS D 74 50.84 -10.56 -39.76
CA HIS D 74 50.95 -9.93 -38.44
C HIS D 74 52.39 -9.50 -38.20
N ASN D 75 52.87 -8.59 -39.05
CA ASN D 75 54.19 -7.98 -38.89
C ASN D 75 54.04 -6.49 -39.14
N PRO D 76 54.55 -5.64 -38.26
CA PRO D 76 55.18 -6.04 -37.02
C PRO D 76 54.15 -6.26 -35.96
N ASN D 77 54.42 -7.20 -35.08
CA ASN D 77 53.43 -7.65 -34.14
C ASN D 77 53.49 -6.82 -32.84
N VAL D 78 53.40 -5.49 -32.99
CA VAL D 78 53.61 -4.55 -31.88
C VAL D 78 52.35 -3.75 -31.60
N GLY D 91 53.22 -0.73 -38.76
CA GLY D 91 53.32 -0.77 -40.22
C GLY D 91 54.41 -1.70 -40.73
N LEU D 92 54.16 -2.35 -41.87
CA LEU D 92 55.21 -3.10 -42.56
C LEU D 92 55.54 -2.38 -43.87
N ASN D 93 56.77 -1.87 -43.95
CA ASN D 93 57.27 -1.15 -45.13
C ASN D 93 57.84 -2.13 -46.16
N ILE D 94 57.13 -2.27 -47.28
CA ILE D 94 57.56 -3.15 -48.40
C ILE D 94 57.88 -2.32 -49.65
N THR D 95 59.09 -2.52 -50.20
CA THR D 95 59.55 -1.75 -51.35
C THR D 95 59.15 -2.36 -52.69
N ASP D 96 58.85 -1.49 -53.65
CA ASP D 96 58.44 -1.88 -55.01
C ASP D 96 59.36 -2.94 -55.55
N GLY D 97 58.79 -4.10 -55.88
CA GLY D 97 59.58 -5.20 -56.43
C GLY D 97 60.42 -5.96 -55.43
N ALA D 98 60.17 -5.75 -54.15
CA ALA D 98 60.94 -6.41 -53.10
C ALA D 98 60.91 -7.93 -53.26
N PHE D 99 59.89 -8.44 -53.94
CA PHE D 99 59.73 -9.89 -54.17
C PHE D 99 60.09 -10.37 -55.58
N LEU D 100 60.05 -9.46 -56.53
CA LEU D 100 60.31 -9.75 -57.95
C LEU D 100 61.31 -10.88 -58.15
N ASN D 101 62.44 -10.79 -57.46
CA ASN D 101 63.51 -11.80 -57.55
C ASN D 101 63.04 -13.25 -57.45
N LEU D 102 62.04 -13.53 -56.60
CA LEU D 102 61.73 -14.92 -56.22
C LEU D 102 60.90 -15.64 -57.28
N LYS D 103 61.58 -16.34 -58.19
CA LYS D 103 61.01 -16.72 -59.47
C LYS D 103 60.10 -17.93 -59.35
N ASN D 104 60.22 -18.65 -58.25
CA ASN D 104 59.32 -19.74 -57.92
C ASN D 104 58.30 -19.43 -56.82
N LEU D 105 58.02 -18.15 -56.57
CA LEU D 105 57.13 -17.78 -55.47
C LEU D 105 55.67 -17.94 -55.85
N ARG D 106 55.02 -18.88 -55.19
CA ARG D 106 53.66 -19.31 -55.55
C ARG D 106 52.61 -18.68 -54.64
N GLU D 107 52.97 -18.46 -53.38
CA GLU D 107 52.00 -18.22 -52.31
C GLU D 107 52.54 -17.19 -51.31
N LEU D 108 51.96 -16.00 -51.30
CA LEU D 108 52.45 -14.88 -50.48
C LEU D 108 51.39 -14.34 -49.53
N LEU D 109 51.60 -14.56 -48.23
CA LEU D 109 50.60 -14.26 -47.23
C LEU D 109 51.03 -13.03 -46.45
N LEU D 110 50.26 -11.96 -46.64
CA LEU D 110 50.59 -10.62 -46.12
C LEU D 110 49.41 -10.03 -45.38
N GLU D 111 48.93 -10.75 -44.37
CA GLU D 111 47.71 -10.33 -43.70
C GLU D 111 48.06 -9.48 -42.49
N ASP D 112 47.23 -8.48 -42.21
CA ASP D 112 47.31 -7.75 -40.94
C ASP D 112 48.66 -7.09 -40.87
N ASN D 113 49.03 -6.42 -41.96
CA ASN D 113 50.31 -5.75 -42.07
C ASN D 113 50.16 -4.25 -42.26
N GLN D 114 48.93 -3.75 -42.20
CA GLN D 114 48.63 -2.33 -42.31
C GLN D 114 49.14 -1.75 -43.60
N LEU D 115 49.09 -2.55 -44.67
CA LEU D 115 49.44 -2.07 -46.00
C LEU D 115 48.43 -1.02 -46.44
N PRO D 116 48.90 0.12 -46.98
CA PRO D 116 48.01 1.14 -47.57
C PRO D 116 47.66 0.87 -49.04
N GLN D 117 48.44 0.02 -49.68
CA GLN D 117 48.32 -0.28 -51.11
C GLN D 117 48.68 -1.74 -51.32
N ILE D 118 48.38 -2.23 -52.51
CA ILE D 118 48.92 -3.50 -52.91
C ILE D 118 50.37 -3.26 -53.26
N PRO D 119 51.26 -4.06 -52.68
CA PRO D 119 52.67 -3.90 -53.04
C PRO D 119 52.83 -3.87 -54.55
N SER D 120 53.76 -3.06 -55.04
CA SER D 120 54.03 -3.01 -56.47
C SER D 120 55.12 -3.98 -56.86
N GLY D 121 55.09 -4.41 -58.11
CA GLY D 121 56.09 -5.34 -58.59
C GLY D 121 56.06 -6.60 -57.75
N LEU D 122 54.90 -7.24 -57.70
CA LEU D 122 54.83 -8.60 -57.21
C LEU D 122 55.16 -9.56 -58.35
N PRO D 123 55.79 -10.70 -58.03
CA PRO D 123 56.24 -11.64 -59.05
C PRO D 123 55.11 -12.20 -59.91
N GLU D 124 55.39 -12.41 -61.19
CA GLU D 124 54.42 -12.95 -62.14
C GLU D 124 54.00 -14.39 -61.77
N SER D 125 54.80 -15.04 -60.94
CA SER D 125 54.62 -16.47 -60.65
C SER D 125 53.59 -16.76 -59.54
N LEU D 126 53.01 -15.73 -58.95
CA LEU D 126 52.16 -15.93 -57.77
C LEU D 126 50.86 -16.61 -58.21
N THR D 127 50.54 -17.69 -57.51
CA THR D 127 49.24 -18.35 -57.55
C THR D 127 48.31 -17.97 -56.36
N GLU D 128 48.82 -17.93 -55.13
CA GLU D 128 48.05 -17.50 -53.95
C GLU D 128 48.54 -16.20 -53.29
N LEU D 129 47.72 -15.15 -53.31
CA LEU D 129 48.03 -13.90 -52.59
C LEU D 129 46.94 -13.55 -51.56
N SER D 130 47.34 -13.23 -50.34
CA SER D 130 46.38 -12.84 -49.31
C SER D 130 46.67 -11.47 -48.70
N LEU D 131 45.81 -10.50 -49.00
CA LEU D 131 45.93 -9.15 -48.43
C LEU D 131 44.79 -8.85 -47.45
N ILE D 132 44.30 -9.90 -46.79
CA ILE D 132 43.27 -9.78 -45.76
C ILE D 132 43.72 -8.82 -44.68
N GLN D 133 42.80 -8.00 -44.19
CA GLN D 133 42.99 -7.25 -42.94
C GLN D 133 44.09 -6.23 -43.06
N ASN D 134 44.00 -5.42 -44.11
CA ASN D 134 44.92 -4.31 -44.33
C ASN D 134 44.11 -3.04 -44.51
N ASN D 135 44.77 -1.95 -44.90
CA ASN D 135 44.13 -0.68 -45.20
C ASN D 135 44.21 -0.38 -46.67
N ILE D 136 44.00 -1.41 -47.50
CA ILE D 136 44.01 -1.26 -48.95
C ILE D 136 42.62 -0.97 -49.46
N TYR D 137 42.42 0.21 -50.01
CA TYR D 137 41.10 0.65 -50.48
C TYR D 137 41.05 0.86 -51.99
N ASN D 138 42.14 0.57 -52.67
CA ASN D 138 42.23 0.72 -54.12
C ASN D 138 42.75 -0.58 -54.73
N ILE D 139 41.95 -1.19 -55.61
CA ILE D 139 42.40 -2.39 -56.34
C ILE D 139 42.62 -2.01 -57.80
N THR D 140 43.83 -2.24 -58.28
CA THR D 140 44.33 -1.50 -59.43
C THR D 140 44.99 -2.42 -60.42
N LYS D 141 44.77 -2.14 -61.70
CA LYS D 141 45.50 -2.84 -62.76
C LYS D 141 47.01 -2.85 -62.46
N GLU D 142 47.55 -1.67 -62.14
CA GLU D 142 48.95 -1.55 -61.78
C GLU D 142 49.34 -2.65 -60.82
N GLY D 143 48.55 -2.80 -59.76
CA GLY D 143 48.90 -3.71 -58.68
C GLY D 143 48.71 -5.18 -58.98
N ILE D 144 47.69 -5.51 -59.78
CA ILE D 144 47.18 -6.88 -59.85
C ILE D 144 47.21 -7.52 -61.24
N SER D 145 46.93 -6.72 -62.27
CA SER D 145 46.58 -7.26 -63.56
C SER D 145 47.65 -8.12 -64.21
N ARG D 146 48.86 -8.05 -63.69
CA ARG D 146 50.01 -8.76 -64.26
C ARG D 146 50.18 -10.16 -63.68
N LEU D 147 49.46 -10.45 -62.59
CA LEU D 147 49.75 -11.64 -61.77
C LEU D 147 48.99 -12.84 -62.31
N ILE D 148 49.33 -13.18 -63.53
CA ILE D 148 48.40 -13.73 -64.50
C ILE D 148 48.02 -15.16 -64.13
N ASN D 149 48.82 -15.78 -63.26
CA ASN D 149 48.60 -17.16 -62.87
C ASN D 149 47.96 -17.24 -61.49
N LEU D 150 47.30 -16.18 -61.07
CA LEU D 150 46.71 -16.13 -59.75
C LEU D 150 45.54 -17.11 -59.70
N LYS D 151 45.56 -18.04 -58.74
CA LYS D 151 44.40 -18.90 -58.45
C LYS D 151 43.49 -18.32 -57.36
N ASN D 152 44.10 -17.89 -56.25
CA ASN D 152 43.36 -17.42 -55.09
C ASN D 152 43.78 -16.02 -54.68
N LEU D 153 42.84 -15.09 -54.67
CA LEU D 153 43.12 -13.72 -54.28
C LEU D 153 42.19 -13.31 -53.14
N TYR D 154 42.76 -13.04 -51.97
CA TYR D 154 41.98 -12.68 -50.80
C TYR D 154 42.20 -11.21 -50.47
N LEU D 155 41.17 -10.40 -50.60
CA LEU D 155 41.24 -8.99 -50.28
C LEU D 155 40.27 -8.56 -49.18
N ALA D 156 39.87 -9.51 -48.33
CA ALA D 156 38.78 -9.30 -47.39
C ALA D 156 39.21 -8.49 -46.17
N TRP D 157 38.25 -7.77 -45.59
CA TRP D 157 38.44 -7.08 -44.32
C TRP D 157 39.47 -5.96 -44.40
N ASN D 158 39.31 -5.07 -45.36
CA ASN D 158 40.12 -3.88 -45.41
C ASN D 158 39.34 -2.65 -44.97
N CYS D 159 38.03 -2.64 -45.20
CA CYS D 159 37.19 -1.53 -44.75
C CYS D 159 35.83 -2.03 -44.27
N TYR D 160 35.62 -1.99 -42.96
CA TYR D 160 34.42 -2.60 -42.41
C TYR D 160 34.06 -1.97 -41.08
N PHE D 161 32.86 -2.23 -40.59
CA PHE D 161 32.41 -1.78 -39.29
C PHE D 161 32.62 -0.26 -39.16
N ASN D 162 33.03 0.25 -37.99
CA ASN D 162 33.34 1.67 -37.83
C ASN D 162 34.84 1.96 -37.96
N LYS D 163 35.59 1.05 -38.56
CA LYS D 163 36.90 1.39 -39.06
C LYS D 163 36.84 2.69 -39.86
N VAL D 164 37.88 3.53 -39.70
CA VAL D 164 38.06 4.70 -40.55
C VAL D 164 38.76 4.31 -41.86
N CYS D 165 38.05 4.46 -42.98
CA CYS D 165 38.48 3.88 -44.27
C CYS D 165 37.64 4.43 -45.43
N GLU D 166 38.09 4.17 -46.64
CA GLU D 166 37.39 4.68 -47.82
C GLU D 166 36.51 3.61 -48.45
N LYS D 167 35.48 4.05 -49.17
CA LYS D 167 34.87 3.20 -50.16
C LYS D 167 35.95 2.47 -50.95
N THR D 168 35.70 1.20 -51.23
CA THR D 168 36.68 0.35 -51.88
C THR D 168 36.55 0.54 -53.38
N ASN D 169 37.55 1.15 -53.99
CA ASN D 169 37.50 1.46 -55.41
C ASN D 169 38.16 0.34 -56.21
N ILE D 170 37.40 -0.23 -57.13
CA ILE D 170 37.89 -1.35 -57.93
C ILE D 170 38.08 -0.88 -59.37
N GLU D 171 39.33 -0.84 -59.78
CA GLU D 171 39.63 -0.29 -61.09
C GLU D 171 38.98 -1.21 -62.11
N ASP D 172 38.25 -0.62 -63.06
CA ASP D 172 37.49 -1.40 -64.02
C ASP D 172 38.30 -2.38 -64.87
N GLY D 173 37.85 -3.62 -64.92
CA GLY D 173 38.52 -4.64 -65.68
C GLY D 173 39.65 -5.29 -64.93
N VAL D 174 39.90 -4.85 -63.69
CA VAL D 174 41.12 -5.25 -63.00
C VAL D 174 41.26 -6.78 -62.96
N PHE D 175 40.13 -7.49 -62.81
CA PHE D 175 40.20 -8.93 -62.64
C PHE D 175 40.21 -9.71 -63.95
N GLU D 176 39.84 -9.07 -65.06
CA GLU D 176 39.56 -9.85 -66.28
C GLU D 176 40.80 -10.49 -66.90
N THR D 177 41.97 -10.00 -66.57
CA THR D 177 43.19 -10.60 -67.07
C THR D 177 43.68 -11.77 -66.25
N LEU D 178 43.02 -12.05 -65.13
CA LEU D 178 43.39 -13.15 -64.23
C LEU D 178 42.63 -14.42 -64.62
N THR D 179 42.90 -14.91 -65.81
CA THR D 179 42.01 -15.84 -66.46
C THR D 179 42.17 -17.24 -65.90
N ASN D 180 42.99 -17.37 -64.85
CA ASN D 180 43.06 -18.61 -64.10
C ASN D 180 42.59 -18.49 -62.66
N LEU D 181 41.85 -17.40 -62.37
CA LEU D 181 41.44 -17.07 -61.01
C LEU D 181 40.28 -17.94 -60.63
N GLU D 182 40.45 -18.72 -59.57
CA GLU D 182 39.43 -19.64 -59.14
C GLU D 182 38.63 -19.15 -57.91
N LEU D 183 39.24 -18.26 -57.11
CA LEU D 183 38.66 -17.83 -55.83
C LEU D 183 38.98 -16.36 -55.64
N LEU D 184 37.94 -15.56 -55.52
CA LEU D 184 38.07 -14.15 -55.20
C LEU D 184 37.25 -13.88 -53.91
N SER D 185 37.90 -13.34 -52.89
CA SER D 185 37.21 -12.92 -51.67
C SER D 185 37.37 -11.42 -51.44
N LEU D 186 36.23 -10.71 -51.53
CA LEU D 186 36.16 -9.28 -51.31
C LEU D 186 35.28 -8.88 -50.13
N SER D 187 35.02 -9.80 -49.23
CA SER D 187 34.08 -9.58 -48.14
C SER D 187 34.61 -8.52 -47.18
N PHE D 188 33.68 -7.85 -46.47
CA PHE D 188 34.00 -6.89 -45.44
C PHE D 188 34.83 -5.77 -46.02
N ASN D 189 34.30 -5.23 -47.13
CA ASN D 189 34.77 -4.02 -47.82
C ASN D 189 33.50 -3.32 -48.30
N SER D 190 33.56 -2.03 -48.59
CA SER D 190 32.37 -1.35 -49.08
C SER D 190 32.41 -1.29 -50.57
N LEU D 191 31.61 -2.14 -51.23
CA LEU D 191 31.68 -2.30 -52.70
C LEU D 191 30.52 -1.65 -53.41
N SER D 192 29.32 -1.76 -52.84
CA SER D 192 28.09 -1.24 -53.47
C SER D 192 27.54 -2.03 -54.68
N HIS D 193 28.41 -2.58 -55.52
CA HIS D 193 27.98 -3.36 -56.67
C HIS D 193 28.90 -4.54 -56.85
N VAL D 194 28.40 -5.59 -57.49
CA VAL D 194 29.28 -6.66 -57.91
C VAL D 194 30.20 -6.08 -59.00
N PRO D 195 31.51 -6.32 -58.87
CA PRO D 195 32.38 -5.88 -59.93
C PRO D 195 32.00 -6.49 -61.28
N PRO D 196 32.09 -5.69 -62.36
CA PRO D 196 32.03 -6.21 -63.72
C PRO D 196 33.27 -6.97 -64.11
N LYS D 197 33.22 -7.59 -65.28
CA LYS D 197 34.43 -8.09 -65.93
C LYS D 197 35.18 -9.06 -65.07
N LEU D 198 34.45 -10.03 -64.53
CA LEU D 198 35.09 -11.10 -63.77
C LEU D 198 35.50 -12.21 -64.72
N PRO D 199 36.60 -12.89 -64.43
CA PRO D 199 37.01 -13.99 -65.27
C PRO D 199 36.16 -15.24 -65.05
N SER D 200 35.98 -16.00 -66.12
CA SER D 200 35.03 -17.08 -66.17
C SER D 200 35.57 -18.30 -65.47
N SER D 201 36.85 -18.29 -65.12
CA SER D 201 37.45 -19.41 -64.40
C SER D 201 36.93 -19.50 -62.96
N LEU D 202 36.14 -18.51 -62.54
CA LEU D 202 35.83 -18.36 -61.15
C LEU D 202 35.02 -19.54 -60.63
N ARG D 203 35.50 -20.15 -59.55
CA ARG D 203 34.80 -21.22 -58.87
C ARG D 203 34.08 -20.67 -57.63
N LYS D 204 34.70 -19.71 -56.93
CA LYS D 204 34.25 -19.24 -55.63
C LYS D 204 34.31 -17.72 -55.50
N LEU D 205 33.15 -17.12 -55.24
CA LEU D 205 33.05 -15.69 -55.12
C LEU D 205 32.50 -15.29 -53.72
N PHE D 206 33.37 -14.66 -52.95
CA PHE D 206 33.04 -14.19 -51.63
C PHE D 206 32.79 -12.66 -51.58
N LEU D 207 31.54 -12.28 -51.34
CA LEU D 207 31.15 -10.87 -51.26
C LEU D 207 30.35 -10.50 -49.99
N SER D 208 30.68 -11.10 -48.85
CA SER D 208 29.88 -10.95 -47.66
C SER D 208 30.13 -9.56 -47.14
N ASN D 209 29.07 -8.94 -46.59
CA ASN D 209 29.19 -7.60 -45.99
C ASN D 209 29.96 -6.66 -46.89
N THR D 210 29.48 -6.50 -48.10
CA THR D 210 30.06 -5.55 -49.06
C THR D 210 29.11 -4.39 -49.42
N GLN D 211 27.93 -4.33 -48.80
CA GLN D 211 26.95 -3.26 -49.02
C GLN D 211 26.36 -3.23 -50.40
N ILE D 212 26.11 -4.41 -50.96
CA ILE D 212 25.46 -4.54 -52.25
C ILE D 212 23.97 -4.76 -52.01
N LYS D 213 23.11 -3.88 -52.55
CA LYS D 213 21.68 -3.96 -52.25
C LYS D 213 20.90 -4.68 -53.36
N TYR D 214 21.45 -4.66 -54.57
CA TYR D 214 20.76 -5.18 -55.74
C TYR D 214 21.67 -6.13 -56.51
N ILE D 215 21.07 -7.21 -57.02
CA ILE D 215 21.76 -8.25 -57.79
C ILE D 215 20.93 -8.57 -59.02
N SER D 216 21.62 -8.78 -60.14
CA SER D 216 20.99 -9.01 -61.44
C SER D 216 21.80 -10.01 -62.24
N GLU D 217 21.23 -10.44 -63.36
CA GLU D 217 21.84 -11.48 -64.19
C GLU D 217 23.21 -11.03 -64.72
N GLU D 218 23.30 -9.76 -65.12
CA GLU D 218 24.55 -9.14 -65.58
C GLU D 218 25.72 -9.35 -64.61
N ASP D 219 25.42 -9.40 -63.31
CA ASP D 219 26.46 -9.42 -62.27
C ASP D 219 27.32 -10.66 -62.29
N PHE D 220 26.77 -11.74 -62.84
CA PHE D 220 27.44 -13.02 -62.85
C PHE D 220 27.58 -13.54 -64.28
N LYS D 221 28.26 -12.73 -65.10
CA LYS D 221 28.19 -12.84 -66.56
C LYS D 221 28.61 -14.24 -67.02
N GLY D 222 29.92 -14.44 -67.23
CA GLY D 222 30.38 -15.67 -67.83
C GLY D 222 30.74 -16.71 -66.79
N LEU D 223 30.06 -16.68 -65.64
CA LEU D 223 30.59 -17.38 -64.45
C LEU D 223 29.98 -18.76 -64.33
N ILE D 224 30.22 -19.56 -65.35
CA ILE D 224 29.51 -20.81 -65.52
C ILE D 224 30.25 -21.91 -64.80
N ASN D 225 31.36 -21.55 -64.16
CA ASN D 225 32.17 -22.49 -63.43
C ASN D 225 31.88 -22.28 -61.95
N LEU D 226 31.01 -21.34 -61.62
CA LEU D 226 30.92 -20.87 -60.22
C LEU D 226 30.28 -21.95 -59.35
N THR D 227 30.99 -22.37 -58.30
CA THR D 227 30.44 -23.31 -57.32
C THR D 227 30.05 -22.72 -55.93
N LEU D 228 30.52 -21.53 -55.63
CA LEU D 228 30.17 -20.87 -54.40
C LEU D 228 29.95 -19.39 -54.63
N LEU D 229 28.85 -18.92 -54.06
CA LEU D 229 28.48 -17.51 -54.05
C LEU D 229 28.08 -17.13 -52.63
N ASP D 230 28.82 -16.23 -52.01
CA ASP D 230 28.53 -15.68 -50.70
C ASP D 230 28.11 -14.19 -50.82
N LEU D 231 26.81 -13.95 -50.64
CA LEU D 231 26.24 -12.61 -50.55
C LEU D 231 25.68 -12.31 -49.16
N SER D 232 26.08 -13.08 -48.16
CA SER D 232 25.60 -12.88 -46.80
C SER D 232 25.89 -11.45 -46.36
N GLY D 233 25.03 -10.92 -45.47
CA GLY D 233 25.29 -9.65 -44.78
C GLY D 233 25.11 -8.40 -45.62
N ASN D 234 24.44 -8.52 -46.75
CA ASN D 234 24.07 -7.37 -47.52
C ASN D 234 22.61 -7.11 -47.34
N CYS D 235 22.28 -5.91 -46.86
CA CYS D 235 21.00 -5.65 -46.25
C CYS D 235 20.83 -6.55 -45.02
N PRO D 236 21.70 -6.35 -44.02
CA PRO D 236 21.78 -7.22 -42.87
C PRO D 236 20.53 -7.20 -42.04
N ARG D 237 20.38 -8.23 -41.21
CA ARG D 237 19.44 -8.16 -40.09
C ARG D 237 20.20 -7.67 -38.85
N CYS D 238 19.84 -6.48 -38.33
CA CYS D 238 20.71 -5.78 -37.39
C CYS D 238 20.27 -5.90 -35.95
N PHE D 239 19.04 -6.33 -35.70
CA PHE D 239 18.64 -6.52 -34.31
C PHE D 239 19.62 -7.43 -33.53
N ASN D 240 20.17 -6.91 -32.45
CA ASN D 240 21.05 -7.69 -31.54
C ASN D 240 22.36 -8.06 -32.20
N ALA D 241 22.81 -7.25 -33.16
CA ALA D 241 24.03 -7.50 -33.87
C ALA D 241 25.21 -7.42 -32.91
N PRO D 242 26.08 -8.44 -32.90
CA PRO D 242 27.33 -8.36 -32.14
C PRO D 242 28.42 -7.54 -32.84
N PHE D 243 28.00 -6.59 -33.67
CA PHE D 243 28.93 -5.75 -34.40
C PHE D 243 28.14 -4.55 -34.90
N PRO D 244 28.85 -3.49 -35.34
CA PRO D 244 28.11 -2.31 -35.79
C PRO D 244 27.52 -2.58 -37.15
N CYS D 245 26.21 -2.47 -37.24
CA CYS D 245 25.47 -3.04 -38.35
C CYS D 245 24.55 -1.97 -38.94
N VAL D 246 24.70 -1.70 -40.23
CA VAL D 246 23.84 -0.74 -40.95
C VAL D 246 22.81 -1.46 -41.84
N PRO D 247 21.51 -1.29 -41.56
CA PRO D 247 20.53 -1.96 -42.41
C PRO D 247 20.22 -1.18 -43.69
N CYS D 248 19.78 -1.89 -44.72
CA CYS D 248 19.28 -1.23 -45.92
C CYS D 248 18.11 -0.37 -45.46
N ASP D 249 17.72 0.62 -46.23
CA ASP D 249 16.70 1.57 -45.80
C ASP D 249 15.36 0.91 -45.59
N GLY D 250 14.76 1.14 -44.42
CA GLY D 250 13.54 0.47 -44.04
C GLY D 250 13.82 -0.88 -43.39
N GLY D 251 15.10 -1.25 -43.29
CA GLY D 251 15.47 -2.66 -43.16
C GLY D 251 14.99 -3.54 -44.31
N ALA D 252 14.91 -2.98 -45.52
CA ALA D 252 14.62 -3.74 -46.74
C ALA D 252 15.51 -4.98 -46.90
N SER D 253 15.02 -5.94 -47.69
CA SER D 253 15.80 -7.14 -48.03
C SER D 253 16.68 -6.84 -49.22
N ILE D 254 17.84 -7.48 -49.29
CA ILE D 254 18.57 -7.54 -50.54
C ILE D 254 17.55 -7.79 -51.63
N ASN D 255 17.82 -7.28 -52.81
CA ASN D 255 16.91 -7.42 -53.92
C ASN D 255 17.61 -8.19 -55.02
N ILE D 256 17.23 -9.46 -55.14
CA ILE D 256 17.86 -10.34 -56.10
C ILE D 256 16.86 -10.53 -57.22
N ASP D 257 17.23 -10.08 -58.43
CA ASP D 257 16.38 -10.27 -59.58
C ASP D 257 15.95 -11.71 -59.72
N ARG D 258 14.74 -11.92 -60.21
CA ARG D 258 14.21 -13.26 -60.35
C ARG D 258 15.15 -14.15 -61.19
N PHE D 259 15.87 -13.55 -62.13
CA PHE D 259 16.78 -14.29 -63.04
C PHE D 259 18.26 -14.13 -62.75
N ALA D 260 18.61 -13.71 -61.53
CA ALA D 260 20.01 -13.36 -61.24
C ALA D 260 20.96 -14.56 -61.30
N PHE D 261 20.43 -15.74 -60.97
CA PHE D 261 21.22 -16.96 -60.86
C PHE D 261 20.99 -17.95 -62.02
N GLN D 262 20.60 -17.47 -63.19
CA GLN D 262 20.12 -18.39 -64.24
C GLN D 262 21.20 -19.17 -64.98
N ASN D 263 22.43 -18.63 -65.02
CA ASN D 263 23.55 -19.26 -65.73
C ASN D 263 24.51 -19.87 -64.73
N LEU D 264 24.09 -19.87 -63.47
CA LEU D 264 24.91 -20.35 -62.35
C LEU D 264 24.62 -21.85 -62.13
N THR D 265 24.87 -22.59 -63.18
CA THR D 265 24.44 -23.96 -63.28
C THR D 265 25.19 -24.88 -62.33
N GLN D 266 26.42 -24.49 -61.98
CA GLN D 266 27.32 -25.32 -61.18
C GLN D 266 27.30 -25.01 -59.67
N LEU D 267 26.43 -24.11 -59.22
CA LEU D 267 26.46 -23.67 -57.83
C LEU D 267 26.15 -24.80 -56.85
N ARG D 268 27.07 -25.03 -55.93
CA ARG D 268 26.88 -26.03 -54.85
C ARG D 268 26.62 -25.36 -53.50
N TYR D 269 27.09 -24.12 -53.35
CA TYR D 269 27.12 -23.43 -52.07
C TYR D 269 26.54 -22.03 -52.21
N LEU D 270 25.46 -21.76 -51.47
CA LEU D 270 24.85 -20.45 -51.52
C LEU D 270 24.60 -19.90 -50.12
N ASN D 271 25.14 -18.72 -49.86
CA ASN D 271 25.12 -18.11 -48.53
C ASN D 271 24.42 -16.74 -48.61
N LEU D 272 23.16 -16.73 -48.20
CA LEU D 272 22.33 -15.52 -48.19
C LEU D 272 21.93 -15.22 -46.76
N SER D 273 22.83 -15.51 -45.82
CA SER D 273 22.57 -15.23 -44.42
C SER D 273 22.58 -13.72 -44.23
N SER D 274 21.72 -13.25 -43.31
CA SER D 274 21.60 -11.82 -43.02
C SER D 274 21.55 -10.95 -44.30
N THR D 275 20.59 -11.27 -45.15
CA THR D 275 20.27 -10.43 -46.31
C THR D 275 18.83 -9.90 -46.21
N SER D 276 18.22 -10.06 -45.03
CA SER D 276 16.92 -9.51 -44.65
C SER D 276 15.78 -10.08 -45.46
N LEU D 277 15.93 -11.32 -45.90
CA LEU D 277 14.92 -11.91 -46.77
C LEU D 277 13.66 -12.25 -45.99
N ARG D 278 12.51 -12.00 -46.61
CA ARG D 278 11.22 -12.43 -46.07
C ARG D 278 10.62 -13.51 -46.95
N LYS D 279 11.03 -13.50 -48.22
CA LYS D 279 10.62 -14.49 -49.20
C LYS D 279 11.85 -15.05 -49.91
N ILE D 280 11.75 -16.31 -50.30
CA ILE D 280 12.75 -16.96 -51.13
C ILE D 280 12.08 -17.32 -52.48
N ASN D 281 12.62 -16.77 -53.57
CA ASN D 281 12.04 -16.98 -54.89
C ASN D 281 12.42 -18.34 -55.43
N ALA D 282 11.44 -19.22 -55.59
CA ALA D 282 11.71 -20.54 -56.13
C ALA D 282 12.42 -20.49 -57.49
N ALA D 283 12.23 -19.42 -58.27
CA ALA D 283 12.90 -19.27 -59.60
C ALA D 283 14.41 -19.20 -59.51
N TRP D 284 14.92 -18.66 -58.41
CA TRP D 284 16.35 -18.61 -58.21
C TRP D 284 17.03 -19.98 -58.40
N PHE D 285 16.31 -21.07 -58.25
CA PHE D 285 16.93 -22.39 -58.22
C PHE D 285 16.57 -23.25 -59.44
N LYS D 286 15.91 -22.66 -60.42
CA LYS D 286 15.44 -23.37 -61.61
C LYS D 286 16.58 -24.14 -62.28
N ASN D 287 17.74 -23.49 -62.38
CA ASN D 287 18.85 -23.93 -63.18
C ASN D 287 20.04 -24.27 -62.28
N MET D 288 19.73 -24.75 -61.07
CA MET D 288 20.76 -24.92 -60.05
C MET D 288 20.58 -26.28 -59.38
N PRO D 289 20.77 -27.37 -60.15
CA PRO D 289 20.40 -28.71 -59.72
C PRO D 289 21.44 -29.36 -58.83
N HIS D 290 22.61 -28.71 -58.72
CA HIS D 290 23.70 -29.25 -57.94
C HIS D 290 23.77 -28.65 -56.55
N LEU D 291 22.83 -27.79 -56.23
CA LEU D 291 22.91 -27.10 -54.94
C LEU D 291 22.86 -28.06 -53.71
N LYS D 292 23.82 -27.85 -52.84
CA LYS D 292 24.15 -28.83 -51.82
C LYS D 292 24.08 -28.14 -50.43
N VAL D 293 24.47 -26.86 -50.40
CA VAL D 293 24.49 -26.09 -49.18
C VAL D 293 23.83 -24.73 -49.36
N LEU D 294 22.89 -24.42 -48.46
CA LEU D 294 22.05 -23.22 -48.55
C LEU D 294 21.92 -22.64 -47.18
N ASP D 295 22.55 -21.50 -47.00
CA ASP D 295 22.72 -20.94 -45.68
C ASP D 295 21.87 -19.68 -45.65
N LEU D 296 20.85 -19.73 -44.79
CA LEU D 296 19.81 -18.74 -44.71
C LEU D 296 19.67 -18.23 -43.28
N GLU D 297 20.77 -18.16 -42.55
CA GLU D 297 20.70 -17.72 -41.15
C GLU D 297 20.39 -16.21 -41.08
N PHE D 298 19.86 -15.76 -39.95
CA PHE D 298 19.63 -14.34 -39.70
C PHE D 298 18.86 -13.65 -40.83
N ASN D 299 17.71 -14.21 -41.18
CA ASN D 299 16.77 -13.56 -42.07
C ASN D 299 15.40 -13.43 -41.37
N TYR D 300 14.32 -13.25 -42.12
CA TYR D 300 12.97 -13.18 -41.51
C TYR D 300 12.05 -14.21 -42.18
N LEU D 301 12.41 -15.48 -42.00
CA LEU D 301 11.86 -16.55 -42.82
C LEU D 301 10.98 -17.48 -42.00
N VAL D 302 10.49 -17.00 -40.87
CA VAL D 302 9.52 -17.79 -40.14
C VAL D 302 8.35 -18.20 -41.03
N GLY D 303 7.87 -17.26 -41.85
CA GLY D 303 6.76 -17.54 -42.76
C GLY D 303 7.14 -18.35 -43.98
N GLU D 304 8.32 -18.14 -44.53
CA GLU D 304 8.80 -19.04 -45.57
C GLU D 304 8.99 -20.46 -45.05
N ILE D 305 9.41 -20.60 -43.81
CA ILE D 305 9.63 -21.94 -43.25
C ILE D 305 8.30 -22.67 -43.20
N ALA D 306 7.22 -21.91 -43.03
CA ALA D 306 5.89 -22.48 -42.95
C ALA D 306 5.21 -22.78 -44.31
N SER D 307 5.59 -22.09 -45.39
CA SER D 307 5.05 -22.43 -46.72
C SER D 307 6.10 -23.09 -47.60
N GLY D 308 7.09 -22.33 -48.03
CA GLY D 308 8.33 -22.91 -48.57
C GLY D 308 8.19 -23.54 -49.94
N ALA D 309 7.72 -22.76 -50.91
CA ALA D 309 7.65 -23.20 -52.31
C ALA D 309 9.03 -23.54 -52.87
N PHE D 310 10.07 -22.86 -52.38
CA PHE D 310 11.42 -23.08 -52.81
C PHE D 310 11.97 -24.45 -52.42
N LEU D 311 11.43 -25.04 -51.37
CA LEU D 311 11.90 -26.35 -50.93
C LEU D 311 11.75 -27.43 -52.02
N THR D 312 10.80 -27.18 -52.91
CA THR D 312 10.53 -27.98 -54.09
C THR D 312 11.71 -28.05 -55.07
N MET D 313 12.63 -27.09 -54.99
CA MET D 313 13.61 -26.85 -56.05
C MET D 313 14.95 -27.48 -55.71
N LEU D 314 15.00 -28.17 -54.57
CA LEU D 314 16.24 -28.50 -53.90
C LEU D 314 16.32 -29.98 -53.38
N PRO D 315 16.03 -30.95 -54.27
CA PRO D 315 15.97 -32.36 -53.85
C PRO D 315 17.34 -33.00 -53.69
N ARG D 316 18.39 -32.25 -54.02
CA ARG D 316 19.75 -32.72 -53.89
C ARG D 316 20.52 -31.97 -52.77
N LEU D 317 19.84 -31.06 -52.10
CA LEU D 317 20.42 -30.27 -51.00
C LEU D 317 20.80 -31.13 -49.81
N GLU D 318 22.00 -30.90 -49.27
CA GLU D 318 22.53 -31.69 -48.15
C GLU D 318 22.46 -30.98 -46.82
N ILE D 319 22.57 -29.66 -46.86
CA ILE D 319 22.61 -28.82 -45.67
C ILE D 319 21.75 -27.60 -45.83
N LEU D 320 20.78 -27.48 -44.94
CA LEU D 320 19.92 -26.31 -44.87
C LEU D 320 20.13 -25.66 -43.52
N ASP D 321 20.63 -24.44 -43.52
CA ASP D 321 20.77 -23.72 -42.29
C ASP D 321 19.81 -22.55 -42.24
N LEU D 322 18.82 -22.68 -41.37
CA LEU D 322 17.79 -21.66 -41.19
C LEU D 322 17.84 -20.99 -39.83
N SER D 323 19.02 -20.96 -39.22
CA SER D 323 19.14 -20.54 -37.83
C SER D 323 18.87 -19.05 -37.64
N PHE D 324 18.32 -18.72 -36.47
CA PHE D 324 18.25 -17.34 -36.01
C PHE D 324 17.36 -16.49 -36.91
N ASN D 325 16.21 -17.04 -37.28
CA ASN D 325 15.19 -16.35 -38.05
C ASN D 325 14.03 -15.89 -37.19
N TYR D 326 14.17 -16.07 -35.87
CA TYR D 326 13.14 -15.68 -34.92
C TYR D 326 12.55 -14.29 -35.13
N ILE D 327 11.27 -14.17 -34.82
CA ILE D 327 10.57 -12.88 -34.78
C ILE D 327 10.69 -12.31 -33.39
N LYS D 328 11.22 -11.11 -33.28
CA LYS D 328 11.62 -10.56 -31.99
C LYS D 328 10.42 -10.29 -31.08
N GLY D 329 10.52 -10.79 -29.85
CA GLY D 329 9.41 -10.71 -28.90
C GLY D 329 8.47 -11.90 -28.99
N SER D 330 8.28 -12.43 -30.20
CA SER D 330 7.44 -13.58 -30.42
C SER D 330 8.06 -14.81 -29.84
N TYR D 331 7.24 -15.64 -29.21
CA TYR D 331 7.65 -16.83 -28.51
C TYR D 331 6.50 -17.84 -28.65
N PRO D 332 6.15 -18.17 -29.90
CA PRO D 332 5.03 -19.06 -30.24
C PRO D 332 5.10 -20.40 -29.56
N GLN D 333 3.94 -21.00 -29.31
CA GLN D 333 3.82 -22.33 -28.70
C GLN D 333 4.63 -23.35 -29.48
N HIS D 334 4.47 -23.29 -30.80
CA HIS D 334 4.85 -24.40 -31.68
C HIS D 334 5.64 -23.87 -32.87
N ILE D 335 6.48 -24.74 -33.44
CA ILE D 335 7.21 -24.43 -34.66
C ILE D 335 6.40 -24.96 -35.84
N ASN D 336 6.41 -24.23 -36.93
CA ASN D 336 5.54 -24.54 -38.04
C ASN D 336 6.39 -24.86 -39.26
N ILE D 337 6.57 -26.15 -39.52
CA ILE D 337 7.42 -26.64 -40.60
C ILE D 337 6.54 -27.06 -41.77
N SER D 338 6.71 -26.44 -42.92
CA SER D 338 5.96 -26.82 -44.12
C SER D 338 6.05 -28.31 -44.49
N ARG D 339 5.04 -28.79 -45.20
CA ARG D 339 5.00 -30.17 -45.66
C ARG D 339 6.06 -30.37 -46.71
N ASN D 340 6.37 -29.26 -47.39
CA ASN D 340 7.35 -29.23 -48.45
C ASN D 340 8.78 -29.61 -48.05
N PHE D 341 9.13 -29.53 -46.77
CA PHE D 341 10.39 -30.12 -46.31
C PHE D 341 10.48 -31.59 -46.72
N SER D 342 9.37 -32.25 -47.02
CA SER D 342 9.41 -33.67 -47.39
C SER D 342 10.07 -33.89 -48.74
N LYS D 343 10.29 -32.79 -49.47
CA LYS D 343 10.89 -32.84 -50.78
C LYS D 343 12.40 -32.67 -50.78
N LEU D 344 13.00 -32.37 -49.63
CA LEU D 344 14.45 -32.33 -49.52
C LEU D 344 15.03 -33.74 -49.34
N LEU D 345 14.90 -34.54 -50.38
CA LEU D 345 15.22 -35.96 -50.31
C LEU D 345 16.69 -36.32 -50.04
N SER D 346 17.60 -35.39 -50.30
CA SER D 346 19.04 -35.60 -50.06
C SER D 346 19.53 -34.97 -48.78
N LEU D 347 18.64 -34.34 -48.03
CA LEU D 347 19.02 -33.58 -46.83
C LEU D 347 19.76 -34.42 -45.79
N ARG D 348 20.81 -33.82 -45.22
CA ARG D 348 21.64 -34.49 -44.22
C ARG D 348 21.63 -33.82 -42.84
N ALA D 349 21.66 -32.49 -42.82
CA ALA D 349 21.66 -31.75 -41.57
C ALA D 349 20.78 -30.54 -41.72
N LEU D 350 19.94 -30.32 -40.71
CA LEU D 350 19.02 -29.23 -40.71
C LEU D 350 19.24 -28.47 -39.43
N HIS D 351 19.56 -27.19 -39.59
CA HIS D 351 19.94 -26.36 -38.50
C HIS D 351 18.86 -25.31 -38.32
N LEU D 352 18.26 -25.32 -37.14
CA LEU D 352 17.15 -24.44 -36.83
C LEU D 352 17.38 -23.88 -35.45
N ARG D 353 18.52 -23.24 -35.24
CA ARG D 353 18.74 -22.57 -33.98
C ARG D 353 17.81 -21.37 -33.98
N GLY D 354 17.49 -20.85 -32.80
CA GLY D 354 16.95 -19.49 -32.68
C GLY D 354 15.79 -19.25 -33.59
N TYR D 355 14.89 -20.23 -33.65
CA TYR D 355 13.57 -20.01 -34.19
C TYR D 355 12.74 -19.47 -33.05
N VAL D 356 12.96 -20.10 -31.89
CA VAL D 356 12.44 -19.61 -30.60
C VAL D 356 10.98 -19.94 -30.43
N PHE D 357 10.72 -20.99 -29.62
CA PHE D 357 9.40 -21.54 -29.51
C PHE D 357 9.33 -22.48 -28.33
N GLN D 358 8.12 -22.78 -27.87
CA GLN D 358 7.94 -23.32 -26.52
C GLN D 358 7.93 -24.83 -26.46
N GLU D 359 7.31 -25.47 -27.45
CA GLU D 359 6.96 -26.87 -27.36
C GLU D 359 7.21 -27.58 -28.67
N LEU D 360 7.79 -28.77 -28.60
CA LEU D 360 7.97 -29.56 -29.80
C LEU D 360 7.11 -30.81 -29.66
N ARG D 361 6.06 -30.89 -30.48
CA ARG D 361 5.12 -32.02 -30.48
C ARG D 361 5.36 -33.01 -31.61
N GLU D 362 4.86 -34.23 -31.40
CA GLU D 362 5.05 -35.36 -32.32
C GLU D 362 4.89 -34.97 -33.77
N ASP D 363 3.85 -34.22 -34.07
CA ASP D 363 3.42 -34.01 -35.44
C ASP D 363 4.12 -32.84 -36.11
N ASP D 364 4.90 -32.07 -35.35
CA ASP D 364 5.48 -30.84 -35.92
C ASP D 364 6.64 -31.13 -36.90
N PHE D 365 7.27 -32.29 -36.73
CA PHE D 365 8.35 -32.71 -37.60
C PHE D 365 7.97 -33.85 -38.56
N GLN D 366 6.70 -34.02 -38.86
CA GLN D 366 6.31 -35.10 -39.75
C GLN D 366 6.85 -34.91 -41.15
N PRO D 367 7.04 -33.65 -41.57
CA PRO D 367 7.55 -33.56 -42.93
C PRO D 367 8.99 -34.08 -43.11
N LEU D 368 9.63 -34.50 -42.02
CA LEU D 368 11.03 -34.86 -42.08
C LEU D 368 11.22 -36.33 -41.80
N MET D 369 10.14 -37.04 -41.48
CA MET D 369 10.28 -38.35 -40.84
C MET D 369 10.73 -39.42 -41.81
N GLN D 370 10.51 -39.18 -43.10
CA GLN D 370 10.85 -40.12 -44.16
C GLN D 370 12.01 -39.63 -45.04
N LEU D 371 12.68 -38.55 -44.64
CA LEU D 371 13.88 -38.15 -45.37
C LEU D 371 14.98 -39.14 -45.06
N PRO D 372 15.51 -39.79 -46.10
CA PRO D 372 16.28 -41.03 -45.93
C PRO D 372 17.69 -40.82 -45.38
N ASN D 373 18.28 -39.66 -45.60
CA ASN D 373 19.65 -39.45 -45.19
C ASN D 373 19.81 -38.37 -44.14
N LEU D 374 18.70 -37.88 -43.60
CA LEU D 374 18.74 -36.90 -42.51
C LEU D 374 19.30 -37.52 -41.23
N SER D 375 20.55 -37.22 -40.92
CA SER D 375 21.15 -37.74 -39.70
C SER D 375 21.29 -36.75 -38.55
N THR D 376 21.19 -35.46 -38.84
CA THR D 376 21.48 -34.42 -37.87
C THR D 376 20.36 -33.38 -37.84
N ILE D 377 19.89 -33.08 -36.64
CA ILE D 377 18.86 -32.07 -36.46
C ILE D 377 19.31 -31.17 -35.31
N ASN D 378 19.42 -29.88 -35.57
CA ASN D 378 20.02 -28.95 -34.62
C ASN D 378 18.97 -27.97 -34.17
N LEU D 379 18.54 -28.08 -32.91
CA LEU D 379 17.63 -27.10 -32.34
C LEU D 379 18.18 -26.37 -31.12
N GLY D 380 19.48 -26.12 -31.11
CA GLY D 380 20.05 -25.37 -30.02
C GLY D 380 19.45 -23.96 -29.92
N ILE D 381 19.42 -23.42 -28.71
CA ILE D 381 19.11 -22.03 -28.50
C ILE D 381 17.76 -21.70 -29.12
N ASN D 382 16.72 -22.40 -28.66
CA ASN D 382 15.33 -22.07 -29.03
C ASN D 382 14.45 -21.74 -27.82
N PHE D 383 15.03 -21.81 -26.61
CA PHE D 383 14.24 -21.74 -25.38
C PHE D 383 13.06 -22.72 -25.35
N ILE D 384 13.24 -23.92 -25.89
CA ILE D 384 12.19 -24.92 -25.90
C ILE D 384 11.97 -25.45 -24.47
N LYS D 385 10.72 -25.46 -24.03
CA LYS D 385 10.37 -25.91 -22.68
C LYS D 385 9.98 -27.36 -22.65
N GLN D 386 9.42 -27.85 -23.76
CA GLN D 386 8.87 -29.18 -23.77
C GLN D 386 9.11 -29.91 -25.08
N ILE D 387 9.54 -31.16 -24.97
CA ILE D 387 9.67 -32.01 -26.11
C ILE D 387 9.02 -33.35 -25.84
N ASP D 388 8.35 -33.87 -26.87
CA ASP D 388 7.85 -35.23 -26.89
C ASP D 388 8.83 -36.13 -27.64
N PHE D 389 9.70 -36.82 -26.90
CA PHE D 389 10.82 -37.52 -27.48
C PHE D 389 10.42 -38.66 -28.40
N LYS D 390 9.19 -39.15 -28.26
CA LYS D 390 8.74 -40.26 -29.08
C LYS D 390 8.87 -39.90 -30.54
N LEU D 391 8.67 -38.63 -30.86
CA LEU D 391 8.74 -38.16 -32.26
C LEU D 391 10.01 -38.58 -33.00
N PHE D 392 11.12 -38.67 -32.29
CA PHE D 392 12.39 -38.99 -32.91
C PHE D 392 12.47 -40.42 -33.43
N GLN D 393 11.61 -41.29 -32.89
CA GLN D 393 11.57 -42.70 -33.31
C GLN D 393 11.24 -42.83 -34.78
N ASN D 394 10.18 -42.15 -35.22
CA ASN D 394 9.71 -42.29 -36.59
C ASN D 394 10.75 -41.84 -37.63
N PHE D 395 11.84 -41.26 -37.15
CA PHE D 395 12.93 -40.84 -38.02
C PHE D 395 13.80 -42.01 -38.44
N SER D 396 14.27 -41.97 -39.68
CA SER D 396 14.96 -43.11 -40.33
C SER D 396 16.41 -43.30 -39.88
N ASN D 397 17.16 -42.21 -39.74
CA ASN D 397 18.60 -42.33 -39.77
C ASN D 397 19.27 -41.37 -38.82
N LEU D 398 18.50 -40.85 -37.86
CA LEU D 398 19.01 -39.79 -36.98
C LEU D 398 20.21 -40.31 -36.24
N GLU D 399 21.31 -39.57 -36.34
CA GLU D 399 22.52 -39.87 -35.59
C GLU D 399 22.82 -38.78 -34.53
N ILE D 400 22.31 -37.58 -34.74
CA ILE D 400 22.63 -36.46 -33.87
C ILE D 400 21.38 -35.65 -33.59
N ILE D 401 20.98 -35.65 -32.32
CA ILE D 401 19.86 -34.85 -31.87
C ILE D 401 20.39 -33.76 -30.94
N TYR D 402 20.51 -32.56 -31.49
CA TYR D 402 21.16 -31.47 -30.80
C TYR D 402 20.11 -30.55 -30.25
N LEU D 403 20.03 -30.53 -28.92
CA LEU D 403 19.02 -29.78 -28.18
C LEU D 403 19.68 -29.04 -27.02
N SER D 404 20.97 -28.76 -27.16
CA SER D 404 21.67 -27.95 -26.19
C SER D 404 21.05 -26.54 -26.05
N GLU D 405 21.17 -25.96 -24.88
CA GLU D 405 20.77 -24.58 -24.65
C GLU D 405 19.30 -24.39 -24.94
N ASN D 406 18.45 -25.00 -24.11
CA ASN D 406 17.03 -24.75 -24.18
C ASN D 406 16.52 -24.67 -22.75
N ARG D 407 15.23 -24.95 -22.50
CA ARG D 407 14.65 -24.87 -21.15
C ARG D 407 13.97 -26.15 -20.73
N ILE D 408 14.50 -27.29 -21.18
CA ILE D 408 13.92 -28.56 -20.86
C ILE D 408 14.08 -28.72 -19.37
N SER D 409 13.03 -29.15 -18.68
CA SER D 409 13.09 -29.37 -17.23
C SER D 409 12.48 -30.74 -16.95
N PRO D 410 12.46 -31.19 -15.68
CA PRO D 410 11.80 -32.45 -15.32
C PRO D 410 10.30 -32.39 -15.54
N ASP D 436 44.40 -7.80 -32.66
CA ASP D 436 43.32 -7.27 -31.83
C ASP D 436 42.03 -6.94 -32.62
N PHE D 437 41.62 -7.85 -33.49
CA PHE D 437 40.27 -7.83 -34.07
C PHE D 437 39.46 -9.08 -33.69
N GLU D 438 38.15 -8.88 -33.54
CA GLU D 438 37.28 -9.80 -32.80
C GLU D 438 36.97 -11.06 -33.60
N PHE D 439 36.83 -10.89 -34.92
CA PHE D 439 36.29 -11.95 -35.78
C PHE D 439 37.39 -12.53 -36.64
N ASP D 440 37.66 -13.81 -36.49
CA ASP D 440 38.68 -14.50 -37.25
C ASP D 440 38.30 -14.53 -38.70
N PRO D 441 39.05 -13.83 -39.56
CA PRO D 441 38.62 -13.68 -40.94
C PRO D 441 38.61 -14.96 -41.76
N HIS D 442 39.14 -16.06 -41.21
CA HIS D 442 39.19 -17.35 -41.94
C HIS D 442 38.15 -18.36 -41.43
N SER D 443 37.13 -17.85 -40.74
CA SER D 443 36.05 -18.65 -40.18
C SER D 443 34.70 -18.22 -40.72
N ASN D 444 33.73 -19.11 -40.58
CA ASN D 444 32.36 -18.70 -40.76
C ASN D 444 32.01 -17.58 -39.76
N PHE D 445 31.34 -16.55 -40.26
CA PHE D 445 31.03 -15.35 -39.49
C PHE D 445 29.69 -15.44 -38.73
N TYR D 446 28.79 -16.31 -39.19
CA TYR D 446 27.42 -16.41 -38.68
C TYR D 446 27.17 -17.62 -37.77
N HIS D 447 27.96 -18.69 -37.89
CA HIS D 447 27.95 -19.75 -36.89
C HIS D 447 29.35 -20.31 -36.66
N PHE D 448 29.49 -21.01 -35.55
CA PHE D 448 30.68 -21.80 -35.26
C PHE D 448 30.67 -23.10 -36.05
N THR D 449 31.88 -23.60 -36.31
CA THR D 449 32.07 -24.78 -37.12
C THR D 449 32.71 -25.94 -36.33
N ARG D 450 32.74 -25.85 -35.01
CA ARG D 450 33.04 -27.00 -34.19
C ARG D 450 31.92 -28.02 -34.33
N PRO D 451 32.27 -29.30 -34.21
CA PRO D 451 31.30 -30.38 -34.26
C PRO D 451 30.25 -30.20 -33.21
N LEU D 452 28.99 -30.44 -33.54
CA LEU D 452 27.94 -30.37 -32.55
C LEU D 452 28.23 -31.25 -31.34
N ILE D 453 28.60 -32.50 -31.61
CA ILE D 453 28.94 -33.47 -30.57
C ILE D 453 30.42 -33.75 -30.60
N LYS D 454 31.05 -33.91 -29.45
CA LYS D 454 32.45 -34.36 -29.51
C LYS D 454 32.48 -35.74 -30.22
N PRO D 455 33.23 -35.86 -31.33
CA PRO D 455 33.45 -37.11 -32.09
C PRO D 455 33.79 -38.41 -31.31
N GLN D 456 34.52 -38.31 -30.19
CA GLN D 456 34.73 -39.46 -29.31
C GLN D 456 33.42 -40.01 -28.83
N CYS D 457 32.42 -39.15 -28.77
CA CYS D 457 31.12 -39.54 -28.23
C CYS D 457 30.29 -40.00 -29.42
N ALA D 458 30.18 -39.15 -30.43
CA ALA D 458 29.45 -39.50 -31.64
C ALA D 458 29.86 -40.85 -32.22
N ALA D 459 31.13 -41.19 -32.04
CA ALA D 459 31.68 -42.44 -32.57
C ALA D 459 30.90 -43.68 -32.12
N TYR D 460 30.24 -43.63 -30.98
CA TYR D 460 29.64 -44.82 -30.42
C TYR D 460 28.26 -45.08 -30.99
N GLY D 461 27.72 -44.12 -31.74
CA GLY D 461 26.36 -44.29 -32.27
C GLY D 461 25.47 -43.11 -31.98
N LYS D 462 24.17 -43.36 -31.86
CA LYS D 462 23.20 -42.29 -31.75
C LYS D 462 23.46 -41.37 -30.53
N ALA D 463 23.38 -40.05 -30.76
CA ALA D 463 23.80 -39.03 -29.78
C ALA D 463 22.63 -38.13 -29.42
N LEU D 464 22.44 -37.86 -28.13
CA LEU D 464 21.45 -36.87 -27.69
C LEU D 464 22.10 -35.83 -26.79
N ASP D 465 22.12 -34.58 -27.24
CA ASP D 465 22.76 -33.52 -26.48
C ASP D 465 21.67 -32.71 -25.82
N LEU D 466 21.60 -32.82 -24.50
CA LEU D 466 20.70 -32.04 -23.67
C LEU D 466 21.50 -31.20 -22.64
N SER D 467 22.72 -30.82 -23.00
CA SER D 467 23.49 -29.92 -22.15
C SER D 467 22.80 -28.57 -22.09
N LEU D 468 22.98 -27.89 -20.95
CA LEU D 468 22.70 -26.45 -20.79
C LEU D 468 21.21 -26.23 -20.80
N ASN D 469 20.54 -27.11 -20.08
CA ASN D 469 19.09 -27.10 -19.89
C ASN D 469 18.86 -27.10 -18.37
N SER D 470 17.61 -27.29 -17.96
CA SER D 470 17.26 -27.19 -16.54
C SER D 470 16.76 -28.51 -15.98
N ILE D 471 17.35 -29.61 -16.46
CA ILE D 471 16.95 -30.92 -16.01
C ILE D 471 17.60 -31.23 -14.67
N PHE D 472 17.02 -30.70 -13.61
CA PHE D 472 17.74 -30.63 -12.35
C PHE D 472 17.60 -31.93 -11.55
N PHE D 473 16.58 -32.71 -11.90
CA PHE D 473 16.61 -34.16 -11.69
C PHE D 473 15.97 -34.82 -12.91
N ILE D 474 16.36 -36.06 -13.15
CA ILE D 474 15.81 -36.84 -14.24
C ILE D 474 14.55 -37.53 -13.74
N GLY D 475 13.42 -37.21 -14.34
CA GLY D 475 12.16 -37.88 -14.03
C GLY D 475 12.18 -39.37 -14.32
N PRO D 476 11.26 -40.13 -13.69
CA PRO D 476 11.24 -41.58 -13.91
C PRO D 476 10.96 -41.93 -15.36
N ASN D 477 10.23 -41.05 -16.05
CA ASN D 477 9.99 -41.19 -17.49
C ASN D 477 10.60 -40.07 -18.34
N GLN D 478 11.80 -39.62 -17.99
CA GLN D 478 12.40 -38.49 -18.68
C GLN D 478 12.80 -38.94 -20.09
N PHE D 479 13.25 -40.19 -20.21
CA PHE D 479 13.80 -40.71 -21.46
C PHE D 479 12.92 -41.77 -22.13
N GLU D 480 11.62 -41.68 -21.92
CA GLU D 480 10.67 -42.63 -22.46
C GLU D 480 10.54 -42.40 -23.96
N ASN D 481 10.54 -43.48 -24.74
CA ASN D 481 10.25 -43.42 -26.17
C ASN D 481 11.37 -42.72 -26.94
N LEU D 482 12.59 -42.99 -26.49
CA LEU D 482 13.80 -42.44 -27.06
C LEU D 482 14.48 -43.55 -27.85
N PRO D 483 15.13 -43.22 -28.97
CA PRO D 483 15.86 -44.24 -29.68
C PRO D 483 16.93 -44.86 -28.82
N ASP D 484 17.67 -45.81 -29.36
CA ASP D 484 18.72 -46.49 -28.62
C ASP D 484 19.97 -45.63 -28.59
N ILE D 485 20.05 -44.74 -27.62
CA ILE D 485 21.16 -43.80 -27.52
C ILE D 485 22.41 -44.48 -26.99
N ALA D 486 23.53 -44.27 -27.68
CA ALA D 486 24.88 -44.67 -27.22
C ALA D 486 25.69 -43.54 -26.60
N CYS D 487 25.31 -42.30 -26.90
CA CYS D 487 26.08 -41.13 -26.47
C CYS D 487 25.08 -40.09 -25.96
N LEU D 488 25.31 -39.61 -24.73
CA LEU D 488 24.35 -38.75 -24.04
C LEU D 488 25.04 -37.61 -23.32
N ASN D 489 24.61 -36.39 -23.59
CA ASN D 489 25.20 -35.22 -22.93
C ASN D 489 24.21 -34.55 -22.02
N LEU D 490 24.55 -34.50 -20.73
CA LEU D 490 23.72 -33.86 -19.72
C LEU D 490 24.49 -32.83 -18.93
N SER D 491 25.55 -32.30 -19.54
CA SER D 491 26.33 -31.25 -18.91
C SER D 491 25.47 -30.05 -18.57
N ALA D 492 25.77 -29.44 -17.43
CA ALA D 492 25.33 -28.11 -17.13
C ALA D 492 23.81 -28.02 -17.11
N ASN D 493 23.21 -28.96 -16.37
CA ASN D 493 21.78 -28.93 -16.07
C ASN D 493 21.59 -28.69 -14.60
N SER D 494 22.69 -28.50 -13.90
CA SER D 494 22.68 -28.42 -12.44
C SER D 494 21.78 -29.46 -11.83
N ASN D 495 21.96 -30.70 -12.29
CA ASN D 495 21.28 -31.81 -11.72
C ASN D 495 21.85 -32.06 -10.34
N ALA D 496 20.95 -32.13 -9.36
CA ALA D 496 21.37 -32.24 -7.95
C ALA D 496 20.98 -33.57 -7.32
N GLN D 497 20.67 -34.56 -8.16
CA GLN D 497 19.93 -35.70 -7.65
C GLN D 497 20.81 -36.81 -7.14
N VAL D 498 20.20 -37.64 -6.30
CA VAL D 498 20.79 -38.93 -5.98
C VAL D 498 20.41 -39.93 -7.05
N LEU D 499 21.37 -40.26 -7.92
CA LEU D 499 21.25 -41.34 -8.91
C LEU D 499 21.21 -42.69 -8.19
N SER D 500 20.28 -43.55 -8.59
CA SER D 500 19.95 -44.74 -7.81
C SER D 500 19.90 -46.02 -8.65
N GLY D 501 20.42 -45.96 -9.88
CA GLY D 501 20.47 -47.10 -10.76
C GLY D 501 19.23 -47.36 -11.62
N THR D 502 18.31 -46.40 -11.72
CA THR D 502 17.05 -46.64 -12.46
C THR D 502 16.73 -45.58 -13.52
N GLU D 503 17.61 -44.59 -13.64
CA GLU D 503 17.27 -43.32 -14.24
C GLU D 503 17.54 -43.36 -15.74
N PHE D 504 18.45 -44.22 -16.17
CA PHE D 504 18.68 -44.43 -17.59
C PHE D 504 18.15 -45.76 -18.14
N SER D 505 17.17 -46.34 -17.46
CA SER D 505 16.75 -47.71 -17.72
C SER D 505 15.97 -47.77 -19.02
N ALA D 506 15.46 -46.62 -19.46
CA ALA D 506 14.79 -46.47 -20.75
C ALA D 506 15.77 -46.39 -21.92
N ILE D 507 17.06 -46.21 -21.60
CA ILE D 507 18.12 -46.13 -22.59
C ILE D 507 19.40 -46.76 -22.04
N PRO D 508 19.40 -48.10 -21.89
CA PRO D 508 20.46 -48.76 -21.15
C PRO D 508 21.75 -48.99 -21.92
N HIS D 509 21.79 -48.67 -23.21
CA HIS D 509 23.01 -48.95 -23.99
C HIS D 509 23.87 -47.72 -24.26
N VAL D 510 23.91 -46.80 -23.28
CA VAL D 510 24.79 -45.65 -23.33
C VAL D 510 26.20 -46.07 -22.96
N LYS D 511 27.12 -45.69 -23.84
CA LYS D 511 28.54 -46.03 -23.71
C LYS D 511 29.32 -44.80 -23.28
N TYR D 512 28.91 -43.65 -23.80
CA TYR D 512 29.55 -42.38 -23.44
C TYR D 512 28.49 -41.49 -22.76
N LEU D 513 28.78 -41.05 -21.54
CA LEU D 513 27.83 -40.30 -20.75
C LEU D 513 28.50 -39.09 -20.14
N ASP D 514 28.10 -37.90 -20.60
CA ASP D 514 28.68 -36.64 -20.09
C ASP D 514 27.74 -36.04 -19.06
N LEU D 515 28.16 -36.07 -17.79
CA LEU D 515 27.44 -35.42 -16.70
C LEU D 515 28.30 -34.31 -16.08
N THR D 516 29.06 -33.61 -16.90
CA THR D 516 29.93 -32.56 -16.38
C THR D 516 29.09 -31.41 -15.89
N ASN D 517 29.68 -30.59 -15.00
CA ASN D 517 29.10 -29.31 -14.55
C ASN D 517 27.69 -29.48 -14.04
N ASN D 518 27.55 -30.35 -13.05
CA ASN D 518 26.30 -30.54 -12.36
C ASN D 518 26.57 -30.48 -10.89
N ARG D 519 25.61 -30.86 -10.09
CA ARG D 519 25.82 -30.95 -8.66
C ARG D 519 25.31 -32.28 -8.15
N LEU D 520 25.74 -33.35 -8.78
CA LEU D 520 25.27 -34.69 -8.39
C LEU D 520 25.58 -34.98 -6.94
N ASP D 521 24.62 -35.56 -6.24
CA ASP D 521 24.81 -35.95 -4.85
C ASP D 521 24.92 -37.47 -4.80
N PHE D 522 26.10 -37.95 -4.47
CA PHE D 522 26.37 -39.36 -4.54
C PHE D 522 26.04 -40.04 -3.23
N ASP D 523 24.79 -40.45 -3.10
CA ASP D 523 24.31 -41.09 -1.90
C ASP D 523 23.66 -42.47 -2.17
N ASN D 524 24.12 -43.17 -3.21
CA ASN D 524 23.56 -44.49 -3.54
C ASN D 524 24.54 -45.26 -4.41
N ALA D 525 25.04 -46.37 -3.87
CA ALA D 525 26.10 -47.13 -4.48
C ALA D 525 25.70 -47.81 -5.76
N SER D 526 24.40 -47.89 -6.05
CA SER D 526 23.93 -48.43 -7.31
C SER D 526 23.91 -47.39 -8.45
N ALA D 527 24.44 -46.20 -8.19
CA ALA D 527 24.36 -45.11 -9.17
C ALA D 527 24.90 -45.51 -10.55
N LEU D 528 24.01 -45.47 -11.54
CA LEU D 528 24.38 -45.55 -12.94
C LEU D 528 24.55 -46.98 -13.41
N THR D 529 24.29 -47.94 -12.54
CA THR D 529 24.76 -49.30 -12.82
C THR D 529 23.87 -50.00 -13.85
N GLU D 530 22.69 -49.44 -14.11
CA GLU D 530 21.85 -49.85 -15.22
C GLU D 530 22.48 -49.63 -16.59
N LEU D 531 23.58 -48.86 -16.64
CA LEU D 531 24.31 -48.68 -17.89
C LEU D 531 25.47 -49.65 -17.99
N SER D 532 25.15 -50.94 -18.14
CA SER D 532 26.15 -52.02 -18.06
C SER D 532 27.18 -51.92 -19.16
N ASP D 533 26.79 -51.31 -20.29
CA ASP D 533 27.69 -51.15 -21.44
C ASP D 533 28.63 -49.93 -21.33
N LEU D 534 28.58 -49.19 -20.22
CA LEU D 534 29.26 -47.90 -20.15
C LEU D 534 30.77 -48.02 -20.27
N GLU D 535 31.36 -47.21 -21.14
CA GLU D 535 32.79 -47.17 -21.33
C GLU D 535 33.41 -45.83 -20.96
N VAL D 536 32.69 -44.75 -21.25
CA VAL D 536 33.16 -43.41 -20.87
C VAL D 536 32.18 -42.72 -19.95
N LEU D 537 32.67 -42.27 -18.80
CA LEU D 537 31.86 -41.53 -17.83
C LEU D 537 32.54 -40.22 -17.38
N ASP D 538 31.89 -39.08 -17.63
CA ASP D 538 32.48 -37.77 -17.27
C ASP D 538 31.74 -37.01 -16.18
N LEU D 539 32.37 -36.92 -15.00
CA LEU D 539 31.73 -36.34 -13.80
C LEU D 539 32.51 -35.12 -13.29
N SER D 540 33.37 -34.57 -14.14
CA SER D 540 34.04 -33.31 -13.85
C SER D 540 33.08 -32.24 -13.37
N TYR D 541 33.54 -31.40 -12.46
CA TYR D 541 32.84 -30.17 -12.16
C TYR D 541 31.50 -30.48 -11.57
N ASN D 542 31.51 -31.42 -10.61
CA ASN D 542 30.39 -31.66 -9.71
C ASN D 542 30.83 -31.46 -8.24
N SER D 543 31.52 -30.35 -8.00
CA SER D 543 32.05 -30.01 -6.68
C SER D 543 30.99 -29.88 -5.60
N HIS D 544 29.82 -29.39 -5.98
CA HIS D 544 28.81 -28.93 -5.05
C HIS D 544 28.72 -29.74 -3.74
N TYR D 545 28.25 -30.98 -3.81
CA TYR D 545 28.17 -31.83 -2.63
C TYR D 545 29.51 -32.40 -2.12
N PHE D 546 30.52 -32.50 -2.96
CA PHE D 546 31.81 -32.99 -2.48
C PHE D 546 32.46 -32.02 -1.49
N ARG D 547 32.11 -30.74 -1.60
CA ARG D 547 32.69 -29.69 -0.74
C ARG D 547 32.13 -29.79 0.67
N ILE D 548 30.94 -30.36 0.80
CA ILE D 548 30.28 -30.44 2.07
C ILE D 548 30.68 -31.71 2.82
N ALA D 549 31.47 -31.54 3.87
CA ALA D 549 32.11 -32.64 4.58
C ALA D 549 31.10 -33.54 5.27
N GLY D 550 29.95 -32.97 5.58
CA GLY D 550 29.00 -33.62 6.46
C GLY D 550 27.84 -34.26 5.74
N VAL D 551 27.94 -34.31 4.41
CA VAL D 551 27.03 -35.16 3.62
C VAL D 551 27.80 -36.37 3.09
N THR D 552 27.09 -37.43 2.70
CA THR D 552 27.76 -38.61 2.17
C THR D 552 28.30 -38.37 0.79
N HIS D 553 29.45 -38.97 0.52
CA HIS D 553 30.01 -39.05 -0.81
C HIS D 553 30.33 -40.53 -1.19
N HIS D 554 29.39 -41.18 -1.87
CA HIS D 554 29.50 -42.62 -2.19
C HIS D 554 29.93 -42.89 -3.64
N LEU D 555 31.17 -43.32 -3.83
CA LEU D 555 31.68 -43.66 -5.16
C LEU D 555 31.84 -45.17 -5.44
N GLU D 556 31.03 -46.00 -4.79
CA GLU D 556 31.23 -47.47 -4.86
C GLU D 556 30.84 -48.05 -6.23
N PHE D 557 29.77 -47.51 -6.81
CA PHE D 557 29.28 -47.85 -8.16
C PHE D 557 30.35 -48.01 -9.22
N ILE D 558 31.50 -47.34 -9.05
CA ILE D 558 32.52 -47.39 -10.08
C ILE D 558 32.96 -48.82 -10.45
N GLN D 559 32.77 -49.76 -9.51
CA GLN D 559 33.29 -51.13 -9.64
C GLN D 559 32.28 -52.10 -10.29
N ASN D 560 30.98 -51.81 -10.15
CA ASN D 560 29.94 -52.64 -10.77
C ASN D 560 29.99 -52.61 -12.31
N PHE D 561 31.01 -51.97 -12.89
CA PHE D 561 31.02 -51.69 -14.33
C PHE D 561 31.98 -52.58 -15.14
N THR D 562 31.41 -53.49 -15.95
CA THR D 562 32.19 -54.45 -16.75
C THR D 562 33.13 -53.80 -17.77
N ASN D 563 32.65 -52.73 -18.42
CA ASN D 563 33.32 -52.22 -19.62
C ASN D 563 33.77 -50.76 -19.54
N LEU D 564 33.95 -50.26 -18.32
CA LEU D 564 34.31 -48.88 -18.10
C LEU D 564 35.80 -48.62 -18.33
N LYS D 565 36.10 -47.95 -19.44
CA LYS D 565 37.47 -47.64 -19.79
C LYS D 565 38.00 -46.32 -19.21
N VAL D 566 37.16 -45.28 -19.21
CA VAL D 566 37.62 -43.91 -18.94
C VAL D 566 36.70 -43.14 -18.03
N LEU D 567 37.26 -42.60 -16.95
CA LEU D 567 36.44 -41.99 -15.92
C LEU D 567 37.09 -40.69 -15.46
N ASN D 568 36.37 -39.58 -15.65
CA ASN D 568 36.89 -38.25 -15.31
C ASN D 568 36.22 -37.63 -14.07
N LEU D 569 37.02 -37.40 -13.03
CA LEU D 569 36.51 -36.86 -11.75
C LEU D 569 37.23 -35.58 -11.36
N SER D 570 37.68 -34.82 -12.35
CA SER D 570 38.49 -33.62 -12.09
C SER D 570 37.63 -32.47 -11.58
N HIS D 571 38.27 -31.56 -10.84
CA HIS D 571 37.63 -30.35 -10.30
C HIS D 571 36.35 -30.73 -9.59
N ASN D 572 36.44 -31.78 -8.76
CA ASN D 572 35.33 -32.14 -7.91
C ASN D 572 35.68 -31.83 -6.46
N ASN D 573 36.90 -31.36 -6.24
CA ASN D 573 37.31 -30.97 -4.92
C ASN D 573 37.10 -32.07 -3.87
N ILE D 574 37.30 -33.31 -4.29
CA ILE D 574 37.14 -34.47 -3.42
C ILE D 574 38.26 -34.49 -2.36
N TYR D 575 37.83 -34.59 -1.10
CA TYR D 575 38.76 -34.64 -0.02
C TYR D 575 38.28 -35.56 1.11
N THR D 576 37.02 -36.01 1.06
CA THR D 576 36.45 -36.93 2.04
C THR D 576 35.40 -37.89 1.44
N LEU D 577 35.56 -39.19 1.70
CA LEU D 577 34.63 -40.21 1.16
C LEU D 577 33.94 -40.98 2.27
N THR D 578 32.80 -41.57 1.94
CA THR D 578 31.99 -42.29 2.91
C THR D 578 32.18 -43.82 2.83
N ASP D 579 32.51 -44.41 3.98
CA ASP D 579 32.54 -45.87 4.18
C ASP D 579 33.71 -46.54 3.48
N LYS D 580 33.61 -46.60 2.17
CA LYS D 580 34.68 -47.11 1.33
C LYS D 580 35.61 -45.99 0.89
N TYR D 581 36.91 -46.25 0.99
CA TYR D 581 37.95 -45.25 0.75
C TYR D 581 38.85 -45.58 -0.44
N ASN D 582 38.43 -46.53 -1.29
CA ASN D 582 39.25 -46.92 -2.45
C ASN D 582 38.43 -46.98 -3.70
N LEU D 583 39.05 -46.60 -4.81
CA LEU D 583 38.41 -46.69 -6.11
C LEU D 583 38.83 -48.02 -6.77
N GLU D 584 37.83 -48.87 -7.03
CA GLU D 584 38.04 -50.20 -7.54
C GLU D 584 37.35 -50.45 -8.89
N SER D 585 38.14 -50.93 -9.85
CA SER D 585 37.63 -51.32 -11.17
C SER D 585 38.61 -52.28 -11.82
N LYS D 586 38.10 -53.42 -12.33
CA LYS D 586 38.92 -54.32 -13.14
C LYS D 586 39.12 -53.82 -14.57
N SER D 587 38.18 -53.01 -15.07
CA SER D 587 38.15 -52.62 -16.49
C SER D 587 38.91 -51.32 -16.80
N LEU D 588 38.84 -50.38 -15.87
CA LEU D 588 39.21 -48.99 -16.10
C LEU D 588 40.66 -48.83 -16.48
N VAL D 589 40.88 -48.05 -17.54
CA VAL D 589 42.17 -47.79 -18.12
C VAL D 589 42.62 -46.39 -17.77
N GLU D 590 41.71 -45.42 -17.88
CA GLU D 590 42.06 -44.01 -17.62
C GLU D 590 41.23 -43.45 -16.45
N LEU D 591 41.92 -42.90 -15.45
CA LEU D 591 41.30 -42.10 -14.39
C LEU D 591 41.91 -40.69 -14.35
N VAL D 592 41.09 -39.67 -14.56
CA VAL D 592 41.51 -38.27 -14.43
C VAL D 592 40.99 -37.72 -13.11
N PHE D 593 41.91 -37.24 -12.27
CA PHE D 593 41.60 -36.92 -10.87
C PHE D 593 42.22 -35.58 -10.50
N SER D 594 42.47 -34.76 -11.52
CA SER D 594 43.03 -33.43 -11.32
C SER D 594 42.05 -32.55 -10.61
N GLY D 595 42.56 -31.52 -9.93
CA GLY D 595 41.70 -30.53 -9.26
C GLY D 595 40.84 -31.11 -8.15
N ASN D 596 41.39 -32.07 -7.41
CA ASN D 596 40.82 -32.51 -6.13
C ASN D 596 41.79 -32.26 -4.96
N ARG D 597 41.52 -32.82 -3.78
CA ARG D 597 42.37 -32.56 -2.64
C ARG D 597 43.16 -33.78 -2.12
N LEU D 598 44.11 -34.26 -2.92
CA LEU D 598 45.02 -35.31 -2.46
C LEU D 598 45.96 -34.85 -1.35
N ASP D 599 46.16 -33.54 -1.25
CA ASP D 599 46.92 -32.97 -0.14
C ASP D 599 46.26 -33.30 1.18
N ILE D 600 44.96 -33.59 1.14
CA ILE D 600 44.16 -33.82 2.33
C ILE D 600 43.79 -35.30 2.49
N LEU D 601 43.53 -35.99 1.39
CA LEU D 601 43.23 -37.40 1.45
C LEU D 601 44.46 -38.15 1.94
N TRP D 602 45.64 -37.72 1.49
CA TRP D 602 46.90 -38.34 1.89
C TRP D 602 47.65 -37.50 2.94
N ASN D 603 46.89 -36.72 3.70
CA ASN D 603 47.41 -36.05 4.89
C ASN D 603 48.09 -37.09 5.80
N ASP D 604 49.18 -36.70 6.45
CA ASP D 604 49.99 -37.64 7.23
C ASP D 604 49.23 -38.26 8.39
N ASP D 605 48.49 -37.44 9.12
CA ASP D 605 47.78 -37.92 10.29
C ASP D 605 46.57 -38.78 9.93
N ASP D 606 46.48 -39.18 8.66
CA ASP D 606 45.39 -40.06 8.19
C ASP D 606 45.96 -41.12 7.24
N ASN D 607 45.42 -42.33 7.30
CA ASN D 607 45.91 -43.41 6.45
C ASN D 607 44.81 -44.07 5.62
N ARG D 608 43.58 -43.58 5.75
CA ARG D 608 42.43 -44.26 5.17
C ARG D 608 42.44 -44.30 3.65
N TYR D 609 43.31 -43.52 3.02
CA TYR D 609 43.33 -43.34 1.57
C TYR D 609 44.65 -43.74 0.97
N ILE D 610 45.44 -44.48 1.74
CA ILE D 610 46.74 -44.87 1.24
C ILE D 610 46.53 -45.75 0.02
N SER D 611 45.41 -46.50 -0.01
CA SER D 611 45.16 -47.48 -1.05
C SER D 611 44.04 -47.04 -2.02
N ILE D 612 43.98 -45.75 -2.34
CA ILE D 612 42.79 -45.17 -3.00
C ILE D 612 42.65 -45.55 -4.48
N PHE D 613 43.75 -45.55 -5.20
CA PHE D 613 43.74 -45.97 -6.58
C PHE D 613 44.13 -47.44 -6.77
N LYS D 614 44.43 -48.13 -5.67
CA LYS D 614 45.05 -49.46 -5.70
C LYS D 614 44.21 -50.45 -6.49
N GLY D 615 42.91 -50.49 -6.19
CA GLY D 615 42.00 -51.49 -6.72
C GLY D 615 41.62 -51.26 -8.17
N LEU D 616 42.22 -50.22 -8.79
CA LEU D 616 42.13 -50.03 -10.24
C LEU D 616 43.25 -50.84 -10.88
N LYS D 617 42.97 -52.11 -11.10
CA LYS D 617 44.00 -53.08 -11.48
C LYS D 617 44.51 -52.85 -12.91
N ASN D 618 43.60 -52.55 -13.84
CA ASN D 618 43.95 -52.37 -15.25
C ASN D 618 44.45 -50.97 -15.64
N LEU D 619 44.58 -50.08 -14.66
CA LEU D 619 44.77 -48.66 -14.93
C LEU D 619 46.07 -48.41 -15.64
N THR D 620 46.04 -47.69 -16.76
CA THR D 620 47.26 -47.35 -17.47
C THR D 620 47.55 -45.85 -17.51
N ARG D 621 46.51 -45.03 -17.46
CA ARG D 621 46.70 -43.57 -17.39
C ARG D 621 46.12 -43.03 -16.10
N LEU D 622 46.88 -42.20 -15.40
CA LEU D 622 46.41 -41.53 -14.18
C LEU D 622 46.83 -40.07 -14.14
N ASP D 623 45.89 -39.19 -13.84
CA ASP D 623 46.18 -37.75 -13.73
C ASP D 623 45.89 -37.26 -12.33
N LEU D 624 46.90 -36.69 -11.69
CA LEU D 624 46.78 -36.17 -10.33
C LEU D 624 47.27 -34.73 -10.26
N SER D 625 47.25 -34.03 -11.39
CA SER D 625 47.55 -32.60 -11.41
C SER D 625 46.60 -31.81 -10.49
N LEU D 626 47.05 -30.63 -10.06
CA LEU D 626 46.22 -29.70 -9.26
C LEU D 626 45.54 -30.40 -8.08
N ASN D 627 46.33 -31.07 -7.26
CA ASN D 627 45.82 -31.51 -5.97
C ASN D 627 46.52 -30.84 -4.81
N ARG D 628 47.32 -29.82 -5.11
CA ARG D 628 47.97 -29.04 -4.06
C ARG D 628 48.94 -29.91 -3.27
N LEU D 629 49.59 -30.85 -3.95
CA LEU D 629 50.47 -31.79 -3.29
C LEU D 629 51.86 -31.19 -3.07
N LYS D 630 52.27 -31.12 -1.81
CA LYS D 630 53.62 -30.66 -1.45
C LYS D 630 54.58 -31.85 -1.40
N HIS D 631 54.09 -32.97 -0.88
CA HIS D 631 54.76 -34.25 -1.07
C HIS D 631 53.78 -35.42 -0.91
N ILE D 632 54.15 -36.55 -1.51
CA ILE D 632 53.34 -37.76 -1.46
C ILE D 632 53.99 -38.74 -0.50
N PRO D 633 53.21 -39.27 0.45
CA PRO D 633 53.69 -40.37 1.28
C PRO D 633 54.28 -41.54 0.47
N ASN D 634 55.48 -41.96 0.83
CA ASN D 634 56.14 -43.07 0.12
C ASN D 634 55.23 -44.28 -0.09
N GLU D 635 54.52 -44.69 0.95
CA GLU D 635 53.62 -45.82 0.85
C GLU D 635 52.49 -45.56 -0.14
N ALA D 636 51.92 -44.37 -0.10
CA ALA D 636 50.78 -44.03 -0.95
C ALA D 636 51.15 -44.16 -2.42
N PHE D 637 52.38 -43.76 -2.75
CA PHE D 637 52.87 -43.86 -4.11
C PHE D 637 52.99 -45.31 -4.51
N LEU D 638 53.44 -46.16 -3.60
CA LEU D 638 53.64 -47.57 -3.92
C LEU D 638 52.31 -48.25 -4.14
N ASN D 639 51.25 -47.69 -3.57
CA ASN D 639 49.92 -48.25 -3.80
C ASN D 639 49.29 -47.83 -5.15
N LEU D 640 49.97 -46.97 -5.91
CA LEU D 640 49.55 -46.67 -7.26
C LEU D 640 49.62 -47.93 -8.11
N PRO D 641 48.56 -48.22 -8.88
CA PRO D 641 48.55 -49.47 -9.65
C PRO D 641 49.82 -49.69 -10.46
N ALA D 642 50.32 -50.92 -10.40
CA ALA D 642 51.57 -51.28 -11.07
C ALA D 642 51.43 -51.31 -12.60
N SER D 643 50.19 -51.28 -13.10
CA SER D 643 49.91 -51.29 -14.54
C SER D 643 50.21 -49.97 -15.29
N LEU D 644 50.69 -48.95 -14.58
CA LEU D 644 50.64 -47.60 -15.08
C LEU D 644 51.62 -47.40 -16.22
N THR D 645 51.11 -47.12 -17.41
CA THR D 645 51.94 -46.68 -18.54
C THR D 645 52.21 -45.17 -18.47
N GLU D 646 51.30 -44.42 -17.84
CA GLU D 646 51.33 -42.96 -17.89
C GLU D 646 50.88 -42.30 -16.58
N LEU D 647 51.64 -41.33 -16.09
CA LEU D 647 51.28 -40.67 -14.85
C LEU D 647 51.63 -39.18 -14.89
N HIS D 648 50.62 -38.34 -14.62
CA HIS D 648 50.80 -36.89 -14.53
C HIS D 648 50.66 -36.42 -13.09
N ILE D 649 51.60 -35.60 -12.66
CA ILE D 649 51.56 -35.11 -11.30
C ILE D 649 51.90 -33.62 -11.31
N ASN D 650 51.51 -32.95 -12.39
CA ASN D 650 51.97 -31.59 -12.65
C ASN D 650 51.09 -30.55 -12.01
N ASP D 651 51.66 -29.38 -11.81
CA ASP D 651 50.96 -28.24 -11.25
C ASP D 651 50.36 -28.61 -9.89
N ASN D 652 51.24 -29.17 -9.03
CA ASN D 652 51.05 -29.20 -7.58
C ASN D 652 52.17 -28.36 -6.97
N MET D 653 52.57 -28.68 -5.74
CA MET D 653 53.60 -27.93 -5.07
C MET D 653 54.69 -28.84 -4.52
N LEU D 654 55.08 -29.84 -5.31
CA LEU D 654 56.01 -30.88 -4.84
C LEU D 654 57.38 -30.31 -4.53
N LYS D 655 57.94 -30.76 -3.42
CA LYS D 655 59.32 -30.40 -3.09
C LYS D 655 60.23 -31.60 -3.35
N PHE D 656 59.93 -32.73 -2.72
CA PHE D 656 60.83 -33.89 -2.76
C PHE D 656 60.11 -35.05 -3.46
N PHE D 657 60.83 -35.74 -4.37
CA PHE D 657 60.31 -36.91 -5.11
C PHE D 657 61.24 -38.16 -5.03
N ASN D 658 60.81 -39.17 -4.30
CA ASN D 658 61.59 -40.40 -4.14
C ASN D 658 61.58 -41.22 -5.42
N TRP D 659 62.53 -40.92 -6.29
CA TRP D 659 62.69 -41.66 -7.53
C TRP D 659 62.88 -43.18 -7.36
N THR D 660 63.38 -43.61 -6.22
CA THR D 660 63.66 -45.04 -5.98
C THR D 660 62.41 -45.90 -6.05
N LEU D 661 61.25 -45.27 -6.21
CA LEU D 661 59.98 -45.99 -6.21
C LEU D 661 59.47 -46.32 -7.60
N LEU D 662 60.14 -45.79 -8.62
CA LEU D 662 59.73 -46.06 -10.01
C LEU D 662 59.89 -47.52 -10.37
N GLN D 663 60.81 -48.19 -9.68
CA GLN D 663 61.01 -49.63 -9.80
C GLN D 663 59.74 -50.45 -9.63
N GLN D 664 58.79 -49.94 -8.87
CA GLN D 664 57.52 -50.66 -8.73
C GLN D 664 56.61 -50.44 -9.93
N PHE D 665 57.12 -49.74 -10.94
CA PHE D 665 56.33 -49.41 -12.14
C PHE D 665 57.15 -49.73 -13.37
N PRO D 666 57.14 -51.01 -13.78
CA PRO D 666 57.89 -51.47 -14.94
C PRO D 666 57.43 -50.82 -16.24
N ARG D 667 56.11 -50.71 -16.42
CA ARG D 667 55.52 -50.33 -17.70
C ARG D 667 55.43 -48.81 -17.89
N LEU D 668 55.56 -48.06 -16.81
CA LEU D 668 55.51 -46.60 -16.88
C LEU D 668 56.41 -46.06 -18.00
N GLU D 669 55.79 -45.52 -19.06
CA GLU D 669 56.50 -44.87 -20.18
C GLU D 669 56.60 -43.34 -20.05
N LEU D 670 55.57 -42.69 -19.49
CA LEU D 670 55.59 -41.23 -19.36
C LEU D 670 55.39 -40.78 -17.93
N LEU D 671 56.19 -39.81 -17.50
CA LEU D 671 56.05 -39.21 -16.17
C LEU D 671 56.20 -37.70 -16.23
N ASP D 672 55.16 -37.01 -15.76
CA ASP D 672 54.99 -35.58 -15.94
C ASP D 672 55.04 -34.94 -14.58
N LEU D 673 56.08 -34.16 -14.31
CA LEU D 673 56.14 -33.44 -13.04
C LEU D 673 56.41 -31.96 -13.27
N ARG D 674 55.99 -31.47 -14.44
CA ARG D 674 56.02 -30.04 -14.72
C ARG D 674 55.25 -29.26 -13.68
N GLY D 675 55.74 -28.04 -13.38
CA GLY D 675 55.06 -27.14 -12.45
C GLY D 675 55.06 -27.61 -11.01
N ASN D 676 56.25 -27.76 -10.43
CA ASN D 676 56.36 -28.03 -8.99
C ASN D 676 57.47 -27.19 -8.34
N LYS D 677 57.93 -27.63 -7.17
CA LYS D 677 59.10 -27.02 -6.55
C LYS D 677 60.17 -28.08 -6.29
N LEU D 678 60.48 -28.86 -7.32
CA LEU D 678 61.55 -29.85 -7.26
C LEU D 678 62.92 -29.20 -7.42
N LEU D 679 63.89 -29.72 -6.66
CA LEU D 679 65.22 -29.11 -6.56
C LEU D 679 66.32 -29.92 -7.24
N PHE D 680 66.35 -31.23 -7.02
CA PHE D 680 67.43 -32.05 -7.58
C PHE D 680 66.96 -33.41 -8.07
N LEU D 681 67.71 -33.97 -9.01
CA LEU D 681 67.41 -35.28 -9.61
C LEU D 681 68.04 -36.42 -8.78
N THR D 682 67.93 -37.65 -9.27
CA THR D 682 68.89 -38.71 -8.92
C THR D 682 69.99 -38.73 -9.96
N ASP D 683 71.20 -39.07 -9.52
CA ASP D 683 72.34 -39.24 -10.42
C ASP D 683 72.16 -40.46 -11.32
N SER D 684 71.91 -41.60 -10.68
CA SER D 684 71.78 -42.88 -11.36
C SER D 684 70.31 -43.28 -11.45
N LEU D 685 69.61 -42.71 -12.43
CA LEU D 685 68.21 -43.01 -12.64
C LEU D 685 68.03 -44.42 -13.21
N SER D 686 68.89 -44.79 -14.15
CA SER D 686 68.79 -46.08 -14.85
C SER D 686 68.58 -47.25 -13.89
N ASP D 687 68.96 -47.06 -12.62
CA ASP D 687 68.77 -48.08 -11.57
C ASP D 687 67.29 -48.32 -11.24
N PHE D 688 66.43 -47.39 -11.64
CA PHE D 688 65.05 -47.33 -11.16
C PHE D 688 64.00 -47.61 -12.24
N THR D 689 64.35 -47.42 -13.50
CA THR D 689 63.46 -47.72 -14.61
C THR D 689 64.22 -48.06 -15.91
N SER D 690 63.66 -49.01 -16.66
CA SER D 690 64.18 -49.37 -17.98
C SER D 690 63.05 -49.32 -19.01
N SER D 691 62.00 -48.54 -18.68
CA SER D 691 60.80 -48.39 -19.51
C SER D 691 60.49 -46.93 -19.84
N LEU D 692 61.02 -46.02 -19.03
CA LEU D 692 60.63 -44.62 -19.07
C LEU D 692 61.01 -43.98 -20.39
N ARG D 693 60.01 -43.44 -21.08
CA ARG D 693 60.14 -42.98 -22.45
C ARG D 693 60.16 -41.43 -22.52
N THR D 694 59.37 -40.78 -21.69
CA THR D 694 59.25 -39.31 -21.71
C THR D 694 59.30 -38.81 -20.28
N LEU D 695 60.04 -37.73 -20.04
CA LEU D 695 60.10 -37.17 -18.69
C LEU D 695 60.04 -35.63 -18.67
N LEU D 696 58.97 -35.10 -18.10
CA LEU D 696 58.69 -33.67 -18.15
C LEU D 696 58.90 -33.06 -16.79
N LEU D 697 59.75 -32.04 -16.73
CA LEU D 697 60.19 -31.48 -15.47
C LEU D 697 60.34 -29.97 -15.53
N SER D 698 59.63 -29.32 -16.44
CA SER D 698 59.70 -27.86 -16.55
C SER D 698 58.92 -27.17 -15.43
N HIS D 699 59.25 -25.90 -15.19
CA HIS D 699 58.71 -25.09 -14.09
C HIS D 699 58.92 -25.77 -12.73
N ASN D 700 60.12 -25.58 -12.21
CA ASN D 700 60.65 -26.39 -11.12
C ASN D 700 61.93 -25.70 -10.71
N ARG D 701 62.57 -26.16 -9.63
CA ARG D 701 63.70 -25.45 -9.04
C ARG D 701 65.05 -26.21 -9.20
N ILE D 702 65.25 -26.79 -10.38
CA ILE D 702 66.45 -27.53 -10.71
C ILE D 702 67.57 -26.58 -11.08
N SER D 703 68.78 -26.85 -10.60
CA SER D 703 69.93 -25.99 -10.86
C SER D 703 71.24 -26.75 -11.21
N HIS D 704 71.23 -28.09 -11.13
CA HIS D 704 72.38 -28.89 -11.56
C HIS D 704 71.94 -30.29 -11.98
N LEU D 705 72.51 -30.78 -13.07
CA LEU D 705 72.26 -32.14 -13.54
C LEU D 705 73.33 -33.11 -13.10
N PRO D 706 72.93 -34.22 -12.45
CA PRO D 706 73.82 -35.17 -11.77
C PRO D 706 74.40 -36.22 -12.73
N SER D 707 75.64 -36.64 -12.45
CA SER D 707 76.57 -37.09 -13.48
C SER D 707 75.95 -38.02 -14.52
N GLY D 708 76.25 -37.70 -15.79
CA GLY D 708 76.03 -38.62 -16.90
C GLY D 708 74.56 -38.87 -17.11
N PHE D 709 73.75 -37.85 -16.81
CA PHE D 709 72.33 -38.06 -16.68
C PHE D 709 71.63 -38.20 -18.02
N LEU D 710 72.15 -37.52 -19.02
CA LEU D 710 71.58 -37.56 -20.36
C LEU D 710 71.48 -38.99 -20.87
N SER D 711 72.36 -39.85 -20.37
CA SER D 711 72.64 -41.13 -20.99
C SER D 711 72.20 -42.31 -20.12
N GLU D 712 71.59 -42.01 -18.98
CA GLU D 712 71.17 -43.04 -18.02
C GLU D 712 70.33 -44.11 -18.69
N VAL D 713 69.17 -43.69 -19.20
CA VAL D 713 68.20 -44.60 -19.80
C VAL D 713 68.20 -44.37 -21.30
N SER D 714 68.57 -45.40 -22.06
CA SER D 714 68.46 -45.34 -23.51
C SER D 714 66.98 -45.38 -23.91
N SER D 715 66.13 -45.92 -23.04
CA SER D 715 64.68 -45.96 -23.29
C SER D 715 64.05 -44.57 -23.35
N LEU D 716 64.63 -43.63 -22.59
CA LEU D 716 64.11 -42.26 -22.51
C LEU D 716 64.38 -41.48 -23.80
N LYS D 717 63.33 -41.06 -24.50
CA LYS D 717 63.45 -40.31 -25.77
C LYS D 717 63.34 -38.78 -25.62
N HIS D 718 62.64 -38.31 -24.58
CA HIS D 718 62.18 -36.92 -24.51
C HIS D 718 62.36 -36.36 -23.11
N LEU D 719 63.21 -35.34 -22.98
CA LEU D 719 63.50 -34.76 -21.68
C LEU D 719 63.27 -33.25 -21.66
N ASP D 720 62.45 -32.82 -20.71
CA ASP D 720 61.98 -31.45 -20.66
C ASP D 720 62.50 -30.82 -19.37
N LEU D 721 63.44 -29.88 -19.53
CA LEU D 721 64.01 -29.17 -18.38
C LEU D 721 63.89 -27.67 -18.57
N SER D 722 62.90 -27.27 -19.36
CA SER D 722 62.65 -25.85 -19.64
C SER D 722 62.21 -25.14 -18.36
N SER D 723 62.50 -23.86 -18.28
CA SER D 723 62.07 -23.03 -17.14
C SER D 723 62.41 -23.70 -15.83
N ASN D 724 63.69 -24.04 -15.68
CA ASN D 724 64.25 -24.39 -14.39
C ASN D 724 65.35 -23.38 -14.04
N LEU D 725 66.10 -23.65 -12.98
CA LEU D 725 67.14 -22.73 -12.53
C LEU D 725 68.54 -23.16 -12.95
N LEU D 726 68.65 -23.82 -14.10
CA LEU D 726 69.94 -24.24 -14.62
C LEU D 726 70.78 -23.06 -15.05
N LYS D 727 71.87 -22.85 -14.31
CA LYS D 727 72.97 -21.95 -14.71
C LYS D 727 73.85 -22.57 -15.82
N THR D 728 74.22 -23.84 -15.66
CA THR D 728 75.05 -24.52 -16.66
C THR D 728 74.66 -25.98 -16.87
N ILE D 729 74.92 -26.45 -18.10
CA ILE D 729 74.93 -27.87 -18.43
C ILE D 729 76.33 -28.42 -18.20
N ASN D 730 76.45 -29.39 -17.28
CA ASN D 730 77.75 -29.79 -16.72
C ASN D 730 78.44 -30.95 -17.45
N LYS D 731 79.76 -30.90 -17.51
CA LYS D 731 80.55 -31.93 -18.20
C LYS D 731 80.19 -33.33 -17.70
N SER D 732 79.93 -33.45 -16.41
CA SER D 732 79.52 -34.72 -15.83
C SER D 732 78.14 -35.12 -16.33
N ALA D 733 77.28 -34.15 -16.63
CA ALA D 733 76.00 -34.47 -17.26
C ALA D 733 76.18 -35.07 -18.66
N LEU D 734 77.17 -34.58 -19.40
CA LEU D 734 77.37 -34.97 -20.81
C LEU D 734 78.22 -36.23 -20.93
N GLU D 735 78.21 -37.02 -19.84
CA GLU D 735 79.20 -38.06 -19.60
C GLU D 735 78.67 -39.39 -20.13
N THR D 736 78.64 -39.50 -21.46
CA THR D 736 77.78 -40.47 -22.14
C THR D 736 78.13 -41.92 -21.78
N LYS D 737 77.11 -42.76 -21.59
CA LYS D 737 77.28 -44.19 -21.28
C LYS D 737 76.98 -45.05 -22.50
N THR D 738 75.71 -45.41 -22.70
CA THR D 738 75.22 -45.73 -24.05
C THR D 738 75.21 -44.43 -24.88
N THR D 739 75.20 -44.57 -26.19
CA THR D 739 74.88 -43.42 -27.04
C THR D 739 73.48 -42.94 -26.64
N THR D 740 73.36 -41.67 -26.27
CA THR D 740 72.13 -41.15 -25.66
C THR D 740 70.98 -41.15 -26.67
N LYS D 741 69.94 -41.95 -26.40
CA LYS D 741 68.84 -42.14 -27.34
C LYS D 741 67.73 -41.08 -27.22
N LEU D 742 68.12 -39.83 -27.45
CA LEU D 742 67.24 -38.68 -27.26
C LEU D 742 66.93 -38.05 -28.60
N SER D 743 65.63 -38.04 -28.93
CA SER D 743 65.11 -37.22 -30.00
C SER D 743 65.00 -35.76 -29.54
N MET D 744 64.64 -35.56 -28.27
CA MET D 744 64.27 -34.21 -27.80
C MET D 744 64.64 -33.86 -26.36
N LEU D 745 65.38 -32.75 -26.25
CA LEU D 745 65.73 -32.18 -24.95
C LEU D 745 65.33 -30.72 -24.95
N GLU D 746 64.54 -30.30 -23.96
CA GLU D 746 64.03 -28.91 -23.88
C GLU D 746 64.70 -28.12 -22.75
N LEU D 747 65.17 -26.92 -23.09
CA LEU D 747 65.96 -26.11 -22.15
C LEU D 747 65.74 -24.59 -22.25
N HIS D 748 64.71 -24.16 -22.98
CA HIS D 748 64.30 -22.75 -22.95
C HIS D 748 63.72 -22.39 -21.57
N GLY D 749 64.01 -21.20 -21.08
CA GLY D 749 63.46 -20.72 -19.81
C GLY D 749 64.47 -20.75 -18.68
N ASN D 750 65.63 -21.36 -18.92
CA ASN D 750 66.65 -21.51 -17.89
C ASN D 750 67.60 -20.32 -17.83
N PRO D 751 68.12 -20.01 -16.63
CA PRO D 751 68.98 -18.86 -16.37
C PRO D 751 70.47 -19.09 -16.68
N PHE D 752 70.77 -19.26 -17.97
CA PHE D 752 72.09 -19.69 -18.43
C PHE D 752 73.19 -18.67 -18.20
N GLU D 753 74.23 -19.08 -17.46
CA GLU D 753 75.52 -18.39 -17.43
C GLU D 753 76.27 -18.59 -18.76
N CYS D 754 76.42 -17.52 -19.54
CA CYS D 754 77.12 -17.59 -20.83
C CYS D 754 78.52 -16.99 -20.73
N THR D 755 79.50 -17.87 -20.48
CA THR D 755 80.92 -17.50 -20.52
C THR D 755 81.64 -18.52 -21.39
N CYS D 756 82.75 -19.07 -20.90
CA CYS D 756 83.42 -20.18 -21.59
C CYS D 756 83.11 -21.52 -20.92
N ASP D 757 82.36 -21.49 -19.83
CA ASP D 757 81.84 -22.72 -19.22
C ASP D 757 80.92 -23.46 -20.20
N ILE D 758 80.30 -22.71 -21.10
CA ILE D 758 79.27 -23.24 -21.99
C ILE D 758 79.86 -23.83 -23.26
N GLY D 759 80.94 -23.22 -23.75
CA GLY D 759 81.51 -23.57 -25.05
C GLY D 759 81.65 -25.06 -25.25
N ASP D 760 81.66 -25.81 -24.14
CA ASP D 760 81.74 -27.26 -24.21
C ASP D 760 80.38 -27.87 -24.52
N PHE D 761 79.35 -27.44 -23.81
CA PHE D 761 77.97 -27.81 -24.15
C PHE D 761 77.67 -27.40 -25.59
N ARG D 762 78.13 -26.21 -25.96
CA ARG D 762 77.87 -25.68 -27.30
C ARG D 762 78.26 -26.66 -28.39
N ARG D 763 79.43 -27.27 -28.29
CA ARG D 763 79.91 -28.18 -29.33
C ARG D 763 79.29 -29.56 -29.19
N TRP D 764 78.86 -29.89 -27.97
CA TRP D 764 78.04 -31.09 -27.73
C TRP D 764 76.80 -31.08 -28.63
N MET D 765 76.24 -29.90 -28.86
CA MET D 765 75.11 -29.71 -29.78
C MET D 765 75.55 -29.74 -31.25
N ASP D 766 76.55 -28.91 -31.57
CA ASP D 766 77.05 -28.73 -32.94
C ASP D 766 77.57 -30.03 -33.53
N GLU D 767 77.76 -31.02 -32.66
CA GLU D 767 78.02 -32.39 -33.09
C GLU D 767 77.07 -33.36 -32.37
N HIS D 768 75.79 -32.99 -32.31
CA HIS D 768 74.71 -33.89 -31.94
C HIS D 768 73.38 -33.46 -32.56
N LEU D 769 73.40 -33.17 -33.86
CA LEU D 769 72.20 -32.72 -34.57
C LEU D 769 70.99 -33.63 -34.30
N ASN D 770 71.26 -34.91 -34.05
CA ASN D 770 70.20 -35.90 -33.80
C ASN D 770 69.31 -35.62 -32.57
N VAL D 771 69.84 -34.90 -31.59
CA VAL D 771 69.06 -34.53 -30.39
C VAL D 771 68.47 -33.13 -30.54
N LYS D 772 67.17 -33.06 -30.80
CA LYS D 772 66.54 -31.78 -31.10
C LYS D 772 66.36 -30.93 -29.85
N ILE D 773 66.79 -29.67 -29.96
CA ILE D 773 66.54 -28.66 -28.94
C ILE D 773 65.64 -27.62 -29.56
N PRO D 774 64.32 -27.72 -29.32
CA PRO D 774 63.36 -26.82 -29.96
C PRO D 774 63.40 -25.41 -29.40
N ARG D 775 63.01 -24.44 -30.22
CA ARG D 775 62.92 -23.06 -29.77
C ARG D 775 64.24 -22.63 -29.14
N LEU D 776 65.25 -22.57 -30.00
CA LEU D 776 66.59 -22.15 -29.63
C LEU D 776 66.70 -20.63 -29.41
N VAL D 777 65.68 -19.88 -29.81
CA VAL D 777 65.66 -18.42 -29.60
C VAL D 777 65.28 -18.09 -28.16
N ASP D 778 64.75 -19.07 -27.43
CA ASP D 778 64.33 -18.85 -26.05
C ASP D 778 65.20 -19.65 -25.09
N VAL D 779 66.29 -20.20 -25.59
CA VAL D 779 67.34 -20.72 -24.73
C VAL D 779 68.42 -19.65 -24.57
N ILE D 780 68.28 -18.86 -23.50
CA ILE D 780 68.76 -17.47 -23.43
C ILE D 780 69.84 -17.30 -22.36
N CYS D 781 70.82 -16.44 -22.62
CA CYS D 781 71.85 -16.12 -21.63
C CYS D 781 71.29 -15.23 -20.53
N ALA D 782 71.32 -15.72 -19.30
CA ALA D 782 71.02 -14.88 -18.14
C ALA D 782 72.17 -13.92 -17.88
N SER D 783 73.34 -14.48 -17.55
CA SER D 783 74.56 -13.69 -17.34
C SER D 783 75.47 -13.79 -18.58
N PRO D 784 76.19 -12.70 -18.89
CA PRO D 784 76.19 -11.45 -18.12
C PRO D 784 75.78 -10.22 -18.95
N GLY D 785 75.82 -9.04 -18.34
CA GLY D 785 75.18 -7.84 -18.90
C GLY D 785 75.62 -7.39 -20.28
N ASP D 786 76.50 -8.15 -20.93
CA ASP D 786 76.87 -7.89 -22.33
C ASP D 786 76.67 -9.09 -23.28
N GLN D 787 76.25 -10.24 -22.75
CA GLN D 787 75.69 -11.33 -23.57
C GLN D 787 74.22 -11.59 -23.19
N ARG D 788 73.71 -10.74 -22.31
CA ARG D 788 72.44 -10.97 -21.63
C ARG D 788 71.26 -10.80 -22.59
N GLY D 789 70.49 -11.86 -22.77
CA GLY D 789 69.28 -11.82 -23.57
C GLY D 789 69.40 -12.64 -24.83
N LYS D 790 70.62 -12.76 -25.34
CA LYS D 790 70.85 -13.41 -26.63
C LYS D 790 70.86 -14.93 -26.47
N SER D 791 70.60 -15.61 -27.58
CA SER D 791 70.61 -17.06 -27.60
C SER D 791 72.04 -17.54 -27.36
N ILE D 792 72.18 -18.59 -26.56
CA ILE D 792 73.48 -19.15 -26.29
C ILE D 792 74.25 -19.35 -27.60
N VAL D 793 73.53 -19.77 -28.64
CA VAL D 793 74.10 -19.83 -29.98
C VAL D 793 74.11 -18.43 -30.60
#